data_5X5B
#
_entry.id   5X5B
#
_entity_poly.entity_id   1
_entity_poly.type   'polypeptide(L)'
_entity_poly.pdbx_seq_one_letter_code
;SDLDRCTTFDDVQAPNYTQHTSSMRGVYYPDEIFRSDTLYLTQDLFLPFYSNVTGFHTINHTFDNPVIPFKDGIYFAATE
KSNVVRGWVFGSTMNNKSQSVIIINNSTNVVIRACNFELCDNPFFAVSKPMGTQTHTMIFDNAFNCTFEYISDAFSLDVS
EKSGNFKHLREFVFKNKDGFLYVYKGYQPIDVVRDLPSGFNTLKPIFKLPLGINITNFRAILTAFSPAQDTWGTSAAAYF
VGYLKPTTFMLKYDENGTITDAVDCSQNPLAELKCSVKSFEIDKGIYQTSNFRVVPSGDVVRFPNITNLCPFGEVFNATK
FPSVYAWERKKISNCVADYSVLYNSTFFSTFKCYGVSATKLNDLCFSNVYADSFVVKGDDVRQIAPGQTGVIADYNYKLP
DDFMGCVLAWNTRNIDATSTGNYNYKYRYLRHGKLRPFERDISNVPFSPDGKPCTPPALNCYWPLNDYGFYTTTGIGYQP
YRVVVLSFELLNAPATVCGPKLSTDLIKNQCVNFNFNGLTGTGVLTPSSKRFQPFQQFGRDVSDFTDSVRDPKTSEILDI
SPCSFGGVSVITPGTNASSEVAVLYQDVNCTDVSTAIHADQLTPAWRIYSTGNNVFQTQAGCLIGAEHVDTSYECDIPIG
AGICASYHTVSLLRSTSQKSIVAYTMSLGADSSIAYSNNTIAIPTNFSISITTEVMPVSMAKTSVDCNMYICGDSTECAN
LLLQYGSFCTQLNRALSGIAAEQDRNTREVFAQVKQMYKTPTLKYFGGFNFSQILPDPLKPTKRSFIEDLLFNKVTLADA
GFMKQYGECLGDINARDLICAQKFNGLTVLPPLLTDDMIAAYTAALVSGTATAGWTFGAGAALQIPFAMQMAYRFNGIGV
TQNVLYENQKQIANQFNKAISQIQESLTTTSTALGKLQDVVNQNAQALNTLVKQLSSNFGAISSVLNDILSRLDKVEAEV
QIDRLITGRLQSLQTYVTQQLIRAAEIRASANLAATKMSECVLGQSKRVDFCGKGYHLMSFPQAAPHGVVFLHVTYVPSQ
ERNFTTAPAICHEGKAYFPREGVFVFNGTSWFITQRNFFSPQIITTDNTFVSGNCDVVIGIINNTVYDPLQPELDSFKEE
LDKYFKNHTSPDVDLGDISGINASVVNIQKEIDRLNEVAKNLNESLIDLQELGKYEQYIKIKRMKQIEDKIEEIESKQKK
IENEIARIKKIKLVPRGSLEWSHPQFEK
;
_entity_poly.pdbx_strand_id   A,B,C
#
# COMPACT_ATOMS: atom_id res chain seq x y z
N ARG A 5 8.99 53.99 -40.48
CA ARG A 5 8.63 55.40 -40.38
C ARG A 5 7.25 55.58 -39.76
N CYS A 6 7.09 56.69 -39.03
CA CYS A 6 5.83 57.01 -38.37
C CYS A 6 4.91 57.68 -39.38
N THR A 7 4.31 56.85 -40.24
CA THR A 7 3.40 57.31 -41.30
C THR A 7 2.06 56.63 -41.08
N THR A 8 1.12 57.37 -40.51
CA THR A 8 -0.23 56.90 -40.22
C THR A 8 -1.19 57.39 -41.29
N PHE A 9 -2.16 56.53 -41.64
CA PHE A 9 -3.16 56.96 -42.60
C PHE A 9 -4.17 57.89 -41.94
N ASP A 10 -4.96 58.57 -42.77
CA ASP A 10 -5.94 59.52 -42.26
C ASP A 10 -7.21 58.81 -41.80
N ASP A 11 -7.86 58.07 -42.69
CA ASP A 11 -9.11 57.38 -42.36
C ASP A 11 -8.77 56.01 -41.77
N VAL A 12 -8.46 56.03 -40.47
CA VAL A 12 -8.18 54.82 -39.70
C VAL A 12 -9.30 54.67 -38.69
N GLN A 13 -10.01 53.55 -38.75
CA GLN A 13 -11.13 53.30 -37.85
C GLN A 13 -10.76 52.21 -36.85
N ALA A 14 -11.04 52.47 -35.58
CA ALA A 14 -10.67 51.59 -34.48
C ALA A 14 -11.48 50.30 -34.54
N PRO A 15 -10.95 49.21 -33.97
CA PRO A 15 -11.72 47.96 -33.90
C PRO A 15 -12.90 48.06 -32.95
N ASN A 16 -13.96 47.34 -33.28
CA ASN A 16 -15.16 47.25 -32.46
C ASN A 16 -15.20 46.01 -31.60
N TYR A 17 -14.19 45.15 -31.71
CA TYR A 17 -14.05 43.87 -30.99
C TYR A 17 -15.25 42.96 -31.24
N THR A 18 -15.43 42.56 -32.50
CA THR A 18 -16.51 41.66 -32.90
C THR A 18 -16.15 40.25 -32.45
N GLN A 19 -17.03 39.62 -31.69
CA GLN A 19 -16.75 38.34 -31.07
C GLN A 19 -17.24 37.20 -31.95
N HIS A 20 -16.43 36.15 -32.03
CA HIS A 20 -16.78 34.91 -32.70
C HIS A 20 -16.29 33.74 -31.85
N THR A 21 -16.54 32.53 -32.34
CA THR A 21 -16.21 31.36 -31.56
C THR A 21 -14.87 30.78 -31.99
N SER A 22 -14.29 29.98 -31.09
CA SER A 22 -13.06 29.25 -31.36
C SER A 22 -13.31 27.80 -31.74
N SER A 23 -14.37 27.55 -32.52
CA SER A 23 -15.21 26.36 -32.52
C SER A 23 -14.51 25.02 -32.34
N MET A 24 -13.60 24.67 -33.26
CA MET A 24 -12.81 23.45 -33.13
C MET A 24 -11.38 23.73 -33.56
N ARG A 25 -10.80 24.83 -33.09
CA ARG A 25 -9.51 25.27 -33.58
C ARG A 25 -8.52 25.39 -32.44
N GLY A 26 -7.27 25.65 -32.81
CA GLY A 26 -6.21 25.79 -31.83
C GLY A 26 -5.69 24.48 -31.31
N VAL A 27 -5.69 23.45 -32.13
CA VAL A 27 -5.21 22.13 -31.74
C VAL A 27 -3.92 21.84 -32.47
N TYR A 28 -2.87 21.49 -31.71
CA TYR A 28 -1.58 21.22 -32.32
C TYR A 28 -1.04 19.92 -31.76
N TYR A 29 -0.09 19.35 -32.48
CA TYR A 29 0.67 18.22 -31.97
C TYR A 29 1.50 18.72 -30.80
N PRO A 30 1.26 18.24 -29.57
CA PRO A 30 1.90 18.86 -28.41
C PRO A 30 3.36 18.47 -28.26
N ASP A 31 3.80 17.45 -28.98
CA ASP A 31 5.13 16.90 -28.82
C ASP A 31 5.56 16.24 -30.12
N GLU A 32 6.83 15.85 -30.17
CA GLU A 32 7.44 15.30 -31.38
C GLU A 32 7.25 13.80 -31.47
N ILE A 33 6.04 13.32 -31.18
CA ILE A 33 5.81 11.93 -30.85
C ILE A 33 4.74 11.39 -31.79
N PHE A 34 5.05 10.30 -32.47
CA PHE A 34 4.04 9.60 -33.25
C PHE A 34 3.18 8.75 -32.35
N ARG A 35 1.89 9.01 -32.37
CA ARG A 35 0.94 8.25 -31.58
C ARG A 35 -0.17 7.80 -32.51
N SER A 36 -0.57 6.54 -32.39
CA SER A 36 -1.53 5.97 -33.32
C SER A 36 -2.55 5.15 -32.56
N ASP A 37 -3.84 5.51 -32.77
CA ASP A 37 -5.01 4.87 -32.15
C ASP A 37 -4.88 4.88 -30.63
N THR A 38 -4.81 6.08 -30.06
CA THR A 38 -4.79 6.24 -28.63
C THR A 38 -5.52 7.51 -28.25
N LEU A 39 -6.18 7.46 -27.10
CA LEU A 39 -6.95 8.59 -26.60
C LEU A 39 -6.12 9.33 -25.55
N TYR A 40 -5.15 10.08 -26.06
CA TYR A 40 -4.08 10.60 -25.24
C TYR A 40 -4.46 11.93 -24.61
N LEU A 41 -4.02 12.12 -23.38
CA LEU A 41 -4.26 13.33 -22.60
C LEU A 41 -3.03 14.21 -22.60
N THR A 42 -3.25 15.52 -22.48
CA THR A 42 -2.18 16.49 -22.47
C THR A 42 -2.66 17.74 -21.76
N GLN A 43 -1.85 18.27 -20.85
CA GLN A 43 -2.09 19.57 -20.25
C GLN A 43 -0.98 20.50 -20.70
N ASP A 44 -1.21 21.21 -21.80
CA ASP A 44 -0.36 22.31 -22.23
C ASP A 44 -1.23 23.55 -22.42
N LEU A 45 -0.64 24.57 -23.02
CA LEU A 45 -1.41 25.75 -23.39
C LEU A 45 -2.20 25.47 -24.66
N PHE A 46 -3.51 25.68 -24.62
CA PHE A 46 -4.33 25.39 -25.79
C PHE A 46 -5.41 26.45 -25.94
N LEU A 47 -5.87 26.61 -27.17
CA LEU A 47 -7.07 27.38 -27.44
C LEU A 47 -8.28 26.56 -27.04
N PRO A 48 -9.13 27.05 -26.18
CA PRO A 48 -10.30 26.26 -25.79
C PRO A 48 -11.33 26.19 -26.89
N PHE A 49 -12.11 25.11 -26.93
CA PHE A 49 -13.24 25.01 -27.83
C PHE A 49 -14.28 26.05 -27.43
N TYR A 50 -14.78 26.78 -28.42
CA TYR A 50 -15.83 27.80 -28.28
C TYR A 50 -15.45 28.91 -27.32
N SER A 51 -14.45 29.69 -27.66
CA SER A 51 -14.01 30.82 -26.85
C SER A 51 -14.50 32.14 -27.45
N ASN A 52 -14.31 33.21 -26.69
CA ASN A 52 -14.56 34.56 -27.19
C ASN A 52 -13.37 34.96 -28.06
N VAL A 53 -13.57 34.93 -29.36
CA VAL A 53 -12.51 35.22 -30.33
C VAL A 53 -12.76 36.61 -30.91
N THR A 54 -11.79 37.50 -30.71
CA THR A 54 -11.92 38.89 -31.16
C THR A 54 -11.66 38.98 -32.65
N GLY A 55 -12.57 39.65 -33.36
CA GLY A 55 -12.43 39.82 -34.79
C GLY A 55 -11.79 41.15 -35.17
N PHE A 56 -11.18 41.16 -36.35
CA PHE A 56 -10.56 42.36 -36.91
C PHE A 56 -10.80 42.36 -38.41
N HIS A 57 -11.84 43.06 -38.84
CA HIS A 57 -12.23 43.11 -40.24
C HIS A 57 -11.63 44.38 -40.85
N THR A 58 -10.62 44.22 -41.70
CA THR A 58 -9.91 45.36 -42.27
C THR A 58 -10.48 45.65 -43.66
N ILE A 59 -11.63 46.31 -43.67
CA ILE A 59 -12.23 46.80 -44.90
C ILE A 59 -11.53 48.11 -45.27
N ASN A 60 -11.76 48.60 -46.49
CA ASN A 60 -11.16 49.80 -47.08
C ASN A 60 -11.18 51.04 -46.19
N HIS A 61 -12.18 51.15 -45.31
CA HIS A 61 -12.26 52.29 -44.41
C HIS A 61 -11.67 51.97 -43.04
N THR A 62 -11.81 50.73 -42.58
CA THR A 62 -11.50 50.37 -41.20
C THR A 62 -10.14 49.68 -41.15
N PHE A 63 -9.20 50.28 -40.43
CA PHE A 63 -7.83 49.78 -40.33
C PHE A 63 -7.60 49.23 -38.92
N ASP A 64 -7.36 47.92 -38.82
CA ASP A 64 -7.36 47.22 -37.54
C ASP A 64 -6.09 46.41 -37.35
N ASN A 65 -5.13 46.97 -36.62
CA ASN A 65 -4.11 46.18 -35.92
C ASN A 65 -3.63 46.96 -34.70
N PRO A 66 -4.39 46.92 -33.60
CA PRO A 66 -3.96 47.64 -32.40
C PRO A 66 -2.87 46.89 -31.65
N VAL A 67 -2.35 47.49 -30.60
CA VAL A 67 -1.38 46.81 -29.74
C VAL A 67 -2.17 45.92 -28.80
N ILE A 68 -2.21 44.63 -29.12
CA ILE A 68 -3.04 43.67 -28.39
C ILE A 68 -2.16 43.03 -27.33
N PRO A 69 -2.65 42.85 -26.10
CA PRO A 69 -1.89 42.10 -25.09
C PRO A 69 -1.77 40.63 -25.47
N PHE A 70 -0.63 40.05 -25.10
CA PHE A 70 -0.28 38.69 -25.48
C PHE A 70 -0.86 37.67 -24.51
N LYS A 71 -0.53 37.76 -23.22
CA LYS A 71 -1.15 37.02 -22.13
C LYS A 71 -1.07 35.51 -22.26
N ASP A 72 0.14 34.96 -22.10
CA ASP A 72 0.46 33.55 -21.88
C ASP A 72 0.35 32.74 -23.16
N GLY A 73 0.04 33.39 -24.27
CA GLY A 73 -0.06 32.67 -25.53
C GLY A 73 -1.31 33.07 -26.27
N ILE A 74 -1.22 33.02 -27.60
CA ILE A 74 -2.29 33.49 -28.46
C ILE A 74 -2.61 32.44 -29.51
N TYR A 75 -3.84 32.50 -30.01
CA TYR A 75 -4.23 31.88 -31.27
C TYR A 75 -4.35 32.97 -32.32
N PHE A 76 -4.04 32.62 -33.57
CA PHE A 76 -4.13 33.62 -34.62
C PHE A 76 -4.74 32.96 -35.85
N ALA A 77 -6.01 33.28 -36.12
CA ALA A 77 -6.62 32.92 -37.38
C ALA A 77 -6.48 34.07 -38.37
N ALA A 78 -6.33 33.73 -39.64
CA ALA A 78 -6.25 34.75 -40.69
C ALA A 78 -6.87 34.18 -41.96
N THR A 79 -8.06 34.65 -42.31
CA THR A 79 -8.66 34.32 -43.60
C THR A 79 -7.91 35.10 -44.66
N GLU A 80 -7.00 34.43 -45.37
CA GLU A 80 -6.12 35.10 -46.33
C GLU A 80 -6.09 34.33 -47.64
N LYS A 81 -7.02 34.67 -48.54
CA LYS A 81 -6.77 34.44 -49.96
C LYS A 81 -6.02 35.62 -50.56
N SER A 82 -6.01 36.75 -49.86
CA SER A 82 -5.43 37.97 -50.40
C SER A 82 -4.00 38.19 -49.91
N ASN A 83 -3.59 37.43 -48.89
CA ASN A 83 -2.23 37.43 -48.32
C ASN A 83 -1.84 38.82 -47.83
N VAL A 84 -2.57 39.28 -46.81
CA VAL A 84 -2.43 40.64 -46.30
C VAL A 84 -1.66 40.67 -44.98
N VAL A 85 -2.01 39.81 -44.03
CA VAL A 85 -1.45 39.94 -42.69
C VAL A 85 -0.08 39.27 -42.70
N ARG A 86 0.93 40.01 -43.11
CA ARG A 86 2.27 39.47 -43.26
C ARG A 86 3.18 40.18 -42.27
N GLY A 87 3.23 39.65 -41.05
CA GLY A 87 4.11 40.18 -40.03
C GLY A 87 3.55 40.29 -38.63
N TRP A 88 4.42 40.05 -37.65
CA TRP A 88 4.10 40.23 -36.24
C TRP A 88 5.27 40.86 -35.52
N VAL A 89 4.97 41.63 -34.49
CA VAL A 89 5.98 42.15 -33.57
C VAL A 89 5.57 41.75 -32.16
N PHE A 90 6.39 40.94 -31.50
CA PHE A 90 6.12 40.51 -30.13
C PHE A 90 7.09 41.24 -29.22
N GLY A 91 6.62 42.32 -28.59
CA GLY A 91 7.43 43.12 -27.71
C GLY A 91 6.82 43.22 -26.32
N SER A 92 7.59 43.84 -25.42
CA SER A 92 7.10 44.08 -24.07
C SER A 92 6.15 45.27 -24.08
N THR A 93 6.67 46.45 -24.41
CA THR A 93 5.86 47.64 -24.60
C THR A 93 5.98 48.23 -26.00
N MET A 94 6.78 47.58 -26.86
CA MET A 94 7.03 47.98 -28.24
C MET A 94 7.58 49.41 -28.32
N ASN A 95 8.58 49.68 -27.50
CA ASN A 95 9.30 50.94 -27.51
C ASN A 95 10.77 50.67 -27.75
N ASN A 96 11.57 51.73 -27.78
CA ASN A 96 13.00 51.58 -28.01
C ASN A 96 13.72 51.02 -26.78
N LYS A 97 13.04 51.02 -25.62
CA LYS A 97 13.64 50.45 -24.42
C LYS A 97 13.68 48.92 -24.48
N SER A 98 12.60 48.31 -24.94
CA SER A 98 12.38 46.88 -24.75
C SER A 98 12.64 46.11 -26.04
N GLN A 99 12.72 44.80 -25.90
CA GLN A 99 13.08 43.94 -27.01
C GLN A 99 11.83 43.40 -27.68
N SER A 100 11.90 43.29 -29.00
CA SER A 100 10.72 42.94 -29.78
C SER A 100 11.17 42.07 -30.93
N VAL A 101 10.77 40.81 -30.93
CA VAL A 101 11.04 39.96 -32.08
C VAL A 101 10.06 40.32 -33.18
N ILE A 102 10.54 40.33 -34.42
CA ILE A 102 9.73 40.68 -35.58
C ILE A 102 9.73 39.50 -36.52
N ILE A 103 8.54 38.97 -36.79
CA ILE A 103 8.39 37.79 -37.63
C ILE A 103 7.56 38.21 -38.84
N ILE A 104 8.25 38.51 -39.94
CA ILE A 104 7.59 38.96 -41.17
C ILE A 104 7.98 38.04 -42.31
N ASN A 105 7.33 38.25 -43.44
CA ASN A 105 7.64 37.59 -44.70
C ASN A 105 7.83 38.66 -45.76
N ASN A 106 8.91 38.57 -46.53
CA ASN A 106 9.14 39.53 -47.61
C ASN A 106 8.64 38.99 -48.95
N SER A 107 7.55 38.21 -48.89
CA SER A 107 6.85 37.53 -49.98
C SER A 107 7.68 36.43 -50.65
N THR A 108 8.90 36.17 -50.19
CA THR A 108 9.63 35.00 -50.66
C THR A 108 10.31 34.29 -49.49
N ASN A 109 10.49 34.99 -48.36
CA ASN A 109 11.34 34.48 -47.29
C ASN A 109 10.89 35.08 -45.97
N VAL A 110 10.78 34.22 -44.96
CA VAL A 110 10.29 34.62 -43.64
C VAL A 110 11.47 35.11 -42.81
N VAL A 111 11.33 36.25 -42.17
CA VAL A 111 12.40 36.88 -41.41
C VAL A 111 12.00 36.94 -39.95
N ILE A 112 12.81 36.33 -39.08
CA ILE A 112 12.62 36.38 -37.64
C ILE A 112 13.86 37.03 -37.04
N ARG A 113 13.66 38.11 -36.29
CA ARG A 113 14.78 38.89 -35.81
C ARG A 113 14.35 39.67 -34.59
N ALA A 114 15.17 39.66 -33.55
CA ALA A 114 14.80 40.25 -32.27
C ALA A 114 15.84 41.26 -31.84
N CYS A 115 15.39 42.48 -31.55
CA CYS A 115 16.27 43.56 -31.16
C CYS A 115 15.45 44.67 -30.49
N ASN A 116 16.08 45.78 -30.15
CA ASN A 116 15.37 46.96 -29.67
C ASN A 116 15.00 47.80 -30.88
N PHE A 117 13.72 48.16 -30.98
CA PHE A 117 13.21 48.88 -32.14
C PHE A 117 12.41 50.10 -31.71
N GLU A 118 12.56 51.19 -32.48
CA GLU A 118 11.62 52.30 -32.41
C GLU A 118 10.46 51.92 -33.32
N LEU A 119 9.35 51.53 -32.70
CA LEU A 119 8.24 50.96 -33.46
C LEU A 119 7.46 52.03 -34.22
N CYS A 120 7.18 51.74 -35.47
CA CYS A 120 6.35 52.61 -36.29
C CYS A 120 4.92 52.57 -35.79
N ASP A 121 4.26 53.73 -35.82
CA ASP A 121 2.86 53.79 -35.40
C ASP A 121 1.93 53.13 -36.41
N ASN A 122 2.36 52.99 -37.66
CA ASN A 122 1.57 52.38 -38.72
C ASN A 122 2.49 51.89 -39.84
N PRO A 123 3.03 50.69 -39.74
CA PRO A 123 3.92 50.19 -40.77
C PRO A 123 3.17 49.45 -41.88
N PHE A 124 3.68 49.60 -43.11
CA PHE A 124 3.12 48.93 -44.28
C PHE A 124 4.13 48.99 -45.41
N PHE A 125 4.00 48.04 -46.34
CA PHE A 125 4.76 48.08 -47.58
C PHE A 125 3.97 48.85 -48.64
N ALA A 126 4.70 49.58 -49.49
CA ALA A 126 4.07 50.36 -50.56
C ALA A 126 3.62 49.41 -51.67
N VAL A 127 2.40 48.91 -51.51
CA VAL A 127 1.86 47.85 -52.35
C VAL A 127 0.61 48.37 -53.05
N SER A 128 0.58 48.26 -54.37
CA SER A 128 -0.58 48.66 -55.15
C SER A 128 -1.70 47.63 -55.00
N LYS A 129 -2.95 48.08 -55.21
CA LYS A 129 -4.08 47.18 -55.02
C LYS A 129 -4.28 46.19 -56.15
N PRO A 130 -4.30 46.58 -57.48
CA PRO A 130 -4.45 45.52 -58.50
C PRO A 130 -3.16 44.74 -58.75
N MET A 131 -2.01 45.40 -58.64
CA MET A 131 -0.75 44.75 -58.99
C MET A 131 -0.24 43.87 -57.86
N GLY A 132 -0.04 44.46 -56.68
CA GLY A 132 0.47 43.71 -55.55
C GLY A 132 1.97 43.47 -55.59
N THR A 133 2.76 44.56 -55.55
CA THR A 133 4.21 44.47 -55.59
C THR A 133 4.79 45.06 -54.31
N GLN A 134 5.72 44.35 -53.71
CA GLN A 134 6.36 44.77 -52.46
C GLN A 134 7.63 45.56 -52.72
N THR A 135 7.62 46.84 -52.38
CA THR A 135 8.71 47.72 -52.76
C THR A 135 9.49 48.30 -51.58
N HIS A 136 8.80 48.94 -50.64
CA HIS A 136 9.45 49.71 -49.60
C HIS A 136 9.11 49.14 -48.23
N THR A 137 10.14 48.72 -47.48
CA THR A 137 9.95 48.34 -46.09
C THR A 137 9.83 49.60 -45.23
N MET A 138 8.83 49.62 -44.35
CA MET A 138 8.56 50.75 -43.47
C MET A 138 8.25 50.25 -42.06
N ILE A 139 8.93 49.18 -41.66
CA ILE A 139 8.64 48.48 -40.42
C ILE A 139 9.72 48.70 -39.38
N PHE A 140 10.98 48.43 -39.75
CA PHE A 140 12.10 48.66 -38.85
C PHE A 140 13.04 49.69 -39.48
N ASP A 141 13.46 50.65 -38.66
CA ASP A 141 14.43 51.64 -39.10
C ASP A 141 15.66 51.59 -38.20
N ASN A 142 15.45 51.60 -36.89
CA ASN A 142 16.55 51.60 -35.92
C ASN A 142 16.60 50.25 -35.22
N ALA A 143 17.83 49.77 -35.00
CA ALA A 143 18.03 48.44 -34.43
C ALA A 143 19.37 48.44 -33.70
N PHE A 144 19.32 48.49 -32.38
CA PHE A 144 20.52 48.61 -31.56
C PHE A 144 20.38 47.69 -30.35
N ASN A 145 21.52 47.21 -29.86
CA ASN A 145 21.62 46.13 -28.87
C ASN A 145 20.85 44.89 -29.35
N CYS A 146 21.16 44.48 -30.57
CA CYS A 146 20.45 43.37 -31.20
C CYS A 146 21.03 42.03 -30.76
N THR A 147 20.16 41.03 -30.59
CA THR A 147 20.60 39.73 -30.09
C THR A 147 20.32 38.62 -31.11
N PHE A 148 19.11 38.48 -31.61
CA PHE A 148 18.71 37.31 -32.40
C PHE A 148 18.61 37.65 -33.87
N GLU A 149 18.99 36.68 -34.71
CA GLU A 149 18.93 36.80 -36.16
C GLU A 149 18.49 35.47 -36.74
N TYR A 150 17.51 35.49 -37.64
CA TYR A 150 17.17 34.30 -38.39
C TYR A 150 16.60 34.67 -39.75
N ILE A 151 17.03 33.94 -40.78
CA ILE A 151 16.52 34.06 -42.14
C ILE A 151 16.15 32.67 -42.63
N SER A 152 14.92 32.51 -43.14
CA SER A 152 14.35 31.21 -43.42
C SER A 152 14.69 30.78 -44.85
N ASP A 153 14.00 29.74 -45.33
CA ASP A 153 14.11 29.26 -46.70
C ASP A 153 13.30 30.13 -47.65
N ALA A 154 13.30 29.74 -48.92
CA ALA A 154 12.67 30.53 -49.98
C ALA A 154 11.45 29.80 -50.52
N PHE A 155 10.32 30.50 -50.53
CA PHE A 155 9.09 29.99 -51.16
C PHE A 155 8.24 31.20 -51.53
N SER A 156 7.69 31.18 -52.74
CA SER A 156 7.07 32.38 -53.31
C SER A 156 5.70 32.64 -52.69
N LEU A 157 5.16 33.82 -52.99
CA LEU A 157 3.88 34.28 -52.47
C LEU A 157 3.19 35.17 -53.50
N ASP A 158 1.86 35.11 -53.52
CA ASP A 158 1.03 36.00 -54.32
C ASP A 158 0.50 37.10 -53.40
N VAL A 159 0.94 38.33 -53.64
CA VAL A 159 0.54 39.46 -52.81
C VAL A 159 -0.85 39.99 -53.22
N SER A 160 -1.22 39.81 -54.48
CA SER A 160 -2.37 40.50 -55.07
C SER A 160 -3.69 40.01 -54.48
N GLU A 161 -4.75 40.75 -54.80
CA GLU A 161 -6.07 40.57 -54.20
C GLU A 161 -6.88 39.57 -55.02
N LYS A 162 -7.32 38.50 -54.38
CA LYS A 162 -8.25 37.56 -55.00
C LYS A 162 -9.68 38.03 -54.80
N SER A 163 -10.63 37.17 -55.15
CA SER A 163 -12.04 37.50 -55.06
C SER A 163 -12.84 36.25 -54.69
N GLY A 164 -14.01 36.49 -54.09
CA GLY A 164 -14.90 35.42 -53.73
C GLY A 164 -14.61 34.81 -52.37
N ASN A 165 -14.70 33.49 -52.28
CA ASN A 165 -14.39 32.78 -51.05
C ASN A 165 -12.89 32.64 -50.87
N PHE A 166 -12.47 32.54 -49.61
CA PHE A 166 -11.06 32.38 -49.28
C PHE A 166 -10.55 31.02 -49.72
N LYS A 167 -9.48 31.00 -50.51
CA LYS A 167 -8.90 29.75 -50.94
C LYS A 167 -7.87 29.21 -49.97
N HIS A 168 -7.55 29.96 -48.91
CA HIS A 168 -6.58 29.53 -47.92
C HIS A 168 -7.03 30.00 -46.54
N LEU A 169 -6.27 29.60 -45.53
CA LEU A 169 -6.54 29.98 -44.14
C LEU A 169 -5.26 29.86 -43.35
N ARG A 170 -4.95 30.87 -42.55
CA ARG A 170 -3.68 30.94 -41.83
C ARG A 170 -3.97 30.84 -40.32
N GLU A 171 -3.78 29.65 -39.79
CA GLU A 171 -3.93 29.39 -38.36
C GLU A 171 -2.57 29.47 -37.70
N PHE A 172 -2.49 30.17 -36.56
CA PHE A 172 -1.24 30.30 -35.85
C PHE A 172 -1.45 30.25 -34.34
N VAL A 173 -0.49 29.65 -33.66
CA VAL A 173 -0.42 29.62 -32.20
C VAL A 173 0.99 30.01 -31.77
N PHE A 174 1.09 31.04 -30.94
CA PHE A 174 2.37 31.47 -30.41
C PHE A 174 2.38 31.24 -28.92
N LYS A 175 3.43 30.61 -28.41
CA LYS A 175 3.56 30.33 -26.99
C LYS A 175 4.85 30.92 -26.46
N ASN A 176 4.73 31.81 -25.48
CA ASN A 176 5.88 32.20 -24.68
C ASN A 176 6.05 31.14 -23.60
N LYS A 177 7.07 30.31 -23.76
CA LYS A 177 7.20 29.14 -22.90
C LYS A 177 8.68 28.83 -22.75
N ASP A 178 9.17 28.89 -21.51
CA ASP A 178 10.55 28.60 -21.12
C ASP A 178 11.55 29.48 -21.84
N GLY A 179 11.16 30.73 -22.09
CA GLY A 179 12.02 31.64 -22.85
C GLY A 179 12.12 31.31 -24.32
N PHE A 180 11.14 30.59 -24.85
CA PHE A 180 11.13 30.30 -26.28
C PHE A 180 9.93 30.95 -26.95
N LEU A 181 9.72 30.64 -28.22
CA LEU A 181 8.53 31.06 -28.93
C LEU A 181 8.14 29.95 -29.89
N TYR A 182 7.14 29.17 -29.50
CA TYR A 182 6.67 28.06 -30.31
C TYR A 182 5.67 28.56 -31.33
N VAL A 183 5.94 28.29 -32.61
CA VAL A 183 5.11 28.76 -33.70
C VAL A 183 4.48 27.54 -34.36
N TYR A 184 3.20 27.64 -34.70
CA TYR A 184 2.45 26.50 -35.23
C TYR A 184 1.73 26.89 -36.51
N LYS A 185 1.99 26.13 -37.57
CA LYS A 185 1.52 26.47 -38.91
C LYS A 185 0.14 25.87 -39.14
N GLY A 186 -0.75 26.66 -39.74
CA GLY A 186 -2.06 26.19 -40.14
C GLY A 186 -2.37 26.57 -41.56
N TYR A 187 -2.67 25.58 -42.39
CA TYR A 187 -2.76 25.75 -43.83
C TYR A 187 -3.84 24.82 -44.38
N GLN A 188 -5.02 25.37 -44.63
CA GLN A 188 -6.10 24.56 -45.18
C GLN A 188 -6.94 25.40 -46.12
N PRO A 189 -7.52 24.79 -47.15
CA PRO A 189 -8.47 25.52 -48.01
C PRO A 189 -9.87 25.51 -47.41
N ILE A 190 -10.57 26.63 -47.59
CA ILE A 190 -11.90 26.82 -47.05
C ILE A 190 -12.79 27.42 -48.13
N ASP A 191 -14.02 27.79 -47.73
CA ASP A 191 -14.89 28.64 -48.54
C ASP A 191 -15.83 29.38 -47.59
N VAL A 192 -15.57 30.67 -47.38
CA VAL A 192 -16.35 31.46 -46.44
C VAL A 192 -16.28 32.91 -46.90
N VAL A 193 -17.27 33.71 -46.48
CA VAL A 193 -17.34 35.11 -46.87
C VAL A 193 -16.49 35.97 -45.96
N ARG A 194 -16.83 36.01 -44.67
CA ARG A 194 -16.04 36.73 -43.69
C ARG A 194 -15.97 36.04 -42.33
N ASP A 195 -16.63 34.90 -42.17
CA ASP A 195 -16.77 34.25 -40.88
C ASP A 195 -15.57 33.32 -40.64
N LEU A 196 -15.29 33.06 -39.36
CA LEU A 196 -14.40 31.99 -38.98
C LEU A 196 -15.21 30.71 -38.89
N PRO A 197 -15.07 29.79 -39.85
CA PRO A 197 -15.97 28.64 -39.91
C PRO A 197 -15.61 27.60 -38.87
N SER A 198 -16.60 26.81 -38.49
CA SER A 198 -16.40 25.74 -37.52
C SER A 198 -15.65 24.59 -38.17
N GLY A 199 -14.32 24.69 -38.21
CA GLY A 199 -13.52 23.67 -38.86
C GLY A 199 -12.36 23.20 -38.01
N PHE A 200 -12.17 21.89 -37.95
CA PHE A 200 -11.10 21.30 -37.17
C PHE A 200 -9.88 21.08 -38.06
N ASN A 201 -8.70 21.45 -37.54
CA ASN A 201 -7.45 21.15 -38.22
C ASN A 201 -6.33 21.16 -37.20
N THR A 202 -5.37 20.26 -37.39
CA THR A 202 -4.26 20.13 -36.47
C THR A 202 -3.08 20.96 -36.97
N LEU A 203 -2.38 21.58 -36.02
CA LEU A 203 -1.25 22.44 -36.35
C LEU A 203 0.05 21.65 -36.23
N LYS A 204 1.03 22.03 -37.01
CA LYS A 204 2.34 21.42 -36.93
C LYS A 204 3.34 22.42 -36.35
N PRO A 205 4.31 21.95 -35.58
CA PRO A 205 5.35 22.84 -35.06
C PRO A 205 6.33 23.21 -36.17
N ILE A 206 6.73 24.49 -36.20
CA ILE A 206 7.69 24.92 -37.19
C ILE A 206 8.89 25.62 -36.55
N PHE A 207 8.65 26.48 -35.57
CA PHE A 207 9.73 27.29 -34.99
C PHE A 207 9.76 27.15 -33.48
N LYS A 208 10.95 26.90 -32.95
CA LYS A 208 11.22 26.91 -31.52
C LYS A 208 12.32 27.95 -31.31
N LEU A 209 11.89 29.20 -31.15
CA LEU A 209 12.79 30.34 -31.28
C LEU A 209 13.47 30.63 -29.96
N PRO A 210 14.72 30.53 -29.89
CA PRO A 210 15.39 30.69 -28.58
C PRO A 210 15.66 32.14 -28.21
N LEU A 211 14.60 32.88 -27.90
CA LEU A 211 14.73 34.32 -27.69
C LEU A 211 14.90 34.70 -26.22
N GLY A 212 13.83 34.58 -25.45
CA GLY A 212 13.81 34.84 -24.03
C GLY A 212 13.57 36.31 -23.78
N ILE A 213 12.31 36.71 -23.56
CA ILE A 213 11.90 38.11 -23.46
C ILE A 213 10.55 38.16 -22.79
N ASN A 214 10.31 39.23 -22.03
CA ASN A 214 8.99 39.51 -21.49
C ASN A 214 8.08 39.92 -22.64
N ILE A 215 7.20 39.03 -23.07
CA ILE A 215 6.23 39.33 -24.11
C ILE A 215 4.91 39.60 -23.42
N THR A 216 4.50 40.86 -23.39
CA THR A 216 3.20 41.23 -22.84
C THR A 216 2.23 41.65 -23.93
N ASN A 217 2.72 42.32 -24.97
CA ASN A 217 1.90 42.87 -26.03
C ASN A 217 2.36 42.34 -27.38
N PHE A 218 1.53 42.57 -28.40
CA PHE A 218 1.92 42.29 -29.77
C PHE A 218 1.08 43.16 -30.71
N ARG A 219 1.50 43.19 -31.97
CA ARG A 219 0.74 43.86 -33.02
C ARG A 219 1.02 43.15 -34.33
N ALA A 220 -0.05 42.78 -35.04
CA ALA A 220 0.10 42.22 -36.37
C ALA A 220 0.48 43.32 -37.35
N ILE A 221 1.08 42.91 -38.47
CA ILE A 221 1.54 43.83 -39.49
C ILE A 221 0.75 43.57 -40.76
N LEU A 222 0.07 44.60 -41.25
CA LEU A 222 -0.76 44.50 -42.44
C LEU A 222 -0.01 44.98 -43.67
N THR A 223 -0.10 44.21 -44.74
CA THR A 223 0.39 44.65 -46.06
C THR A 223 -0.77 45.39 -46.71
N ALA A 224 -0.80 46.70 -46.53
CA ALA A 224 -1.91 47.51 -47.01
C ALA A 224 -1.80 47.72 -48.52
N PHE A 225 -2.93 47.61 -49.22
CA PHE A 225 -2.99 47.89 -50.66
C PHE A 225 -3.15 49.40 -50.83
N SER A 226 -2.04 50.12 -50.69
CA SER A 226 -2.05 51.57 -50.79
C SER A 226 -2.26 52.02 -52.23
N THR A 231 -6.47 57.55 -47.44
CA THR A 231 -6.04 57.28 -48.81
C THR A 231 -5.36 55.91 -48.91
N TRP A 232 -6.14 54.86 -48.72
CA TRP A 232 -5.64 53.49 -48.74
C TRP A 232 -6.79 52.57 -49.10
N GLY A 233 -6.49 51.28 -49.14
CA GLY A 233 -7.49 50.26 -49.37
C GLY A 233 -6.94 48.92 -48.94
N THR A 234 -7.84 48.05 -48.49
CA THR A 234 -7.48 46.68 -48.15
C THR A 234 -8.55 45.74 -48.69
N SER A 235 -8.16 44.49 -48.91
CA SER A 235 -9.10 43.49 -49.37
C SER A 235 -10.04 43.10 -48.23
N ALA A 236 -11.08 42.36 -48.61
CA ALA A 236 -11.93 41.70 -47.62
C ALA A 236 -11.22 40.41 -47.20
N ALA A 237 -10.24 40.58 -46.32
CA ALA A 237 -9.44 39.48 -45.77
C ALA A 237 -9.16 39.83 -44.31
N ALA A 238 -10.02 39.32 -43.43
CA ALA A 238 -9.93 39.65 -42.02
C ALA A 238 -9.02 38.65 -41.30
N TYR A 239 -8.86 38.86 -40.00
CA TYR A 239 -8.09 37.95 -39.17
C TYR A 239 -8.68 37.95 -37.77
N PHE A 240 -8.41 36.88 -37.03
CA PHE A 240 -8.96 36.68 -35.69
C PHE A 240 -7.84 36.40 -34.71
N VAL A 241 -8.07 36.75 -33.45
CA VAL A 241 -7.13 36.46 -32.38
C VAL A 241 -7.90 35.85 -31.21
N GLY A 242 -7.29 34.87 -30.56
CA GLY A 242 -7.82 34.30 -29.33
C GLY A 242 -6.66 33.94 -28.42
N TYR A 243 -6.95 33.79 -27.13
CA TYR A 243 -5.89 33.53 -26.17
C TYR A 243 -5.78 32.03 -25.91
N LEU A 244 -4.72 31.64 -25.21
CA LEU A 244 -4.54 30.27 -24.80
C LEU A 244 -4.78 30.16 -23.31
N LYS A 245 -5.05 28.95 -22.86
CA LYS A 245 -5.22 28.66 -21.44
C LYS A 245 -4.53 27.35 -21.13
N PRO A 246 -3.91 27.24 -19.95
CA PRO A 246 -3.36 25.95 -19.51
C PRO A 246 -4.49 25.02 -19.11
N THR A 247 -4.79 24.05 -19.97
CA THR A 247 -5.98 23.24 -19.82
C THR A 247 -5.66 21.79 -20.15
N THR A 248 -6.19 20.88 -19.34
CA THR A 248 -6.19 19.46 -19.67
C THR A 248 -6.96 19.27 -20.98
N PHE A 249 -6.44 18.42 -21.84
CA PHE A 249 -6.86 18.49 -23.23
C PHE A 249 -6.68 17.16 -23.93
N MET A 250 -7.78 16.46 -24.17
CA MET A 250 -7.74 15.12 -24.74
C MET A 250 -7.48 15.20 -26.24
N LEU A 251 -6.82 14.17 -26.77
CA LEU A 251 -6.50 14.09 -28.20
C LEU A 251 -6.81 12.68 -28.69
N LYS A 252 -7.56 12.59 -29.78
CA LYS A 252 -7.64 11.32 -30.49
C LYS A 252 -6.65 11.27 -31.64
N TYR A 253 -5.77 10.27 -31.59
CA TYR A 253 -4.88 9.98 -32.70
C TYR A 253 -5.50 8.88 -33.53
N ASP A 254 -5.43 9.03 -34.85
CA ASP A 254 -6.02 8.04 -35.73
C ASP A 254 -5.11 6.82 -35.79
N GLU A 255 -5.64 5.72 -36.32
CA GLU A 255 -4.84 4.54 -36.65
C GLU A 255 -3.77 4.90 -37.67
N ASN A 256 -4.09 5.82 -38.58
CA ASN A 256 -3.08 6.45 -39.43
C ASN A 256 -2.08 7.21 -38.56
N GLY A 257 -2.53 8.25 -37.84
CA GLY A 257 -1.63 9.00 -36.99
C GLY A 257 -1.92 10.48 -36.92
N THR A 258 -2.82 10.96 -37.78
CA THR A 258 -3.23 12.35 -37.73
C THR A 258 -4.33 12.51 -36.67
N ILE A 259 -4.25 13.62 -35.93
CA ILE A 259 -5.27 13.91 -34.92
C ILE A 259 -6.60 14.18 -35.61
N THR A 260 -7.59 13.35 -35.31
CA THR A 260 -8.89 13.51 -35.93
C THR A 260 -9.82 14.37 -35.07
N ASP A 261 -9.69 14.28 -33.76
CA ASP A 261 -10.58 15.03 -32.89
C ASP A 261 -9.87 15.27 -31.56
N ALA A 262 -10.29 16.33 -30.88
CA ALA A 262 -9.76 16.68 -29.58
C ALA A 262 -10.92 17.06 -28.67
N VAL A 263 -10.64 17.11 -27.37
CA VAL A 263 -11.63 17.43 -26.35
C VAL A 263 -11.00 18.35 -25.32
N ASP A 264 -11.60 19.53 -25.13
CA ASP A 264 -11.25 20.38 -23.99
C ASP A 264 -11.88 19.74 -22.76
N CYS A 265 -11.08 19.58 -21.70
CA CYS A 265 -11.59 18.92 -20.49
C CYS A 265 -12.63 19.78 -19.78
N SER A 266 -12.41 21.09 -19.74
CA SER A 266 -13.27 21.99 -19.00
C SER A 266 -14.31 22.68 -19.86
N GLN A 267 -14.60 22.15 -21.04
CA GLN A 267 -15.64 22.75 -21.89
C GLN A 267 -17.00 22.64 -21.24
N ASN A 268 -17.54 21.43 -21.17
CA ASN A 268 -18.82 21.16 -20.54
C ASN A 268 -18.68 19.90 -19.70
N PRO A 269 -19.60 19.65 -18.75
CA PRO A 269 -19.44 18.47 -17.88
C PRO A 269 -19.57 17.13 -18.57
N LEU A 270 -20.03 17.12 -19.82
CA LEU A 270 -19.88 15.93 -20.64
C LEU A 270 -18.41 15.67 -20.95
N ALA A 271 -17.60 16.73 -21.02
CA ALA A 271 -16.23 16.58 -21.49
C ALA A 271 -15.27 16.36 -20.34
N GLU A 272 -15.73 16.58 -19.10
CA GLU A 272 -14.94 16.12 -17.97
C GLU A 272 -14.93 14.61 -17.94
N LEU A 273 -16.05 14.01 -18.37
CA LEU A 273 -16.18 12.57 -18.31
C LEU A 273 -15.32 11.92 -19.37
N LYS A 274 -15.29 12.51 -20.56
CA LYS A 274 -14.56 11.93 -21.69
C LYS A 274 -13.06 11.94 -21.42
N CYS A 275 -12.59 12.97 -20.71
CA CYS A 275 -11.19 12.98 -20.31
C CYS A 275 -10.96 12.09 -19.09
N SER A 276 -12.01 11.72 -18.36
CA SER A 276 -11.82 10.88 -17.20
C SER A 276 -11.78 9.41 -17.59
N VAL A 277 -12.78 8.95 -18.34
CA VAL A 277 -12.82 7.53 -18.72
C VAL A 277 -12.05 7.23 -19.98
N LYS A 278 -11.49 8.26 -20.63
CA LYS A 278 -10.65 8.13 -21.83
C LYS A 278 -11.42 7.46 -22.97
N SER A 279 -12.51 8.09 -23.39
CA SER A 279 -13.31 7.62 -24.50
C SER A 279 -14.15 8.77 -25.04
N PHE A 280 -14.76 8.54 -26.21
CA PHE A 280 -15.80 9.43 -26.71
C PHE A 280 -17.19 8.86 -26.44
N GLU A 281 -17.38 7.57 -26.70
CA GLU A 281 -18.69 6.95 -26.54
C GLU A 281 -18.85 6.50 -25.10
N ILE A 282 -19.80 7.10 -24.41
CA ILE A 282 -20.10 6.81 -23.02
C ILE A 282 -21.45 6.11 -22.99
N ASP A 283 -21.55 5.06 -22.18
CA ASP A 283 -22.76 4.25 -22.21
C ASP A 283 -23.90 4.94 -21.48
N LYS A 284 -23.79 5.07 -20.16
CA LYS A 284 -24.89 5.45 -19.29
C LYS A 284 -24.33 5.51 -17.87
N GLY A 285 -25.04 6.19 -16.98
CA GLY A 285 -24.79 5.96 -15.57
C GLY A 285 -24.28 7.15 -14.78
N ILE A 286 -23.15 6.99 -14.10
CA ILE A 286 -22.70 7.95 -13.11
C ILE A 286 -21.20 7.78 -12.88
N TYR A 287 -20.48 8.90 -12.80
CA TYR A 287 -19.04 8.89 -12.97
C TYR A 287 -18.35 9.85 -12.01
N GLN A 288 -17.08 10.17 -12.23
CA GLN A 288 -16.31 10.94 -11.24
C GLN A 288 -15.28 11.83 -11.92
N THR A 289 -15.17 13.07 -11.42
CA THR A 289 -13.94 13.87 -11.27
C THR A 289 -14.14 15.05 -10.31
N SER A 290 -13.52 15.01 -9.14
CA SER A 290 -14.12 15.63 -7.93
C SER A 290 -14.02 17.13 -7.52
N ASN A 291 -12.80 17.61 -7.21
CA ASN A 291 -12.53 18.72 -6.27
C ASN A 291 -13.28 20.05 -6.47
N PHE A 292 -13.42 20.85 -5.40
CA PHE A 292 -14.29 22.01 -5.36
C PHE A 292 -13.61 23.23 -4.74
N ARG A 293 -14.34 24.36 -4.78
CA ARG A 293 -14.25 25.47 -3.83
C ARG A 293 -12.96 26.26 -3.69
N VAL A 294 -12.64 27.10 -4.68
CA VAL A 294 -11.55 28.07 -4.52
C VAL A 294 -11.93 29.09 -3.46
N VAL A 295 -10.94 29.83 -2.96
CA VAL A 295 -11.06 30.66 -1.76
C VAL A 295 -10.84 32.12 -2.17
N PRO A 296 -11.90 32.94 -2.26
CA PRO A 296 -11.72 34.37 -2.56
C PRO A 296 -11.09 35.20 -1.44
N SER A 297 -11.62 35.11 -0.23
CA SER A 297 -11.34 36.07 0.83
C SER A 297 -10.26 35.58 1.79
N GLY A 298 -9.68 36.52 2.52
CA GLY A 298 -8.70 36.20 3.55
C GLY A 298 -8.77 37.09 4.77
N ASP A 299 -8.98 36.50 5.94
CA ASP A 299 -9.05 37.29 7.18
C ASP A 299 -8.05 36.81 8.22
N VAL A 300 -7.27 37.74 8.78
CA VAL A 300 -6.30 37.35 9.80
C VAL A 300 -6.67 37.84 11.20
N VAL A 301 -6.79 39.16 11.37
CA VAL A 301 -7.19 39.78 12.64
C VAL A 301 -6.43 39.24 13.85
N ARG A 302 -5.11 39.16 13.76
CA ARG A 302 -4.33 38.60 14.85
C ARG A 302 -4.94 38.96 16.20
N LEU A 309 -5.39 41.05 24.57
CA LEU A 309 -5.99 42.20 23.92
C LEU A 309 -5.30 43.48 24.40
N CYS A 310 -5.33 44.50 23.52
CA CYS A 310 -4.88 45.87 23.74
C CYS A 310 -3.43 45.96 24.24
N PRO A 311 -2.44 45.70 23.40
CA PRO A 311 -1.05 45.76 23.89
C PRO A 311 -0.53 47.18 24.01
N PHE A 312 -1.03 48.09 23.18
CA PHE A 312 -0.62 49.48 23.15
C PHE A 312 -1.52 50.36 24.00
N GLY A 313 -2.36 49.77 24.85
CA GLY A 313 -3.02 50.54 25.88
C GLY A 313 -2.05 51.00 26.95
N GLU A 314 -0.95 50.27 27.13
CA GLU A 314 0.11 50.73 28.01
C GLU A 314 0.99 51.77 27.31
N VAL A 315 1.26 51.54 26.03
CA VAL A 315 2.31 52.25 25.27
C VAL A 315 2.00 53.73 25.09
N PHE A 316 0.80 54.05 24.59
CA PHE A 316 0.48 55.43 24.30
C PHE A 316 0.21 56.24 25.55
N ASN A 317 -0.49 55.65 26.51
CA ASN A 317 -0.74 56.34 27.76
C ASN A 317 0.34 56.07 28.81
N ALA A 318 1.54 55.69 28.40
CA ALA A 318 2.66 55.62 29.32
C ALA A 318 3.14 57.02 29.67
N THR A 319 3.75 57.14 30.86
CA THR A 319 4.19 58.44 31.33
C THR A 319 5.59 58.77 30.83
N LYS A 320 6.57 57.91 31.14
CA LYS A 320 7.96 58.21 30.85
C LYS A 320 8.30 57.81 29.42
N PHE A 321 8.26 58.79 28.52
CA PHE A 321 8.83 58.58 27.19
C PHE A 321 10.26 59.09 27.17
N PRO A 322 11.20 58.37 26.56
CA PRO A 322 12.58 58.86 26.49
C PRO A 322 12.77 59.95 25.44
N SER A 323 14.02 60.35 25.23
CA SER A 323 14.33 61.44 24.33
C SER A 323 14.39 60.95 22.88
N VAL A 324 14.79 61.86 21.99
CA VAL A 324 14.81 61.55 20.56
C VAL A 324 15.96 60.59 20.24
N TYR A 325 17.12 60.84 20.83
CA TYR A 325 18.30 60.01 20.52
C TYR A 325 18.18 58.63 21.17
N ALA A 326 17.48 58.53 22.29
CA ALA A 326 17.41 57.29 23.05
C ALA A 326 16.00 56.71 23.07
N TRP A 327 15.29 56.76 21.95
CA TRP A 327 13.93 56.21 21.83
C TRP A 327 13.91 54.72 22.07
N GLU A 328 12.81 54.22 22.63
CA GLU A 328 12.69 52.82 23.01
C GLU A 328 11.78 52.10 22.03
N ARG A 329 12.24 50.95 21.54
CA ARG A 329 11.42 50.08 20.69
C ARG A 329 10.82 48.99 21.56
N LYS A 330 9.50 48.98 21.66
CA LYS A 330 8.78 48.05 22.54
C LYS A 330 8.09 47.00 21.68
N LYS A 331 8.48 45.73 21.87
CA LYS A 331 7.93 44.65 21.08
C LYS A 331 6.57 44.21 21.61
N ILE A 332 5.64 43.98 20.68
CA ILE A 332 4.32 43.45 20.99
C ILE A 332 4.30 41.97 20.62
N SER A 333 3.96 41.13 21.59
CA SER A 333 4.10 39.68 21.45
C SER A 333 2.77 39.01 21.72
N ASN A 334 2.30 38.24 20.72
CA ASN A 334 1.16 37.32 20.80
C ASN A 334 -0.14 37.97 21.26
N CYS A 335 -0.31 39.26 20.99
CA CYS A 335 -1.53 39.94 21.43
C CYS A 335 -2.19 40.73 20.30
N VAL A 336 -3.51 40.75 20.30
CA VAL A 336 -4.24 41.49 19.28
C VAL A 336 -4.54 42.85 19.88
N ALA A 337 -3.88 43.87 19.34
CA ALA A 337 -4.04 45.24 19.83
C ALA A 337 -5.43 45.83 19.66
N ASP A 338 -6.04 45.53 18.50
CA ASP A 338 -7.35 46.03 18.03
C ASP A 338 -7.30 47.55 17.84
N TYR A 339 -7.14 47.99 16.60
CA TYR A 339 -6.98 49.40 16.32
C TYR A 339 -8.35 50.08 16.41
N SER A 340 -8.40 51.38 16.09
CA SER A 340 -9.54 52.31 16.12
C SER A 340 -9.96 52.66 17.54
N VAL A 341 -9.38 52.00 18.55
CA VAL A 341 -9.31 52.56 19.90
C VAL A 341 -8.26 53.65 19.77
N LEU A 342 -7.27 53.38 18.93
CA LEU A 342 -6.19 54.33 18.65
C LEU A 342 -6.64 55.41 17.66
N TYR A 343 -7.43 55.03 16.66
CA TYR A 343 -7.58 55.86 15.48
C TYR A 343 -8.72 56.89 15.51
N ASN A 344 -9.96 56.44 15.71
CA ASN A 344 -11.09 57.30 15.36
C ASN A 344 -11.30 58.42 16.37
N SER A 345 -11.04 58.16 17.65
CA SER A 345 -10.99 59.22 18.64
C SER A 345 -9.71 60.01 18.41
N THR A 346 -9.86 61.28 18.01
CA THR A 346 -8.72 62.09 17.60
C THR A 346 -7.98 62.59 18.83
N PHE A 347 -7.04 61.77 19.29
CA PHE A 347 -6.05 62.24 20.26
C PHE A 347 -4.88 62.89 19.56
N PHE A 348 -4.66 62.57 18.29
CA PHE A 348 -3.41 62.81 17.61
C PHE A 348 -3.54 64.03 16.68
N SER A 349 -2.56 64.93 16.77
CA SER A 349 -2.53 66.09 15.89
C SER A 349 -2.23 65.68 14.45
N THR A 350 -1.31 64.74 14.28
CA THR A 350 -0.92 64.27 12.96
C THR A 350 -0.89 62.74 12.98
N PHE A 351 -1.98 62.14 12.51
CA PHE A 351 -2.02 60.73 12.19
C PHE A 351 -1.78 60.57 10.70
N LYS A 352 -0.83 59.72 10.33
CA LYS A 352 -0.40 59.62 8.93
C LYS A 352 0.22 58.25 8.71
N CYS A 353 -0.49 57.41 7.96
CA CYS A 353 -0.02 56.07 7.65
C CYS A 353 0.99 56.09 6.51
N TYR A 354 1.67 54.95 6.33
CA TYR A 354 2.51 54.72 5.17
C TYR A 354 2.32 53.29 4.70
N GLY A 355 1.99 53.12 3.42
CA GLY A 355 1.73 51.80 2.89
C GLY A 355 0.37 51.28 3.30
N VAL A 356 0.20 50.95 4.58
CA VAL A 356 -1.08 50.49 5.10
C VAL A 356 -2.03 51.67 5.22
N SER A 357 -3.30 51.40 5.45
CA SER A 357 -4.27 52.45 5.69
C SER A 357 -5.11 52.05 6.90
N ALA A 358 -5.59 53.07 7.62
CA ALA A 358 -6.02 52.87 9.00
C ALA A 358 -7.34 52.11 9.10
N THR A 359 -8.20 52.18 8.08
CA THR A 359 -9.49 51.52 8.17
C THR A 359 -9.33 50.01 7.99
N LYS A 360 -8.52 49.60 7.02
CA LYS A 360 -8.19 48.19 6.88
C LYS A 360 -6.97 47.77 7.68
N LEU A 361 -6.51 48.60 8.62
CA LEU A 361 -5.38 48.25 9.46
C LEU A 361 -5.74 47.15 10.45
N ASN A 362 -7.04 47.02 10.77
CA ASN A 362 -7.54 45.95 11.61
C ASN A 362 -7.41 44.59 10.92
N ASP A 363 -7.98 44.48 9.73
CA ASP A 363 -8.16 43.17 9.09
C ASP A 363 -6.94 42.32 8.85
N LEU A 364 -5.82 42.92 8.50
CA LEU A 364 -4.65 42.12 8.21
C LEU A 364 -3.83 41.88 9.46
N CYS A 365 -3.13 40.75 9.49
CA CYS A 365 -2.30 40.33 10.62
C CYS A 365 -0.82 40.64 10.41
N PHE A 366 -0.14 41.02 11.49
CA PHE A 366 1.27 41.39 11.43
C PHE A 366 2.06 40.44 12.32
N SER A 367 3.27 40.12 11.86
CA SER A 367 4.08 39.12 12.55
C SER A 367 4.61 39.63 13.88
N ASN A 368 5.07 40.88 13.91
CA ASN A 368 5.35 41.65 15.12
C ASN A 368 5.19 43.11 14.78
N VAL A 369 4.71 43.89 15.74
CA VAL A 369 4.65 45.33 15.58
C VAL A 369 5.53 45.96 16.65
N TYR A 370 6.14 47.08 16.30
CA TYR A 370 7.08 47.75 17.19
C TYR A 370 6.68 49.20 17.34
N ALA A 371 6.85 49.73 18.55
CA ALA A 371 6.45 51.10 18.88
C ALA A 371 7.71 51.87 19.24
N ASP A 372 7.94 52.96 18.54
CA ASP A 372 9.13 53.79 18.74
C ASP A 372 8.69 55.14 19.29
N SER A 373 8.89 55.34 20.59
CA SER A 373 8.20 56.41 21.32
C SER A 373 9.20 57.44 21.82
N PHE A 374 8.99 58.70 21.42
CA PHE A 374 9.90 59.80 21.74
C PHE A 374 9.18 61.12 21.44
N VAL A 375 9.76 62.23 21.91
CA VAL A 375 9.09 63.52 21.98
C VAL A 375 9.90 64.55 21.19
N VAL A 376 9.27 65.19 20.20
CA VAL A 376 9.95 66.11 19.29
C VAL A 376 9.22 67.44 19.21
N LYS A 377 9.72 68.31 18.33
CA LYS A 377 9.20 69.63 18.05
C LYS A 377 8.09 69.54 17.00
N GLY A 378 7.25 70.59 16.92
CA GLY A 378 6.13 70.58 16.00
C GLY A 378 6.53 70.65 14.54
N ASP A 379 7.65 71.31 14.25
CA ASP A 379 8.23 71.20 12.92
C ASP A 379 8.76 69.79 12.67
N ASP A 380 9.27 69.15 13.72
CA ASP A 380 9.83 67.81 13.60
C ASP A 380 8.75 66.73 13.56
N VAL A 381 7.48 67.10 13.79
CA VAL A 381 6.36 66.20 13.54
C VAL A 381 6.31 65.81 12.07
N ARG A 382 6.47 66.80 11.19
CA ARG A 382 6.52 66.53 9.76
C ARG A 382 7.81 65.81 9.38
N GLN A 383 8.88 66.01 10.15
CA GLN A 383 10.17 65.51 9.73
C GLN A 383 10.34 64.03 10.02
N ILE A 384 9.53 63.47 10.91
CA ILE A 384 9.57 62.04 11.14
C ILE A 384 8.78 61.39 10.01
N ALA A 385 9.50 61.00 8.96
CA ALA A 385 8.94 60.62 7.68
C ALA A 385 10.05 59.99 6.84
N PRO A 386 9.72 59.23 5.79
CA PRO A 386 10.73 58.88 4.80
C PRO A 386 11.23 60.12 4.08
N GLY A 387 12.51 60.10 3.72
CA GLY A 387 13.13 61.31 3.18
C GLY A 387 13.37 62.31 4.30
N GLN A 388 13.28 63.60 3.94
CA GLN A 388 13.42 64.74 4.87
C GLN A 388 14.76 64.72 5.60
N THR A 389 15.84 64.55 4.84
CA THR A 389 17.12 64.14 5.43
C THR A 389 17.82 65.30 6.14
N GLY A 390 17.78 66.51 5.56
CA GLY A 390 18.68 67.57 5.98
C GLY A 390 18.40 68.15 7.36
N VAL A 391 17.22 67.87 7.92
CA VAL A 391 16.86 68.35 9.24
C VAL A 391 17.56 67.50 10.29
N ILE A 392 17.47 67.93 11.55
CA ILE A 392 18.26 67.34 12.62
C ILE A 392 17.51 66.21 13.34
N ALA A 393 16.18 66.24 13.38
CA ALA A 393 15.44 65.18 14.06
C ALA A 393 15.44 63.89 13.25
N ASP A 394 15.32 64.01 11.93
CA ASP A 394 15.47 62.85 11.04
C ASP A 394 16.92 62.38 11.01
N TYR A 395 17.86 63.28 11.31
CA TYR A 395 19.27 62.94 11.51
C TYR A 395 19.49 62.15 12.80
N ASN A 396 18.51 62.14 13.70
CA ASN A 396 18.51 61.30 14.89
C ASN A 396 17.64 60.06 14.76
N TYR A 397 16.46 60.18 14.15
CA TYR A 397 15.58 59.04 13.94
C TYR A 397 15.19 59.00 12.47
N LYS A 398 15.71 58.02 11.75
CA LYS A 398 15.54 57.93 10.30
C LYS A 398 14.52 56.84 9.97
N LEU A 399 13.52 57.20 9.18
CA LEU A 399 12.55 56.23 8.70
C LEU A 399 12.81 55.99 7.22
N PRO A 400 12.97 54.73 6.78
CA PRO A 400 13.45 54.48 5.42
C PRO A 400 12.33 54.62 4.39
N ASP A 401 12.75 54.68 3.13
CA ASP A 401 11.81 54.68 2.01
C ASP A 401 11.24 53.30 1.78
N ASP A 402 12.01 52.26 2.10
CA ASP A 402 11.62 50.88 1.78
C ASP A 402 10.57 50.38 2.77
N PHE A 403 10.94 50.27 4.04
CA PHE A 403 10.03 49.78 5.06
C PHE A 403 9.34 50.95 5.74
N MET A 404 8.09 50.72 6.15
CA MET A 404 7.25 51.84 6.53
C MET A 404 6.12 51.36 7.42
N GLY A 405 5.66 52.26 8.29
CA GLY A 405 4.59 51.97 9.21
C GLY A 405 3.62 53.12 9.38
N CYS A 406 3.41 53.54 10.63
CA CYS A 406 2.49 54.62 10.97
C CYS A 406 3.16 55.56 11.97
N VAL A 407 3.09 56.87 11.71
CA VAL A 407 3.70 57.88 12.56
C VAL A 407 2.60 58.63 13.29
N LEU A 408 2.68 58.69 14.62
CA LEU A 408 1.58 59.17 15.46
C LEU A 408 2.06 60.23 16.45
N ALA A 409 1.75 61.49 16.18
CA ALA A 409 2.12 62.60 17.04
C ALA A 409 0.89 63.24 17.66
N TRP A 410 1.06 63.72 18.90
CA TRP A 410 -0.05 64.37 19.60
C TRP A 410 0.50 65.37 20.60
N ASN A 411 -0.31 66.39 20.90
CA ASN A 411 0.17 67.57 21.62
C ASN A 411 0.25 67.31 23.12
N THR A 412 1.31 67.83 23.74
CA THR A 412 1.52 67.71 25.18
C THR A 412 1.93 69.07 25.77
N ARG A 413 1.15 70.11 25.44
CA ARG A 413 1.31 71.40 26.08
C ARG A 413 1.04 71.32 27.58
N ASN A 414 0.12 70.45 27.99
CA ASN A 414 -0.29 70.41 29.40
C ASN A 414 0.75 69.69 30.26
N ILE A 415 1.28 68.57 29.77
CA ILE A 415 2.10 67.70 30.61
C ILE A 415 3.56 68.09 30.55
N ASP A 416 4.16 68.01 29.36
CA ASP A 416 5.61 68.20 29.23
C ASP A 416 6.00 69.67 29.27
N ALA A 417 5.20 70.53 28.64
CA ALA A 417 5.55 71.95 28.54
C ALA A 417 5.28 72.64 29.87
N THR A 418 6.23 72.49 30.80
CA THR A 418 6.18 73.16 32.08
C THR A 418 6.43 74.65 31.88
N SER A 419 5.80 75.47 32.73
CA SER A 419 5.89 76.91 32.59
C SER A 419 7.30 77.43 32.90
N THR A 420 8.06 76.68 33.69
CA THR A 420 9.40 77.13 34.07
C THR A 420 10.50 76.47 33.24
N GLY A 421 10.20 75.42 32.51
CA GLY A 421 11.19 74.76 31.66
C GLY A 421 11.08 73.26 31.77
N ASN A 422 11.61 72.57 30.75
CA ASN A 422 11.58 71.11 30.70
C ASN A 422 12.85 70.66 29.96
N TYR A 423 13.90 70.36 30.73
CA TYR A 423 15.20 70.01 30.19
C TYR A 423 15.54 68.55 30.43
N ASN A 424 14.52 67.68 30.39
CA ASN A 424 14.78 66.25 30.45
C ASN A 424 15.05 65.68 29.06
N TYR A 425 14.51 66.32 28.02
CA TYR A 425 14.61 65.81 26.66
C TYR A 425 15.76 66.49 25.92
N LYS A 426 16.55 65.69 25.21
CA LYS A 426 17.67 66.17 24.42
C LYS A 426 17.68 65.47 23.08
N TYR A 427 18.53 65.94 22.17
CA TYR A 427 18.78 65.28 20.90
C TYR A 427 20.14 65.73 20.38
N ARG A 428 20.79 64.85 19.62
CA ARG A 428 22.08 65.18 19.03
C ARG A 428 21.89 66.13 17.85
N TYR A 429 22.81 67.09 17.70
CA TYR A 429 22.82 67.94 16.52
C TYR A 429 24.13 67.89 15.75
N LEU A 430 25.13 67.19 16.25
CA LEU A 430 26.37 66.95 15.52
C LEU A 430 26.79 65.50 15.68
N ARG A 431 27.18 64.87 14.57
CA ARG A 431 27.62 63.48 14.57
C ARG A 431 28.44 63.24 13.31
N HIS A 432 29.46 62.38 13.44
CA HIS A 432 30.28 61.96 12.31
C HIS A 432 29.41 61.19 11.32
N GLY A 433 29.10 61.82 10.19
CA GLY A 433 28.26 61.18 9.19
C GLY A 433 26.80 61.22 9.56
N LYS A 434 26.04 60.22 9.12
CA LYS A 434 24.61 60.16 9.33
C LYS A 434 24.24 58.88 10.07
N LEU A 435 22.95 58.69 10.29
CA LEU A 435 22.44 57.45 10.87
C LEU A 435 21.69 56.63 9.85
N ARG A 436 21.88 55.31 9.92
CA ARG A 436 21.07 54.39 9.15
C ARG A 436 19.65 54.36 9.71
N PRO A 437 18.67 53.98 8.89
CA PRO A 437 17.28 53.95 9.39
C PRO A 437 17.05 52.85 10.42
N PHE A 438 16.13 53.13 11.36
CA PHE A 438 15.88 52.34 12.56
C PHE A 438 17.16 52.07 13.33
N GLU A 439 17.96 53.11 13.52
CA GLU A 439 19.27 52.97 14.14
C GLU A 439 19.68 54.31 14.72
N ARG A 440 20.25 54.27 15.93
CA ARG A 440 20.40 55.46 16.73
C ARG A 440 21.70 55.37 17.52
N ASP A 441 22.04 56.47 18.20
CA ASP A 441 23.22 56.55 19.04
C ASP A 441 22.83 57.22 20.35
N ILE A 442 22.69 56.42 21.41
CA ILE A 442 22.36 56.97 22.72
C ILE A 442 23.57 57.65 23.33
N SER A 443 24.77 57.19 22.94
CA SER A 443 26.01 57.55 23.62
C SER A 443 26.35 59.03 23.50
N ASN A 444 26.79 59.61 24.61
CA ASN A 444 27.14 61.03 24.69
C ASN A 444 28.63 61.16 24.40
N VAL A 445 28.99 61.02 23.13
CA VAL A 445 30.37 61.10 22.69
C VAL A 445 30.74 62.56 22.50
N PRO A 446 31.83 63.06 23.13
CA PRO A 446 32.23 64.46 22.93
C PRO A 446 32.68 64.74 21.50
N PHE A 447 31.90 65.54 20.79
CA PHE A 447 32.08 65.69 19.36
C PHE A 447 33.23 66.61 19.03
N SER A 448 33.91 66.31 17.92
CA SER A 448 34.92 67.15 17.32
C SER A 448 34.67 67.11 15.82
N PRO A 449 34.88 68.21 15.11
CA PRO A 449 34.66 68.17 13.65
C PRO A 449 35.75 67.44 12.89
N ASP A 450 36.94 67.27 13.48
CA ASP A 450 38.03 66.61 12.75
C ASP A 450 38.07 65.11 13.01
N GLY A 451 37.71 64.69 14.23
CA GLY A 451 37.70 63.28 14.56
C GLY A 451 38.56 62.93 15.76
N LYS A 452 39.34 63.90 16.23
CA LYS A 452 40.15 63.71 17.42
C LYS A 452 39.27 63.62 18.65
N PRO A 453 39.72 62.91 19.70
CA PRO A 453 39.02 62.99 20.98
C PRO A 453 39.24 64.34 21.64
N CYS A 454 38.28 64.74 22.47
CA CYS A 454 38.25 66.05 23.08
C CYS A 454 38.06 66.01 24.60
N THR A 455 38.19 67.19 25.19
CA THR A 455 37.76 67.54 26.53
C THR A 455 37.34 69.01 26.50
N PRO A 456 36.05 69.30 26.68
CA PRO A 456 35.55 70.67 26.53
C PRO A 456 36.01 71.55 27.69
N PRO A 457 35.97 72.90 27.55
CA PRO A 457 35.52 73.78 26.48
C PRO A 457 36.62 74.21 25.50
N ALA A 458 37.42 73.26 25.01
CA ALA A 458 38.51 73.59 24.11
C ALA A 458 37.98 74.00 22.73
N LEU A 459 38.89 74.38 21.84
CA LEU A 459 38.54 74.85 20.51
C LEU A 459 37.94 73.72 19.68
N ASN A 460 36.68 73.92 19.28
CA ASN A 460 35.91 72.96 18.48
C ASN A 460 35.80 71.60 19.16
N CYS A 461 35.31 71.63 20.40
CA CYS A 461 35.02 70.41 21.17
C CYS A 461 33.66 70.63 21.84
N TYR A 462 32.61 70.26 21.12
CA TYR A 462 31.23 70.53 21.53
C TYR A 462 30.57 69.28 22.08
N TRP A 463 29.54 69.49 22.91
CA TRP A 463 28.70 68.37 23.30
C TRP A 463 27.64 68.14 22.23
N PRO A 464 27.34 66.87 21.92
CA PRO A 464 26.40 66.60 20.82
C PRO A 464 24.96 66.92 21.16
N LEU A 465 24.57 66.78 22.43
CA LEU A 465 23.19 66.95 22.81
C LEU A 465 22.81 68.42 22.90
N ASN A 466 21.52 68.69 22.79
CA ASN A 466 21.00 70.04 22.80
C ASN A 466 20.22 70.30 24.08
N ASP A 467 20.41 71.49 24.65
CA ASP A 467 19.61 71.94 25.79
C ASP A 467 18.23 72.27 25.25
N TYR A 468 17.38 71.25 25.22
CA TYR A 468 16.14 71.28 24.46
C TYR A 468 14.97 71.43 25.42
N GLY A 469 14.67 72.69 25.75
CA GLY A 469 13.65 72.99 26.74
C GLY A 469 12.32 73.35 26.12
N PHE A 470 11.32 73.50 27.00
CA PHE A 470 9.96 73.82 26.57
C PHE A 470 9.32 74.81 27.51
N TYR A 471 8.35 75.56 26.97
CA TYR A 471 7.52 76.47 27.75
C TYR A 471 6.11 76.42 27.19
N THR A 472 5.12 76.50 28.08
CA THR A 472 3.73 76.47 27.63
C THR A 472 3.31 77.79 26.99
N THR A 473 4.10 78.85 27.19
CA THR A 473 3.77 80.14 26.60
C THR A 473 4.24 80.27 25.17
N THR A 474 5.05 79.31 24.70
CA THR A 474 5.55 79.35 23.33
C THR A 474 4.45 78.99 22.34
N GLY A 475 4.75 79.18 21.06
CA GLY A 475 3.80 78.88 20.01
C GLY A 475 3.64 77.38 19.81
N ILE A 476 2.70 77.05 18.90
CA ILE A 476 2.37 75.66 18.60
C ILE A 476 3.54 74.96 17.91
N GLY A 477 4.37 75.73 17.19
CA GLY A 477 5.51 75.14 16.50
C GLY A 477 6.62 74.70 17.44
N TYR A 478 6.62 75.21 18.68
CA TYR A 478 7.62 74.84 19.66
C TYR A 478 7.07 73.97 20.78
N GLN A 479 5.83 73.51 20.68
CA GLN A 479 5.27 72.66 21.72
C GLN A 479 5.83 71.25 21.62
N PRO A 480 5.89 70.49 22.72
CA PRO A 480 6.36 69.10 22.62
C PRO A 480 5.28 68.17 22.08
N TYR A 481 5.70 67.15 21.35
CA TYR A 481 4.81 66.18 20.74
C TYR A 481 5.32 64.78 20.95
N ARG A 482 4.59 64.00 21.75
CA ARG A 482 4.92 62.59 21.97
C ARG A 482 4.64 61.79 20.70
N VAL A 483 5.68 61.27 20.07
CA VAL A 483 5.56 60.59 18.78
C VAL A 483 5.83 59.12 18.97
N VAL A 484 4.85 58.30 18.63
CA VAL A 484 5.01 56.85 18.62
C VAL A 484 4.97 56.36 17.18
N VAL A 485 6.04 55.69 16.76
CA VAL A 485 6.18 55.20 15.39
C VAL A 485 5.87 53.71 15.40
N LEU A 486 4.82 53.33 14.68
CA LEU A 486 4.36 51.95 14.64
C LEU A 486 4.92 51.28 13.39
N SER A 487 6.14 50.76 13.48
CA SER A 487 6.67 49.94 12.41
C SER A 487 6.03 48.55 12.49
N PHE A 488 5.77 47.99 11.32
CA PHE A 488 5.09 46.70 11.24
C PHE A 488 6.09 45.66 10.75
N GLU A 489 5.64 44.42 10.58
CA GLU A 489 6.42 43.41 9.89
C GLU A 489 5.60 42.86 8.73
N ASP A 505 -10.46 41.79 10.71
CA ASP A 505 -11.83 41.62 10.22
C ASP A 505 -12.22 40.15 10.19
N LEU A 506 -13.50 39.87 10.41
CA LEU A 506 -14.03 38.53 10.28
C LEU A 506 -15.39 38.59 9.60
N ILE A 507 -15.74 37.50 8.90
CA ILE A 507 -17.00 37.41 8.17
C ILE A 507 -17.64 36.06 8.44
N LYS A 508 -18.79 35.81 7.81
CA LYS A 508 -19.51 34.55 7.94
C LYS A 508 -19.47 33.85 6.58
N ASN A 509 -19.06 34.59 5.55
CA ASN A 509 -18.99 34.15 4.16
C ASN A 509 -18.12 32.92 4.00
N GLN A 510 -18.41 32.10 2.99
CA GLN A 510 -17.63 30.93 2.67
C GLN A 510 -16.19 31.27 2.28
N CYS A 511 -15.31 30.28 2.40
CA CYS A 511 -13.99 30.26 1.80
C CYS A 511 -13.13 31.46 2.13
N VAL A 512 -12.70 31.51 3.38
CA VAL A 512 -11.81 32.55 3.87
C VAL A 512 -10.44 31.92 4.08
N ASN A 513 -9.40 32.62 3.61
CA ASN A 513 -8.05 32.31 4.06
C ASN A 513 -7.87 32.87 5.47
N PHE A 514 -8.46 32.22 6.47
CA PHE A 514 -8.37 32.78 7.82
C PHE A 514 -6.98 32.54 8.38
N ASN A 515 -6.45 33.57 9.03
CA ASN A 515 -5.11 33.51 9.58
C ASN A 515 -5.14 34.15 10.96
N PHE A 516 -5.29 33.32 11.98
CA PHE A 516 -5.19 33.76 13.36
C PHE A 516 -3.73 33.62 13.78
N ASN A 517 -3.48 33.54 15.10
CA ASN A 517 -2.17 33.42 15.72
C ASN A 517 -1.19 32.50 15.00
N GLY A 518 -1.63 31.28 14.66
CA GLY A 518 -0.84 30.44 13.80
C GLY A 518 -1.65 29.56 12.86
N LEU A 519 -2.95 29.83 12.74
CA LEU A 519 -3.87 28.94 12.05
C LEU A 519 -4.19 29.50 10.66
N THR A 520 -3.45 28.99 9.67
CA THR A 520 -3.59 29.48 8.31
C THR A 520 -4.54 28.63 7.46
N GLY A 521 -5.55 28.03 8.07
CA GLY A 521 -6.47 27.18 7.33
C GLY A 521 -7.36 27.93 6.37
N THR A 522 -8.01 27.21 5.45
CA THR A 522 -8.89 27.79 4.44
C THR A 522 -10.28 27.20 4.66
N GLY A 523 -11.13 27.92 5.38
CA GLY A 523 -12.41 27.37 5.74
C GLY A 523 -13.57 28.36 5.68
N VAL A 524 -14.66 28.02 6.36
CA VAL A 524 -15.87 28.82 6.38
C VAL A 524 -16.15 29.19 7.83
N LEU A 525 -16.27 30.47 8.11
CA LEU A 525 -16.41 30.95 9.47
C LEU A 525 -17.88 31.04 9.85
N THR A 526 -18.19 30.61 11.07
CA THR A 526 -19.56 30.55 11.58
C THR A 526 -19.49 30.67 13.09
N PRO A 527 -20.32 31.49 13.73
CA PRO A 527 -20.35 31.50 15.20
C PRO A 527 -20.99 30.24 15.73
N SER A 528 -20.52 29.78 16.89
CA SER A 528 -20.98 28.54 17.48
C SER A 528 -21.48 28.75 18.90
N SER A 529 -22.19 27.75 19.42
CA SER A 529 -22.75 27.81 20.77
C SER A 529 -22.17 26.67 21.60
N LYS A 530 -20.98 26.91 22.15
CA LYS A 530 -20.33 25.99 23.09
C LYS A 530 -19.69 26.80 24.19
N ARG A 531 -19.38 26.15 25.31
CA ARG A 531 -19.07 26.83 26.57
C ARG A 531 -17.73 27.57 26.58
N PHE A 532 -16.65 26.92 26.14
CA PHE A 532 -15.34 27.57 25.92
C PHE A 532 -14.74 28.27 27.14
N GLN A 533 -14.23 27.50 28.10
CA GLN A 533 -13.45 28.03 29.20
C GLN A 533 -12.33 28.93 28.69
N PRO A 534 -12.06 30.06 29.36
CA PRO A 534 -11.24 31.13 28.77
C PRO A 534 -9.76 30.81 28.61
N PHE A 535 -9.33 29.66 29.10
CA PHE A 535 -7.91 29.32 29.13
C PHE A 535 -7.46 28.53 27.92
N GLN A 536 -8.37 28.19 27.02
CA GLN A 536 -8.03 27.50 25.78
C GLN A 536 -8.85 28.08 24.64
N GLN A 537 -8.24 28.15 23.46
CA GLN A 537 -8.87 28.85 22.35
C GLN A 537 -8.94 28.02 21.07
N PHE A 538 -7.94 27.19 20.79
CA PHE A 538 -7.85 26.51 19.50
C PHE A 538 -8.73 25.27 19.53
N GLY A 539 -9.92 25.36 18.95
CA GLY A 539 -10.87 24.26 19.01
C GLY A 539 -10.68 23.14 18.01
N ARG A 540 -10.30 21.97 18.51
CA ARG A 540 -10.18 20.81 17.64
C ARG A 540 -11.26 19.80 17.97
N ASP A 541 -11.29 18.73 17.18
CA ASP A 541 -12.33 17.72 17.22
C ASP A 541 -11.68 16.38 17.59
N VAL A 542 -12.46 15.30 17.53
CA VAL A 542 -11.92 13.96 17.68
C VAL A 542 -11.06 13.65 16.45
N SER A 543 -11.41 14.22 15.31
CA SER A 543 -10.47 14.36 14.20
C SER A 543 -9.57 15.53 14.50
N ASP A 544 -8.28 15.39 14.18
CA ASP A 544 -7.23 16.31 14.60
C ASP A 544 -7.42 17.76 14.14
N PHE A 545 -8.19 17.98 13.08
CA PHE A 545 -8.30 19.31 12.48
C PHE A 545 -9.03 20.32 13.35
N THR A 546 -8.74 21.60 13.13
CA THR A 546 -9.20 22.67 14.01
C THR A 546 -10.65 23.05 13.66
N ASP A 547 -11.56 22.67 14.54
CA ASP A 547 -12.97 22.88 14.28
C ASP A 547 -13.44 24.28 14.67
N SER A 548 -12.84 24.88 15.69
CA SER A 548 -13.31 26.17 16.16
C SER A 548 -12.12 26.98 16.63
N VAL A 549 -12.31 28.29 16.80
CA VAL A 549 -11.21 29.16 17.23
C VAL A 549 -11.70 30.35 18.03
N ARG A 550 -10.80 30.92 18.83
CA ARG A 550 -11.10 32.10 19.64
C ARG A 550 -10.28 33.24 19.07
N ASP A 551 -10.91 34.38 18.84
CA ASP A 551 -10.21 35.52 18.24
C ASP A 551 -9.84 36.56 19.29
N PRO A 552 -8.54 36.88 19.35
CA PRO A 552 -7.99 37.86 20.29
C PRO A 552 -8.52 39.27 20.03
N LYS A 553 -8.67 39.63 18.76
CA LYS A 553 -9.12 40.97 18.38
C LYS A 553 -10.52 41.29 18.90
N THR A 554 -11.43 40.32 18.82
CA THR A 554 -12.78 40.54 19.30
C THR A 554 -13.27 39.46 20.24
N SER A 555 -12.53 38.34 20.34
CA SER A 555 -12.82 37.20 21.20
C SER A 555 -14.21 36.64 20.96
N GLU A 556 -14.49 36.22 19.73
CA GLU A 556 -15.79 35.67 19.38
C GLU A 556 -15.72 34.16 19.28
N ILE A 557 -16.67 33.48 19.93
CA ILE A 557 -16.82 32.04 19.83
C ILE A 557 -17.34 31.69 18.45
N LEU A 558 -16.51 31.03 17.64
CA LEU A 558 -16.83 30.71 16.26
C LEU A 558 -16.29 29.34 15.88
N ASP A 559 -17.05 28.60 15.09
CA ASP A 559 -16.52 27.33 14.59
C ASP A 559 -16.32 27.37 13.08
N ILE A 560 -15.59 26.37 12.58
CA ILE A 560 -15.10 26.37 11.22
C ILE A 560 -15.55 25.11 10.51
N SER A 561 -16.15 25.29 9.34
CA SER A 561 -16.30 24.21 8.38
C SER A 561 -15.34 24.52 7.25
N PRO A 562 -14.84 23.53 6.52
CA PRO A 562 -13.96 23.86 5.38
C PRO A 562 -14.75 24.30 4.18
N CYS A 563 -14.04 24.79 3.17
CA CYS A 563 -14.64 25.08 1.87
C CYS A 563 -15.22 23.80 1.29
N SER A 564 -16.50 23.86 0.97
CA SER A 564 -17.34 22.67 0.91
C SER A 564 -17.03 21.81 -0.30
N PHE A 565 -16.05 20.92 -0.14
CA PHE A 565 -15.60 20.03 -1.20
C PHE A 565 -16.62 18.92 -1.44
N GLY A 566 -16.23 18.02 -2.33
CA GLY A 566 -17.10 16.93 -2.71
C GLY A 566 -16.79 16.50 -4.13
N GLY A 567 -17.36 15.37 -4.51
CA GLY A 567 -17.14 14.83 -5.84
C GLY A 567 -18.29 15.16 -6.76
N VAL A 568 -18.02 15.99 -7.76
CA VAL A 568 -19.03 16.23 -8.79
C VAL A 568 -19.13 15.01 -9.68
N SER A 569 -20.25 14.32 -9.58
CA SER A 569 -20.51 13.20 -10.46
C SER A 569 -21.37 13.68 -11.62
N VAL A 570 -21.42 12.92 -12.67
CA VAL A 570 -22.20 13.31 -13.83
C VAL A 570 -23.08 12.17 -14.28
N ILE A 571 -24.35 12.48 -14.51
CA ILE A 571 -25.29 11.51 -15.06
C ILE A 571 -25.29 11.66 -16.56
N THR A 572 -25.22 10.56 -17.29
CA THR A 572 -25.45 10.68 -18.71
C THR A 572 -26.66 9.87 -19.14
N PRO A 573 -27.29 10.25 -20.22
CA PRO A 573 -28.15 9.30 -20.95
C PRO A 573 -27.28 8.46 -21.87
N GLY A 574 -27.92 7.71 -22.76
CA GLY A 574 -27.17 7.10 -23.84
C GLY A 574 -26.55 8.16 -24.73
N THR A 575 -25.22 8.31 -24.63
CA THR A 575 -24.55 9.43 -25.29
C THR A 575 -24.46 9.22 -26.79
N ASN A 576 -24.47 7.96 -27.25
CA ASN A 576 -24.68 7.73 -28.68
C ASN A 576 -26.10 8.09 -29.08
N ALA A 577 -27.07 7.78 -28.23
CA ALA A 577 -28.46 8.13 -28.50
C ALA A 577 -28.67 9.62 -28.34
N SER A 578 -28.09 10.21 -27.30
CA SER A 578 -28.21 11.65 -27.09
C SER A 578 -27.04 12.19 -26.31
N SER A 579 -26.26 13.08 -26.92
CA SER A 579 -25.20 13.77 -26.21
C SER A 579 -25.71 15.06 -25.59
N GLU A 580 -27.03 15.14 -25.42
CA GLU A 580 -27.70 16.15 -24.61
C GLU A 580 -27.09 16.13 -23.23
N VAL A 581 -26.94 17.32 -22.64
CA VAL A 581 -25.96 17.65 -21.60
C VAL A 581 -25.95 16.69 -20.41
N ALA A 582 -24.77 16.20 -20.08
CA ALA A 582 -24.58 15.41 -18.89
C ALA A 582 -24.86 16.27 -17.66
N VAL A 583 -25.79 15.82 -16.85
CA VAL A 583 -26.26 16.60 -15.71
C VAL A 583 -25.48 16.16 -14.49
N LEU A 584 -25.31 17.04 -13.52
CA LEU A 584 -24.17 16.98 -12.62
C LEU A 584 -24.59 16.73 -11.18
N TYR A 585 -23.60 16.77 -10.31
CA TYR A 585 -23.74 16.67 -8.88
C TYR A 585 -22.89 17.69 -8.17
N GLN A 586 -23.29 17.99 -6.96
CA GLN A 586 -22.40 18.29 -5.88
C GLN A 586 -22.91 17.49 -4.70
N ASP A 587 -22.02 17.13 -3.79
CA ASP A 587 -22.41 16.40 -2.59
C ASP A 587 -22.57 17.37 -1.41
N VAL A 588 -23.06 18.56 -1.74
CA VAL A 588 -23.05 19.75 -0.90
C VAL A 588 -24.50 20.22 -0.81
N ASN A 589 -24.80 20.97 0.25
CA ASN A 589 -25.90 21.94 0.30
C ASN A 589 -25.98 22.72 -1.01
N CYS A 590 -27.18 22.79 -1.60
CA CYS A 590 -27.32 23.31 -2.96
C CYS A 590 -27.16 24.82 -3.01
N THR A 591 -27.67 25.51 -2.00
CA THR A 591 -27.57 26.96 -1.99
C THR A 591 -26.13 27.41 -1.74
N ASP A 592 -25.33 26.55 -1.12
CA ASP A 592 -23.89 26.79 -1.07
C ASP A 592 -23.27 26.65 -2.45
N VAL A 593 -23.83 25.75 -3.27
CA VAL A 593 -23.38 25.64 -4.66
C VAL A 593 -23.97 26.76 -5.50
N SER A 594 -25.23 27.12 -5.22
CA SER A 594 -25.97 28.03 -6.09
C SER A 594 -25.40 29.44 -6.02
N THR A 595 -24.84 29.83 -4.89
CA THR A 595 -24.06 31.06 -4.85
C THR A 595 -22.76 30.90 -5.63
N ALA A 596 -22.12 29.74 -5.51
CA ALA A 596 -20.86 29.51 -6.20
C ALA A 596 -21.03 29.15 -7.67
N ILE A 597 -22.26 29.04 -8.16
CA ILE A 597 -22.48 28.89 -9.59
C ILE A 597 -22.22 30.21 -10.30
N HIS A 598 -22.79 31.29 -9.77
CA HIS A 598 -22.73 32.62 -10.37
C HIS A 598 -21.32 33.16 -10.48
N ALA A 599 -20.68 33.41 -9.34
CA ALA A 599 -19.27 33.79 -9.31
C ALA A 599 -18.46 32.51 -9.34
N ASP A 600 -17.36 32.50 -10.09
CA ASP A 600 -16.58 31.29 -10.27
C ASP A 600 -15.87 30.85 -8.99
N GLN A 601 -16.43 29.85 -8.33
CA GLN A 601 -15.80 29.25 -7.16
C GLN A 601 -15.63 27.74 -7.28
N LEU A 602 -16.43 27.07 -8.10
CA LEU A 602 -16.15 25.67 -8.42
C LEU A 602 -14.86 25.58 -9.20
N THR A 603 -13.83 25.01 -8.58
CA THR A 603 -12.52 24.86 -9.22
C THR A 603 -12.42 23.97 -10.47
N PRO A 604 -13.33 23.02 -10.81
CA PRO A 604 -13.19 22.44 -12.15
C PRO A 604 -13.58 23.44 -13.24
N ALA A 605 -14.44 24.40 -12.91
CA ALA A 605 -14.61 25.66 -13.65
C ALA A 605 -15.05 25.47 -15.10
N TRP A 606 -16.28 25.03 -15.30
CA TRP A 606 -16.81 24.85 -16.65
C TRP A 606 -17.01 26.18 -17.35
N ARG A 607 -16.99 26.11 -18.68
CA ARG A 607 -17.03 27.31 -19.50
C ARG A 607 -18.43 27.55 -20.07
N ILE A 608 -18.96 26.60 -20.84
CA ILE A 608 -20.32 26.72 -21.35
C ILE A 608 -21.21 26.19 -20.24
N TYR A 609 -21.49 27.08 -19.29
CA TYR A 609 -22.05 26.72 -18.00
C TYR A 609 -23.10 27.75 -17.60
N SER A 610 -24.01 28.07 -18.53
CA SER A 610 -25.14 28.95 -18.21
C SER A 610 -26.08 28.32 -17.18
N THR A 611 -26.06 27.00 -17.07
CA THR A 611 -26.68 26.22 -16.00
C THR A 611 -26.26 26.75 -14.63
N GLY A 612 -27.17 26.76 -13.65
CA GLY A 612 -28.47 26.10 -13.72
C GLY A 612 -29.77 26.84 -13.52
N ASN A 613 -30.83 26.22 -14.03
CA ASN A 613 -32.20 26.52 -13.70
C ASN A 613 -32.74 25.58 -12.62
N ASN A 614 -32.51 24.29 -12.78
CA ASN A 614 -33.00 23.29 -11.86
C ASN A 614 -32.02 23.07 -10.71
N VAL A 615 -32.55 22.65 -9.57
CA VAL A 615 -31.74 22.43 -8.37
C VAL A 615 -32.50 21.46 -7.48
N PHE A 616 -31.79 20.83 -6.55
CA PHE A 616 -32.39 19.86 -5.64
C PHE A 616 -31.71 19.94 -4.29
N GLN A 617 -32.39 19.43 -3.28
CA GLN A 617 -31.75 19.07 -2.02
C GLN A 617 -32.03 17.58 -1.81
N THR A 618 -31.24 16.74 -2.45
CA THR A 618 -31.30 15.33 -2.17
C THR A 618 -30.44 15.04 -0.95
N GLN A 619 -30.59 13.85 -0.38
CA GLN A 619 -29.69 13.47 0.70
C GLN A 619 -28.33 13.14 0.09
N ALA A 620 -28.32 12.79 -1.20
CA ALA A 620 -27.08 12.55 -1.93
C ALA A 620 -26.54 13.81 -2.56
N GLY A 621 -26.90 14.97 -2.01
CA GLY A 621 -26.35 16.23 -2.46
C GLY A 621 -27.33 17.01 -3.31
N CYS A 622 -26.87 17.54 -4.44
CA CYS A 622 -27.71 18.32 -5.32
C CYS A 622 -27.39 18.00 -6.78
N LEU A 623 -28.42 17.98 -7.60
CA LEU A 623 -28.31 17.86 -9.03
C LEU A 623 -28.33 19.25 -9.66
N ILE A 624 -28.00 19.31 -10.95
CA ILE A 624 -28.07 20.59 -11.63
C ILE A 624 -29.04 20.51 -12.80
N GLY A 625 -28.73 19.68 -13.78
CA GLY A 625 -29.48 19.74 -15.01
C GLY A 625 -30.71 18.86 -15.02
N ALA A 626 -30.80 17.93 -14.08
CA ALA A 626 -31.93 17.01 -14.03
C ALA A 626 -33.16 17.74 -13.54
N GLU A 627 -34.33 17.25 -13.97
CA GLU A 627 -35.60 17.92 -13.73
C GLU A 627 -36.43 17.08 -12.76
N HIS A 628 -37.07 17.75 -11.80
CA HIS A 628 -37.96 17.05 -10.89
C HIS A 628 -39.24 16.65 -11.60
N VAL A 629 -39.60 15.38 -11.47
CA VAL A 629 -40.89 14.87 -11.91
C VAL A 629 -41.48 14.11 -10.74
N ASP A 630 -42.77 14.38 -10.47
CA ASP A 630 -43.42 13.88 -9.26
C ASP A 630 -43.59 12.37 -9.27
N THR A 631 -43.73 11.76 -10.45
CA THR A 631 -44.04 10.34 -10.49
C THR A 631 -42.79 9.50 -10.26
N SER A 632 -43.00 8.20 -10.19
CA SER A 632 -41.93 7.22 -10.07
C SER A 632 -42.02 6.24 -11.23
N TYR A 633 -40.94 6.13 -12.01
CA TYR A 633 -40.95 5.18 -13.11
C TYR A 633 -40.34 3.84 -12.75
N GLU A 634 -39.02 3.82 -12.52
CA GLU A 634 -38.20 2.69 -12.14
C GLU A 634 -36.80 3.27 -11.98
N CYS A 635 -35.97 2.75 -11.09
CA CYS A 635 -34.65 3.34 -10.92
C CYS A 635 -33.76 3.00 -12.10
N ASP A 636 -33.67 3.93 -13.04
CA ASP A 636 -32.93 3.73 -14.29
C ASP A 636 -31.44 3.98 -14.09
N ILE A 637 -31.10 5.10 -13.44
CA ILE A 637 -29.72 5.42 -13.13
C ILE A 637 -29.68 5.72 -11.63
N PRO A 638 -28.87 5.02 -10.84
CA PRO A 638 -28.86 5.25 -9.40
C PRO A 638 -28.20 6.58 -9.06
N ILE A 639 -28.88 7.36 -8.23
CA ILE A 639 -28.34 8.63 -7.75
C ILE A 639 -27.86 8.44 -6.33
N GLY A 640 -28.71 7.90 -5.50
CA GLY A 640 -28.54 7.95 -4.07
C GLY A 640 -29.82 8.52 -3.48
N ALA A 641 -29.84 8.58 -2.15
CA ALA A 641 -30.92 9.17 -1.36
C ALA A 641 -32.29 8.55 -1.59
N GLY A 642 -32.34 7.37 -2.20
CA GLY A 642 -33.61 6.77 -2.53
C GLY A 642 -34.27 7.36 -3.76
N ILE A 643 -33.56 8.22 -4.50
CA ILE A 643 -34.12 8.85 -5.68
C ILE A 643 -33.19 8.52 -6.85
N CYS A 644 -33.74 8.49 -8.06
CA CYS A 644 -32.96 8.03 -9.20
C CYS A 644 -33.22 8.89 -10.41
N ALA A 645 -32.30 8.79 -11.37
CA ALA A 645 -32.35 9.59 -12.59
C ALA A 645 -32.86 8.73 -13.74
N SER A 646 -33.23 9.39 -14.83
CA SER A 646 -33.66 8.74 -16.07
C SER A 646 -33.64 9.72 -17.23
N TYR A 647 -34.00 9.25 -18.42
CA TYR A 647 -34.02 10.06 -19.63
C TYR A 647 -35.39 9.92 -20.29
N HIS A 648 -36.34 10.77 -19.90
CA HIS A 648 -37.68 10.74 -20.46
C HIS A 648 -38.09 12.08 -21.05
N THR A 649 -39.36 12.21 -21.40
CA THR A 649 -39.90 13.47 -21.89
C THR A 649 -39.97 14.50 -20.77
N LYS A 659 -36.81 15.51 -25.13
CA LYS A 659 -36.38 14.46 -24.22
C LYS A 659 -35.38 14.97 -23.21
N SER A 660 -35.87 15.33 -22.03
CA SER A 660 -35.05 15.91 -20.99
C SER A 660 -34.44 14.79 -20.14
N ILE A 661 -33.83 15.14 -19.01
CA ILE A 661 -33.28 14.17 -18.08
C ILE A 661 -33.99 14.31 -16.75
N VAL A 662 -34.59 13.22 -16.30
CA VAL A 662 -35.65 13.25 -15.30
C VAL A 662 -35.10 12.75 -13.97
N ALA A 663 -35.26 13.57 -12.93
CA ALA A 663 -34.99 13.14 -11.57
C ALA A 663 -36.28 13.03 -10.80
N TYR A 664 -36.32 12.07 -9.87
CA TYR A 664 -37.57 11.66 -9.24
C TYR A 664 -37.32 10.72 -8.09
N THR A 665 -38.19 10.72 -7.09
CA THR A 665 -38.21 9.63 -6.12
C THR A 665 -38.60 8.34 -6.82
N MET A 666 -37.79 7.31 -6.62
CA MET A 666 -37.83 6.16 -7.51
C MET A 666 -39.00 5.24 -7.17
N SER A 667 -39.23 4.27 -8.05
CA SER A 667 -40.25 3.28 -7.85
C SER A 667 -39.71 2.10 -7.07
N LEU A 668 -40.62 1.35 -6.45
CA LEU A 668 -40.30 0.10 -5.81
C LEU A 668 -40.72 -1.09 -6.66
N GLY A 669 -41.08 -0.86 -7.91
CA GLY A 669 -41.86 -1.82 -8.66
C GLY A 669 -43.33 -1.47 -8.60
N ALA A 670 -44.14 -2.33 -9.24
CA ALA A 670 -45.57 -2.08 -9.32
C ALA A 670 -46.22 -2.28 -7.96
N ASP A 671 -47.40 -1.69 -7.79
CA ASP A 671 -48.15 -1.81 -6.55
C ASP A 671 -49.42 -2.60 -6.82
N SER A 672 -49.58 -3.73 -6.13
CA SER A 672 -50.71 -4.61 -6.37
C SER A 672 -51.66 -4.59 -5.18
N SER A 673 -52.70 -5.40 -5.30
CA SER A 673 -53.80 -5.43 -4.36
C SER A 673 -54.49 -6.78 -4.43
N ILE A 674 -54.29 -7.59 -3.40
CA ILE A 674 -54.93 -8.89 -3.32
C ILE A 674 -55.68 -8.97 -1.99
N ALA A 675 -56.80 -9.67 -2.02
CA ALA A 675 -57.72 -9.70 -0.89
C ALA A 675 -57.53 -11.01 -0.15
N TYR A 676 -57.16 -10.90 1.13
CA TYR A 676 -57.23 -12.05 2.01
C TYR A 676 -58.68 -12.35 2.34
N SER A 677 -59.03 -13.63 2.36
CA SER A 677 -60.37 -14.02 2.78
C SER A 677 -60.29 -15.38 3.45
N ASN A 678 -61.31 -15.67 4.26
CA ASN A 678 -61.41 -16.98 4.87
C ASN A 678 -61.86 -18.04 3.87
N ASN A 679 -62.47 -17.61 2.77
CA ASN A 679 -63.10 -18.52 1.81
C ASN A 679 -62.30 -18.65 0.52
N THR A 680 -62.00 -17.53 -0.12
CA THR A 680 -61.57 -17.52 -1.52
C THR A 680 -60.11 -17.94 -1.63
N ILE A 681 -59.88 -19.03 -2.33
CA ILE A 681 -58.54 -19.43 -2.71
C ILE A 681 -58.39 -19.24 -4.21
N ALA A 682 -57.16 -19.03 -4.68
CA ALA A 682 -56.94 -19.10 -6.11
C ALA A 682 -55.95 -20.21 -6.45
N ILE A 683 -56.12 -20.81 -7.61
CA ILE A 683 -55.17 -21.78 -8.15
C ILE A 683 -55.10 -21.54 -9.65
N PRO A 684 -53.93 -21.64 -10.25
CA PRO A 684 -53.82 -21.37 -11.69
C PRO A 684 -54.29 -22.52 -12.55
N THR A 685 -54.68 -22.22 -13.78
CA THR A 685 -55.16 -23.24 -14.69
C THR A 685 -54.14 -23.38 -15.81
N ASN A 686 -53.86 -22.33 -16.57
CA ASN A 686 -52.81 -22.45 -17.57
C ASN A 686 -51.47 -22.10 -16.95
N PHE A 687 -50.41 -22.41 -17.68
CA PHE A 687 -49.07 -22.12 -17.21
C PHE A 687 -48.19 -21.84 -18.42
N SER A 688 -47.34 -20.84 -18.28
CA SER A 688 -46.44 -20.43 -19.36
C SER A 688 -45.04 -20.90 -19.02
N ILE A 689 -44.60 -21.98 -19.67
CA ILE A 689 -43.23 -22.43 -19.48
C ILE A 689 -42.27 -21.42 -20.08
N SER A 690 -41.55 -20.74 -19.21
CA SER A 690 -40.59 -19.73 -19.60
C SER A 690 -39.20 -20.21 -19.24
N ILE A 691 -38.25 -19.93 -20.12
CA ILE A 691 -36.86 -20.21 -19.84
C ILE A 691 -36.17 -18.89 -19.57
N THR A 692 -35.07 -18.96 -18.83
CA THR A 692 -34.46 -17.78 -18.27
C THR A 692 -32.95 -17.85 -18.45
N THR A 693 -32.38 -16.81 -19.05
CA THR A 693 -30.95 -16.67 -19.12
C THR A 693 -30.44 -16.27 -17.76
N GLU A 694 -29.62 -17.12 -17.15
CA GLU A 694 -28.90 -16.76 -15.95
C GLU A 694 -27.43 -16.93 -16.25
N VAL A 695 -26.63 -15.91 -15.93
CA VAL A 695 -25.25 -15.91 -16.38
C VAL A 695 -24.28 -15.77 -15.20
N MET A 696 -23.50 -16.80 -14.98
CA MET A 696 -22.49 -16.87 -13.94
C MET A 696 -21.11 -16.69 -14.53
N PRO A 697 -20.33 -15.74 -14.05
CA PRO A 697 -18.91 -15.73 -14.40
C PRO A 697 -18.16 -16.78 -13.59
N VAL A 698 -17.33 -17.54 -14.28
CA VAL A 698 -16.63 -18.63 -13.62
C VAL A 698 -15.13 -18.42 -13.64
N SER A 699 -14.63 -17.60 -14.55
CA SER A 699 -13.19 -17.41 -14.59
C SER A 699 -12.82 -16.02 -15.08
N MET A 700 -11.53 -15.75 -15.13
CA MET A 700 -11.04 -14.50 -15.69
C MET A 700 -9.72 -14.79 -16.40
N ALA A 701 -9.04 -13.73 -16.81
CA ALA A 701 -7.80 -13.89 -17.55
C ALA A 701 -6.69 -14.38 -16.63
N LYS A 702 -6.01 -15.43 -17.07
CA LYS A 702 -4.86 -15.97 -16.33
C LYS A 702 -3.63 -15.09 -16.50
N THR A 703 -3.67 -13.89 -15.91
CA THR A 703 -2.61 -12.91 -16.09
C THR A 703 -1.42 -13.28 -15.22
N SER A 704 -0.22 -13.20 -15.81
CA SER A 704 0.99 -13.45 -15.03
C SER A 704 2.00 -12.35 -15.39
N VAL A 705 1.96 -11.27 -14.61
CA VAL A 705 2.84 -10.13 -14.86
C VAL A 705 4.28 -10.51 -14.50
N ASP A 706 5.21 -10.15 -15.37
CA ASP A 706 6.62 -10.44 -15.13
C ASP A 706 7.24 -9.30 -14.33
N CYS A 707 7.44 -9.57 -13.05
CA CYS A 707 7.82 -8.59 -12.04
C CYS A 707 9.14 -7.91 -12.34
N ASN A 708 10.08 -8.65 -12.92
CA ASN A 708 11.35 -8.04 -13.30
C ASN A 708 11.14 -7.10 -14.48
N MET A 709 10.47 -7.58 -15.53
CA MET A 709 10.31 -6.81 -16.75
C MET A 709 9.38 -5.62 -16.55
N TYR A 710 8.43 -5.75 -15.61
CA TYR A 710 7.55 -4.62 -15.31
C TYR A 710 8.31 -3.51 -14.63
N ILE A 711 9.02 -3.83 -13.55
CA ILE A 711 9.71 -2.82 -12.76
C ILE A 711 10.86 -2.23 -13.54
N CYS A 712 11.74 -3.08 -14.06
CA CYS A 712 12.87 -2.65 -14.85
C CYS A 712 12.98 -3.47 -16.11
N GLY A 713 12.54 -2.89 -17.22
CA GLY A 713 12.80 -3.42 -18.55
C GLY A 713 14.30 -3.48 -18.74
N ASP A 714 14.78 -4.44 -19.53
CA ASP A 714 16.06 -5.11 -19.28
C ASP A 714 17.26 -4.20 -19.08
N SER A 715 17.70 -4.16 -17.83
CA SER A 715 18.81 -3.35 -17.38
C SER A 715 19.32 -3.94 -16.08
N THR A 716 20.42 -4.68 -16.12
CA THR A 716 20.93 -5.31 -14.91
C THR A 716 21.59 -4.32 -13.97
N GLU A 717 21.79 -3.07 -14.41
CA GLU A 717 22.12 -2.02 -13.46
C GLU A 717 20.97 -1.73 -12.53
N CYS A 718 19.74 -1.88 -13.01
CA CYS A 718 18.59 -1.79 -12.10
C CYS A 718 18.44 -3.05 -11.27
N ALA A 719 18.53 -4.23 -11.91
CA ALA A 719 18.11 -5.49 -11.29
C ALA A 719 18.95 -5.88 -10.08
N ASN A 720 20.09 -5.23 -9.86
CA ASN A 720 20.76 -5.34 -8.57
C ASN A 720 19.97 -4.62 -7.49
N LEU A 721 19.42 -3.44 -7.82
CA LEU A 721 18.68 -2.69 -6.81
C LEU A 721 17.34 -3.35 -6.51
N LEU A 722 16.78 -4.09 -7.46
CA LEU A 722 15.53 -4.77 -7.16
C LEU A 722 15.81 -6.09 -6.45
N LEU A 723 17.03 -6.61 -6.57
CA LEU A 723 17.38 -7.85 -5.89
C LEU A 723 17.50 -7.64 -4.38
N GLN A 724 17.82 -6.42 -3.96
CA GLN A 724 17.95 -6.15 -2.54
C GLN A 724 16.64 -5.73 -1.88
N TYR A 725 15.51 -5.91 -2.56
CA TYR A 725 14.21 -5.94 -1.89
C TYR A 725 13.79 -7.36 -1.55
N GLY A 726 14.62 -8.33 -1.92
CA GLY A 726 14.48 -9.70 -1.47
C GLY A 726 13.45 -10.57 -2.15
N SER A 727 12.21 -10.43 -1.76
CA SER A 727 11.18 -11.35 -2.24
C SER A 727 9.90 -10.63 -2.61
N PHE A 728 10.00 -9.49 -3.28
CA PHE A 728 8.81 -8.90 -3.87
C PHE A 728 8.71 -9.16 -5.36
N CYS A 729 9.72 -9.81 -5.93
CA CYS A 729 9.51 -10.69 -7.06
C CYS A 729 9.41 -12.06 -6.42
N THR A 730 8.84 -13.03 -7.13
CA THR A 730 8.78 -14.46 -6.82
C THR A 730 7.81 -14.75 -5.66
N GLN A 731 7.36 -13.70 -4.98
CA GLN A 731 6.17 -13.84 -4.14
C GLN A 731 5.02 -13.09 -4.80
N LEU A 732 5.36 -12.03 -5.53
CA LEU A 732 4.48 -11.50 -6.56
C LEU A 732 4.10 -12.58 -7.53
N ASN A 733 5.09 -13.15 -8.20
CA ASN A 733 4.88 -14.07 -9.30
C ASN A 733 4.42 -15.45 -8.83
N ARG A 734 4.25 -15.67 -7.53
CA ARG A 734 3.61 -16.86 -7.02
C ARG A 734 2.17 -16.58 -6.60
N ALA A 735 1.91 -15.36 -6.13
CA ALA A 735 0.59 -15.01 -5.63
C ALA A 735 -0.45 -14.88 -6.73
N LEU A 736 -0.03 -14.56 -7.96
CA LEU A 736 -0.96 -14.66 -9.06
C LEU A 736 -0.60 -15.76 -10.05
N SER A 737 0.38 -16.60 -9.75
CA SER A 737 0.44 -17.90 -10.40
C SER A 737 -0.51 -18.81 -9.67
N GLY A 738 -0.70 -18.55 -8.38
CA GLY A 738 -1.68 -19.29 -7.61
C GLY A 738 -3.09 -18.93 -8.01
N ILE A 739 -3.28 -17.73 -8.58
CA ILE A 739 -4.56 -17.39 -9.19
C ILE A 739 -4.76 -18.20 -10.45
N ALA A 740 -3.75 -18.21 -11.33
CA ALA A 740 -3.94 -18.72 -12.68
C ALA A 740 -4.14 -20.23 -12.69
N ALA A 741 -3.48 -20.94 -11.78
CA ALA A 741 -3.77 -22.36 -11.64
C ALA A 741 -5.15 -22.58 -11.03
N GLU A 742 -5.62 -21.62 -10.23
CA GLU A 742 -6.95 -21.74 -9.65
C GLU A 742 -8.02 -21.33 -10.64
N GLN A 743 -7.67 -20.48 -11.61
CA GLN A 743 -8.66 -20.04 -12.59
C GLN A 743 -9.03 -21.14 -13.58
N ASP A 744 -8.27 -22.22 -13.61
CA ASP A 744 -8.73 -23.41 -14.32
C ASP A 744 -9.45 -24.36 -13.38
N ARG A 745 -9.10 -24.32 -12.09
CA ARG A 745 -9.80 -25.15 -11.11
C ARG A 745 -11.26 -24.76 -11.02
N ASN A 746 -11.56 -23.46 -11.18
CA ASN A 746 -12.93 -23.01 -11.28
C ASN A 746 -13.62 -23.60 -12.52
N THR A 747 -12.89 -23.68 -13.63
CA THR A 747 -13.52 -24.18 -14.84
C THR A 747 -13.62 -25.70 -14.80
N ARG A 748 -12.82 -26.34 -13.96
CA ARG A 748 -12.94 -27.79 -13.78
C ARG A 748 -13.98 -28.11 -12.72
N GLU A 749 -14.21 -27.20 -11.78
CA GLU A 749 -15.30 -27.39 -10.83
C GLU A 749 -16.65 -27.34 -11.53
N VAL A 750 -16.78 -26.48 -12.52
CA VAL A 750 -18.07 -26.28 -13.16
C VAL A 750 -18.34 -27.36 -14.20
N PHE A 751 -17.53 -27.41 -15.25
CA PHE A 751 -17.89 -28.21 -16.41
C PHE A 751 -17.52 -29.67 -16.25
N ALA A 752 -16.36 -29.96 -15.66
CA ALA A 752 -15.96 -31.35 -15.47
C ALA A 752 -16.78 -31.93 -14.33
N GLN A 753 -18.04 -32.24 -14.63
CA GLN A 753 -19.04 -32.51 -13.61
C GLN A 753 -19.64 -33.87 -13.90
N VAL A 754 -19.89 -34.14 -15.18
CA VAL A 754 -20.21 -35.50 -15.58
C VAL A 754 -18.90 -36.24 -15.85
N LYS A 755 -18.87 -37.53 -15.54
CA LYS A 755 -17.63 -38.26 -15.69
C LYS A 755 -17.39 -38.62 -17.14
N GLN A 756 -18.26 -39.46 -17.70
CA GLN A 756 -18.12 -39.85 -19.10
C GLN A 756 -18.85 -38.84 -19.97
N MET A 757 -18.46 -38.78 -21.24
CA MET A 757 -19.00 -37.76 -22.12
C MET A 757 -19.84 -38.40 -23.21
N TYR A 758 -20.74 -37.61 -23.76
CA TYR A 758 -21.85 -38.13 -24.55
C TYR A 758 -21.84 -37.50 -25.92
N LYS A 759 -22.03 -38.32 -26.93
CA LYS A 759 -22.02 -37.81 -28.29
C LYS A 759 -23.32 -37.05 -28.53
N THR A 760 -23.28 -36.13 -29.49
CA THR A 760 -24.47 -35.38 -29.81
C THR A 760 -25.49 -36.28 -30.50
N PRO A 761 -26.71 -36.35 -29.98
CA PRO A 761 -27.76 -37.10 -30.67
C PRO A 761 -28.19 -36.40 -31.95
N THR A 762 -28.49 -37.22 -32.95
CA THR A 762 -28.73 -36.70 -34.29
C THR A 762 -30.11 -36.08 -34.42
N LEU A 763 -31.16 -36.89 -34.20
CA LEU A 763 -32.54 -36.43 -34.34
C LEU A 763 -32.87 -35.52 -33.16
N LYS A 764 -32.51 -34.25 -33.31
CA LYS A 764 -32.58 -33.28 -32.23
C LYS A 764 -34.02 -33.01 -31.77
N TYR A 765 -34.99 -33.24 -32.65
CA TYR A 765 -36.39 -33.14 -32.28
C TYR A 765 -36.76 -34.26 -31.31
N PHE A 766 -37.01 -33.90 -30.06
CA PHE A 766 -37.23 -34.87 -28.98
C PHE A 766 -38.69 -34.83 -28.55
N GLY A 767 -39.53 -35.59 -29.24
CA GLY A 767 -40.94 -35.74 -28.90
C GLY A 767 -41.73 -34.45 -28.82
N GLY A 768 -41.45 -33.52 -29.73
CA GLY A 768 -42.13 -32.24 -29.72
C GLY A 768 -41.19 -31.07 -29.51
N PHE A 769 -40.04 -31.33 -28.90
CA PHE A 769 -39.15 -30.29 -28.45
C PHE A 769 -38.00 -30.14 -29.44
N ASN A 770 -37.70 -28.89 -29.83
CA ASN A 770 -36.90 -28.66 -31.03
C ASN A 770 -35.42 -28.88 -30.79
N PHE A 771 -34.87 -28.29 -29.72
CA PHE A 771 -33.45 -28.36 -29.35
C PHE A 771 -32.49 -27.89 -30.44
N SER A 772 -32.50 -26.59 -30.72
CA SER A 772 -31.48 -25.96 -31.56
C SER A 772 -30.28 -25.49 -30.77
N GLN A 773 -29.97 -26.15 -29.66
CA GLN A 773 -28.99 -25.68 -28.70
C GLN A 773 -27.92 -26.73 -28.44
N ILE A 774 -27.86 -27.77 -29.26
CA ILE A 774 -27.18 -28.99 -28.86
C ILE A 774 -26.08 -29.33 -29.89
N LEU A 775 -25.43 -28.29 -30.43
CA LEU A 775 -24.22 -28.38 -31.24
C LEU A 775 -24.44 -29.18 -32.51
N PRO A 776 -25.06 -28.60 -33.55
CA PRO A 776 -25.26 -29.33 -34.80
C PRO A 776 -23.95 -29.63 -35.50
N ASP A 777 -23.72 -30.91 -35.78
CA ASP A 777 -22.48 -31.33 -36.44
C ASP A 777 -22.38 -30.93 -37.90
N PRO A 778 -23.34 -31.29 -38.84
CA PRO A 778 -23.02 -31.08 -40.26
C PRO A 778 -23.05 -29.63 -40.70
N LEU A 779 -23.87 -28.80 -40.03
CA LEU A 779 -23.97 -27.40 -40.42
C LEU A 779 -22.77 -26.60 -39.92
N LYS A 780 -22.52 -26.66 -38.63
CA LYS A 780 -21.52 -25.81 -38.04
C LYS A 780 -20.13 -26.42 -38.20
N PRO A 781 -19.17 -25.69 -38.78
CA PRO A 781 -17.79 -26.17 -38.80
C PRO A 781 -17.19 -26.19 -37.41
N THR A 782 -17.47 -25.13 -36.65
CA THR A 782 -17.10 -25.12 -35.24
C THR A 782 -18.01 -26.06 -34.46
N LYS A 783 -17.49 -26.57 -33.35
CA LYS A 783 -18.24 -27.52 -32.53
C LYS A 783 -18.77 -26.80 -31.29
N ARG A 784 -19.87 -26.07 -31.48
CA ARG A 784 -20.55 -25.39 -30.39
C ARG A 784 -21.99 -25.16 -30.80
N SER A 785 -22.81 -24.79 -29.81
CA SER A 785 -24.23 -24.57 -30.04
C SER A 785 -24.48 -23.33 -30.89
N PHE A 786 -25.71 -23.24 -31.40
CA PHE A 786 -26.10 -22.04 -32.13
C PHE A 786 -26.38 -20.89 -31.16
N ILE A 787 -26.89 -21.21 -29.97
CA ILE A 787 -27.03 -20.19 -28.93
C ILE A 787 -25.65 -19.74 -28.46
N GLU A 788 -24.73 -20.70 -28.33
CA GLU A 788 -23.35 -20.36 -27.95
C GLU A 788 -22.67 -19.55 -29.05
N ASP A 789 -23.03 -19.79 -30.30
CA ASP A 789 -22.57 -18.94 -31.40
C ASP A 789 -23.04 -17.50 -31.23
N LEU A 790 -24.20 -17.32 -30.61
CA LEU A 790 -24.71 -15.98 -30.36
C LEU A 790 -24.10 -15.37 -29.10
N LEU A 791 -23.36 -16.15 -28.31
CA LEU A 791 -22.83 -15.65 -27.05
C LEU A 791 -21.42 -15.10 -27.17
N PHE A 792 -20.53 -15.80 -27.88
CA PHE A 792 -19.13 -15.38 -27.97
C PHE A 792 -18.96 -14.10 -28.76
N ASN A 793 -19.94 -13.74 -29.58
CA ASN A 793 -19.84 -12.49 -30.31
C ASN A 793 -20.14 -11.30 -29.42
N LYS A 794 -20.97 -11.48 -28.40
CA LYS A 794 -21.49 -10.36 -27.61
C LYS A 794 -20.63 -10.07 -26.38
N VAL A 795 -19.31 -9.99 -26.60
CA VAL A 795 -18.35 -9.59 -25.57
C VAL A 795 -17.23 -8.79 -26.21
N THR A 796 -16.26 -8.37 -25.39
CA THR A 796 -15.01 -7.68 -25.77
C THR A 796 -15.23 -6.40 -26.58
N ASP A 817 -3.42 -19.28 -34.97
CA ASP A 817 -2.55 -19.44 -33.81
C ASP A 817 -2.23 -18.09 -33.17
N LEU A 818 -3.12 -17.64 -32.29
CA LEU A 818 -3.01 -16.32 -31.69
C LEU A 818 -1.91 -16.29 -30.64
N ILE A 819 -0.77 -15.72 -30.99
CA ILE A 819 0.33 -15.54 -30.02
C ILE A 819 0.45 -14.06 -29.72
N CYS A 820 0.73 -13.74 -28.46
CA CYS A 820 0.93 -12.35 -28.07
C CYS A 820 2.29 -11.88 -28.56
N ALA A 821 2.37 -10.59 -28.88
CA ALA A 821 3.63 -10.03 -29.39
C ALA A 821 4.56 -9.60 -28.25
N GLN A 822 4.13 -9.75 -27.00
CA GLN A 822 4.93 -9.52 -25.80
C GLN A 822 5.48 -8.11 -25.68
N LYS A 823 4.62 -7.13 -25.42
CA LYS A 823 4.95 -5.71 -25.40
C LYS A 823 5.96 -5.37 -24.30
N PHE A 824 6.40 -4.11 -24.30
CA PHE A 824 7.46 -3.64 -23.39
C PHE A 824 7.03 -3.66 -21.93
N ASN A 825 5.73 -3.69 -21.67
CA ASN A 825 5.19 -3.50 -20.33
C ASN A 825 5.58 -4.59 -19.35
N GLY A 826 5.75 -5.81 -19.84
CA GLY A 826 6.01 -6.94 -18.98
C GLY A 826 4.82 -7.82 -18.73
N LEU A 827 3.70 -7.56 -19.40
CA LEU A 827 2.48 -8.30 -19.14
C LEU A 827 2.36 -9.48 -20.08
N THR A 828 1.61 -10.48 -19.68
CA THR A 828 1.18 -11.52 -20.61
C THR A 828 -0.16 -12.08 -20.13
N VAL A 829 -0.83 -12.84 -20.97
CA VAL A 829 -2.04 -13.54 -20.57
C VAL A 829 -1.85 -15.00 -20.93
N LEU A 830 -1.85 -15.85 -19.92
CA LEU A 830 -1.80 -17.28 -20.15
C LEU A 830 -3.13 -17.70 -20.77
N PRO A 831 -3.14 -18.69 -21.65
CA PRO A 831 -4.40 -19.15 -22.20
C PRO A 831 -5.13 -20.00 -21.17
N PRO A 832 -6.46 -20.06 -21.23
CA PRO A 832 -7.18 -20.98 -20.36
C PRO A 832 -6.88 -22.41 -20.73
N LEU A 833 -6.79 -23.25 -19.69
CA LEU A 833 -6.35 -24.62 -19.87
C LEU A 833 -7.44 -25.47 -20.52
N LEU A 834 -8.69 -25.08 -20.39
CA LEU A 834 -9.74 -25.70 -21.17
C LEU A 834 -10.09 -24.78 -22.34
N THR A 835 -9.93 -25.31 -23.55
CA THR A 835 -10.27 -24.53 -24.73
C THR A 835 -11.76 -24.35 -24.84
N ASP A 836 -12.17 -23.35 -25.62
CA ASP A 836 -13.58 -23.08 -25.85
C ASP A 836 -14.22 -24.21 -26.64
N ASP A 837 -13.41 -24.94 -27.41
CA ASP A 837 -13.90 -26.15 -28.06
C ASP A 837 -14.23 -27.22 -27.02
N MET A 838 -13.38 -27.35 -26.01
CA MET A 838 -13.61 -28.37 -24.99
C MET A 838 -14.74 -27.96 -24.05
N ILE A 839 -14.85 -26.66 -23.77
CA ILE A 839 -15.94 -26.18 -22.93
C ILE A 839 -17.28 -26.37 -23.63
N ALA A 840 -17.31 -26.13 -24.94
CA ALA A 840 -18.50 -26.42 -25.71
C ALA A 840 -18.69 -27.92 -25.86
N ALA A 841 -17.62 -28.71 -25.73
CA ALA A 841 -17.77 -30.15 -25.75
C ALA A 841 -18.43 -30.64 -24.47
N TYR A 842 -18.13 -29.99 -23.33
CA TYR A 842 -18.83 -30.33 -22.10
C TYR A 842 -20.30 -29.98 -22.18
N THR A 843 -20.61 -28.76 -22.63
CA THR A 843 -21.99 -28.33 -22.70
C THR A 843 -22.74 -29.01 -23.83
N ALA A 844 -22.03 -29.73 -24.70
CA ALA A 844 -22.70 -30.70 -25.57
C ALA A 844 -23.28 -31.83 -24.72
N ALA A 845 -22.44 -32.47 -23.92
CA ALA A 845 -22.87 -33.67 -23.21
C ALA A 845 -23.76 -33.33 -22.03
N LEU A 846 -23.57 -32.16 -21.42
CA LEU A 846 -24.44 -31.74 -20.32
C LEU A 846 -25.86 -31.49 -20.81
N VAL A 847 -26.00 -30.94 -22.02
CA VAL A 847 -27.32 -30.79 -22.62
C VAL A 847 -27.83 -32.13 -23.14
N SER A 848 -26.93 -32.93 -23.74
CA SER A 848 -27.33 -34.19 -24.34
C SER A 848 -27.77 -35.20 -23.30
N GLY A 849 -27.01 -35.33 -22.22
CA GLY A 849 -27.35 -36.30 -21.21
C GLY A 849 -28.58 -35.92 -20.42
N THR A 850 -28.80 -34.61 -20.24
CA THR A 850 -29.99 -34.16 -19.53
C THR A 850 -31.21 -34.36 -20.40
N ALA A 851 -31.05 -34.28 -21.72
CA ALA A 851 -32.17 -34.54 -22.61
C ALA A 851 -32.41 -36.04 -22.75
N THR A 852 -31.34 -36.83 -22.86
CA THR A 852 -31.52 -38.26 -23.01
C THR A 852 -31.67 -38.98 -21.67
N ALA A 853 -30.62 -39.00 -20.85
CA ALA A 853 -30.68 -39.76 -19.60
C ALA A 853 -31.32 -38.98 -18.47
N GLY A 854 -30.68 -37.89 -18.07
CA GLY A 854 -31.21 -36.97 -17.08
C GLY A 854 -30.85 -37.16 -15.61
N TRP A 855 -31.05 -38.34 -15.04
CA TRP A 855 -31.12 -38.42 -13.59
C TRP A 855 -29.97 -39.14 -12.95
N THR A 856 -29.77 -40.41 -13.31
CA THR A 856 -28.59 -41.12 -12.82
C THR A 856 -27.37 -40.67 -13.61
N PHE A 857 -27.60 -40.01 -14.75
CA PHE A 857 -26.67 -39.12 -15.44
C PHE A 857 -25.84 -38.25 -14.51
N GLY A 858 -26.48 -37.64 -13.51
CA GLY A 858 -25.73 -36.93 -12.49
C GLY A 858 -25.22 -37.84 -11.40
N ALA A 859 -26.00 -38.87 -11.08
CA ALA A 859 -25.65 -39.74 -9.96
C ALA A 859 -24.57 -40.75 -10.32
N GLY A 860 -24.37 -41.01 -11.61
CA GLY A 860 -23.44 -42.04 -12.03
C GLY A 860 -23.46 -42.24 -13.53
N ALA A 861 -23.60 -43.49 -13.97
CA ALA A 861 -23.75 -43.82 -15.38
C ALA A 861 -25.13 -43.40 -15.87
N ALA A 862 -25.26 -43.31 -17.18
CA ALA A 862 -26.48 -42.80 -17.79
C ALA A 862 -27.53 -43.89 -17.86
N LEU A 863 -28.77 -43.52 -17.55
CA LEU A 863 -29.91 -44.39 -17.71
C LEU A 863 -30.89 -43.68 -18.63
N GLN A 864 -31.02 -44.16 -19.86
CA GLN A 864 -31.76 -43.43 -20.88
C GLN A 864 -33.26 -43.48 -20.62
N ILE A 865 -33.91 -42.34 -20.86
CA ILE A 865 -35.34 -42.17 -20.65
C ILE A 865 -35.90 -41.36 -21.80
N PRO A 866 -37.03 -41.80 -22.38
CA PRO A 866 -37.70 -40.99 -23.39
C PRO A 866 -38.15 -39.66 -22.79
N PHE A 867 -37.95 -38.60 -23.57
CA PHE A 867 -37.87 -37.25 -23.01
C PHE A 867 -39.20 -36.77 -22.45
N ALA A 868 -40.30 -37.30 -22.97
CA ALA A 868 -41.61 -37.00 -22.38
C ALA A 868 -41.74 -37.65 -21.02
N MET A 869 -41.24 -38.88 -20.88
CA MET A 869 -41.28 -39.56 -19.59
C MET A 869 -40.32 -38.90 -18.61
N GLN A 870 -39.23 -38.32 -19.12
CA GLN A 870 -38.31 -37.60 -18.26
C GLN A 870 -38.94 -36.32 -17.74
N MET A 871 -39.59 -35.57 -18.63
CA MET A 871 -40.22 -34.32 -18.23
C MET A 871 -41.40 -34.56 -17.30
N ALA A 872 -42.08 -35.69 -17.48
CA ALA A 872 -43.24 -36.00 -16.65
C ALA A 872 -42.83 -36.28 -15.22
N TYR A 873 -41.61 -36.75 -15.00
CA TYR A 873 -41.11 -36.83 -13.65
C TYR A 873 -40.74 -35.45 -13.13
N ARG A 874 -40.37 -34.54 -14.02
CA ARG A 874 -40.00 -33.20 -13.56
C ARG A 874 -41.23 -32.36 -13.24
N PHE A 875 -42.34 -32.59 -13.95
CA PHE A 875 -43.61 -32.04 -13.50
C PHE A 875 -44.03 -32.67 -12.19
N ASN A 876 -43.82 -33.98 -12.06
CA ASN A 876 -44.06 -34.65 -10.79
C ASN A 876 -43.10 -34.14 -9.73
N GLY A 877 -41.91 -33.71 -10.14
CA GLY A 877 -41.00 -33.03 -9.24
C GLY A 877 -41.48 -31.67 -8.76
N ILE A 878 -42.32 -31.00 -9.54
CA ILE A 878 -42.91 -29.75 -9.08
C ILE A 878 -43.94 -30.09 -8.01
N GLY A 879 -44.79 -31.05 -8.32
CA GLY A 879 -45.94 -31.35 -7.49
C GLY A 879 -47.16 -31.55 -8.33
N VAL A 880 -47.22 -30.87 -9.47
CA VAL A 880 -48.29 -31.03 -10.45
C VAL A 880 -48.21 -32.44 -11.01
N THR A 881 -49.36 -33.06 -11.28
CA THR A 881 -49.41 -34.48 -11.55
C THR A 881 -48.88 -34.81 -12.94
N GLN A 882 -48.58 -36.10 -13.13
CA GLN A 882 -47.95 -36.58 -14.35
C GLN A 882 -48.90 -36.49 -15.54
N ASN A 883 -50.21 -36.48 -15.26
CA ASN A 883 -51.26 -36.33 -16.25
C ASN A 883 -51.12 -35.03 -17.03
N VAL A 884 -50.68 -33.96 -16.35
CA VAL A 884 -50.75 -32.63 -16.91
C VAL A 884 -49.75 -32.43 -18.05
N LEU A 885 -48.72 -33.26 -18.14
CA LEU A 885 -47.88 -33.24 -19.34
C LEU A 885 -48.65 -33.77 -20.54
N TYR A 886 -49.05 -35.03 -20.49
CA TYR A 886 -49.56 -35.72 -21.68
C TYR A 886 -50.94 -35.20 -22.09
N GLU A 887 -51.62 -34.55 -21.16
CA GLU A 887 -52.84 -33.82 -21.45
C GLU A 887 -52.53 -32.65 -22.38
N ASN A 888 -51.35 -32.05 -22.27
CA ASN A 888 -50.99 -30.87 -23.06
C ASN A 888 -49.61 -30.99 -23.67
N GLN A 889 -49.22 -32.18 -24.12
CA GLN A 889 -47.84 -32.45 -24.54
C GLN A 889 -47.45 -31.66 -25.78
N LYS A 890 -48.41 -31.38 -26.66
CA LYS A 890 -48.09 -30.56 -27.82
C LYS A 890 -48.00 -29.09 -27.43
N GLN A 891 -48.90 -28.64 -26.55
CA GLN A 891 -48.90 -27.23 -26.15
C GLN A 891 -47.68 -26.90 -25.31
N ILE A 892 -47.25 -27.86 -24.48
CA ILE A 892 -46.00 -27.70 -23.72
C ILE A 892 -44.81 -27.63 -24.67
N ALA A 893 -44.84 -28.43 -25.73
CA ALA A 893 -43.71 -28.49 -26.65
C ALA A 893 -43.57 -27.21 -27.44
N ASN A 894 -44.69 -26.56 -27.77
CA ASN A 894 -44.60 -25.34 -28.55
C ASN A 894 -44.17 -24.15 -27.69
N GLN A 895 -44.54 -24.15 -26.41
CA GLN A 895 -44.12 -23.06 -25.52
C GLN A 895 -42.64 -23.14 -25.25
N PHE A 896 -42.11 -24.37 -25.20
CA PHE A 896 -40.67 -24.56 -25.02
C PHE A 896 -39.91 -24.02 -26.23
N ASN A 897 -40.40 -24.34 -27.43
CA ASN A 897 -39.68 -23.96 -28.64
C ASN A 897 -39.91 -22.49 -28.96
N LYS A 898 -41.00 -21.92 -28.45
CA LYS A 898 -41.18 -20.49 -28.56
C LYS A 898 -40.22 -19.75 -27.66
N ALA A 899 -39.96 -20.31 -26.47
CA ALA A 899 -39.16 -19.60 -25.48
C ALA A 899 -37.69 -19.53 -25.87
N ILE A 900 -37.20 -20.58 -26.55
CA ILE A 900 -35.82 -20.56 -27.02
C ILE A 900 -35.64 -19.53 -28.13
N SER A 901 -36.63 -19.41 -29.01
CA SER A 901 -36.53 -18.47 -30.11
C SER A 901 -36.56 -17.03 -29.64
N GLN A 902 -37.12 -16.77 -28.46
CA GLN A 902 -36.97 -15.46 -27.85
C GLN A 902 -35.53 -15.23 -27.41
N ILE A 903 -34.87 -16.29 -26.91
CA ILE A 903 -33.50 -16.16 -26.45
C ILE A 903 -32.56 -15.97 -27.63
N GLN A 904 -32.92 -16.55 -28.78
CA GLN A 904 -32.18 -16.26 -30.00
C GLN A 904 -32.52 -14.89 -30.58
N GLU A 905 -33.40 -14.13 -29.92
CA GLU A 905 -33.71 -12.74 -30.27
C GLU A 905 -33.38 -11.77 -29.15
N SER A 906 -33.62 -12.14 -27.90
CA SER A 906 -33.48 -11.20 -26.78
C SER A 906 -32.02 -10.88 -26.50
N LEU A 907 -31.20 -11.91 -26.30
CA LEU A 907 -29.77 -11.69 -26.05
C LEU A 907 -28.98 -11.50 -27.33
N THR A 908 -29.65 -11.40 -28.49
CA THR A 908 -29.00 -10.89 -29.68
C THR A 908 -28.71 -9.39 -29.54
N THR A 909 -29.60 -8.67 -28.87
CA THR A 909 -29.58 -7.21 -28.86
C THR A 909 -29.29 -6.64 -27.47
N THR A 910 -30.06 -7.05 -26.46
CA THR A 910 -30.20 -6.30 -25.21
C THR A 910 -28.96 -6.32 -24.30
N SER A 911 -27.93 -7.10 -24.65
CA SER A 911 -26.65 -7.18 -23.94
C SER A 911 -26.79 -7.54 -22.47
N THR A 912 -27.32 -8.73 -22.19
CA THR A 912 -27.46 -9.19 -20.81
C THR A 912 -26.34 -10.17 -20.48
N ALA A 913 -26.17 -11.18 -21.34
CA ALA A 913 -25.04 -12.08 -21.23
C ALA A 913 -23.72 -11.36 -21.46
N LEU A 914 -23.75 -10.23 -22.15
CA LEU A 914 -22.72 -9.22 -22.05
C LEU A 914 -22.57 -8.81 -20.59
N GLY A 915 -23.64 -8.22 -20.04
CA GLY A 915 -23.64 -7.43 -18.81
C GLY A 915 -22.91 -7.95 -17.59
N LYS A 916 -23.24 -9.17 -17.17
CA LYS A 916 -22.56 -9.74 -16.01
C LYS A 916 -21.14 -10.17 -16.37
N LEU A 917 -20.94 -10.66 -17.60
CA LEU A 917 -19.61 -11.12 -18.00
C LEU A 917 -18.72 -9.96 -18.42
N GLN A 918 -19.30 -8.92 -19.03
CA GLN A 918 -18.50 -7.79 -19.47
C GLN A 918 -17.97 -7.00 -18.28
N ASP A 919 -18.59 -7.15 -17.12
CA ASP A 919 -17.97 -6.69 -15.88
C ASP A 919 -16.65 -7.41 -15.63
N VAL A 920 -16.62 -8.73 -15.83
CA VAL A 920 -15.38 -9.46 -15.64
C VAL A 920 -14.41 -9.18 -16.79
N VAL A 921 -14.93 -9.00 -17.99
CA VAL A 921 -14.08 -8.74 -19.15
C VAL A 921 -13.47 -7.34 -19.04
N ASN A 922 -14.24 -6.35 -18.62
CA ASN A 922 -13.69 -5.01 -18.44
C ASN A 922 -12.72 -4.97 -17.28
N GLN A 923 -13.24 -5.24 -16.07
CA GLN A 923 -12.56 -4.82 -14.84
C GLN A 923 -11.23 -5.55 -14.64
N ASN A 924 -11.15 -6.79 -15.11
CA ASN A 924 -9.87 -7.49 -15.06
C ASN A 924 -8.92 -6.94 -16.12
N ALA A 925 -9.45 -6.58 -17.28
CA ALA A 925 -8.59 -5.99 -18.29
C ALA A 925 -8.48 -4.48 -18.12
N GLN A 926 -9.26 -3.91 -17.22
CA GLN A 926 -9.11 -2.49 -16.96
C GLN A 926 -8.06 -2.25 -15.90
N ALA A 927 -7.90 -3.18 -14.96
CA ALA A 927 -6.84 -3.02 -13.97
C ALA A 927 -5.47 -3.28 -14.58
N LEU A 928 -5.42 -4.02 -15.69
CA LEU A 928 -4.21 -4.05 -16.50
C LEU A 928 -3.91 -2.68 -17.09
N ASN A 929 -4.96 -1.98 -17.53
CA ASN A 929 -4.77 -0.70 -18.19
C ASN A 929 -4.40 0.38 -17.19
N THR A 930 -4.70 0.18 -15.91
CA THR A 930 -4.16 1.06 -14.89
C THR A 930 -2.71 0.67 -14.60
N LEU A 931 -2.42 -0.62 -14.63
CA LEU A 931 -1.10 -1.12 -14.28
C LEU A 931 -0.07 -0.68 -15.32
N VAL A 932 -0.48 -0.56 -16.58
CA VAL A 932 0.48 -0.18 -17.59
C VAL A 932 0.68 1.33 -17.59
N LYS A 933 -0.27 2.08 -17.04
CA LYS A 933 -0.10 3.53 -17.00
C LYS A 933 0.69 3.96 -15.78
N GLN A 934 0.92 3.04 -14.85
CA GLN A 934 1.85 3.34 -13.76
C GLN A 934 3.28 3.40 -14.24
N LEU A 935 3.59 2.77 -15.37
CA LEU A 935 4.93 2.90 -15.95
C LEU A 935 5.15 4.30 -16.50
N SER A 936 4.10 4.97 -16.95
CA SER A 936 4.22 6.33 -17.42
C SER A 936 4.36 7.32 -16.27
N SER A 937 4.12 6.89 -15.03
CA SER A 937 4.20 7.80 -13.90
C SER A 937 5.65 8.13 -13.57
N ASN A 938 5.81 9.15 -12.73
CA ASN A 938 7.10 9.71 -12.40
C ASN A 938 7.62 9.24 -11.05
N PHE A 939 6.75 9.21 -10.04
CA PHE A 939 7.05 8.77 -8.67
C PHE A 939 8.20 9.56 -8.06
N GLY A 940 8.29 10.83 -8.39
CA GLY A 940 9.32 11.66 -7.78
C GLY A 940 10.69 11.47 -8.39
N ALA A 941 10.76 10.78 -9.52
CA ALA A 941 12.03 10.63 -10.21
C ALA A 941 12.21 11.80 -11.17
N ILE A 942 13.20 11.73 -12.05
CA ILE A 942 13.38 12.78 -13.05
C ILE A 942 12.60 12.39 -14.29
N SER A 943 12.98 11.26 -14.88
CA SER A 943 12.36 10.77 -16.10
C SER A 943 11.55 9.52 -15.78
N SER A 944 10.39 9.40 -16.42
CA SER A 944 9.54 8.24 -16.19
C SER A 944 10.15 6.99 -16.80
N VAL A 945 10.90 7.15 -17.87
CA VAL A 945 11.53 6.02 -18.55
C VAL A 945 12.73 5.55 -17.72
N LEU A 946 12.80 4.25 -17.48
CA LEU A 946 13.89 3.70 -16.68
C LEU A 946 15.20 3.73 -17.46
N ASN A 947 15.11 3.70 -18.80
CA ASN A 947 16.33 3.70 -19.59
C ASN A 947 16.99 5.08 -19.63
N ASP A 948 16.18 6.14 -19.48
CA ASP A 948 16.74 7.49 -19.46
C ASP A 948 17.53 7.72 -18.19
N ILE A 949 17.09 7.15 -17.07
CA ILE A 949 17.75 7.38 -15.79
C ILE A 949 19.10 6.67 -15.77
N LEU A 950 19.19 5.49 -16.38
CA LEU A 950 20.48 4.82 -16.47
C LEU A 950 21.39 5.50 -17.48
N SER A 951 20.82 6.25 -18.43
CA SER A 951 21.63 6.73 -19.53
C SER A 951 22.36 8.01 -19.17
N ARG A 952 21.92 8.73 -18.13
CA ARG A 952 22.47 10.06 -17.89
C ARG A 952 22.60 10.42 -16.40
N LEU A 953 22.79 9.43 -15.52
CA LEU A 953 22.85 9.83 -14.10
C LEU A 953 23.87 9.10 -13.21
N ASP A 954 25.09 8.87 -13.69
CA ASP A 954 26.27 8.46 -12.90
C ASP A 954 26.25 7.09 -12.23
N LYS A 955 25.09 6.42 -12.20
CA LYS A 955 24.88 5.12 -11.53
C LYS A 955 25.27 5.12 -10.05
N VAL A 956 25.40 6.29 -9.43
CA VAL A 956 25.48 6.44 -7.99
C VAL A 956 24.48 7.53 -7.60
N GLU A 957 24.17 8.40 -8.56
CA GLU A 957 23.04 9.31 -8.42
C GLU A 957 21.78 8.67 -8.95
N ALA A 958 21.91 7.74 -9.90
CA ALA A 958 20.77 6.99 -10.38
C ALA A 958 20.17 6.11 -9.28
N GLU A 959 21.00 5.59 -8.40
CA GLU A 959 20.53 4.77 -7.29
C GLU A 959 19.74 5.55 -6.24
N VAL A 960 19.62 6.86 -6.38
CA VAL A 960 18.54 7.59 -5.73
C VAL A 960 17.34 7.56 -6.67
N GLN A 961 17.57 7.90 -7.94
CA GLN A 961 16.47 8.13 -8.86
C GLN A 961 15.82 6.83 -9.30
N ILE A 962 16.59 5.75 -9.38
CA ILE A 962 15.99 4.44 -9.67
C ILE A 962 15.23 3.96 -8.44
N ASP A 963 15.80 4.18 -7.26
CA ASP A 963 15.23 3.62 -6.04
C ASP A 963 13.96 4.37 -5.64
N ARG A 964 13.83 5.62 -6.08
CA ARG A 964 12.56 6.31 -5.92
C ARG A 964 11.55 5.81 -6.93
N LEU A 965 12.02 5.16 -7.99
CA LEU A 965 11.12 4.71 -9.05
C LEU A 965 10.73 3.26 -8.88
N ILE A 966 11.60 2.46 -8.26
CA ILE A 966 11.25 1.05 -8.01
C ILE A 966 10.18 0.94 -6.95
N THR A 967 10.32 1.70 -5.87
CA THR A 967 9.35 1.67 -4.78
C THR A 967 7.98 2.17 -5.19
N GLY A 968 7.90 2.94 -6.27
CA GLY A 968 6.62 3.26 -6.85
C GLY A 968 6.09 2.11 -7.68
N ARG A 969 6.93 1.57 -8.56
CA ARG A 969 6.47 0.54 -9.48
C ARG A 969 6.26 -0.79 -8.77
N LEU A 970 6.98 -1.04 -7.69
CA LEU A 970 6.75 -2.26 -6.94
C LEU A 970 5.47 -2.11 -6.14
N GLN A 971 5.17 -0.89 -5.70
CA GLN A 971 3.93 -0.69 -4.97
C GLN A 971 2.73 -0.69 -5.92
N SER A 972 2.95 -0.40 -7.20
CA SER A 972 1.86 -0.50 -8.15
C SER A 972 1.54 -1.93 -8.54
N LEU A 973 2.45 -2.87 -8.30
CA LEU A 973 2.09 -4.28 -8.43
C LEU A 973 1.36 -4.79 -7.21
N GLN A 974 1.79 -4.35 -6.03
CA GLN A 974 1.10 -4.77 -4.81
C GLN A 974 -0.27 -4.10 -4.71
N THR A 975 -0.48 -3.00 -5.41
CA THR A 975 -1.83 -2.53 -5.62
C THR A 975 -2.58 -3.46 -6.57
N TYR A 976 -1.88 -3.99 -7.56
CA TYR A 976 -2.54 -4.79 -8.58
C TYR A 976 -2.74 -6.22 -8.12
N VAL A 977 -1.72 -6.83 -7.53
CA VAL A 977 -1.81 -8.25 -7.23
C VAL A 977 -2.68 -8.47 -6.00
N THR A 978 -2.91 -7.43 -5.20
CA THR A 978 -3.91 -7.55 -4.16
C THR A 978 -5.30 -7.55 -4.75
N GLN A 979 -5.55 -6.66 -5.71
CA GLN A 979 -6.89 -6.58 -6.27
C GLN A 979 -7.19 -7.74 -7.20
N GLN A 980 -6.17 -8.45 -7.67
CA GLN A 980 -6.45 -9.66 -8.43
C GLN A 980 -6.77 -10.83 -7.51
N LEU A 981 -6.21 -10.83 -6.31
CA LEU A 981 -6.57 -11.86 -5.34
C LEU A 981 -8.01 -11.69 -4.88
N ILE A 982 -8.45 -10.45 -4.74
CA ILE A 982 -9.80 -10.21 -4.26
C ILE A 982 -10.82 -10.47 -5.35
N ARG A 983 -10.51 -10.10 -6.60
CA ARG A 983 -11.42 -10.43 -7.68
C ARG A 983 -11.44 -11.92 -7.96
N ALA A 984 -10.35 -12.62 -7.65
CA ALA A 984 -10.39 -14.07 -7.77
C ALA A 984 -11.26 -14.67 -6.66
N ALA A 985 -11.28 -14.03 -5.50
CA ALA A 985 -12.09 -14.54 -4.41
C ALA A 985 -13.57 -14.24 -4.63
N GLU A 986 -13.89 -13.27 -5.48
CA GLU A 986 -15.28 -13.07 -5.84
C GLU A 986 -15.70 -14.03 -6.94
N ILE A 987 -14.81 -14.30 -7.88
CA ILE A 987 -15.15 -15.15 -9.01
C ILE A 987 -15.18 -16.62 -8.58
N ARG A 988 -14.30 -17.00 -7.65
CA ARG A 988 -14.38 -18.33 -7.06
C ARG A 988 -15.70 -18.54 -6.33
N ALA A 989 -16.15 -17.50 -5.63
CA ALA A 989 -17.45 -17.56 -4.97
C ALA A 989 -18.57 -17.56 -6.00
N SER A 990 -18.31 -16.98 -7.17
CA SER A 990 -19.27 -17.09 -8.26
C SER A 990 -19.11 -18.39 -9.01
N ALA A 991 -17.92 -19.00 -8.95
CA ALA A 991 -17.75 -20.29 -9.59
C ALA A 991 -18.25 -21.41 -8.70
N ASN A 992 -18.11 -21.27 -7.39
CA ASN A 992 -18.66 -22.25 -6.47
C ASN A 992 -20.17 -22.22 -6.48
N LEU A 993 -20.75 -21.05 -6.75
CA LEU A 993 -22.18 -20.98 -7.01
C LEU A 993 -22.54 -21.71 -8.29
N ALA A 994 -21.76 -21.49 -9.35
CA ALA A 994 -22.07 -22.10 -10.63
C ALA A 994 -21.77 -23.60 -10.63
N ALA A 995 -20.85 -24.03 -9.77
CA ALA A 995 -20.61 -25.46 -9.66
C ALA A 995 -21.75 -26.15 -8.95
N THR A 996 -22.50 -25.41 -8.13
CA THR A 996 -23.70 -25.99 -7.54
C THR A 996 -24.87 -25.94 -8.51
N LYS A 997 -24.95 -24.89 -9.34
CA LYS A 997 -26.06 -24.80 -10.28
C LYS A 997 -25.96 -25.88 -11.36
N MET A 998 -24.76 -26.17 -11.85
CA MET A 998 -24.67 -27.25 -12.82
C MET A 998 -24.84 -28.60 -12.13
N SER A 999 -24.59 -28.65 -10.82
CA SER A 999 -24.90 -29.86 -10.08
C SER A 999 -26.40 -29.97 -9.83
N GLU A 1000 -27.06 -28.86 -9.51
CA GLU A 1000 -28.41 -28.97 -8.99
C GLU A 1000 -29.51 -28.43 -9.91
N CYS A 1001 -29.16 -27.70 -10.96
CA CYS A 1001 -30.16 -27.33 -11.95
C CYS A 1001 -30.05 -28.16 -13.20
N VAL A 1002 -28.90 -28.78 -13.44
CA VAL A 1002 -28.66 -29.47 -14.70
C VAL A 1002 -28.65 -30.96 -14.46
N LEU A 1003 -27.79 -31.43 -13.57
CA LEU A 1003 -27.74 -32.86 -13.27
C LEU A 1003 -28.97 -33.32 -12.52
N GLY A 1004 -29.68 -32.43 -11.85
CA GLY A 1004 -30.90 -32.79 -11.19
C GLY A 1004 -31.85 -31.61 -11.18
N GLN A 1005 -33.01 -31.84 -10.60
CA GLN A 1005 -34.01 -30.80 -10.44
C GLN A 1005 -33.94 -30.27 -9.02
N SER A 1006 -33.88 -28.95 -8.89
CA SER A 1006 -33.80 -28.35 -7.57
C SER A 1006 -35.16 -27.88 -7.10
N LYS A 1007 -35.45 -28.13 -5.83
CA LYS A 1007 -36.67 -27.64 -5.23
C LYS A 1007 -36.46 -26.42 -4.36
N ARG A 1008 -35.23 -26.07 -4.02
CA ARG A 1008 -35.00 -24.83 -3.32
C ARG A 1008 -35.12 -23.66 -4.29
N VAL A 1009 -36.07 -22.78 -4.01
CA VAL A 1009 -36.71 -21.99 -5.05
C VAL A 1009 -35.95 -20.68 -5.27
N ASP A 1010 -36.22 -20.08 -6.44
CA ASP A 1010 -35.57 -18.87 -6.95
C ASP A 1010 -34.06 -18.97 -6.97
N PHE A 1011 -33.55 -20.18 -7.08
CA PHE A 1011 -32.13 -20.48 -7.15
C PHE A 1011 -31.73 -20.85 -8.56
N CYS A 1012 -32.40 -21.84 -9.14
CA CYS A 1012 -32.13 -22.15 -10.53
C CYS A 1012 -32.91 -21.18 -11.40
N GLY A 1013 -34.22 -21.29 -11.40
CA GLY A 1013 -35.04 -20.44 -12.22
C GLY A 1013 -35.82 -19.43 -11.39
N LYS A 1014 -36.74 -18.75 -12.04
CA LYS A 1014 -37.59 -17.77 -11.37
C LYS A 1014 -39.03 -18.23 -11.35
N GLY A 1015 -39.22 -19.51 -11.06
CA GLY A 1015 -40.52 -20.10 -10.88
C GLY A 1015 -40.31 -21.49 -10.32
N TYR A 1016 -41.33 -22.32 -10.45
CA TYR A 1016 -41.15 -23.74 -10.20
C TYR A 1016 -40.25 -24.32 -11.28
N HIS A 1017 -39.16 -24.96 -10.88
CA HIS A 1017 -38.08 -25.25 -11.80
C HIS A 1017 -38.22 -26.65 -12.41
N LEU A 1018 -38.32 -26.71 -13.74
CA LEU A 1018 -38.37 -28.00 -14.44
C LEU A 1018 -36.98 -28.58 -14.65
N MET A 1019 -36.17 -27.91 -15.47
CA MET A 1019 -34.88 -28.43 -15.87
C MET A 1019 -34.04 -27.24 -16.30
N SER A 1020 -32.76 -27.48 -16.59
CA SER A 1020 -31.93 -26.41 -17.08
C SER A 1020 -30.95 -26.92 -18.12
N PHE A 1021 -30.20 -25.99 -18.71
CA PHE A 1021 -29.21 -26.31 -19.72
C PHE A 1021 -28.01 -25.38 -19.56
N PRO A 1022 -26.80 -25.92 -19.54
CA PRO A 1022 -25.62 -25.07 -19.64
C PRO A 1022 -25.44 -24.57 -21.07
N GLN A 1023 -24.91 -23.37 -21.19
CA GLN A 1023 -24.39 -22.91 -22.46
C GLN A 1023 -23.02 -22.31 -22.17
N ALA A 1024 -22.06 -22.59 -23.04
CA ALA A 1024 -20.72 -22.08 -22.86
C ALA A 1024 -20.70 -20.59 -23.08
N ALA A 1025 -19.72 -19.91 -22.52
CA ALA A 1025 -19.61 -18.47 -22.64
C ALA A 1025 -18.15 -18.12 -22.42
N PRO A 1026 -17.66 -17.00 -22.92
CA PRO A 1026 -16.26 -16.64 -22.65
C PRO A 1026 -16.06 -16.24 -21.20
N HIS A 1027 -15.32 -17.09 -20.48
CA HIS A 1027 -15.11 -17.01 -19.04
C HIS A 1027 -16.43 -16.99 -18.27
N GLY A 1028 -17.42 -17.75 -18.69
CA GLY A 1028 -18.70 -17.72 -18.01
C GLY A 1028 -19.56 -18.91 -18.38
N VAL A 1029 -20.68 -19.03 -17.67
CA VAL A 1029 -21.70 -20.01 -17.95
C VAL A 1029 -23.02 -19.28 -18.12
N VAL A 1030 -23.71 -19.54 -19.22
CA VAL A 1030 -25.07 -19.07 -19.40
C VAL A 1030 -25.99 -20.26 -19.22
N PHE A 1031 -26.79 -20.22 -18.16
CA PHE A 1031 -27.79 -21.26 -17.95
C PHE A 1031 -29.09 -20.86 -18.61
N LEU A 1032 -29.80 -21.83 -19.13
CA LEU A 1032 -31.17 -21.64 -19.58
C LEU A 1032 -32.09 -22.42 -18.65
N HIS A 1033 -32.79 -21.74 -17.77
CA HIS A 1033 -33.55 -22.39 -16.71
C HIS A 1033 -35.00 -22.57 -17.15
N VAL A 1034 -35.37 -23.79 -17.51
CA VAL A 1034 -36.74 -24.09 -17.89
C VAL A 1034 -37.61 -24.11 -16.64
N THR A 1035 -38.51 -23.15 -16.52
CA THR A 1035 -39.36 -23.02 -15.36
C THR A 1035 -40.79 -23.44 -15.70
N TYR A 1036 -41.70 -23.24 -14.74
CA TYR A 1036 -43.10 -23.59 -14.90
C TYR A 1036 -43.98 -22.36 -15.07
N VAL A 1037 -43.93 -21.43 -14.12
CA VAL A 1037 -44.63 -20.14 -14.10
C VAL A 1037 -46.13 -20.32 -14.32
N PRO A 1038 -46.88 -20.73 -13.31
CA PRO A 1038 -48.33 -20.90 -13.48
C PRO A 1038 -49.01 -19.56 -13.67
N SER A 1039 -49.88 -19.49 -14.68
CA SER A 1039 -50.24 -18.20 -15.24
C SER A 1039 -51.71 -17.79 -15.06
N GLN A 1040 -52.64 -18.63 -15.50
CA GLN A 1040 -54.04 -18.24 -15.61
C GLN A 1040 -54.84 -18.77 -14.44
N GLU A 1041 -55.21 -17.88 -13.51
CA GLU A 1041 -55.83 -18.35 -12.29
C GLU A 1041 -57.30 -17.98 -12.24
N ARG A 1042 -58.03 -18.72 -11.42
CA ARG A 1042 -59.43 -18.47 -11.13
C ARG A 1042 -59.63 -18.32 -9.62
N ASN A 1043 -60.73 -17.70 -9.25
CA ASN A 1043 -61.10 -17.67 -7.84
C ASN A 1043 -61.90 -18.91 -7.50
N PHE A 1044 -61.70 -19.41 -6.28
CA PHE A 1044 -62.49 -20.53 -5.78
C PHE A 1044 -62.69 -20.37 -4.29
N THR A 1045 -63.93 -20.55 -3.85
CA THR A 1045 -64.21 -20.68 -2.43
C THR A 1045 -63.69 -22.04 -1.97
N THR A 1046 -63.03 -22.07 -0.82
CA THR A 1046 -62.63 -23.35 -0.28
C THR A 1046 -62.78 -23.33 1.24
N ALA A 1047 -62.72 -24.52 1.79
CA ALA A 1047 -62.67 -24.76 3.22
C ALA A 1047 -62.06 -26.14 3.39
N PRO A 1048 -61.22 -26.35 4.38
CA PRO A 1048 -60.62 -27.67 4.56
C PRO A 1048 -61.62 -28.61 5.22
N ALA A 1049 -61.35 -29.91 5.16
CA ALA A 1049 -61.99 -30.91 6.01
C ALA A 1049 -63.50 -30.95 5.87
N ILE A 1050 -63.99 -31.43 4.72
CA ILE A 1050 -65.43 -31.53 4.49
C ILE A 1050 -66.03 -32.54 5.46
N CYS A 1051 -67.24 -32.25 5.94
CA CYS A 1051 -67.94 -33.12 6.87
C CYS A 1051 -68.85 -34.06 6.09
N HIS A 1052 -68.57 -35.36 6.18
CA HIS A 1052 -69.23 -36.39 5.39
C HIS A 1052 -69.60 -37.55 6.31
N GLU A 1053 -70.44 -37.24 7.31
CA GLU A 1053 -70.97 -38.18 8.31
C GLU A 1053 -69.84 -38.74 9.18
N GLY A 1054 -69.28 -37.87 10.02
CA GLY A 1054 -68.32 -38.31 11.01
C GLY A 1054 -67.34 -37.19 11.34
N LYS A 1055 -66.15 -37.57 11.78
CA LYS A 1055 -65.06 -36.62 11.79
C LYS A 1055 -64.65 -36.32 10.35
N ALA A 1056 -64.28 -35.07 10.12
CA ALA A 1056 -64.19 -34.53 8.78
C ALA A 1056 -62.99 -35.10 8.03
N TYR A 1057 -63.14 -35.23 6.72
CA TYR A 1057 -62.15 -35.90 5.90
C TYR A 1057 -61.10 -34.90 5.45
N PHE A 1058 -59.91 -34.99 6.03
CA PHE A 1058 -58.78 -34.15 5.66
C PHE A 1058 -58.16 -34.67 4.38
N PRO A 1059 -57.68 -33.79 3.51
CA PRO A 1059 -57.32 -34.23 2.16
C PRO A 1059 -55.92 -34.78 2.07
N ARG A 1060 -55.73 -35.75 1.19
CA ARG A 1060 -54.39 -36.25 0.92
C ARG A 1060 -53.82 -35.38 -0.19
N GLU A 1061 -53.25 -34.24 0.23
CA GLU A 1061 -52.76 -33.15 -0.62
C GLU A 1061 -53.87 -32.67 -1.54
N GLY A 1062 -54.87 -32.04 -0.96
CA GLY A 1062 -55.89 -31.36 -1.73
C GLY A 1062 -56.00 -29.96 -1.20
N VAL A 1063 -57.00 -29.23 -1.70
CA VAL A 1063 -57.31 -27.88 -1.23
C VAL A 1063 -58.79 -27.77 -0.96
N PHE A 1064 -59.55 -28.79 -1.38
CA PHE A 1064 -61.00 -28.79 -1.48
C PHE A 1064 -61.52 -27.62 -2.26
N VAL A 1065 -61.23 -27.61 -3.56
CA VAL A 1065 -61.76 -26.62 -4.47
C VAL A 1065 -63.27 -26.76 -4.56
N PHE A 1066 -63.95 -25.64 -4.79
CA PHE A 1066 -65.40 -25.60 -4.99
C PHE A 1066 -65.71 -24.71 -6.18
N ASN A 1067 -66.06 -25.34 -7.30
CA ASN A 1067 -66.60 -24.64 -8.47
C ASN A 1067 -68.10 -24.46 -8.26
N GLY A 1068 -68.84 -24.17 -9.32
CA GLY A 1068 -70.28 -24.09 -9.19
C GLY A 1068 -70.93 -25.41 -8.79
N THR A 1069 -71.26 -25.47 -7.50
CA THR A 1069 -72.04 -26.53 -6.84
C THR A 1069 -71.41 -27.91 -7.07
N SER A 1070 -70.13 -28.01 -6.74
CA SER A 1070 -69.44 -29.29 -6.58
C SER A 1070 -68.12 -29.05 -5.85
N TRP A 1071 -67.78 -29.99 -4.97
CA TRP A 1071 -66.48 -30.00 -4.33
C TRP A 1071 -65.60 -31.06 -4.99
N PHE A 1072 -64.29 -30.79 -5.00
CA PHE A 1072 -63.29 -31.72 -5.52
C PHE A 1072 -62.05 -31.57 -4.66
N ILE A 1073 -60.93 -32.08 -5.17
CA ILE A 1073 -59.60 -31.71 -4.69
C ILE A 1073 -58.71 -31.49 -5.91
N THR A 1074 -57.85 -30.49 -5.82
CA THR A 1074 -56.83 -30.27 -6.83
C THR A 1074 -55.49 -30.15 -6.14
N GLN A 1075 -54.43 -30.54 -6.85
CA GLN A 1075 -53.11 -30.08 -6.48
C GLN A 1075 -53.06 -28.57 -6.66
N ARG A 1076 -52.35 -27.87 -5.78
CA ARG A 1076 -52.55 -26.44 -5.70
C ARG A 1076 -51.69 -25.64 -6.68
N ASN A 1077 -51.29 -26.25 -7.78
CA ASN A 1077 -50.63 -25.52 -8.86
C ASN A 1077 -51.27 -25.74 -10.21
N PHE A 1078 -52.39 -26.47 -10.26
CA PHE A 1078 -53.09 -26.75 -11.51
C PHE A 1078 -54.52 -27.16 -11.22
N PHE A 1079 -55.45 -26.79 -12.09
CA PHE A 1079 -56.85 -27.14 -11.89
C PHE A 1079 -57.11 -28.49 -12.56
N SER A 1080 -56.93 -29.56 -11.79
CA SER A 1080 -57.28 -30.91 -12.21
C SER A 1080 -58.22 -31.51 -11.16
N PRO A 1081 -59.51 -31.15 -11.20
CA PRO A 1081 -60.42 -31.59 -10.15
C PRO A 1081 -60.77 -33.07 -10.21
N GLN A 1082 -60.24 -33.82 -9.25
CA GLN A 1082 -60.53 -35.25 -9.17
C GLN A 1082 -61.73 -35.48 -8.26
N ILE A 1083 -62.40 -36.61 -8.47
CA ILE A 1083 -63.55 -36.99 -7.65
C ILE A 1083 -63.07 -37.27 -6.24
N ILE A 1084 -63.79 -36.73 -5.25
CA ILE A 1084 -63.32 -36.73 -3.87
C ILE A 1084 -63.59 -38.12 -3.29
N THR A 1085 -62.58 -38.97 -3.38
CA THR A 1085 -62.70 -40.37 -3.00
C THR A 1085 -62.07 -40.62 -1.63
N THR A 1086 -61.92 -41.89 -1.28
CA THR A 1086 -61.27 -42.30 -0.04
C THR A 1086 -59.77 -41.98 -0.07
N ASP A 1087 -59.08 -42.40 -1.12
CA ASP A 1087 -57.64 -42.21 -1.22
C ASP A 1087 -57.24 -40.75 -1.43
N ASN A 1088 -58.18 -39.88 -1.79
CA ASN A 1088 -57.94 -38.44 -1.76
C ASN A 1088 -58.09 -37.87 -0.36
N THR A 1089 -58.50 -38.67 0.61
CA THR A 1089 -58.80 -38.19 1.94
C THR A 1089 -58.12 -39.05 2.99
N PHE A 1090 -58.32 -38.66 4.24
CA PHE A 1090 -58.08 -39.43 5.45
C PHE A 1090 -58.81 -38.71 6.58
N VAL A 1091 -58.80 -39.27 7.78
CA VAL A 1091 -59.52 -38.65 8.89
C VAL A 1091 -58.57 -38.17 9.97
N ARG B 5 17.59 36.51 56.64
CA ARG B 5 18.94 36.01 56.78
C ARG B 5 18.92 34.54 57.18
N CYS B 6 20.11 33.97 57.41
CA CYS B 6 20.26 32.56 57.74
C CYS B 6 19.86 32.34 59.20
N THR B 7 18.55 32.24 59.44
CA THR B 7 18.00 32.08 60.78
C THR B 7 17.31 30.72 60.87
N THR B 8 18.04 29.74 61.37
CA THR B 8 17.45 28.43 61.65
C THR B 8 16.68 28.51 62.95
N PHE B 9 15.43 28.05 62.94
CA PHE B 9 14.64 28.05 64.15
C PHE B 9 15.08 26.92 65.08
N ASP B 10 14.65 27.00 66.33
CA ASP B 10 15.15 26.09 67.36
C ASP B 10 14.50 24.71 67.26
N ASP B 11 13.18 24.64 67.41
CA ASP B 11 12.48 23.36 67.47
C ASP B 11 11.96 22.99 66.08
N VAL B 12 12.90 22.77 65.17
CA VAL B 12 12.59 22.31 63.82
C VAL B 12 12.47 20.79 63.90
N GLN B 13 11.25 20.29 63.79
CA GLN B 13 10.98 18.87 63.92
C GLN B 13 10.50 18.29 62.60
N ALA B 14 11.09 17.16 62.20
CA ALA B 14 10.73 16.49 60.96
C ALA B 14 9.53 15.57 61.18
N PRO B 15 8.66 15.44 60.18
CA PRO B 15 7.49 14.56 60.30
C PRO B 15 7.88 13.09 60.08
N ASN B 16 6.87 12.23 60.07
CA ASN B 16 7.05 10.80 59.98
C ASN B 16 6.87 10.26 58.56
N TYR B 17 6.99 11.13 57.54
CA TYR B 17 6.80 10.81 56.12
C TYR B 17 5.44 10.18 55.86
N THR B 18 4.36 10.92 56.11
CA THR B 18 3.02 10.39 55.97
C THR B 18 2.60 10.39 54.50
N GLN B 19 2.37 9.20 53.95
CA GLN B 19 1.96 9.05 52.57
C GLN B 19 0.43 9.16 52.49
N HIS B 20 -0.06 9.48 51.30
CA HIS B 20 -1.48 9.59 51.04
C HIS B 20 -1.77 9.06 49.65
N THR B 21 -3.05 9.10 49.28
CA THR B 21 -3.52 8.60 48.01
C THR B 21 -4.16 9.74 47.24
N SER B 22 -3.58 10.06 46.08
CA SER B 22 -4.16 11.11 45.24
C SER B 22 -5.41 10.61 44.54
N SER B 23 -5.26 9.61 43.68
CA SER B 23 -6.26 8.75 43.07
C SER B 23 -7.14 9.39 42.00
N MET B 24 -7.25 10.71 42.00
CA MET B 24 -7.61 11.58 40.86
C MET B 24 -7.02 12.96 41.11
N ARG B 25 -5.76 13.15 40.73
CA ARG B 25 -5.09 14.44 40.87
C ARG B 25 -4.14 14.65 39.71
N GLY B 26 -3.54 15.83 39.67
CA GLY B 26 -2.48 16.13 38.71
C GLY B 26 -2.96 16.18 37.28
N VAL B 27 -4.23 16.50 37.08
CA VAL B 27 -4.82 16.58 35.76
C VAL B 27 -4.75 18.03 35.30
N TYR B 28 -4.22 18.24 34.11
CA TYR B 28 -4.13 19.58 33.58
C TYR B 28 -4.41 19.54 32.08
N TYR B 29 -4.87 20.67 31.57
CA TYR B 29 -4.96 20.85 30.13
C TYR B 29 -3.55 20.81 29.58
N PRO B 30 -3.20 19.79 28.80
CA PRO B 30 -1.79 19.54 28.49
C PRO B 30 -1.20 20.49 27.47
N ASP B 31 -2.02 21.37 26.90
CA ASP B 31 -1.60 22.23 25.80
C ASP B 31 -2.57 23.40 25.68
N GLU B 32 -2.33 24.24 24.68
CA GLU B 32 -3.17 25.41 24.44
C GLU B 32 -4.32 25.09 23.50
N ILE B 33 -4.78 23.84 23.49
CA ILE B 33 -5.72 23.38 22.49
C ILE B 33 -7.07 23.08 23.14
N PHE B 34 -8.12 23.66 22.60
CA PHE B 34 -9.49 23.32 22.95
C PHE B 34 -9.86 22.03 22.23
N ARG B 35 -10.15 20.99 22.99
CA ARG B 35 -10.63 19.74 22.43
C ARG B 35 -12.00 19.45 23.02
N SER B 36 -12.96 19.14 22.15
CA SER B 36 -14.34 18.99 22.60
C SER B 36 -14.88 17.62 22.23
N ASP B 37 -15.45 16.95 23.22
CA ASP B 37 -16.13 15.65 23.14
C ASP B 37 -15.24 14.59 22.53
N THR B 38 -14.07 14.34 23.11
CA THR B 38 -13.19 13.31 22.60
C THR B 38 -12.53 12.59 23.78
N LEU B 39 -11.71 11.61 23.45
CA LEU B 39 -10.95 10.86 24.44
C LEU B 39 -9.50 10.88 23.99
N TYR B 40 -8.78 11.93 24.36
CA TYR B 40 -7.48 12.21 23.77
C TYR B 40 -6.38 11.58 24.62
N LEU B 41 -5.31 11.15 23.95
CA LEU B 41 -4.17 10.51 24.60
C LEU B 41 -3.00 11.47 24.66
N THR B 42 -2.32 11.46 25.81
CA THR B 42 -1.18 12.32 26.06
C THR B 42 -0.10 11.53 26.77
N GLN B 43 1.10 11.51 26.21
CA GLN B 43 2.27 10.99 26.93
C GLN B 43 3.09 12.18 27.37
N ASP B 44 2.87 12.62 28.60
CA ASP B 44 3.54 13.77 29.15
C ASP B 44 3.74 13.52 30.64
N LEU B 45 4.33 14.50 31.33
CA LEU B 45 4.59 14.39 32.76
C LEU B 45 3.28 14.59 33.52
N PHE B 46 2.71 13.49 33.99
CA PHE B 46 1.49 13.56 34.78
C PHE B 46 1.71 12.96 36.16
N LEU B 47 0.81 13.30 37.07
CA LEU B 47 0.78 12.64 38.37
C LEU B 47 0.00 11.35 38.23
N PRO B 48 0.63 10.20 38.49
CA PRO B 48 -0.10 8.92 38.34
C PRO B 48 -1.17 8.78 39.41
N PHE B 49 -2.23 8.07 39.05
CA PHE B 49 -3.31 7.81 39.99
C PHE B 49 -2.83 6.89 41.09
N TYR B 50 -3.32 7.14 42.32
CA TYR B 50 -2.99 6.40 43.52
C TYR B 50 -1.49 6.42 43.80
N SER B 51 -0.89 7.62 43.77
CA SER B 51 0.54 7.76 43.98
C SER B 51 0.82 8.00 45.45
N ASN B 52 2.04 7.64 45.86
CA ASN B 52 2.48 7.89 47.22
C ASN B 52 2.78 9.38 47.39
N VAL B 53 1.75 10.14 47.73
CA VAL B 53 1.87 11.59 47.86
C VAL B 53 2.34 11.89 49.27
N THR B 54 3.46 12.61 49.38
CA THR B 54 4.10 12.85 50.67
C THR B 54 3.40 14.02 51.34
N GLY B 55 2.74 13.74 52.46
CA GLY B 55 2.07 14.79 53.20
C GLY B 55 2.99 15.50 54.16
N PHE B 56 2.69 16.77 54.43
CA PHE B 56 3.47 17.59 55.35
C PHE B 56 2.51 18.35 56.26
N HIS B 57 2.23 17.77 57.41
CA HIS B 57 1.25 18.31 58.35
C HIS B 57 1.98 19.21 59.35
N THR B 58 1.68 20.50 59.31
CA THR B 58 2.27 21.43 60.27
C THR B 58 1.34 21.59 61.46
N ILE B 59 1.95 21.78 62.64
CA ILE B 59 1.21 22.03 63.86
C ILE B 59 2.09 23.01 64.65
N ASN B 60 1.65 23.41 65.85
CA ASN B 60 2.39 24.37 66.65
C ASN B 60 3.73 23.83 67.16
N HIS B 61 3.95 22.52 67.05
CA HIS B 61 5.23 21.89 67.37
C HIS B 61 5.86 21.23 66.15
N THR B 62 5.52 21.70 64.95
CA THR B 62 6.04 21.10 63.73
C THR B 62 6.20 22.18 62.66
N PHE B 63 7.41 22.32 62.13
CA PHE B 63 7.71 23.29 61.08
C PHE B 63 8.22 22.54 59.86
N ASP B 64 7.49 22.63 58.76
CA ASP B 64 7.72 21.77 57.59
C ASP B 64 7.97 22.60 56.34
N ASN B 65 9.24 22.77 55.98
CA ASN B 65 9.63 23.06 54.59
C ASN B 65 11.02 22.50 54.30
N PRO B 66 11.13 21.17 54.14
CA PRO B 66 12.45 20.56 53.93
C PRO B 66 12.91 20.73 52.48
N VAL B 67 14.01 20.07 52.17
CA VAL B 67 14.58 20.13 50.82
C VAL B 67 14.10 18.90 50.07
N ILE B 68 13.11 19.08 49.20
CA ILE B 68 12.52 17.98 48.45
C ILE B 68 13.21 17.92 47.10
N PRO B 69 13.61 16.74 46.62
CA PRO B 69 14.11 16.63 45.25
C PRO B 69 13.02 16.92 44.24
N PHE B 70 13.42 17.55 43.14
CA PHE B 70 12.46 17.93 42.09
C PHE B 70 12.13 16.72 41.23
N LYS B 71 13.15 16.16 40.56
CA LYS B 71 13.08 14.90 39.82
C LYS B 71 12.03 14.91 38.71
N ASP B 72 12.24 15.74 37.69
CA ASP B 72 11.53 15.69 36.41
C ASP B 72 10.04 16.01 36.55
N GLY B 73 9.74 17.03 37.35
CA GLY B 73 8.36 17.47 37.48
C GLY B 73 7.75 17.17 38.83
N ILE B 74 7.02 18.12 39.40
CA ILE B 74 6.41 17.97 40.72
C ILE B 74 4.96 18.42 40.68
N TYR B 75 4.20 17.93 41.64
CA TYR B 75 2.83 18.34 41.90
C TYR B 75 2.76 18.92 43.31
N PHE B 76 1.85 19.86 43.50
CA PHE B 76 1.78 20.57 44.77
C PHE B 76 0.33 20.84 45.11
N ALA B 77 -0.06 20.50 46.34
CA ALA B 77 -1.48 20.44 46.68
C ALA B 77 -1.75 21.05 48.04
N ALA B 78 -1.31 22.28 48.28
CA ALA B 78 -1.56 22.93 49.55
C ALA B 78 -3.03 23.26 49.73
N THR B 79 -3.54 22.94 50.91
CA THR B 79 -4.92 23.26 51.29
C THR B 79 -4.93 24.63 51.99
N GLU B 80 -4.75 25.67 51.18
CA GLU B 80 -4.57 27.01 51.73
C GLU B 80 -5.91 27.60 52.15
N LYS B 81 -6.38 27.17 53.32
CA LYS B 81 -7.48 27.87 53.96
C LYS B 81 -6.98 29.13 54.65
N SER B 82 -5.69 29.19 54.94
CA SER B 82 -5.10 30.27 55.73
C SER B 82 -4.12 31.11 54.92
N ASN B 83 -3.85 30.73 53.68
CA ASN B 83 -2.87 31.37 52.80
C ASN B 83 -1.48 31.43 53.45
N VAL B 84 -0.91 30.26 53.67
CA VAL B 84 0.36 30.16 54.38
C VAL B 84 1.54 30.18 53.42
N VAL B 85 1.56 29.26 52.45
CA VAL B 85 2.71 29.13 51.55
C VAL B 85 2.70 30.28 50.57
N ARG B 86 3.77 31.08 50.60
CA ARG B 86 3.93 32.20 49.69
C ARG B 86 4.58 31.76 48.38
N GLY B 87 5.73 31.12 48.45
CA GLY B 87 6.49 30.78 47.28
C GLY B 87 7.36 29.54 47.44
N TRP B 88 8.36 29.44 46.57
CA TRP B 88 9.24 28.29 46.51
C TRP B 88 10.63 28.76 46.13
N VAL B 89 11.61 27.88 46.28
CA VAL B 89 12.95 28.06 45.76
C VAL B 89 13.28 26.84 44.91
N PHE B 90 13.49 27.04 43.62
CA PHE B 90 13.91 25.96 42.73
C PHE B 90 15.36 26.19 42.35
N GLY B 91 16.24 25.30 42.81
CA GLY B 91 17.65 25.43 42.50
C GLY B 91 18.36 24.11 42.75
N SER B 92 19.66 24.11 42.48
CA SER B 92 20.41 22.85 42.56
C SER B 92 20.80 22.53 44.00
N THR B 93 21.60 23.40 44.62
CA THR B 93 22.26 23.07 45.87
C THR B 93 21.81 23.91 47.06
N MET B 94 20.88 24.87 46.85
CA MET B 94 20.50 25.89 47.83
C MET B 94 21.72 26.67 48.33
N ASN B 95 22.64 26.95 47.42
CA ASN B 95 23.90 27.62 47.75
C ASN B 95 24.17 28.69 46.71
N ASN B 96 25.30 29.37 46.90
CA ASN B 96 25.72 30.46 46.02
C ASN B 96 26.00 29.99 44.59
N LYS B 97 26.43 28.75 44.42
CA LYS B 97 26.73 28.21 43.10
C LYS B 97 25.50 27.59 42.44
N SER B 98 24.39 28.31 42.42
CA SER B 98 23.12 27.78 41.94
C SER B 98 22.25 28.92 41.43
N GLN B 99 21.90 28.88 40.14
CA GLN B 99 20.97 29.86 39.58
C GLN B 99 19.57 29.50 40.05
N SER B 100 19.25 29.91 41.27
CA SER B 100 18.00 29.53 41.92
C SER B 100 16.92 30.54 41.55
N VAL B 101 15.82 30.04 41.00
CA VAL B 101 14.66 30.89 40.79
C VAL B 101 13.86 30.92 42.07
N ILE B 102 13.41 32.11 42.45
CA ILE B 102 12.62 32.29 43.65
C ILE B 102 11.31 32.92 43.21
N ILE B 103 10.33 32.08 42.92
CA ILE B 103 8.98 32.54 42.63
C ILE B 103 8.23 32.66 43.94
N ILE B 104 7.72 33.85 44.22
CA ILE B 104 7.05 34.12 45.49
C ILE B 104 5.82 34.98 45.27
N ASN B 105 5.12 35.24 46.35
CA ASN B 105 4.13 36.30 46.47
C ASN B 105 4.40 36.99 47.80
N ASN B 106 4.56 38.31 47.79
CA ASN B 106 4.76 39.04 49.04
C ASN B 106 3.43 39.60 49.56
N SER B 107 2.35 38.86 49.26
CA SER B 107 0.94 39.12 49.52
C SER B 107 0.38 40.29 48.73
N THR B 108 1.21 41.03 48.01
CA THR B 108 0.75 42.08 47.11
C THR B 108 1.18 41.75 45.68
N ASN B 109 2.47 41.48 45.50
CA ASN B 109 3.05 41.30 44.19
C ASN B 109 3.61 39.89 44.05
N VAL B 110 3.46 39.31 42.86
CA VAL B 110 3.99 37.98 42.60
C VAL B 110 5.33 38.14 41.89
N VAL B 111 6.40 37.92 42.63
CA VAL B 111 7.75 38.20 42.15
C VAL B 111 8.40 36.90 41.69
N ILE B 112 8.96 36.93 40.47
CA ILE B 112 9.69 35.80 39.91
C ILE B 112 11.13 36.24 39.71
N ARG B 113 12.03 35.69 40.52
CA ARG B 113 13.39 36.22 40.59
C ARG B 113 14.38 35.05 40.52
N ALA B 114 15.22 35.07 39.50
CA ALA B 114 16.18 33.99 39.26
C ALA B 114 17.58 34.55 39.16
N CYS B 115 18.46 34.09 40.05
CA CYS B 115 19.83 34.59 40.14
C CYS B 115 20.62 33.57 40.95
N ASN B 116 21.92 33.84 41.10
CA ASN B 116 22.79 33.04 41.97
C ASN B 116 22.70 33.60 43.39
N PHE B 117 21.76 33.05 44.16
CA PHE B 117 21.54 33.53 45.51
C PHE B 117 22.36 32.74 46.52
N GLU B 118 22.82 33.43 47.55
CA GLU B 118 23.28 32.75 48.76
C GLU B 118 22.03 32.46 49.57
N LEU B 119 21.50 31.26 49.40
CA LEU B 119 20.24 30.89 50.02
C LEU B 119 20.38 30.78 51.53
N CYS B 120 19.39 31.31 52.23
CA CYS B 120 19.37 31.23 53.68
C CYS B 120 19.11 29.80 54.12
N ASP B 121 19.67 29.42 55.27
CA ASP B 121 19.51 28.06 55.77
C ASP B 121 18.08 27.79 56.21
N ASN B 122 17.36 28.81 56.66
CA ASN B 122 15.92 28.72 56.91
C ASN B 122 15.32 30.12 56.79
N PRO B 123 15.05 30.58 55.58
CA PRO B 123 14.45 31.91 55.42
C PRO B 123 12.97 31.90 55.77
N PHE B 124 12.45 33.08 56.08
CA PHE B 124 11.08 33.23 56.53
C PHE B 124 10.63 34.66 56.31
N PHE B 125 9.34 34.89 56.54
CA PHE B 125 8.81 36.23 56.66
C PHE B 125 8.52 36.54 58.12
N ALA B 126 8.93 37.72 58.58
CA ALA B 126 8.69 38.11 59.97
C ALA B 126 7.22 38.47 60.17
N VAL B 127 6.37 37.45 60.30
CA VAL B 127 4.93 37.63 60.39
C VAL B 127 4.45 37.03 61.71
N SER B 128 3.70 37.81 62.47
CA SER B 128 3.15 37.35 63.74
C SER B 128 2.04 36.32 63.50
N LYS B 129 1.71 35.58 64.56
CA LYS B 129 0.72 34.52 64.43
C LYS B 129 -0.73 35.04 64.40
N PRO B 130 -1.20 35.90 65.37
CA PRO B 130 -2.60 36.35 65.24
C PRO B 130 -2.77 37.53 64.30
N MET B 131 -1.72 38.33 64.12
CA MET B 131 -1.85 39.60 63.41
C MET B 131 -1.83 39.39 61.90
N GLY B 132 -0.71 38.91 61.37
CA GLY B 132 -0.53 38.75 59.94
C GLY B 132 0.16 39.89 59.25
N THR B 133 0.95 40.69 59.96
CA THR B 133 1.64 41.82 59.35
C THR B 133 3.00 41.37 58.83
N GLN B 134 3.20 41.49 57.52
CA GLN B 134 4.49 41.20 56.91
C GLN B 134 5.39 42.42 57.04
N THR B 135 6.47 42.28 57.80
CA THR B 135 7.41 43.38 57.98
C THR B 135 8.68 43.15 57.16
N HIS B 136 9.20 41.94 57.17
CA HIS B 136 10.45 41.62 56.49
C HIS B 136 10.21 40.64 55.34
N THR B 137 11.13 40.67 54.39
CA THR B 137 11.10 39.83 53.20
C THR B 137 12.46 39.14 53.07
N MET B 138 12.91 38.56 54.18
CA MET B 138 14.26 38.01 54.32
C MET B 138 14.41 36.75 53.47
N ILE B 139 14.65 36.96 52.18
CA ILE B 139 14.85 35.88 51.23
C ILE B 139 16.22 35.96 50.57
N PHE B 140 16.57 37.13 50.04
CA PHE B 140 17.82 37.34 49.34
C PHE B 140 18.65 38.38 50.07
N ASP B 141 19.96 38.10 50.20
CA ASP B 141 20.92 39.07 50.68
C ASP B 141 21.94 39.41 49.59
N ASN B 142 22.63 38.40 49.06
CA ASN B 142 23.48 38.56 47.89
C ASN B 142 22.77 37.96 46.68
N ALA B 143 22.96 38.61 45.54
CA ALA B 143 22.39 38.14 44.28
C ALA B 143 23.32 38.58 43.16
N PHE B 144 24.22 37.69 42.75
CA PHE B 144 25.28 38.02 41.82
C PHE B 144 25.08 37.28 40.51
N ASN B 145 25.44 37.97 39.42
CA ASN B 145 25.29 37.48 38.03
C ASN B 145 23.84 37.10 37.75
N CYS B 146 22.94 38.04 38.01
CA CYS B 146 21.50 37.79 37.90
C CYS B 146 21.09 37.81 36.44
N THR B 147 20.37 36.75 36.02
CA THR B 147 19.97 36.65 34.63
C THR B 147 18.50 37.03 34.43
N PHE B 148 17.61 36.45 35.21
CA PHE B 148 16.18 36.59 34.96
C PHE B 148 15.51 37.36 36.09
N GLU B 149 14.51 38.16 35.71
CA GLU B 149 13.75 38.97 36.65
C GLU B 149 12.38 39.22 36.02
N TYR B 150 11.31 38.97 36.78
CA TYR B 150 9.97 39.15 36.25
C TYR B 150 9.00 39.38 37.40
N ILE B 151 8.08 40.31 37.21
CA ILE B 151 7.00 40.56 38.16
C ILE B 151 5.68 40.48 37.42
N SER B 152 4.86 39.50 37.77
CA SER B 152 3.56 39.33 37.14
C SER B 152 2.51 40.21 37.83
N ASP B 153 1.24 39.90 37.57
CA ASP B 153 0.13 40.71 38.04
C ASP B 153 0.01 40.67 39.56
N ALA B 154 -0.72 41.64 40.11
CA ALA B 154 -0.75 41.85 41.55
C ALA B 154 -2.15 41.65 42.10
N PHE B 155 -2.21 41.29 43.38
CA PHE B 155 -3.45 41.16 44.13
C PHE B 155 -3.10 41.14 45.61
N SER B 156 -3.97 41.74 46.43
CA SER B 156 -3.75 41.76 47.87
C SER B 156 -4.19 40.42 48.47
N LEU B 157 -3.24 39.70 49.05
CA LEU B 157 -3.48 38.36 49.56
C LEU B 157 -3.66 38.40 51.08
N ASP B 158 -4.57 37.55 51.58
CA ASP B 158 -4.77 37.38 53.01
C ASP B 158 -3.56 36.69 53.63
N VAL B 159 -3.28 37.02 54.89
CA VAL B 159 -2.13 36.46 55.58
C VAL B 159 -2.52 35.71 56.86
N SER B 160 -3.61 36.12 57.51
CA SER B 160 -3.89 35.74 58.90
C SER B 160 -4.29 34.27 59.02
N GLU B 161 -4.22 33.77 60.26
CA GLU B 161 -4.50 32.38 60.56
C GLU B 161 -6.00 32.13 60.58
N LYS B 162 -6.42 31.02 59.99
CA LYS B 162 -7.80 30.53 60.07
C LYS B 162 -7.84 29.28 60.94
N SER B 163 -9.01 28.65 60.98
CA SER B 163 -9.19 27.42 61.75
C SER B 163 -10.31 26.60 61.12
N GLY B 164 -10.40 25.34 61.54
CA GLY B 164 -11.43 24.45 61.05
C GLY B 164 -10.94 23.48 60.01
N ASN B 165 -11.85 22.96 59.18
CA ASN B 165 -11.50 22.06 58.10
C ASN B 165 -10.78 22.80 56.99
N PHE B 166 -10.09 22.04 56.15
CA PHE B 166 -9.42 22.59 54.97
C PHE B 166 -10.48 23.09 53.99
N LYS B 167 -10.59 24.40 53.86
CA LYS B 167 -11.68 25.00 53.10
C LYS B 167 -11.37 25.09 51.61
N HIS B 168 -10.14 25.48 51.28
CA HIS B 168 -9.77 25.65 49.88
C HIS B 168 -8.59 24.77 49.55
N LEU B 169 -8.23 24.75 48.26
CA LEU B 169 -7.20 23.84 47.76
C LEU B 169 -6.54 24.47 46.54
N ARG B 170 -5.33 24.99 46.74
CA ARG B 170 -4.51 25.44 45.63
C ARG B 170 -3.69 24.26 45.11
N GLU B 171 -3.74 24.04 43.80
CA GLU B 171 -3.02 22.95 43.17
C GLU B 171 -2.03 23.49 42.17
N PHE B 172 -0.83 22.88 42.15
CA PHE B 172 0.24 23.40 41.32
C PHE B 172 1.01 22.26 40.67
N VAL B 173 1.53 22.55 39.48
CA VAL B 173 2.32 21.62 38.68
C VAL B 173 3.51 22.39 38.11
N PHE B 174 4.71 21.86 38.34
CA PHE B 174 5.93 22.51 37.86
C PHE B 174 6.75 21.52 37.06
N LYS B 175 7.12 21.89 35.83
CA LYS B 175 7.87 21.02 34.92
C LYS B 175 9.06 21.78 34.36
N ASN B 176 10.24 21.18 34.46
CA ASN B 176 11.44 21.76 33.88
C ASN B 176 11.65 21.15 32.50
N LYS B 177 10.75 21.48 31.57
CA LYS B 177 10.73 20.86 30.24
C LYS B 177 11.42 21.79 29.25
N ASP B 178 12.69 21.49 28.96
CA ASP B 178 13.50 22.08 27.90
C ASP B 178 13.63 23.60 28.04
N GLY B 179 14.28 24.01 29.13
CA GLY B 179 14.58 25.42 29.32
C GLY B 179 13.39 26.25 29.74
N PHE B 180 12.42 25.67 30.44
CA PHE B 180 11.30 26.42 30.95
C PHE B 180 10.95 25.90 32.34
N LEU B 181 9.98 26.57 32.96
CA LEU B 181 9.38 26.10 34.20
C LEU B 181 7.89 26.31 34.05
N TYR B 182 7.20 25.29 33.55
CA TYR B 182 5.77 25.38 33.27
C TYR B 182 5.00 25.40 34.58
N VAL B 183 4.18 26.44 34.76
CA VAL B 183 3.45 26.65 35.99
C VAL B 183 1.98 26.41 35.68
N TYR B 184 1.44 25.30 36.16
CA TYR B 184 0.05 24.95 35.94
C TYR B 184 -0.69 25.10 37.26
N LYS B 185 -1.94 25.54 37.21
CA LYS B 185 -2.63 26.00 38.40
C LYS B 185 -4.07 25.48 38.40
N GLY B 186 -4.50 24.95 39.53
CA GLY B 186 -5.87 24.52 39.71
C GLY B 186 -6.36 24.86 41.09
N TYR B 187 -7.65 25.15 41.22
CA TYR B 187 -8.21 25.69 42.46
C TYR B 187 -9.63 25.21 42.63
N GLN B 188 -9.95 24.66 43.81
CA GLN B 188 -11.30 24.27 44.13
C GLN B 188 -11.48 24.32 45.63
N PRO B 189 -12.69 24.61 46.12
CA PRO B 189 -12.94 24.52 47.56
C PRO B 189 -13.20 23.09 47.97
N ILE B 190 -12.70 22.72 49.14
CA ILE B 190 -12.77 21.35 49.65
C ILE B 190 -13.24 21.38 51.10
N ASP B 191 -13.31 20.19 51.70
CA ASP B 191 -13.65 20.05 53.12
C ASP B 191 -13.07 18.72 53.62
N VAL B 192 -11.95 18.80 54.32
CA VAL B 192 -11.22 17.62 54.78
C VAL B 192 -10.38 18.02 55.99
N VAL B 193 -10.08 17.05 56.84
CA VAL B 193 -9.35 17.36 58.07
C VAL B 193 -7.84 17.33 57.83
N ARG B 194 -7.29 16.15 57.55
CA ARG B 194 -5.86 16.05 57.29
C ARG B 194 -5.51 15.01 56.22
N ASP B 195 -6.26 14.98 55.12
CA ASP B 195 -5.97 14.03 54.07
C ASP B 195 -6.16 14.73 52.72
N LEU B 196 -5.53 14.21 51.68
CA LEU B 196 -5.84 14.65 50.33
C LEU B 196 -7.05 13.90 49.83
N PRO B 197 -8.20 14.54 49.67
CA PRO B 197 -9.42 13.82 49.29
C PRO B 197 -9.39 13.42 47.82
N SER B 198 -9.98 12.26 47.55
CA SER B 198 -10.07 11.75 46.18
C SER B 198 -11.07 12.58 45.40
N GLY B 199 -10.59 13.63 44.75
CA GLY B 199 -11.46 14.53 44.04
C GLY B 199 -10.84 15.02 42.76
N PHE B 200 -11.58 14.89 41.66
CA PHE B 200 -11.07 15.17 40.32
C PHE B 200 -11.04 16.68 40.13
N ASN B 201 -9.85 17.24 39.98
CA ASN B 201 -9.69 18.65 39.67
C ASN B 201 -8.78 18.78 38.46
N THR B 202 -8.93 19.88 37.73
CA THR B 202 -8.16 20.09 36.52
C THR B 202 -7.38 21.39 36.64
N LEU B 203 -6.10 21.34 36.30
CA LEU B 203 -5.22 22.50 36.42
C LEU B 203 -5.11 23.21 35.08
N LYS B 204 -4.73 24.49 35.15
CA LYS B 204 -4.74 25.40 34.03
C LYS B 204 -3.40 26.10 33.93
N PRO B 205 -2.92 26.37 32.71
CA PRO B 205 -1.62 27.02 32.57
C PRO B 205 -1.69 28.52 32.84
N ILE B 206 -0.65 29.02 33.51
CA ILE B 206 -0.55 30.46 33.76
C ILE B 206 0.80 31.04 33.40
N PHE B 207 1.86 30.23 33.33
CA PHE B 207 3.19 30.75 33.04
C PHE B 207 4.02 29.79 32.19
N LYS B 208 4.85 30.38 31.33
CA LYS B 208 6.01 29.72 30.73
C LYS B 208 7.20 30.59 31.12
N LEU B 209 8.09 30.05 31.97
CA LEU B 209 9.16 30.91 32.46
C LEU B 209 10.50 30.45 31.93
N PRO B 210 11.12 31.19 31.02
CA PRO B 210 12.43 30.77 30.46
C PRO B 210 13.57 30.93 31.45
N LEU B 211 14.00 29.79 32.00
CA LEU B 211 15.06 29.79 33.00
C LEU B 211 16.29 29.02 32.54
N GLY B 212 16.11 27.76 32.14
CA GLY B 212 17.20 26.91 31.72
C GLY B 212 18.15 26.56 32.83
N ILE B 213 17.60 26.21 34.00
CA ILE B 213 18.40 26.00 35.21
C ILE B 213 18.25 24.55 35.66
N ASN B 214 19.28 24.06 36.34
CA ASN B 214 19.35 22.66 36.78
C ASN B 214 18.64 22.54 38.12
N ILE B 215 17.33 22.30 38.07
CA ILE B 215 16.52 22.19 39.28
C ILE B 215 16.59 20.73 39.72
N THR B 216 17.50 20.46 40.65
CA THR B 216 17.60 19.10 41.20
C THR B 216 16.71 18.96 42.43
N ASN B 217 16.78 19.93 43.33
CA ASN B 217 15.99 19.95 44.55
C ASN B 217 15.08 21.18 44.54
N PHE B 218 14.23 21.27 45.55
CA PHE B 218 13.50 22.50 45.80
C PHE B 218 13.06 22.55 47.26
N ARG B 219 12.44 23.65 47.62
CA ARG B 219 11.98 23.90 48.98
C ARG B 219 10.83 24.90 48.93
N ALA B 220 9.76 24.60 49.65
CA ALA B 220 8.66 25.53 49.75
C ALA B 220 9.00 26.67 50.70
N ILE B 221 8.23 27.74 50.60
CA ILE B 221 8.39 28.90 51.48
C ILE B 221 7.07 29.13 52.20
N LEU B 222 7.07 28.89 53.50
CA LEU B 222 5.90 29.08 54.34
C LEU B 222 5.75 30.55 54.72
N THR B 223 4.78 30.81 55.59
CA THR B 223 4.71 32.06 56.35
C THR B 223 4.88 31.68 57.82
N ALA B 224 6.11 31.85 58.32
CA ALA B 224 6.44 31.47 59.69
C ALA B 224 5.73 32.39 60.66
N PHE B 225 4.71 31.87 61.33
CA PHE B 225 3.89 32.65 62.26
C PHE B 225 4.71 32.91 63.52
N SER B 226 5.37 34.06 63.55
CA SER B 226 6.20 34.41 64.70
C SER B 226 5.33 34.81 65.90
N THR B 231 10.58 31.16 68.67
CA THR B 231 10.30 32.34 67.86
C THR B 231 9.67 31.94 66.53
N TRP B 232 8.75 30.98 66.58
CA TRP B 232 8.15 30.43 65.36
C TRP B 232 6.78 29.89 65.68
N GLY B 233 6.09 29.46 64.63
CA GLY B 233 4.78 28.87 64.77
C GLY B 233 4.19 28.63 63.39
N THR B 234 3.30 27.66 63.31
CA THR B 234 2.63 27.32 62.07
C THR B 234 1.14 27.14 62.33
N SER B 235 0.35 27.39 61.30
CA SER B 235 -1.07 27.04 61.29
C SER B 235 -1.23 25.67 60.65
N ALA B 236 -2.20 24.90 61.15
CA ALA B 236 -2.45 23.54 60.65
C ALA B 236 -3.13 23.63 59.28
N ALA B 237 -2.32 23.86 58.26
CA ALA B 237 -2.75 23.89 56.87
C ALA B 237 -1.69 23.13 56.08
N ALA B 238 -1.93 21.83 55.91
CA ALA B 238 -0.92 20.95 55.34
C ALA B 238 -0.82 21.14 53.83
N TYR B 239 0.34 20.78 53.29
CA TYR B 239 0.56 20.77 51.86
C TYR B 239 1.03 19.39 51.45
N PHE B 240 0.98 19.13 50.15
CA PHE B 240 1.26 17.81 49.62
C PHE B 240 2.15 17.94 48.40
N VAL B 241 3.00 16.93 48.19
CA VAL B 241 3.94 16.89 47.08
C VAL B 241 3.74 15.60 46.32
N GLY B 242 3.42 15.71 45.04
CA GLY B 242 3.36 14.57 44.15
C GLY B 242 4.45 14.65 43.10
N TYR B 243 4.94 13.51 42.66
CA TYR B 243 5.95 13.45 41.63
C TYR B 243 5.31 13.15 40.28
N LEU B 244 5.64 13.97 39.29
CA LEU B 244 5.17 13.76 37.95
C LEU B 244 6.03 12.70 37.27
N LYS B 245 5.40 11.84 36.49
CA LYS B 245 6.10 10.80 35.77
C LYS B 245 5.60 10.76 34.33
N PRO B 246 6.49 10.54 33.37
CA PRO B 246 6.08 10.56 31.96
C PRO B 246 5.27 9.32 31.59
N THR B 247 3.96 9.50 31.45
CA THR B 247 3.07 8.36 31.29
C THR B 247 2.02 8.72 30.24
N THR B 248 1.67 7.74 29.41
CA THR B 248 0.49 7.84 28.56
C THR B 248 -0.73 8.05 29.44
N PHE B 249 -1.62 8.94 29.02
CA PHE B 249 -2.66 9.39 29.96
C PHE B 249 -3.90 9.87 29.23
N MET B 250 -4.96 9.06 29.27
CA MET B 250 -6.20 9.39 28.58
C MET B 250 -6.95 10.50 29.31
N LEU B 251 -7.42 11.49 28.56
CA LEU B 251 -8.27 12.55 29.08
C LEU B 251 -9.63 12.46 28.42
N LYS B 252 -10.68 12.59 29.21
CA LYS B 252 -12.02 12.69 28.65
C LYS B 252 -12.43 14.15 28.61
N TYR B 253 -12.28 14.77 27.46
CA TYR B 253 -12.89 16.07 27.24
C TYR B 253 -14.39 15.89 27.12
N ASP B 254 -15.13 16.94 27.45
CA ASP B 254 -16.57 16.91 27.37
C ASP B 254 -16.99 17.62 26.09
N GLU B 255 -18.29 17.56 25.78
CA GLU B 255 -18.90 18.27 24.68
C GLU B 255 -18.67 19.77 24.79
N ASN B 256 -18.79 20.31 26.00
CA ASN B 256 -18.60 21.75 26.17
C ASN B 256 -17.12 22.12 26.19
N GLY B 257 -16.26 21.22 26.66
CA GLY B 257 -14.83 21.45 26.62
C GLY B 257 -14.12 21.37 27.96
N THR B 258 -14.73 20.69 28.92
CA THR B 258 -14.12 20.50 30.22
C THR B 258 -13.60 19.07 30.35
N ILE B 259 -12.39 18.94 30.87
CA ILE B 259 -11.85 17.61 31.20
C ILE B 259 -12.65 17.10 32.39
N THR B 260 -13.51 16.11 32.15
CA THR B 260 -14.40 15.65 33.19
C THR B 260 -13.88 14.36 33.84
N ASP B 261 -13.10 13.58 33.12
CA ASP B 261 -12.61 12.31 33.65
C ASP B 261 -11.31 11.97 32.94
N ALA B 262 -10.55 11.05 33.53
CA ALA B 262 -9.26 10.67 32.98
C ALA B 262 -8.97 9.24 33.37
N VAL B 263 -8.06 8.61 32.62
CA VAL B 263 -7.58 7.26 32.90
C VAL B 263 -6.06 7.25 32.76
N ASP B 264 -5.38 6.88 33.84
CA ASP B 264 -3.95 6.62 33.77
C ASP B 264 -3.75 5.28 33.07
N CYS B 265 -2.80 5.22 32.15
CA CYS B 265 -2.66 4.06 31.28
C CYS B 265 -2.14 2.85 32.03
N SER B 266 -1.02 3.01 32.72
CA SER B 266 -0.39 1.91 33.43
C SER B 266 -0.84 1.81 34.89
N GLN B 267 -2.04 2.29 35.19
CA GLN B 267 -2.54 2.22 36.56
C GLN B 267 -3.11 0.83 36.82
N ASN B 268 -4.12 0.45 36.06
CA ASN B 268 -4.62 -0.92 36.08
C ASN B 268 -4.47 -1.54 34.69
N PRO B 269 -4.47 -2.86 34.61
CA PRO B 269 -4.64 -3.50 33.30
C PRO B 269 -6.02 -3.31 32.75
N LEU B 270 -7.00 -3.15 33.63
CA LEU B 270 -8.30 -2.63 33.22
C LEU B 270 -8.15 -1.23 32.66
N ALA B 271 -7.34 -0.41 33.34
CA ALA B 271 -7.09 0.94 32.85
C ALA B 271 -6.19 0.92 31.62
N GLU B 272 -5.41 -0.14 31.45
CA GLU B 272 -4.63 -0.31 30.24
C GLU B 272 -5.54 -0.55 29.04
N LEU B 273 -6.64 -1.26 29.25
CA LEU B 273 -7.57 -1.61 28.20
C LEU B 273 -8.26 -0.35 27.71
N LYS B 274 -8.61 0.53 28.64
CA LYS B 274 -9.37 1.74 28.32
C LYS B 274 -8.59 2.65 27.39
N CYS B 275 -7.27 2.69 27.55
CA CYS B 275 -6.45 3.48 26.63
C CYS B 275 -6.32 2.79 25.29
N SER B 276 -6.47 1.47 25.26
CA SER B 276 -6.33 0.74 24.01
C SER B 276 -7.56 0.93 23.13
N VAL B 277 -8.74 0.57 23.64
CA VAL B 277 -9.94 0.64 22.82
C VAL B 277 -10.51 2.04 22.77
N LYS B 278 -9.96 2.96 23.55
CA LYS B 278 -10.40 4.35 23.67
C LYS B 278 -11.87 4.44 24.07
N SER B 279 -12.19 3.84 25.21
CA SER B 279 -13.56 3.85 25.73
C SER B 279 -13.50 3.66 27.23
N PHE B 280 -14.58 4.04 27.89
CA PHE B 280 -14.75 3.82 29.31
C PHE B 280 -15.67 2.65 29.63
N GLU B 281 -16.67 2.41 28.79
CA GLU B 281 -17.59 1.29 28.99
C GLU B 281 -17.11 0.12 28.16
N ILE B 282 -16.29 -0.72 28.77
CA ILE B 282 -15.71 -1.88 28.08
C ILE B 282 -16.74 -3.00 28.10
N ASP B 283 -17.04 -3.54 26.92
CA ASP B 283 -17.88 -4.72 26.85
C ASP B 283 -17.09 -5.95 27.31
N LYS B 284 -17.82 -6.96 27.77
CA LYS B 284 -17.22 -8.22 28.21
C LYS B 284 -16.45 -8.91 27.08
N GLY B 285 -15.22 -9.33 27.38
CA GLY B 285 -14.40 -9.98 26.38
C GLY B 285 -12.91 -10.02 26.68
N ILE B 286 -12.10 -9.83 25.63
CA ILE B 286 -10.66 -10.02 25.70
C ILE B 286 -10.02 -9.15 24.63
N TYR B 287 -8.93 -8.48 24.98
CA TYR B 287 -8.38 -7.40 24.16
C TYR B 287 -6.87 -7.55 24.16
N GLN B 288 -6.14 -6.50 23.77
CA GLN B 288 -4.68 -6.56 23.77
C GLN B 288 -4.07 -5.22 24.21
N THR B 289 -2.80 -5.29 24.62
CA THR B 289 -1.92 -4.13 24.68
C THR B 289 -0.50 -4.44 24.21
N SER B 290 -0.16 -5.74 24.12
CA SER B 290 0.99 -6.29 23.41
C SER B 290 2.39 -5.91 23.91
N ASN B 291 2.49 -5.26 25.07
CA ASN B 291 3.81 -4.84 25.57
C ASN B 291 4.44 -5.93 26.43
N PHE B 292 5.78 -5.95 26.46
CA PHE B 292 6.54 -6.94 27.22
C PHE B 292 8.02 -6.71 27.49
N ARG B 293 8.44 -7.17 28.67
CA ARG B 293 9.75 -7.81 28.90
C ARG B 293 11.03 -6.96 28.71
N VAL B 294 11.26 -6.09 29.70
CA VAL B 294 12.46 -5.25 29.73
C VAL B 294 13.65 -6.09 30.20
N VAL B 295 14.86 -5.53 30.10
CA VAL B 295 16.11 -6.27 30.16
C VAL B 295 16.89 -5.84 31.40
N PRO B 296 17.12 -6.72 32.39
CA PRO B 296 17.93 -6.35 33.56
C PRO B 296 19.41 -6.12 33.31
N SER B 297 20.11 -7.09 32.73
CA SER B 297 21.57 -7.15 32.85
C SER B 297 22.27 -6.91 31.52
N GLY B 298 23.59 -6.77 31.59
CA GLY B 298 24.41 -6.62 30.40
C GLY B 298 25.77 -7.28 30.46
N ASP B 299 26.06 -8.17 29.51
CA ASP B 299 27.39 -8.78 29.39
C ASP B 299 28.12 -8.21 28.18
N VAL B 300 29.27 -7.60 28.44
CA VAL B 300 30.03 -6.93 27.39
C VAL B 300 31.33 -7.67 27.14
N VAL B 301 31.32 -8.98 27.34
CA VAL B 301 32.52 -9.79 27.27
C VAL B 301 33.04 -9.88 25.84
N ARG B 302 34.31 -9.55 25.65
CA ARG B 302 34.97 -9.64 24.37
C ARG B 302 36.33 -10.31 24.55
N PHE B 303 37.12 -10.32 23.47
CA PHE B 303 38.20 -11.29 23.26
C PHE B 303 39.40 -11.22 24.20
N PRO B 304 40.22 -10.14 24.21
CA PRO B 304 41.66 -10.32 24.46
C PRO B 304 42.03 -10.67 25.90
N ASN B 305 42.90 -11.66 26.03
CA ASN B 305 43.56 -11.90 27.30
C ASN B 305 44.96 -11.28 27.30
N ILE B 306 45.54 -11.10 26.12
CA ILE B 306 46.87 -10.51 25.93
C ILE B 306 46.78 -9.01 26.20
N THR B 307 45.83 -8.36 25.52
CA THR B 307 45.50 -6.93 25.63
C THR B 307 46.69 -6.02 25.36
N ASN B 308 47.18 -6.02 24.13
CA ASN B 308 48.13 -4.99 23.68
C ASN B 308 47.38 -3.70 23.41
N LEU B 309 48.07 -2.64 23.03
CA LEU B 309 47.35 -1.39 22.85
C LEU B 309 48.07 -0.53 21.81
N CYS B 310 47.28 0.34 21.16
CA CYS B 310 47.65 1.40 20.24
C CYS B 310 48.57 0.94 19.11
N PRO B 311 48.05 0.21 18.12
CA PRO B 311 48.92 -0.24 17.03
C PRO B 311 49.25 0.85 16.02
N PHE B 312 48.31 1.75 15.77
CA PHE B 312 48.41 2.71 14.69
C PHE B 312 49.13 4.00 15.09
N GLY B 313 49.68 4.05 16.30
CA GLY B 313 50.63 5.11 16.61
C GLY B 313 51.90 5.00 15.81
N GLU B 314 52.26 3.77 15.41
CA GLU B 314 53.37 3.53 14.51
C GLU B 314 52.96 3.61 13.05
N VAL B 315 51.85 4.26 12.74
CA VAL B 315 51.44 4.48 11.36
C VAL B 315 51.36 5.99 11.12
N PHE B 316 50.48 6.66 11.85
CA PHE B 316 50.20 8.07 11.63
C PHE B 316 51.35 8.94 12.09
N ASN B 317 51.93 8.63 13.25
CA ASN B 317 53.11 9.36 13.69
C ASN B 317 54.39 8.79 13.09
N ALA B 318 54.29 7.71 12.29
CA ALA B 318 55.44 7.22 11.57
C ALA B 318 55.74 8.11 10.37
N THR B 319 56.99 8.08 9.94
CA THR B 319 57.49 9.05 8.96
C THR B 319 57.18 8.66 7.51
N LYS B 320 57.71 7.51 7.08
CA LYS B 320 57.75 7.21 5.65
C LYS B 320 56.40 6.67 5.18
N PHE B 321 55.75 7.43 4.30
CA PHE B 321 54.62 6.93 3.54
C PHE B 321 55.00 6.81 2.07
N PRO B 322 54.82 5.64 1.46
CA PRO B 322 55.18 5.49 0.05
C PRO B 322 54.21 6.17 -0.91
N SER B 323 54.40 5.93 -2.20
CA SER B 323 53.64 6.60 -3.25
C SER B 323 52.21 6.08 -3.31
N VAL B 324 51.47 6.57 -4.31
CA VAL B 324 50.06 6.22 -4.51
C VAL B 324 49.92 4.74 -4.82
N TYR B 325 50.54 4.30 -5.90
CA TYR B 325 50.43 2.93 -6.35
C TYR B 325 51.21 1.96 -5.49
N ALA B 326 52.26 2.44 -4.81
CA ALA B 326 53.12 1.57 -4.02
C ALA B 326 52.72 1.59 -2.55
N TRP B 327 51.41 1.72 -2.31
CA TRP B 327 50.87 1.82 -0.96
C TRP B 327 51.09 0.55 -0.16
N GLU B 328 51.39 0.71 1.12
CA GLU B 328 51.65 -0.40 2.02
C GLU B 328 50.37 -0.78 2.75
N ARG B 329 50.11 -2.07 2.82
CA ARG B 329 49.04 -2.61 3.66
C ARG B 329 49.66 -3.19 4.93
N LYS B 330 49.20 -2.72 6.08
CA LYS B 330 49.75 -3.14 7.36
C LYS B 330 48.69 -3.90 8.14
N LYS B 331 49.01 -5.14 8.50
CA LYS B 331 48.10 -5.97 9.29
C LYS B 331 48.32 -5.72 10.78
N ILE B 332 47.22 -5.64 11.51
CA ILE B 332 47.23 -5.38 12.95
C ILE B 332 46.64 -6.58 13.67
N SER B 333 47.40 -7.13 14.62
CA SER B 333 47.01 -8.35 15.33
C SER B 333 47.05 -8.14 16.83
N ASN B 334 45.92 -8.49 17.48
CA ASN B 334 45.74 -8.57 18.92
C ASN B 334 46.01 -7.26 19.63
N CYS B 335 45.70 -6.14 18.99
CA CYS B 335 45.95 -4.83 19.57
C CYS B 335 44.63 -4.13 19.84
N VAL B 336 44.36 -3.85 21.10
CA VAL B 336 43.18 -3.09 21.49
C VAL B 336 43.37 -1.64 21.06
N ALA B 337 42.70 -1.25 19.99
CA ALA B 337 42.84 0.10 19.45
C ALA B 337 41.91 1.05 20.19
N ASP B 338 42.33 2.32 20.25
CA ASP B 338 41.52 3.38 20.87
C ASP B 338 41.36 4.49 19.84
N TYR B 339 40.24 4.42 19.11
CA TYR B 339 39.96 5.41 18.08
C TYR B 339 39.50 6.73 18.67
N SER B 340 39.05 6.71 19.93
CA SER B 340 38.64 7.94 20.61
C SER B 340 39.84 8.86 20.83
N VAL B 341 41.02 8.27 21.03
CA VAL B 341 42.24 9.06 21.07
C VAL B 341 42.55 9.62 19.69
N LEU B 342 42.28 8.82 18.66
CA LEU B 342 42.53 9.25 17.29
C LEU B 342 41.55 10.33 16.84
N TYR B 343 40.30 10.24 17.30
CA TYR B 343 39.24 11.04 16.70
C TYR B 343 39.20 12.47 17.25
N ASN B 344 39.24 12.61 18.57
CA ASN B 344 39.03 13.93 19.17
C ASN B 344 40.20 14.87 18.92
N SER B 345 41.40 14.32 18.71
CA SER B 345 42.54 15.12 18.30
C SER B 345 42.44 15.42 16.82
N THR B 346 42.21 16.69 16.49
CA THR B 346 41.97 17.11 15.12
C THR B 346 43.31 17.23 14.42
N PHE B 347 43.73 16.16 13.76
CA PHE B 347 44.92 16.18 12.93
C PHE B 347 44.60 16.12 11.45
N PHE B 348 43.39 15.72 11.08
CA PHE B 348 43.09 15.25 9.74
C PHE B 348 42.23 16.25 8.98
N SER B 349 42.53 16.41 7.70
CA SER B 349 41.72 17.25 6.82
C SER B 349 40.42 16.55 6.45
N THR B 350 40.54 15.40 5.78
CA THR B 350 39.38 14.63 5.32
C THR B 350 39.22 13.42 6.21
N PHE B 351 38.05 13.30 6.83
CA PHE B 351 37.73 12.16 7.69
C PHE B 351 36.40 11.58 7.24
N LYS B 352 36.31 11.26 5.96
CA LYS B 352 35.08 10.69 5.38
C LYS B 352 34.95 9.27 5.91
N CYS B 353 34.37 9.17 7.10
CA CYS B 353 34.25 7.91 7.84
C CYS B 353 33.15 7.08 7.19
N TYR B 354 33.54 6.34 6.17
CA TYR B 354 32.59 5.55 5.38
C TYR B 354 32.26 4.25 6.11
N GLY B 355 31.08 3.71 5.86
CA GLY B 355 30.69 2.42 6.40
C GLY B 355 30.33 2.36 7.87
N VAL B 356 31.19 2.89 8.72
CA VAL B 356 30.93 2.99 10.15
C VAL B 356 30.98 4.46 10.52
N SER B 357 30.79 4.76 11.80
CA SER B 357 30.90 6.12 12.30
C SER B 357 31.84 6.14 13.49
N ALA B 358 32.54 7.27 13.65
CA ALA B 358 33.68 7.36 14.56
C ALA B 358 33.27 7.25 16.03
N THR B 359 32.08 7.74 16.36
CA THR B 359 31.59 7.71 17.73
C THR B 359 31.35 6.27 18.18
N LYS B 360 30.76 5.46 17.31
CA LYS B 360 30.53 4.06 17.63
C LYS B 360 31.68 3.18 17.20
N LEU B 361 32.73 3.76 16.61
CA LEU B 361 33.87 2.97 16.15
C LEU B 361 34.70 2.51 17.34
N ASN B 362 34.64 3.23 18.45
CA ASN B 362 35.40 2.91 19.64
C ASN B 362 34.92 1.63 20.30
N ASP B 363 33.64 1.29 20.15
CA ASP B 363 33.05 0.22 20.94
C ASP B 363 33.26 -1.16 20.31
N LEU B 364 33.00 -1.30 19.01
CA LEU B 364 32.89 -2.63 18.42
C LEU B 364 34.26 -3.25 18.18
N CYS B 365 34.25 -4.53 17.81
CA CYS B 365 35.45 -5.32 17.60
C CYS B 365 35.58 -5.65 16.12
N PHE B 366 36.76 -6.15 15.74
CA PHE B 366 37.04 -6.49 14.35
C PHE B 366 37.91 -7.75 14.30
N SER B 367 38.29 -8.13 13.08
CA SER B 367 39.10 -9.32 12.87
C SER B 367 40.41 -9.02 12.16
N ASN B 368 40.48 -7.91 11.42
CA ASN B 368 41.69 -7.30 10.90
C ASN B 368 41.40 -5.87 10.51
N VAL B 369 42.32 -4.96 10.79
CA VAL B 369 42.29 -3.66 10.15
C VAL B 369 43.53 -3.56 9.28
N TYR B 370 43.45 -2.75 8.23
CA TYR B 370 44.58 -2.60 7.31
C TYR B 370 44.73 -1.13 6.97
N ALA B 371 45.74 -0.50 7.55
CA ALA B 371 46.11 0.86 7.20
C ALA B 371 46.74 0.83 5.82
N ASP B 372 45.99 1.27 4.81
CA ASP B 372 46.53 1.43 3.47
C ASP B 372 46.96 2.88 3.33
N SER B 373 48.26 3.12 3.27
CA SER B 373 48.80 4.47 3.36
C SER B 373 49.50 4.85 2.07
N PHE B 374 49.25 6.08 1.63
CA PHE B 374 49.75 6.61 0.36
C PHE B 374 49.52 8.12 0.37
N VAL B 375 50.28 8.83 -0.45
CA VAL B 375 50.26 10.28 -0.47
C VAL B 375 49.90 10.76 -1.88
N VAL B 376 48.84 11.55 -1.98
CA VAL B 376 48.33 11.99 -3.28
C VAL B 376 48.42 13.50 -3.40
N LYS B 377 48.34 13.96 -4.65
CA LYS B 377 48.06 15.35 -4.96
C LYS B 377 46.67 15.72 -4.41
N GLY B 378 46.53 16.95 -3.95
CA GLY B 378 45.36 17.39 -3.19
C GLY B 378 44.03 17.34 -3.94
N ASP B 379 44.06 17.29 -5.27
CA ASP B 379 42.82 17.23 -6.03
C ASP B 379 42.19 15.84 -5.96
N ASP B 380 42.97 14.84 -5.56
CA ASP B 380 42.49 13.46 -5.49
C ASP B 380 42.16 13.02 -4.07
N VAL B 381 42.18 13.94 -3.11
CA VAL B 381 41.83 13.61 -1.74
C VAL B 381 40.34 13.29 -1.62
N ARG B 382 39.52 14.10 -2.28
CA ARG B 382 38.08 13.83 -2.36
C ARG B 382 37.80 12.60 -3.19
N GLN B 383 38.71 12.26 -4.10
CA GLN B 383 38.49 11.21 -5.08
C GLN B 383 38.88 9.82 -4.59
N ILE B 384 39.42 9.70 -3.38
CA ILE B 384 39.65 8.39 -2.78
C ILE B 384 38.43 8.12 -1.89
N ALA B 385 37.47 7.41 -2.45
CA ALA B 385 36.17 7.17 -1.87
C ALA B 385 35.56 5.99 -2.62
N PRO B 386 34.46 5.39 -2.14
CA PRO B 386 33.74 4.43 -2.99
C PRO B 386 33.17 5.12 -4.23
N GLY B 387 33.44 4.55 -5.39
CA GLY B 387 33.18 5.25 -6.63
C GLY B 387 34.33 6.19 -6.92
N GLN B 388 33.99 7.39 -7.43
CA GLN B 388 34.94 8.47 -7.74
C GLN B 388 36.02 8.03 -8.72
N THR B 389 35.66 7.19 -9.69
CA THR B 389 36.65 6.45 -10.46
C THR B 389 37.33 7.31 -11.54
N GLY B 390 36.76 8.47 -11.85
CA GLY B 390 37.18 9.32 -12.95
C GLY B 390 38.63 9.77 -12.99
N VAL B 391 39.21 10.07 -11.82
CA VAL B 391 40.61 10.49 -11.79
C VAL B 391 41.51 9.27 -11.93
N ILE B 392 42.79 9.54 -12.13
CA ILE B 392 43.73 8.44 -12.35
C ILE B 392 44.21 7.85 -11.02
N ALA B 393 44.14 8.61 -9.93
CA ALA B 393 44.55 8.09 -8.63
C ALA B 393 43.62 7.00 -8.14
N ASP B 394 42.33 7.10 -8.48
CA ASP B 394 41.40 6.02 -8.19
C ASP B 394 41.34 5.02 -9.33
N TYR B 395 41.95 5.36 -10.47
CA TYR B 395 42.17 4.43 -11.57
C TYR B 395 43.44 3.62 -11.36
N ASN B 396 44.22 3.97 -10.35
CA ASN B 396 45.38 3.19 -9.91
C ASN B 396 45.29 2.76 -8.45
N TYR B 397 44.26 3.19 -7.73
CA TYR B 397 43.97 2.67 -6.39
C TYR B 397 42.46 2.68 -6.21
N LYS B 398 41.82 1.54 -6.42
CA LYS B 398 40.37 1.46 -6.41
C LYS B 398 39.86 1.03 -5.05
N LEU B 399 38.88 1.75 -4.54
CA LEU B 399 38.14 1.41 -3.33
C LEU B 399 36.74 0.98 -3.73
N PRO B 400 36.27 -0.19 -3.30
CA PRO B 400 35.00 -0.72 -3.81
C PRO B 400 33.80 0.03 -3.25
N ASP B 401 32.67 -0.10 -3.96
CA ASP B 401 31.47 0.63 -3.59
C ASP B 401 30.83 0.04 -2.34
N ASP B 402 30.74 -1.28 -2.27
CA ASP B 402 30.02 -1.92 -1.17
C ASP B 402 30.88 -1.97 0.09
N PHE B 403 32.11 -2.43 -0.03
CA PHE B 403 32.94 -2.65 1.15
C PHE B 403 33.48 -1.34 1.69
N MET B 404 33.67 -1.30 3.00
CA MET B 404 33.87 -0.04 3.68
C MET B 404 35.35 0.24 3.95
N GLY B 405 35.62 1.34 4.63
CA GLY B 405 36.94 1.74 5.04
C GLY B 405 36.81 3.09 5.71
N CYS B 406 37.91 3.74 6.06
CA CYS B 406 37.83 5.10 6.59
C CYS B 406 38.94 5.92 5.97
N VAL B 407 38.55 6.99 5.28
CA VAL B 407 39.49 7.86 4.59
C VAL B 407 40.05 8.85 5.60
N LEU B 408 41.35 8.77 5.86
CA LEU B 408 42.02 9.66 6.80
C LEU B 408 43.14 10.38 6.05
N ALA B 409 42.87 11.61 5.67
CA ALA B 409 43.86 12.43 4.99
C ALA B 409 44.19 13.66 5.83
N TRP B 410 45.42 14.13 5.73
CA TRP B 410 45.85 15.28 6.50
C TRP B 410 46.98 15.98 5.77
N ASN B 411 47.00 17.31 5.88
CA ASN B 411 47.88 18.13 5.06
C ASN B 411 49.30 18.08 5.58
N THR B 412 50.26 18.09 4.65
CA THR B 412 51.68 18.03 4.98
C THR B 412 52.46 19.07 4.19
N ARG B 413 51.96 20.31 4.16
CA ARG B 413 52.69 21.40 3.54
C ARG B 413 53.98 21.69 4.31
N ASN B 414 53.97 21.46 5.62
CA ASN B 414 55.16 21.70 6.42
C ASN B 414 56.20 20.61 6.21
N ILE B 415 55.77 19.36 6.03
CA ILE B 415 56.69 18.24 6.02
C ILE B 415 57.02 17.81 4.60
N ASP B 416 56.03 17.34 3.85
CA ASP B 416 56.28 16.71 2.56
C ASP B 416 56.37 17.70 1.42
N ALA B 417 56.24 19.00 1.68
CA ALA B 417 56.30 20.01 0.63
C ALA B 417 57.57 20.84 0.82
N THR B 418 58.51 20.67 -0.09
CA THR B 418 59.77 21.39 -0.08
C THR B 418 59.89 22.16 -1.39
N SER B 419 60.47 23.36 -1.32
CA SER B 419 60.53 24.25 -2.49
C SER B 419 61.38 23.67 -3.63
N THR B 420 62.32 22.78 -3.31
CA THR B 420 63.03 22.07 -4.36
C THR B 420 62.20 20.92 -4.92
N GLY B 421 61.17 20.50 -4.20
CA GLY B 421 60.30 19.45 -4.68
C GLY B 421 60.70 18.08 -4.18
N ASN B 422 59.71 17.24 -3.93
CA ASN B 422 59.91 15.84 -3.56
C ASN B 422 59.40 14.99 -4.71
N TYR B 423 60.32 14.53 -5.56
CA TYR B 423 59.97 13.64 -6.67
C TYR B 423 60.08 12.17 -6.28
N ASN B 424 59.96 11.87 -4.99
CA ASN B 424 59.83 10.50 -4.53
C ASN B 424 58.39 10.04 -4.46
N TYR B 425 57.47 10.96 -4.21
CA TYR B 425 56.04 10.64 -4.20
C TYR B 425 55.58 10.51 -5.64
N LYS B 426 55.42 9.27 -6.08
CA LYS B 426 55.16 8.94 -7.46
C LYS B 426 53.66 8.69 -7.69
N TYR B 427 53.30 8.51 -8.96
CA TYR B 427 51.92 8.67 -9.40
C TYR B 427 51.75 8.06 -10.78
N ARG B 428 50.82 7.13 -10.97
CA ARG B 428 50.70 6.45 -12.25
C ARG B 428 49.64 7.10 -13.12
N TYR B 429 49.84 7.00 -14.44
CA TYR B 429 48.78 7.43 -15.35
C TYR B 429 48.53 6.45 -16.48
N LEU B 430 49.53 5.66 -16.88
CA LEU B 430 49.30 4.66 -17.91
C LEU B 430 48.89 3.34 -17.26
N ARG B 431 47.66 2.90 -17.56
CA ARG B 431 47.13 1.66 -17.02
C ARG B 431 46.05 1.14 -17.94
N HIS B 432 46.16 -0.13 -18.32
CA HIS B 432 45.21 -0.73 -19.26
C HIS B 432 43.96 -1.14 -18.49
N GLY B 433 42.88 -0.41 -18.72
CA GLY B 433 41.63 -0.68 -18.04
C GLY B 433 41.63 -0.20 -16.60
N LYS B 434 40.45 -0.22 -16.00
CA LYS B 434 40.32 0.18 -14.61
C LYS B 434 40.92 -0.90 -13.71
N LEU B 435 41.42 -0.47 -12.56
CA LEU B 435 42.16 -1.34 -11.67
C LEU B 435 41.21 -1.93 -10.63
N ARG B 436 41.45 -3.20 -10.27
CA ARG B 436 40.54 -3.95 -9.41
C ARG B 436 40.61 -3.44 -7.97
N PRO B 437 39.51 -3.48 -7.23
CA PRO B 437 39.48 -2.86 -5.90
C PRO B 437 40.39 -3.57 -4.89
N PHE B 438 40.98 -2.75 -4.00
CA PHE B 438 42.02 -3.15 -3.04
C PHE B 438 43.20 -3.86 -3.71
N GLU B 439 43.58 -3.42 -4.90
CA GLU B 439 44.76 -3.98 -5.55
C GLU B 439 45.69 -2.85 -5.99
N ARG B 440 46.75 -3.24 -6.69
CA ARG B 440 47.80 -2.34 -7.11
C ARG B 440 48.64 -3.04 -8.18
N ASP B 441 49.49 -2.26 -8.83
CA ASP B 441 50.54 -2.81 -9.68
C ASP B 441 51.68 -1.81 -9.69
N ILE B 442 52.78 -2.15 -9.02
CA ILE B 442 53.90 -1.25 -8.85
C ILE B 442 54.66 -1.08 -10.17
N SER B 443 54.63 -2.11 -11.03
CA SER B 443 55.48 -2.31 -12.20
C SER B 443 55.65 -1.11 -13.12
N ASN B 444 56.88 -0.62 -13.23
CA ASN B 444 57.18 0.60 -13.98
C ASN B 444 57.57 0.19 -15.39
N VAL B 445 56.56 -0.06 -16.23
CA VAL B 445 56.76 -0.55 -17.59
C VAL B 445 56.11 0.40 -18.57
N PRO B 446 56.83 0.78 -19.62
CA PRO B 446 56.21 1.61 -20.67
C PRO B 446 55.14 0.84 -21.44
N PHE B 447 53.94 1.41 -21.46
CA PHE B 447 52.76 0.76 -22.03
C PHE B 447 52.48 1.31 -23.42
N SER B 448 52.34 0.43 -24.39
CA SER B 448 51.79 0.80 -25.69
C SER B 448 50.28 0.73 -25.63
N PRO B 449 49.55 1.74 -26.13
CA PRO B 449 48.08 1.75 -25.99
C PRO B 449 47.37 0.61 -26.71
N ASP B 450 47.86 0.23 -27.89
CA ASP B 450 47.35 -0.97 -28.54
C ASP B 450 47.86 -2.24 -27.86
N GLY B 451 49.07 -2.19 -27.33
CA GLY B 451 49.67 -3.32 -26.65
C GLY B 451 50.83 -3.90 -27.41
N LYS B 452 52.04 -3.51 -27.03
CA LYS B 452 53.28 -3.94 -27.66
C LYS B 452 54.35 -3.97 -26.58
N PRO B 453 55.37 -4.81 -26.75
CA PRO B 453 56.56 -4.70 -25.88
C PRO B 453 57.36 -3.46 -26.22
N CYS B 454 57.31 -2.47 -25.35
CA CYS B 454 57.91 -1.17 -25.60
C CYS B 454 59.39 -1.11 -25.23
N THR B 455 60.00 0.00 -25.63
CA THR B 455 61.34 0.43 -25.25
C THR B 455 61.34 1.95 -25.28
N PRO B 456 61.42 2.61 -24.13
CA PRO B 456 61.32 4.07 -24.09
C PRO B 456 62.61 4.71 -24.61
N PRO B 457 62.57 5.97 -25.05
CA PRO B 457 61.44 6.91 -25.20
C PRO B 457 60.83 6.91 -26.60
N ALA B 458 60.56 5.74 -27.17
CA ALA B 458 60.00 5.67 -28.50
C ALA B 458 58.53 6.09 -28.51
N LEU B 459 57.93 6.04 -29.69
CA LEU B 459 56.57 6.55 -29.87
C LEU B 459 55.55 5.63 -29.22
N ASN B 460 54.59 6.25 -28.51
CA ASN B 460 53.52 5.59 -27.75
C ASN B 460 54.06 4.66 -26.66
N CYS B 461 55.27 4.92 -26.17
CA CYS B 461 55.91 4.09 -25.16
C CYS B 461 56.44 4.97 -24.03
N TYR B 462 55.57 5.85 -23.54
CA TYR B 462 55.88 6.75 -22.45
C TYR B 462 56.12 5.97 -21.16
N TRP B 463 56.81 6.61 -20.22
CA TRP B 463 56.80 6.08 -18.86
C TRP B 463 55.40 6.19 -18.29
N PRO B 464 54.99 5.23 -17.45
CA PRO B 464 53.65 5.30 -16.86
C PRO B 464 53.52 6.21 -15.65
N LEU B 465 54.47 7.11 -15.42
CA LEU B 465 54.52 7.86 -14.18
C LEU B 465 54.46 9.37 -14.44
N ASN B 466 53.72 10.08 -13.60
CA ASN B 466 53.81 11.54 -13.50
C ASN B 466 54.21 11.88 -12.07
N ASP B 467 55.52 11.86 -11.83
CA ASP B 467 56.05 12.02 -10.48
C ASP B 467 56.01 13.48 -10.10
N TYR B 468 55.11 13.84 -9.18
CA TYR B 468 54.91 15.24 -8.83
C TYR B 468 55.79 15.63 -7.66
N GLY B 469 56.50 16.75 -7.80
CA GLY B 469 57.27 17.30 -6.71
C GLY B 469 56.51 18.37 -5.97
N PHE B 470 56.18 18.09 -4.71
CA PHE B 470 55.33 18.99 -3.92
C PHE B 470 56.15 20.16 -3.41
N TYR B 471 55.78 21.38 -3.83
CA TYR B 471 56.38 22.60 -3.34
C TYR B 471 55.59 23.12 -2.14
N THR B 472 56.24 23.89 -1.28
CA THR B 472 55.53 24.50 -0.16
C THR B 472 54.91 25.83 -0.54
N THR B 473 55.03 26.27 -1.80
CA THR B 473 54.45 27.52 -2.26
C THR B 473 53.23 27.31 -3.14
N THR B 474 52.81 26.07 -3.38
CA THR B 474 51.67 25.81 -4.25
C THR B 474 50.36 26.09 -3.52
N GLY B 475 49.28 26.06 -4.30
CA GLY B 475 47.96 26.19 -3.72
C GLY B 475 47.52 24.95 -2.98
N ILE B 476 46.31 25.01 -2.44
CA ILE B 476 45.79 23.94 -1.58
C ILE B 476 45.53 22.68 -2.40
N GLY B 477 45.19 22.85 -3.68
CA GLY B 477 44.91 21.69 -4.52
C GLY B 477 46.16 20.91 -4.91
N TYR B 478 47.34 21.48 -4.68
CA TYR B 478 48.59 20.81 -4.97
C TYR B 478 49.41 20.50 -3.73
N GLN B 479 48.84 20.68 -2.54
CA GLN B 479 49.54 20.35 -1.31
C GLN B 479 49.61 18.83 -1.13
N PRO B 480 50.67 18.33 -0.50
CA PRO B 480 50.74 16.88 -0.25
C PRO B 480 49.88 16.49 0.94
N TYR B 481 49.05 15.48 0.74
CA TYR B 481 48.18 14.95 1.78
C TYR B 481 48.55 13.50 2.05
N ARG B 482 48.96 13.21 3.27
CA ARG B 482 49.19 11.83 3.67
C ARG B 482 47.85 11.17 3.95
N VAL B 483 47.52 10.16 3.16
CA VAL B 483 46.19 9.55 3.15
C VAL B 483 46.31 8.12 3.64
N VAL B 484 45.66 7.82 4.75
CA VAL B 484 45.64 6.46 5.27
C VAL B 484 44.20 5.96 5.21
N VAL B 485 44.02 4.83 4.52
CA VAL B 485 42.70 4.21 4.35
C VAL B 485 42.66 3.00 5.27
N LEU B 486 41.81 3.06 6.29
CA LEU B 486 41.70 1.97 7.26
C LEU B 486 40.54 1.08 6.85
N SER B 487 40.83 0.01 6.12
CA SER B 487 39.82 -0.99 5.86
C SER B 487 39.58 -1.80 7.12
N PHE B 488 38.38 -2.36 7.24
CA PHE B 488 38.00 -3.14 8.40
C PHE B 488 37.54 -4.52 7.96
N GLU B 489 37.46 -5.42 8.93
CA GLU B 489 36.89 -6.76 8.72
C GLU B 489 35.97 -7.05 9.90
N LEU B 490 34.66 -6.99 9.66
CA LEU B 490 33.73 -7.46 10.67
C LEU B 490 33.39 -8.93 10.45
N LEU B 491 34.04 -9.57 9.48
CA LEU B 491 33.98 -11.01 9.25
C LEU B 491 34.44 -11.74 10.50
N ASN B 492 33.50 -12.41 11.18
CA ASN B 492 33.71 -12.86 12.55
C ASN B 492 34.65 -14.06 12.59
N ALA B 493 35.95 -13.75 12.49
CA ALA B 493 37.09 -14.60 12.80
C ALA B 493 37.27 -14.59 14.32
N PRO B 494 38.29 -15.23 14.90
CA PRO B 494 38.70 -14.85 16.25
C PRO B 494 38.97 -13.35 16.32
N ALA B 495 38.14 -12.66 17.10
CA ALA B 495 38.01 -11.20 17.08
C ALA B 495 39.30 -10.51 17.52
N THR B 496 39.92 -9.82 16.58
CA THR B 496 41.30 -9.40 16.74
C THR B 496 41.43 -7.99 17.30
N VAL B 497 40.89 -7.00 16.59
CA VAL B 497 41.05 -5.60 17.00
C VAL B 497 39.84 -5.22 17.84
N CYS B 498 40.02 -5.18 19.16
CA CYS B 498 38.91 -4.94 20.06
C CYS B 498 38.88 -3.50 20.51
N GLY B 499 38.00 -3.21 21.46
CA GLY B 499 37.89 -1.88 22.02
C GLY B 499 38.26 -1.90 23.49
N PRO B 500 38.28 -0.71 24.12
CA PRO B 500 38.76 -0.62 25.50
C PRO B 500 37.76 -1.08 26.55
N LYS B 501 36.64 -1.66 26.15
CA LYS B 501 35.64 -2.08 27.12
C LYS B 501 36.13 -3.30 27.89
N LEU B 502 35.85 -3.31 29.20
CA LEU B 502 36.24 -4.43 30.04
C LEU B 502 35.28 -5.59 29.81
N SER B 503 35.78 -6.82 29.91
CA SER B 503 34.97 -7.98 29.63
C SER B 503 34.42 -8.57 30.92
N THR B 504 33.09 -8.63 31.02
CA THR B 504 32.41 -9.24 32.14
C THR B 504 32.33 -10.75 31.92
N ASP B 505 31.48 -11.43 32.69
CA ASP B 505 31.33 -12.87 32.55
C ASP B 505 29.87 -13.20 32.25
N LEU B 506 29.65 -14.29 31.52
CA LEU B 506 28.32 -14.68 31.07
C LEU B 506 27.47 -15.15 32.25
N ILE B 507 26.16 -15.04 32.09
CA ILE B 507 25.20 -15.65 33.01
C ILE B 507 24.12 -16.36 32.20
N LYS B 508 23.64 -17.49 32.73
CA LYS B 508 22.58 -18.27 32.06
C LYS B 508 21.24 -17.55 32.15
N ASN B 509 21.13 -16.61 33.09
CA ASN B 509 19.93 -15.84 33.42
C ASN B 509 19.35 -15.14 32.20
N GLN B 510 18.04 -14.91 32.22
CA GLN B 510 17.35 -14.33 31.09
C GLN B 510 17.71 -12.85 30.91
N CYS B 511 17.57 -12.38 29.67
CA CYS B 511 17.53 -10.97 29.31
C CYS B 511 18.78 -10.22 29.72
N VAL B 512 19.88 -10.54 29.06
CA VAL B 512 21.16 -9.92 29.32
C VAL B 512 21.55 -9.13 28.08
N ASN B 513 21.94 -7.86 28.24
CA ASN B 513 22.38 -7.07 27.10
C ASN B 513 23.74 -7.56 26.64
N PHE B 514 23.74 -8.61 25.83
CA PHE B 514 24.97 -9.25 25.43
C PHE B 514 25.67 -8.43 24.36
N ASN B 515 27.00 -8.39 24.44
CA ASN B 515 27.80 -7.60 23.51
C ASN B 515 28.98 -8.43 23.02
N PHE B 516 28.73 -9.64 22.54
CA PHE B 516 29.79 -10.52 22.06
C PHE B 516 30.35 -9.95 20.77
N ASN B 517 31.37 -9.09 20.91
CA ASN B 517 32.14 -8.51 19.81
C ASN B 517 31.26 -7.67 18.88
N GLY B 518 30.61 -6.66 19.44
CA GLY B 518 29.80 -5.76 18.64
C GLY B 518 28.43 -6.30 18.28
N LEU B 519 28.07 -7.47 18.80
CA LEU B 519 26.78 -8.07 18.53
C LEU B 519 25.86 -7.78 19.70
N THR B 520 25.22 -6.60 19.65
CA THR B 520 24.37 -6.19 20.74
C THR B 520 23.01 -6.89 20.68
N GLY B 521 22.18 -6.60 21.66
CA GLY B 521 20.84 -7.16 21.72
C GLY B 521 20.45 -7.56 23.12
N THR B 522 19.59 -8.56 23.25
CA THR B 522 19.27 -9.13 24.55
C THR B 522 18.84 -10.57 24.38
N GLY B 523 18.64 -11.26 25.49
CA GLY B 523 18.05 -12.57 25.41
C GLY B 523 18.51 -13.50 26.51
N VAL B 524 17.82 -14.63 26.61
CA VAL B 524 18.24 -15.74 27.44
C VAL B 524 19.55 -16.27 26.85
N LEU B 525 20.51 -16.59 27.71
CA LEU B 525 21.85 -16.85 27.25
C LEU B 525 22.32 -18.22 27.74
N THR B 526 21.48 -19.23 27.52
CA THR B 526 21.74 -20.55 28.05
C THR B 526 22.77 -21.27 27.19
N PRO B 527 23.74 -21.95 27.81
CA PRO B 527 24.67 -22.79 27.04
C PRO B 527 23.95 -23.97 26.41
N SER B 528 24.46 -24.43 25.27
CA SER B 528 23.88 -25.55 24.55
C SER B 528 24.98 -26.40 23.93
N SER B 529 24.55 -27.49 23.29
CA SER B 529 25.46 -28.44 22.66
C SER B 529 25.40 -28.25 21.15
N LYS B 530 26.33 -27.45 20.61
CA LYS B 530 26.44 -27.24 19.18
C LYS B 530 27.89 -27.45 18.78
N ARG B 531 28.12 -27.85 17.53
CA ARG B 531 29.44 -28.33 17.13
C ARG B 531 30.48 -27.23 17.04
N PHE B 532 30.26 -26.21 16.20
CA PHE B 532 31.15 -25.05 16.07
C PHE B 532 32.59 -25.37 15.73
N GLN B 533 32.84 -25.73 14.48
CA GLN B 533 34.18 -25.78 13.91
C GLN B 533 34.98 -24.51 14.23
N PRO B 534 36.30 -24.62 14.40
CA PRO B 534 37.09 -23.45 14.84
C PRO B 534 37.19 -22.33 13.82
N PHE B 535 36.71 -22.52 12.59
CA PHE B 535 36.63 -21.43 11.64
C PHE B 535 35.21 -20.90 11.51
N GLN B 536 34.35 -21.18 12.47
CA GLN B 536 33.02 -20.59 12.54
C GLN B 536 32.68 -20.26 13.99
N GLN B 537 32.49 -18.98 14.27
CA GLN B 537 32.38 -18.49 15.63
C GLN B 537 31.08 -17.76 15.88
N PHE B 538 30.14 -17.87 14.95
CA PHE B 538 28.88 -17.14 15.05
C PHE B 538 27.78 -17.88 14.31
N GLY B 539 26.92 -18.58 15.04
CA GLY B 539 25.89 -19.40 14.45
C GLY B 539 24.60 -18.61 14.29
N ARG B 540 23.79 -19.03 13.32
CA ARG B 540 22.56 -18.34 12.99
C ARG B 540 21.37 -19.28 13.01
N ASP B 541 20.18 -18.69 12.90
CA ASP B 541 18.93 -19.43 12.89
C ASP B 541 18.68 -20.08 11.53
N VAL B 542 17.45 -20.55 11.35
CA VAL B 542 17.03 -21.07 10.07
C VAL B 542 16.91 -19.92 9.06
N SER B 543 16.69 -18.70 9.54
CA SER B 543 16.82 -17.53 8.67
C SER B 543 17.37 -16.33 9.44
N ASP B 544 18.70 -16.21 9.46
CA ASP B 544 19.45 -14.97 9.67
C ASP B 544 19.18 -14.23 10.99
N PHE B 545 19.60 -14.81 12.11
CA PHE B 545 19.63 -14.04 13.35
C PHE B 545 20.90 -14.35 14.11
N THR B 546 21.27 -13.44 15.00
CA THR B 546 22.23 -13.77 16.04
C THR B 546 21.59 -14.82 16.93
N ASP B 547 22.02 -16.07 16.79
CA ASP B 547 21.44 -17.17 17.55
C ASP B 547 22.41 -17.79 18.52
N SER B 548 23.60 -18.16 18.06
CA SER B 548 24.56 -18.84 18.89
C SER B 548 25.94 -18.26 18.62
N VAL B 549 26.63 -17.93 19.69
CA VAL B 549 27.95 -17.32 19.59
C VAL B 549 28.93 -18.14 20.43
N ARG B 550 30.20 -17.96 20.14
CA ARG B 550 31.26 -18.41 21.01
C ARG B 550 31.65 -17.24 21.92
N ASP B 551 31.71 -17.50 23.22
CA ASP B 551 32.25 -16.52 24.14
C ASP B 551 33.72 -16.33 23.82
N PRO B 552 34.14 -15.16 23.33
CA PRO B 552 35.50 -15.05 22.78
C PRO B 552 36.60 -15.10 23.83
N LYS B 553 36.27 -14.94 25.11
CA LYS B 553 37.27 -15.11 26.15
C LYS B 553 37.36 -16.57 26.58
N THR B 554 36.21 -17.20 26.84
CA THR B 554 36.22 -18.54 27.43
C THR B 554 35.99 -19.65 26.43
N SER B 555 35.79 -19.32 25.15
CA SER B 555 35.66 -20.29 24.04
C SER B 555 34.52 -21.27 24.25
N GLU B 556 33.44 -20.82 24.87
CA GLU B 556 32.33 -21.68 25.25
C GLU B 556 31.21 -21.58 24.22
N ILE B 557 30.47 -22.67 24.05
CA ILE B 557 29.38 -22.74 23.09
C ILE B 557 28.08 -22.41 23.83
N LEU B 558 27.38 -21.39 23.36
CA LEU B 558 26.10 -21.01 23.95
C LEU B 558 25.21 -20.41 22.89
N ASP B 559 23.93 -20.74 22.95
CA ASP B 559 22.95 -20.15 22.04
C ASP B 559 22.06 -19.16 22.78
N ILE B 560 21.38 -18.32 22.01
CA ILE B 560 20.59 -17.24 22.56
C ILE B 560 19.13 -17.51 22.21
N SER B 561 18.29 -17.52 23.22
CA SER B 561 16.87 -17.36 23.00
C SER B 561 16.50 -15.94 23.39
N PRO B 562 15.67 -15.25 22.61
CA PRO B 562 15.38 -13.85 22.93
C PRO B 562 14.48 -13.71 24.13
N CYS B 563 14.39 -12.47 24.61
CA CYS B 563 13.58 -12.17 25.79
C CYS B 563 12.12 -12.41 25.52
N SER B 564 11.42 -12.88 26.55
CA SER B 564 10.13 -13.53 26.38
C SER B 564 9.04 -12.54 26.03
N PHE B 565 8.98 -12.12 24.77
CA PHE B 565 7.99 -11.20 24.27
C PHE B 565 6.66 -11.92 24.06
N GLY B 566 5.71 -11.20 23.45
CA GLY B 566 4.40 -11.76 23.24
C GLY B 566 3.32 -10.72 23.48
N GLY B 567 2.09 -11.10 23.18
CA GLY B 567 0.97 -10.24 23.46
C GLY B 567 0.57 -10.29 24.92
N VAL B 568 -0.26 -9.34 25.31
CA VAL B 568 -0.82 -9.32 26.66
C VAL B 568 -2.32 -9.12 26.51
N SER B 569 -3.09 -10.13 26.86
CA SER B 569 -4.53 -10.04 26.68
C SER B 569 -5.21 -9.97 28.02
N VAL B 570 -5.82 -8.83 28.32
CA VAL B 570 -6.61 -8.66 29.52
C VAL B 570 -7.98 -9.25 29.25
N ILE B 571 -8.64 -9.73 30.30
CA ILE B 571 -9.94 -10.39 30.19
C ILE B 571 -10.88 -9.75 31.19
N THR B 572 -11.96 -9.18 30.70
CA THR B 572 -12.88 -8.43 31.54
C THR B 572 -14.31 -8.89 31.37
N PRO B 573 -15.07 -8.92 32.46
CA PRO B 573 -16.51 -8.73 32.34
C PRO B 573 -16.81 -7.26 32.07
N GLY B 574 -18.04 -6.98 31.65
CA GLY B 574 -18.43 -5.62 31.29
C GLY B 574 -18.40 -4.67 32.47
N THR B 575 -17.86 -3.48 32.23
CA THR B 575 -17.58 -2.53 33.31
C THR B 575 -18.87 -1.98 33.92
N ASN B 576 -19.91 -1.79 33.11
CA ASN B 576 -21.20 -1.43 33.66
C ASN B 576 -21.79 -2.56 34.47
N ALA B 577 -21.51 -3.81 34.09
CA ALA B 577 -21.91 -4.95 34.90
C ALA B 577 -20.95 -5.12 36.08
N SER B 578 -19.66 -5.05 35.83
CA SER B 578 -18.66 -5.20 36.89
C SER B 578 -17.41 -4.46 36.48
N SER B 579 -17.06 -3.40 37.23
CA SER B 579 -15.74 -2.79 37.07
C SER B 579 -14.67 -3.51 37.86
N GLU B 580 -14.96 -4.74 38.33
CA GLU B 580 -14.06 -5.63 39.04
C GLU B 580 -12.80 -5.87 38.20
N VAL B 581 -11.68 -6.12 38.88
CA VAL B 581 -10.34 -6.10 38.30
C VAL B 581 -10.20 -7.15 37.20
N ALA B 582 -9.53 -6.75 36.12
CA ALA B 582 -9.30 -7.60 34.97
C ALA B 582 -8.35 -8.73 35.33
N VAL B 583 -8.41 -9.82 34.57
CA VAL B 583 -7.37 -10.84 34.60
C VAL B 583 -6.71 -10.81 33.24
N LEU B 584 -5.48 -11.29 33.17
CA LEU B 584 -4.59 -10.95 32.08
C LEU B 584 -3.89 -12.20 31.58
N TYR B 585 -3.57 -12.22 30.29
CA TYR B 585 -2.53 -13.13 29.86
C TYR B 585 -1.18 -12.55 30.18
N GLN B 586 -0.19 -13.41 30.12
CA GLN B 586 1.14 -13.09 29.63
C GLN B 586 1.45 -14.29 28.74
N ASP B 587 1.78 -14.05 27.47
CA ASP B 587 1.72 -15.09 26.44
C ASP B 587 2.93 -16.00 26.41
N VAL B 588 3.64 -16.18 27.52
CA VAL B 588 4.86 -16.96 27.50
C VAL B 588 4.73 -18.21 28.36
N ASN B 589 4.64 -18.03 29.67
CA ASN B 589 4.93 -19.09 30.62
C ASN B 589 4.58 -18.58 32.01
N CYS B 590 4.28 -19.51 32.91
CA CYS B 590 4.01 -19.15 34.29
C CYS B 590 5.26 -18.67 35.01
N THR B 591 6.25 -19.57 35.14
CA THR B 591 7.38 -19.33 36.00
C THR B 591 8.34 -18.30 35.44
N ASP B 592 8.28 -18.06 34.13
CA ASP B 592 9.16 -17.07 33.54
C ASP B 592 8.66 -15.66 33.84
N VAL B 593 7.37 -15.50 34.04
CA VAL B 593 6.81 -14.16 34.23
C VAL B 593 6.49 -13.92 35.69
N SER B 594 6.04 -14.96 36.40
CA SER B 594 5.75 -14.85 37.82
C SER B 594 7.01 -14.52 38.62
N THR B 595 8.14 -15.07 38.20
CA THR B 595 9.43 -14.69 38.75
C THR B 595 9.98 -13.41 38.14
N ALA B 596 9.27 -12.81 37.17
CA ALA B 596 9.67 -11.53 36.62
C ALA B 596 8.70 -10.43 36.99
N ILE B 597 7.65 -10.72 37.75
CA ILE B 597 6.81 -9.68 38.33
C ILE B 597 7.11 -9.47 39.80
N HIS B 598 8.11 -10.16 40.35
CA HIS B 598 8.59 -9.84 41.69
C HIS B 598 9.36 -8.54 41.72
N ALA B 599 9.87 -8.09 40.57
CA ALA B 599 10.47 -6.77 40.45
C ALA B 599 10.18 -6.27 39.04
N ASP B 600 10.69 -5.09 38.73
CA ASP B 600 10.46 -4.46 37.43
C ASP B 600 11.27 -5.15 36.34
N GLN B 601 10.73 -6.27 35.86
CA GLN B 601 11.30 -6.96 34.72
C GLN B 601 10.38 -6.98 33.52
N LEU B 602 9.10 -6.67 33.68
CA LEU B 602 8.22 -6.48 32.54
C LEU B 602 8.12 -4.99 32.25
N THR B 603 7.82 -4.67 30.99
CA THR B 603 7.54 -3.27 30.74
C THR B 603 6.18 -2.95 30.12
N PRO B 604 5.08 -3.56 30.55
CA PRO B 604 3.86 -2.75 30.68
C PRO B 604 3.84 -1.98 31.98
N ALA B 605 4.41 -2.54 33.05
CA ALA B 605 4.69 -1.88 34.32
C ALA B 605 3.46 -1.28 34.99
N TRP B 606 2.53 -2.12 35.42
CA TRP B 606 1.32 -1.64 36.09
C TRP B 606 1.66 -1.25 37.51
N ARG B 607 1.25 -0.03 37.90
CA ARG B 607 1.59 0.56 39.20
C ARG B 607 1.01 -0.25 40.35
N ILE B 608 -0.32 -0.28 40.46
CA ILE B 608 -1.00 -1.04 41.49
C ILE B 608 -1.57 -2.30 40.84
N TYR B 609 -1.10 -3.44 41.31
CA TYR B 609 -1.38 -4.72 40.67
C TYR B 609 -1.22 -5.81 41.72
N SER B 610 -2.33 -6.23 42.34
CA SER B 610 -2.30 -7.08 43.53
C SER B 610 -2.36 -8.55 43.13
N THR B 611 -1.35 -8.94 42.37
CA THR B 611 -1.27 -10.11 41.52
C THR B 611 0.20 -10.26 41.11
N GLY B 612 0.68 -11.50 41.02
CA GLY B 612 -0.11 -12.72 41.08
C GLY B 612 -0.21 -13.53 42.35
N ASN B 613 -1.39 -14.10 42.56
CA ASN B 613 -1.65 -15.09 43.60
C ASN B 613 -2.32 -16.32 43.02
N ASN B 614 -3.21 -16.12 42.04
CA ASN B 614 -3.98 -17.18 41.39
C ASN B 614 -3.39 -17.57 40.06
N VAL B 615 -2.06 -17.57 39.93
CA VAL B 615 -1.42 -17.70 38.63
C VAL B 615 -1.53 -19.13 38.14
N PHE B 616 -2.24 -19.31 37.03
CA PHE B 616 -2.40 -20.58 36.35
C PHE B 616 -1.26 -20.71 35.33
N GLN B 617 -1.27 -21.77 34.53
CA GLN B 617 -0.54 -21.77 33.26
C GLN B 617 -1.34 -22.58 32.26
N THR B 618 -1.65 -21.96 31.13
CA THR B 618 -2.38 -22.62 30.06
C THR B 618 -1.46 -22.85 28.88
N GLN B 619 -2.05 -23.44 27.83
CA GLN B 619 -1.31 -23.68 26.60
C GLN B 619 -1.02 -22.38 25.87
N ALA B 620 -1.94 -21.42 25.93
CA ALA B 620 -1.79 -20.16 25.21
C ALA B 620 -0.75 -19.25 25.86
N GLY B 621 -1.01 -18.87 27.10
CA GLY B 621 -0.08 -18.03 27.83
C GLY B 621 0.07 -18.49 29.27
N CYS B 622 -0.06 -17.58 30.22
CA CYS B 622 0.01 -17.96 31.61
C CYS B 622 -1.28 -17.70 32.37
N LEU B 623 -2.00 -16.62 32.03
CA LEU B 623 -3.30 -16.27 32.61
C LEU B 623 -3.19 -16.05 34.12
N ILE B 624 -2.60 -14.92 34.50
CA ILE B 624 -2.29 -14.59 35.89
C ILE B 624 -3.52 -14.55 36.79
N GLY B 625 -4.46 -13.65 36.50
CA GLY B 625 -5.35 -13.18 37.54
C GLY B 625 -6.43 -14.13 38.00
N ALA B 626 -6.89 -15.02 37.13
CA ALA B 626 -8.15 -15.72 37.38
C ALA B 626 -7.95 -16.99 38.19
N GLU B 627 -9.04 -17.45 38.79
CA GLU B 627 -9.07 -18.61 39.66
C GLU B 627 -9.45 -19.83 38.83
N HIS B 628 -8.56 -20.81 38.75
CA HIS B 628 -8.85 -22.01 38.00
C HIS B 628 -9.73 -22.96 38.80
N VAL B 629 -10.96 -23.14 38.34
CA VAL B 629 -11.90 -24.03 38.99
C VAL B 629 -12.22 -25.16 38.03
N ASP B 630 -12.15 -26.39 38.54
CA ASP B 630 -12.34 -27.60 37.73
C ASP B 630 -13.78 -27.91 37.38
N THR B 631 -14.74 -27.05 37.72
CA THR B 631 -16.08 -27.18 37.16
C THR B 631 -16.06 -26.66 35.73
N SER B 632 -17.16 -26.81 35.02
CA SER B 632 -17.18 -26.48 33.60
C SER B 632 -18.60 -26.11 33.17
N TYR B 633 -18.84 -24.83 32.94
CA TYR B 633 -20.20 -24.41 32.62
C TYR B 633 -20.49 -24.32 31.13
N GLU B 634 -19.89 -23.33 30.46
CA GLU B 634 -20.07 -23.03 29.05
C GLU B 634 -19.13 -21.88 28.74
N CYS B 635 -18.52 -21.85 27.56
CA CYS B 635 -17.50 -20.84 27.28
C CYS B 635 -18.09 -19.44 27.15
N ASP B 636 -17.71 -18.57 28.09
CA ASP B 636 -18.19 -17.19 28.10
C ASP B 636 -17.16 -16.29 27.43
N ILE B 637 -15.94 -16.29 27.93
CA ILE B 637 -14.85 -15.53 27.32
C ILE B 637 -13.76 -16.53 26.92
N PRO B 638 -13.50 -16.70 25.63
CA PRO B 638 -12.58 -17.75 25.19
C PRO B 638 -11.14 -17.42 25.52
N ILE B 639 -10.41 -18.43 26.00
CA ILE B 639 -9.03 -18.21 26.38
C ILE B 639 -8.10 -18.88 25.39
N GLY B 640 -8.16 -20.20 25.29
CA GLY B 640 -7.23 -20.89 24.43
C GLY B 640 -7.00 -22.30 24.93
N ALA B 641 -7.02 -23.22 23.96
CA ALA B 641 -6.96 -24.67 24.17
C ALA B 641 -7.97 -25.14 25.20
N GLY B 642 -9.23 -24.88 24.94
CA GLY B 642 -10.29 -25.56 25.68
C GLY B 642 -10.53 -25.07 27.09
N ILE B 643 -10.03 -23.89 27.44
CA ILE B 643 -10.42 -23.25 28.69
C ILE B 643 -11.00 -21.90 28.35
N CYS B 644 -11.88 -21.41 29.22
CA CYS B 644 -12.55 -20.15 29.01
C CYS B 644 -12.76 -19.45 30.34
N ALA B 645 -12.76 -18.12 30.30
CA ALA B 645 -12.97 -17.32 31.49
C ALA B 645 -14.42 -16.85 31.56
N SER B 646 -14.85 -16.52 32.77
CA SER B 646 -16.19 -16.00 33.00
C SER B 646 -16.18 -15.23 34.32
N TYR B 647 -17.37 -15.01 34.85
CA TYR B 647 -17.53 -14.28 36.10
C TYR B 647 -18.42 -15.09 37.04
N HIS B 648 -17.82 -16.00 37.80
CA HIS B 648 -18.54 -16.83 38.76
C HIS B 648 -17.75 -16.90 40.05
N THR B 649 -18.22 -17.71 40.99
CA THR B 649 -17.52 -17.91 42.25
C THR B 649 -16.64 -19.15 42.20
N LYS B 659 -18.17 -13.25 43.98
CA LYS B 659 -18.01 -13.36 42.53
C LYS B 659 -16.59 -13.04 42.12
N SER B 660 -15.97 -13.96 41.41
CA SER B 660 -14.60 -13.81 40.96
C SER B 660 -14.56 -14.04 39.45
N ILE B 661 -13.36 -14.23 38.90
CA ILE B 661 -13.18 -14.59 37.51
C ILE B 661 -12.62 -16.00 37.46
N VAL B 662 -13.33 -16.89 36.75
CA VAL B 662 -13.10 -18.32 36.83
C VAL B 662 -12.56 -18.82 35.51
N ALA B 663 -11.38 -19.42 35.55
CA ALA B 663 -10.73 -19.94 34.34
C ALA B 663 -11.00 -21.44 34.20
N TYR B 664 -12.26 -21.77 34.01
CA TYR B 664 -12.70 -23.15 33.87
C TYR B 664 -12.29 -23.73 32.54
N THR B 665 -12.06 -25.04 32.50
CA THR B 665 -11.95 -25.71 31.23
C THR B 665 -13.35 -25.87 30.63
N MET B 666 -13.42 -26.01 29.31
CA MET B 666 -14.69 -25.92 28.62
C MET B 666 -15.50 -27.20 28.79
N SER B 667 -16.80 -27.04 29.03
CA SER B 667 -17.76 -28.13 28.91
C SER B 667 -18.37 -28.11 27.51
N LEU B 668 -18.70 -29.28 27.01
CA LEU B 668 -19.29 -29.41 25.69
C LEU B 668 -20.76 -29.72 25.89
N GLY B 669 -21.61 -28.71 25.69
CA GLY B 669 -23.06 -28.83 25.79
C GLY B 669 -23.57 -29.37 27.12
N ALA B 670 -24.09 -30.58 27.08
CA ALA B 670 -24.51 -31.31 28.26
C ALA B 670 -24.43 -32.79 27.95
N ASP B 671 -24.61 -33.64 28.97
CA ASP B 671 -24.60 -35.07 28.74
C ASP B 671 -26.03 -35.56 28.58
N SER B 672 -26.28 -36.27 27.49
CA SER B 672 -27.59 -36.82 27.19
C SER B 672 -27.48 -38.34 27.13
N SER B 673 -28.44 -39.01 27.75
CA SER B 673 -28.48 -40.46 27.83
C SER B 673 -29.64 -40.96 26.99
N ILE B 674 -29.34 -41.35 25.75
CA ILE B 674 -30.31 -42.03 24.90
C ILE B 674 -29.79 -43.44 24.63
N ALA B 675 -30.71 -44.40 24.60
CA ALA B 675 -30.35 -45.79 24.51
C ALA B 675 -30.67 -46.32 23.11
N TYR B 676 -29.65 -46.80 22.41
CA TYR B 676 -29.91 -47.56 21.20
C TYR B 676 -30.51 -48.90 21.58
N SER B 677 -31.53 -49.33 20.84
CA SER B 677 -32.22 -50.56 21.15
C SER B 677 -32.61 -51.28 19.88
N ASN B 678 -32.94 -52.55 20.04
CA ASN B 678 -33.34 -53.38 18.90
C ASN B 678 -34.73 -52.98 18.40
N ASN B 679 -35.56 -52.44 19.29
CA ASN B 679 -36.99 -52.37 19.03
C ASN B 679 -37.61 -51.00 19.30
N THR B 680 -37.03 -50.20 20.18
CA THR B 680 -37.73 -49.04 20.73
C THR B 680 -37.51 -47.82 19.83
N ILE B 681 -38.61 -47.28 19.32
CA ILE B 681 -38.59 -46.00 18.61
C ILE B 681 -39.16 -44.97 19.56
N ALA B 682 -38.92 -43.69 19.31
CA ALA B 682 -39.50 -42.65 20.14
C ALA B 682 -40.05 -41.53 19.28
N ILE B 683 -41.36 -41.42 19.21
CA ILE B 683 -41.99 -40.40 18.38
C ILE B 683 -42.57 -39.34 19.30
N PRO B 684 -42.74 -38.10 18.85
CA PRO B 684 -43.22 -37.06 19.77
C PRO B 684 -44.73 -36.90 19.75
N THR B 685 -45.29 -36.28 20.76
CA THR B 685 -46.72 -36.01 20.76
C THR B 685 -47.01 -34.52 20.71
N ASN B 686 -46.55 -33.77 21.70
CA ASN B 686 -46.73 -32.33 21.62
C ASN B 686 -45.57 -31.70 20.87
N PHE B 687 -45.81 -30.50 20.38
CA PHE B 687 -44.82 -29.77 19.61
C PHE B 687 -44.99 -28.30 19.92
N SER B 688 -43.88 -27.59 19.98
CA SER B 688 -43.94 -26.15 20.11
C SER B 688 -44.12 -25.52 18.75
N ILE B 689 -44.04 -24.19 18.72
CA ILE B 689 -43.58 -23.42 17.57
C ILE B 689 -42.65 -22.36 18.14
N SER B 690 -41.36 -22.51 17.89
CA SER B 690 -40.40 -21.54 18.34
C SER B 690 -39.89 -20.73 17.16
N ILE B 691 -40.14 -19.43 17.18
CA ILE B 691 -39.62 -18.57 16.15
C ILE B 691 -38.26 -18.08 16.60
N THR B 692 -37.37 -17.88 15.63
CA THR B 692 -35.98 -17.65 15.94
C THR B 692 -35.47 -16.53 15.06
N THR B 693 -34.89 -15.51 15.68
CA THR B 693 -34.25 -14.47 14.92
C THR B 693 -32.99 -15.01 14.26
N GLU B 694 -32.67 -14.46 13.09
CA GLU B 694 -31.40 -14.74 12.46
C GLU B 694 -30.96 -13.50 11.73
N VAL B 695 -29.89 -12.89 12.22
CA VAL B 695 -29.51 -11.56 11.77
C VAL B 695 -28.45 -11.69 10.67
N MET B 696 -28.66 -10.97 9.58
CA MET B 696 -27.81 -11.11 8.41
C MET B 696 -27.41 -9.72 7.91
N PRO B 697 -26.14 -9.36 8.00
CA PRO B 697 -25.71 -8.08 7.41
C PRO B 697 -25.71 -8.17 5.90
N VAL B 698 -26.25 -7.15 5.25
CA VAL B 698 -26.34 -7.13 3.79
C VAL B 698 -25.59 -5.97 3.18
N SER B 699 -25.34 -4.91 3.95
CA SER B 699 -24.65 -3.77 3.36
C SER B 699 -23.83 -3.11 4.45
N MET B 700 -22.90 -2.26 4.03
CA MET B 700 -22.16 -1.45 4.95
C MET B 700 -22.23 0.00 4.50
N ALA B 701 -21.48 0.85 5.19
CA ALA B 701 -21.47 2.27 4.87
C ALA B 701 -20.81 2.51 3.52
N LYS B 702 -21.55 3.13 2.60
CA LYS B 702 -21.05 3.41 1.26
C LYS B 702 -20.01 4.52 1.28
N THR B 703 -18.83 4.21 1.82
CA THR B 703 -17.87 5.23 2.12
C THR B 703 -17.04 5.58 0.89
N SER B 704 -17.12 6.83 0.47
CA SER B 704 -16.20 7.37 -0.51
C SER B 704 -15.18 8.24 0.21
N VAL B 705 -14.13 8.62 -0.50
CA VAL B 705 -13.14 9.53 0.05
C VAL B 705 -12.51 10.31 -1.10
N ASP B 706 -12.44 11.62 -0.95
CA ASP B 706 -11.68 12.42 -1.90
C ASP B 706 -10.21 12.15 -1.59
N CYS B 707 -9.52 11.55 -2.56
CA CYS B 707 -8.11 11.23 -2.38
C CYS B 707 -7.29 12.50 -2.23
N ASN B 708 -7.63 13.53 -3.00
CA ASN B 708 -6.83 14.74 -2.97
C ASN B 708 -7.10 15.55 -1.72
N MET B 709 -8.31 15.46 -1.16
CA MET B 709 -8.58 16.15 0.09
C MET B 709 -7.94 15.43 1.27
N TYR B 710 -7.85 14.10 1.18
CA TYR B 710 -7.22 13.33 2.25
C TYR B 710 -5.73 13.60 2.32
N ILE B 711 -5.05 13.52 1.16
CA ILE B 711 -3.61 13.63 1.14
C ILE B 711 -3.19 15.04 1.51
N CYS B 712 -3.62 16.02 0.71
CA CYS B 712 -3.37 17.43 1.00
C CYS B 712 -4.41 18.28 0.30
N GLY B 713 -5.37 18.78 1.08
CA GLY B 713 -6.50 19.46 0.49
C GLY B 713 -6.23 20.93 0.20
N ASP B 714 -5.52 21.58 1.11
CA ASP B 714 -5.31 23.03 1.01
C ASP B 714 -4.14 23.37 0.10
N SER B 715 -3.05 22.61 0.17
CA SER B 715 -1.87 22.92 -0.61
C SER B 715 -2.06 22.50 -2.07
N THR B 716 -1.73 23.41 -2.98
CA THR B 716 -1.69 23.06 -4.39
C THR B 716 -0.28 22.76 -4.86
N GLU B 717 0.73 23.08 -4.05
CA GLU B 717 2.08 22.62 -4.36
C GLU B 717 2.20 21.15 -4.03
N CYS B 718 1.55 20.71 -2.96
CA CYS B 718 1.48 19.29 -2.64
C CYS B 718 0.61 18.55 -3.64
N ALA B 719 -0.47 19.18 -4.10
CA ALA B 719 -1.29 18.59 -5.15
C ALA B 719 -0.52 18.49 -6.46
N ASN B 720 0.42 19.42 -6.67
CA ASN B 720 1.37 19.25 -7.76
C ASN B 720 2.33 18.11 -7.45
N LEU B 721 2.70 17.95 -6.18
CA LEU B 721 3.64 16.91 -5.81
C LEU B 721 2.97 15.54 -5.82
N LEU B 722 1.69 15.48 -5.50
CA LEU B 722 0.95 14.23 -5.53
C LEU B 722 0.65 13.81 -6.96
N LEU B 723 0.66 14.77 -7.89
CA LEU B 723 0.28 14.53 -9.27
C LEU B 723 1.29 13.63 -9.98
N GLN B 724 2.56 13.66 -9.55
CA GLN B 724 3.57 12.85 -10.21
C GLN B 724 3.61 11.43 -9.69
N TYR B 725 2.68 11.02 -8.84
CA TYR B 725 2.45 9.61 -8.61
C TYR B 725 1.53 9.07 -9.69
N GLY B 726 1.01 7.87 -9.45
CA GLY B 726 0.18 7.23 -10.46
C GLY B 726 -1.22 7.77 -10.54
N SER B 727 -2.17 6.92 -10.93
CA SER B 727 -3.57 7.33 -10.98
C SER B 727 -4.24 7.01 -9.65
N PHE B 728 -3.61 7.43 -8.56
CA PHE B 728 -4.20 7.24 -7.23
C PHE B 728 -5.28 8.27 -6.96
N CYS B 729 -5.38 9.32 -7.76
CA CYS B 729 -6.57 10.14 -7.73
C CYS B 729 -7.73 9.33 -8.26
N THR B 730 -7.49 8.60 -9.35
CA THR B 730 -8.56 7.85 -10.00
C THR B 730 -8.75 6.48 -9.37
N GLN B 731 -7.73 5.62 -9.44
CA GLN B 731 -7.91 4.20 -9.22
C GLN B 731 -8.17 3.90 -7.75
N LEU B 732 -7.60 4.71 -6.87
CA LEU B 732 -7.88 4.53 -5.45
C LEU B 732 -9.30 4.96 -5.15
N ASN B 733 -9.79 5.98 -5.86
CA ASN B 733 -11.14 6.47 -5.63
C ASN B 733 -12.15 5.58 -6.34
N ARG B 734 -11.77 5.06 -7.51
CA ARG B 734 -12.65 4.17 -8.26
C ARG B 734 -12.80 2.81 -7.59
N ALA B 735 -11.82 2.41 -6.78
CA ALA B 735 -11.87 1.10 -6.16
C ALA B 735 -12.93 1.03 -5.07
N LEU B 736 -13.03 2.06 -4.24
CA LEU B 736 -14.05 2.05 -3.21
C LEU B 736 -15.31 2.76 -3.65
N SER B 737 -15.33 3.34 -4.84
CA SER B 737 -16.60 3.67 -5.46
C SER B 737 -17.23 2.45 -6.10
N GLY B 738 -16.40 1.48 -6.50
CA GLY B 738 -16.95 0.23 -6.99
C GLY B 738 -17.59 -0.58 -5.87
N ILE B 739 -17.13 -0.37 -4.64
CA ILE B 739 -17.81 -0.94 -3.48
C ILE B 739 -19.19 -0.34 -3.32
N ALA B 740 -19.27 0.99 -3.32
CA ALA B 740 -20.55 1.67 -3.15
C ALA B 740 -21.45 1.47 -4.36
N ALA B 741 -20.87 1.08 -5.49
CA ALA B 741 -21.69 0.64 -6.61
C ALA B 741 -22.35 -0.70 -6.30
N GLU B 742 -21.71 -1.54 -5.50
CA GLU B 742 -22.28 -2.86 -5.26
C GLU B 742 -22.87 -2.98 -3.86
N GLN B 743 -22.66 -1.99 -2.98
CA GLN B 743 -23.34 -2.01 -1.70
C GLN B 743 -24.83 -1.80 -1.85
N ASP B 744 -25.24 -1.16 -2.94
CA ASP B 744 -26.66 -1.16 -3.28
C ASP B 744 -27.07 -2.43 -3.98
N ARG B 745 -26.17 -3.00 -4.78
CA ARG B 745 -26.47 -4.25 -5.49
C ARG B 745 -26.71 -5.39 -4.52
N ASN B 746 -26.04 -5.36 -3.37
CA ASN B 746 -26.31 -6.35 -2.33
C ASN B 746 -27.71 -6.15 -1.75
N THR B 747 -28.18 -4.91 -1.72
CA THR B 747 -29.51 -4.67 -1.18
C THR B 747 -30.60 -5.05 -2.17
N ARG B 748 -30.38 -4.77 -3.46
CA ARG B 748 -31.40 -5.11 -4.45
C ARG B 748 -31.46 -6.60 -4.71
N GLU B 749 -30.39 -7.33 -4.43
CA GLU B 749 -30.47 -8.78 -4.52
C GLU B 749 -31.28 -9.35 -3.36
N VAL B 750 -31.26 -8.67 -2.22
CA VAL B 750 -31.99 -9.18 -1.07
C VAL B 750 -33.46 -8.81 -1.16
N PHE B 751 -33.77 -7.53 -1.18
CA PHE B 751 -35.15 -7.13 -0.98
C PHE B 751 -35.98 -7.11 -2.25
N ALA B 752 -35.36 -6.99 -3.41
CA ALA B 752 -36.15 -6.93 -4.63
C ALA B 752 -36.34 -8.31 -5.24
N GLN B 753 -36.37 -9.34 -4.40
CA GLN B 753 -36.80 -10.66 -4.86
C GLN B 753 -38.28 -10.63 -5.25
N VAL B 754 -39.07 -9.82 -4.54
CA VAL B 754 -40.48 -9.68 -4.87
C VAL B 754 -40.60 -8.87 -6.15
N LYS B 755 -41.57 -9.22 -6.98
CA LYS B 755 -41.71 -8.52 -8.26
C LYS B 755 -42.43 -7.21 -8.08
N GLN B 756 -43.68 -7.25 -7.61
CA GLN B 756 -44.45 -6.05 -7.36
C GLN B 756 -44.86 -5.99 -5.90
N MET B 757 -45.19 -4.79 -5.43
CA MET B 757 -45.56 -4.61 -4.04
C MET B 757 -46.93 -5.21 -3.78
N TYR B 758 -47.24 -5.35 -2.50
CA TYR B 758 -48.56 -5.77 -2.06
C TYR B 758 -48.96 -4.85 -0.92
N LYS B 759 -50.22 -4.47 -0.91
CA LYS B 759 -50.73 -3.59 0.13
C LYS B 759 -50.71 -4.31 1.47
N THR B 760 -50.50 -3.56 2.53
CA THR B 760 -50.64 -4.12 3.86
C THR B 760 -52.12 -4.38 4.10
N PRO B 761 -52.52 -5.61 4.43
CA PRO B 761 -53.93 -5.88 4.65
C PRO B 761 -54.39 -5.26 5.96
N THR B 762 -55.61 -4.71 5.94
CA THR B 762 -56.14 -4.00 7.09
C THR B 762 -56.42 -4.94 8.25
N LEU B 763 -56.91 -6.14 7.95
CA LEU B 763 -57.16 -7.14 8.99
C LEU B 763 -55.84 -7.75 9.44
N LYS B 764 -55.44 -7.40 10.66
CA LYS B 764 -54.24 -7.99 11.26
C LYS B 764 -54.60 -9.22 12.08
N TYR B 765 -55.28 -10.16 11.45
CA TYR B 765 -55.80 -11.34 12.13
C TYR B 765 -56.06 -12.41 11.07
N PHE B 766 -55.39 -13.55 11.22
CA PHE B 766 -55.36 -14.55 10.16
C PHE B 766 -55.67 -15.93 10.75
N GLY B 767 -56.52 -15.94 11.77
CA GLY B 767 -56.86 -17.18 12.44
C GLY B 767 -56.19 -17.36 13.78
N GLY B 768 -55.93 -16.29 14.50
CA GLY B 768 -55.23 -16.36 15.76
C GLY B 768 -53.77 -15.96 15.62
N PHE B 769 -53.50 -15.07 14.67
CA PHE B 769 -52.13 -14.69 14.35
C PHE B 769 -52.10 -13.15 14.40
N ASN B 770 -51.49 -12.61 15.45
CA ASN B 770 -51.68 -11.21 15.80
C ASN B 770 -51.00 -10.28 14.80
N PHE B 771 -49.78 -10.61 14.38
CA PHE B 771 -48.99 -9.85 13.41
C PHE B 771 -48.81 -8.38 13.83
N SER B 772 -48.03 -8.21 14.89
CA SER B 772 -47.53 -6.90 15.29
C SER B 772 -46.22 -6.57 14.59
N GLN B 773 -46.04 -7.09 13.37
CA GLN B 773 -44.77 -7.02 12.66
C GLN B 773 -44.96 -6.55 11.22
N ILE B 774 -46.17 -6.08 10.88
CA ILE B 774 -46.54 -5.95 9.49
C ILE B 774 -46.89 -4.48 9.21
N LEU B 775 -46.23 -3.56 9.92
CA LEU B 775 -46.25 -2.11 9.67
C LEU B 775 -47.65 -1.54 9.78
N PRO B 776 -48.18 -1.34 10.99
CA PRO B 776 -49.52 -0.72 11.13
C PRO B 776 -49.55 0.70 10.61
N ASP B 777 -50.48 0.99 9.71
CA ASP B 777 -50.52 2.30 9.06
C ASP B 777 -51.03 3.42 9.97
N PRO B 778 -52.26 3.38 10.59
CA PRO B 778 -52.78 4.60 11.20
C PRO B 778 -52.10 5.00 12.51
N LEU B 779 -51.68 4.00 13.30
CA LEU B 779 -51.13 4.32 14.62
C LEU B 779 -49.70 4.84 14.51
N LYS B 780 -48.83 4.07 13.86
CA LYS B 780 -47.44 4.48 13.72
C LYS B 780 -47.33 5.59 12.69
N PRO B 781 -46.78 6.75 13.05
CA PRO B 781 -46.57 7.79 12.04
C PRO B 781 -45.46 7.41 11.06
N THR B 782 -44.45 6.70 11.55
CA THR B 782 -43.42 6.15 10.68
C THR B 782 -43.95 4.91 9.97
N LYS B 783 -43.49 4.68 8.74
CA LYS B 783 -43.94 3.55 7.96
C LYS B 783 -42.91 2.43 8.09
N ARG B 784 -42.84 1.89 9.29
CA ARG B 784 -41.98 0.74 9.56
C ARG B 784 -42.73 -0.16 10.53
N SER B 785 -42.32 -1.42 10.59
CA SER B 785 -42.91 -2.37 11.53
C SER B 785 -42.59 -2.03 12.97
N PHE B 786 -43.33 -2.64 13.88
CA PHE B 786 -43.08 -2.43 15.30
C PHE B 786 -41.81 -3.12 15.75
N ILE B 787 -41.55 -4.31 15.21
CA ILE B 787 -40.32 -5.00 15.55
C ILE B 787 -39.13 -4.32 14.87
N GLU B 788 -39.33 -3.84 13.65
CA GLU B 788 -38.29 -3.08 12.96
C GLU B 788 -37.96 -1.79 13.69
N ASP B 789 -39.00 -1.10 14.20
CA ASP B 789 -38.79 0.11 14.99
C ASP B 789 -38.05 -0.21 16.28
N LEU B 790 -38.21 -1.42 16.78
CA LEU B 790 -37.43 -1.87 17.92
C LEU B 790 -36.01 -2.22 17.51
N LEU B 791 -35.79 -2.49 16.22
CA LEU B 791 -34.46 -2.87 15.76
C LEU B 791 -33.60 -1.66 15.42
N PHE B 792 -34.19 -0.65 14.77
CA PHE B 792 -33.44 0.55 14.40
C PHE B 792 -32.92 1.34 15.59
N ASN B 793 -33.46 1.11 16.79
CA ASN B 793 -33.03 1.78 18.00
C ASN B 793 -31.94 1.00 18.73
N LYS B 794 -31.38 -0.04 18.10
CA LYS B 794 -30.42 -0.91 18.77
C LYS B 794 -29.11 -0.97 17.99
N VAL B 795 -28.63 0.17 17.52
CA VAL B 795 -27.30 0.28 16.92
C VAL B 795 -26.60 1.50 17.48
N THR B 796 -25.32 1.66 17.10
CA THR B 796 -24.38 2.65 17.62
C THR B 796 -24.35 2.68 19.15
N LEU B 818 -31.54 17.70 4.56
CA LEU B 818 -30.41 17.63 5.49
C LEU B 818 -29.13 18.17 4.85
N ILE B 819 -28.45 19.04 5.59
CA ILE B 819 -27.19 19.63 5.13
C ILE B 819 -26.07 18.85 5.81
N CYS B 820 -25.21 18.25 5.01
CA CYS B 820 -24.13 17.43 5.55
C CYS B 820 -23.00 18.33 6.07
N ALA B 821 -22.09 17.72 6.83
CA ALA B 821 -21.09 18.47 7.59
C ALA B 821 -19.78 18.66 6.85
N GLN B 822 -19.28 17.62 6.17
CA GLN B 822 -18.08 17.65 5.34
C GLN B 822 -16.83 18.08 6.08
N LYS B 823 -16.34 17.23 6.98
CA LYS B 823 -15.15 17.48 7.79
C LYS B 823 -13.90 17.62 6.92
N PHE B 824 -12.83 18.15 7.54
CA PHE B 824 -11.59 18.49 6.83
C PHE B 824 -10.92 17.26 6.23
N ASN B 825 -11.10 16.11 6.88
CA ASN B 825 -10.37 14.88 6.58
C ASN B 825 -10.59 14.36 5.17
N GLY B 826 -11.69 14.75 4.51
CA GLY B 826 -11.92 14.28 3.17
C GLY B 826 -12.75 13.03 3.10
N LEU B 827 -13.01 12.39 4.23
CA LEU B 827 -13.87 11.22 4.26
C LEU B 827 -15.32 11.66 4.09
N THR B 828 -16.10 10.81 3.45
CA THR B 828 -17.53 11.07 3.31
C THR B 828 -18.28 9.75 3.30
N VAL B 829 -19.55 9.80 3.70
CA VAL B 829 -20.40 8.62 3.75
C VAL B 829 -21.57 8.90 2.81
N LEU B 830 -21.57 8.22 1.67
CA LEU B 830 -22.65 8.37 0.71
C LEU B 830 -23.90 7.73 1.28
N PRO B 831 -25.07 8.32 1.09
CA PRO B 831 -26.29 7.71 1.58
C PRO B 831 -26.69 6.54 0.70
N PRO B 832 -27.34 5.52 1.26
CA PRO B 832 -27.71 4.36 0.46
C PRO B 832 -28.81 4.66 -0.53
N LEU B 833 -28.82 3.91 -1.62
CA LEU B 833 -29.75 4.13 -2.72
C LEU B 833 -31.16 3.66 -2.38
N LEU B 834 -31.33 2.93 -1.29
CA LEU B 834 -32.66 2.59 -0.76
C LEU B 834 -32.74 3.08 0.68
N THR B 835 -33.62 4.04 0.92
CA THR B 835 -33.82 4.55 2.27
C THR B 835 -34.54 3.50 3.11
N ASP B 836 -34.46 3.68 4.43
CA ASP B 836 -35.02 2.71 5.38
C ASP B 836 -36.53 2.63 5.30
N ASP B 837 -37.17 3.72 4.86
CA ASP B 837 -38.61 3.66 4.62
C ASP B 837 -38.91 2.85 3.37
N MET B 838 -37.97 2.82 2.42
CA MET B 838 -38.17 1.98 1.25
C MET B 838 -37.77 0.54 1.54
N ILE B 839 -36.83 0.34 2.47
CA ILE B 839 -36.46 -1.00 2.90
C ILE B 839 -37.63 -1.66 3.62
N ALA B 840 -38.30 -0.91 4.50
CA ALA B 840 -39.46 -1.43 5.20
C ALA B 840 -40.65 -1.55 4.26
N ALA B 841 -40.63 -0.85 3.13
CA ALA B 841 -41.67 -1.01 2.13
C ALA B 841 -41.59 -2.38 1.48
N TYR B 842 -40.39 -2.92 1.35
CA TYR B 842 -40.26 -4.28 0.85
C TYR B 842 -40.70 -5.30 1.89
N THR B 843 -40.21 -5.14 3.12
CA THR B 843 -40.46 -6.14 4.16
C THR B 843 -41.93 -6.17 4.54
N ALA B 844 -42.62 -5.04 4.40
CA ALA B 844 -44.07 -5.07 4.56
C ALA B 844 -44.72 -5.83 3.42
N ALA B 845 -44.15 -5.72 2.22
CA ALA B 845 -44.71 -6.44 1.07
C ALA B 845 -44.33 -7.91 1.11
N LEU B 846 -43.16 -8.22 1.66
CA LEU B 846 -42.76 -9.61 1.79
C LEU B 846 -43.59 -10.34 2.82
N VAL B 847 -43.89 -9.68 3.94
CA VAL B 847 -44.69 -10.32 4.98
C VAL B 847 -46.15 -10.44 4.54
N SER B 848 -46.65 -9.42 3.84
CA SER B 848 -48.03 -9.45 3.36
C SER B 848 -48.23 -10.51 2.29
N GLY B 849 -47.23 -10.72 1.45
CA GLY B 849 -47.30 -11.83 0.50
C GLY B 849 -47.17 -13.18 1.20
N THR B 850 -46.40 -13.21 2.28
CA THR B 850 -46.26 -14.43 3.07
C THR B 850 -47.56 -14.72 3.80
N ALA B 851 -48.23 -13.67 4.29
CA ALA B 851 -49.48 -13.86 5.01
C ALA B 851 -50.60 -14.31 4.09
N THR B 852 -50.63 -13.77 2.87
CA THR B 852 -51.73 -14.06 1.96
C THR B 852 -51.37 -15.06 0.86
N ALA B 853 -50.35 -14.78 0.05
CA ALA B 853 -50.18 -15.57 -1.16
C ALA B 853 -49.20 -16.73 -0.95
N GLY B 854 -47.95 -16.42 -0.64
CA GLY B 854 -46.96 -17.41 -0.28
C GLY B 854 -46.15 -17.99 -1.43
N TRP B 855 -46.77 -18.80 -2.28
CA TRP B 855 -46.04 -19.75 -3.11
C TRP B 855 -45.84 -19.28 -4.54
N THR B 856 -46.92 -18.95 -5.24
CA THR B 856 -46.78 -18.32 -6.55
C THR B 856 -46.25 -16.90 -6.38
N PHE B 857 -46.50 -16.31 -5.21
CA PHE B 857 -45.81 -15.12 -4.71
C PHE B 857 -44.31 -15.16 -4.88
N GLY B 858 -43.69 -16.31 -4.62
CA GLY B 858 -42.29 -16.49 -4.92
C GLY B 858 -42.05 -16.99 -6.33
N ALA B 859 -42.91 -17.90 -6.78
CA ALA B 859 -42.73 -18.53 -8.07
C ALA B 859 -43.17 -17.65 -9.23
N GLY B 860 -44.46 -17.36 -9.31
CA GLY B 860 -44.98 -16.63 -10.46
C GLY B 860 -45.37 -15.21 -10.15
N ALA B 861 -46.59 -14.82 -10.53
CA ALA B 861 -47.03 -13.45 -10.32
C ALA B 861 -47.57 -13.26 -8.91
N ALA B 862 -48.66 -13.95 -8.58
CA ALA B 862 -49.35 -13.73 -7.31
C ALA B 862 -50.24 -14.92 -7.02
N LEU B 863 -50.83 -14.91 -5.83
CA LEU B 863 -51.69 -16.00 -5.38
C LEU B 863 -52.63 -15.41 -4.34
N GLN B 864 -53.57 -16.22 -3.86
CA GLN B 864 -54.31 -15.92 -2.63
C GLN B 864 -54.79 -17.23 -2.01
N ILE B 865 -54.34 -17.48 -0.78
CA ILE B 865 -54.68 -18.68 -0.02
C ILE B 865 -55.00 -18.22 1.40
N PRO B 866 -56.04 -18.75 2.05
CA PRO B 866 -56.24 -18.44 3.48
C PRO B 866 -55.08 -18.96 4.31
N PHE B 867 -54.83 -18.28 5.43
CA PHE B 867 -53.59 -18.51 6.16
C PHE B 867 -53.60 -19.87 6.85
N ALA B 868 -54.76 -20.32 7.32
CA ALA B 868 -54.84 -21.66 7.87
C ALA B 868 -54.70 -22.71 6.78
N MET B 869 -55.14 -22.39 5.57
CA MET B 869 -54.86 -23.26 4.43
C MET B 869 -53.39 -23.17 4.05
N GLN B 870 -52.76 -22.04 4.34
CA GLN B 870 -51.35 -21.87 3.98
C GLN B 870 -50.45 -22.61 4.94
N MET B 871 -50.82 -22.62 6.22
CA MET B 871 -50.05 -23.37 7.21
C MET B 871 -50.19 -24.87 6.99
N ALA B 872 -51.36 -25.31 6.51
CA ALA B 872 -51.60 -26.73 6.28
C ALA B 872 -50.70 -27.27 5.18
N TYR B 873 -50.39 -26.45 4.19
CA TYR B 873 -49.47 -26.88 3.15
C TYR B 873 -48.03 -26.86 3.66
N ARG B 874 -47.76 -26.04 4.68
CA ARG B 874 -46.41 -25.99 5.21
C ARG B 874 -46.21 -27.05 6.28
N PHE B 875 -47.26 -27.43 6.99
CA PHE B 875 -47.16 -28.64 7.81
C PHE B 875 -47.00 -29.86 6.94
N ASN B 876 -47.64 -29.87 5.76
CA ASN B 876 -47.46 -30.99 4.85
C ASN B 876 -46.08 -30.97 4.22
N GLY B 877 -45.41 -29.83 4.21
CA GLY B 877 -44.02 -29.80 3.83
C GLY B 877 -43.10 -30.39 4.87
N ILE B 878 -43.50 -30.34 6.15
CA ILE B 878 -42.75 -31.02 7.19
C ILE B 878 -42.88 -32.53 7.05
N GLY B 879 -44.03 -33.01 6.64
CA GLY B 879 -44.31 -34.42 6.61
C GLY B 879 -45.52 -34.74 7.45
N VAL B 880 -45.78 -33.90 8.45
CA VAL B 880 -46.91 -34.08 9.34
C VAL B 880 -48.18 -33.72 8.57
N THR B 881 -49.30 -34.33 8.94
CA THR B 881 -50.51 -34.21 8.14
C THR B 881 -51.21 -32.88 8.41
N GLN B 882 -52.14 -32.53 7.52
CA GLN B 882 -52.91 -31.31 7.68
C GLN B 882 -53.89 -31.42 8.83
N ASN B 883 -54.21 -32.66 9.22
CA ASN B 883 -55.07 -33.00 10.34
C ASN B 883 -54.54 -32.38 11.63
N VAL B 884 -53.22 -32.42 11.80
CA VAL B 884 -52.58 -31.99 13.04
C VAL B 884 -52.70 -30.49 13.23
N LEU B 885 -52.78 -29.73 12.14
CA LEU B 885 -53.05 -28.30 12.25
C LEU B 885 -54.46 -28.02 12.75
N TYR B 886 -55.46 -28.54 12.05
CA TYR B 886 -56.83 -28.11 12.32
C TYR B 886 -57.37 -28.71 13.61
N GLU B 887 -56.75 -29.79 14.09
CA GLU B 887 -57.06 -30.26 15.42
C GLU B 887 -56.53 -29.27 16.46
N ASN B 888 -55.34 -28.72 16.20
CA ASN B 888 -54.68 -27.85 17.16
C ASN B 888 -54.65 -26.41 16.71
N GLN B 889 -55.69 -25.97 16.00
CA GLN B 889 -55.73 -24.67 15.34
C GLN B 889 -55.60 -23.51 16.33
N LYS B 890 -56.33 -23.59 17.44
CA LYS B 890 -56.21 -22.55 18.46
C LYS B 890 -54.86 -22.66 19.17
N GLN B 891 -54.42 -23.89 19.43
CA GLN B 891 -53.21 -24.09 20.23
C GLN B 891 -51.96 -23.68 19.45
N ILE B 892 -51.94 -23.97 18.15
CA ILE B 892 -50.84 -23.53 17.29
C ILE B 892 -50.83 -22.02 17.18
N ALA B 893 -52.02 -21.41 17.11
CA ALA B 893 -52.12 -19.97 16.97
C ALA B 893 -51.69 -19.25 18.24
N ASN B 894 -51.93 -19.86 19.41
CA ASN B 894 -51.53 -19.22 20.66
C ASN B 894 -50.05 -19.44 20.95
N GLN B 895 -49.46 -20.52 20.41
CA GLN B 895 -48.02 -20.68 20.53
C GLN B 895 -47.29 -19.72 19.61
N PHE B 896 -47.94 -19.32 18.53
CA PHE B 896 -47.33 -18.39 17.59
C PHE B 896 -47.28 -16.98 18.17
N ASN B 897 -48.40 -16.52 18.72
CA ASN B 897 -48.48 -15.14 19.20
C ASN B 897 -47.70 -14.98 20.50
N LYS B 898 -47.54 -16.07 21.24
CA LYS B 898 -46.66 -16.04 22.41
C LYS B 898 -45.22 -15.88 21.98
N ALA B 899 -44.86 -16.48 20.84
CA ALA B 899 -43.47 -16.50 20.42
C ALA B 899 -43.01 -15.13 19.97
N ILE B 900 -43.87 -14.40 19.27
CA ILE B 900 -43.53 -13.03 18.85
C ILE B 900 -43.40 -12.13 20.07
N SER B 901 -44.26 -12.34 21.08
CA SER B 901 -44.22 -11.52 22.28
C SER B 901 -42.96 -11.79 23.09
N GLN B 902 -42.38 -12.98 22.95
CA GLN B 902 -41.06 -13.21 23.52
C GLN B 902 -39.99 -12.47 22.75
N ILE B 903 -40.11 -12.44 21.42
CA ILE B 903 -39.11 -11.77 20.58
C ILE B 903 -39.15 -10.26 20.78
N GLN B 904 -40.34 -9.72 21.02
CA GLN B 904 -40.46 -8.31 21.38
C GLN B 904 -39.79 -8.02 22.71
N GLU B 905 -39.72 -9.01 23.59
CA GLU B 905 -38.97 -8.85 24.83
C GLU B 905 -37.50 -9.18 24.64
N SER B 906 -37.21 -10.33 24.00
CA SER B 906 -35.87 -10.90 24.02
C SER B 906 -34.92 -10.29 22.99
N LEU B 907 -35.25 -9.12 22.44
CA LEU B 907 -34.26 -8.34 21.70
C LEU B 907 -34.38 -6.87 22.07
N THR B 908 -35.24 -6.56 23.05
CA THR B 908 -35.27 -5.25 23.68
C THR B 908 -34.20 -5.11 24.74
N THR B 909 -34.04 -6.14 25.58
CA THR B 909 -33.12 -6.11 26.71
C THR B 909 -31.85 -6.92 26.42
N THR B 910 -31.98 -8.05 25.73
CA THR B 910 -30.88 -8.98 25.55
C THR B 910 -29.79 -8.42 24.64
N SER B 911 -30.19 -7.66 23.61
CA SER B 911 -29.34 -7.13 22.56
C SER B 911 -28.51 -8.21 21.89
N THR B 912 -29.19 -9.18 21.28
CA THR B 912 -28.54 -10.29 20.61
C THR B 912 -28.66 -10.09 19.11
N ALA B 913 -29.77 -9.47 18.69
CA ALA B 913 -29.89 -8.94 17.34
C ALA B 913 -29.10 -7.64 17.15
N LEU B 914 -28.57 -7.10 18.24
CA LEU B 914 -27.48 -6.13 18.21
C LEU B 914 -26.35 -6.76 17.41
N GLY B 915 -25.80 -7.86 17.94
CA GLY B 915 -25.06 -8.89 17.21
C GLY B 915 -24.11 -8.53 16.09
N LYS B 916 -24.40 -9.06 14.90
CA LYS B 916 -23.51 -8.88 13.77
C LYS B 916 -23.58 -7.46 13.22
N LEU B 917 -24.75 -6.83 13.32
CA LEU B 917 -24.93 -5.51 12.72
C LEU B 917 -24.18 -4.44 13.48
N GLN B 918 -24.08 -4.60 14.80
CA GLN B 918 -23.22 -3.71 15.57
C GLN B 918 -21.76 -3.98 15.26
N ASP B 919 -21.44 -5.23 14.93
CA ASP B 919 -20.07 -5.56 14.53
C ASP B 919 -19.74 -4.97 13.17
N VAL B 920 -20.72 -4.90 12.27
CA VAL B 920 -20.47 -4.36 10.93
C VAL B 920 -20.25 -2.85 11.01
N VAL B 921 -21.04 -2.18 11.83
CA VAL B 921 -20.89 -0.72 11.96
C VAL B 921 -19.58 -0.38 12.66
N ASN B 922 -19.23 -1.13 13.71
CA ASN B 922 -18.02 -0.82 14.46
C ASN B 922 -16.76 -1.12 13.65
N GLN B 923 -16.76 -2.23 12.91
CA GLN B 923 -15.58 -2.58 12.12
C GLN B 923 -15.40 -1.61 10.97
N ASN B 924 -16.48 -1.02 10.48
CA ASN B 924 -16.35 0.07 9.53
C ASN B 924 -15.88 1.34 10.23
N ALA B 925 -16.35 1.56 11.45
CA ALA B 925 -15.99 2.77 12.17
C ALA B 925 -14.54 2.74 12.60
N GLN B 926 -14.03 1.56 12.96
CA GLN B 926 -12.62 1.45 13.33
C GLN B 926 -11.73 1.64 12.12
N ALA B 927 -12.20 1.27 10.93
CA ALA B 927 -11.41 1.46 9.73
C ALA B 927 -11.43 2.92 9.30
N LEU B 928 -12.54 3.62 9.55
CA LEU B 928 -12.56 5.05 9.32
C LEU B 928 -11.74 5.79 10.37
N ASN B 929 -11.83 5.36 11.63
CA ASN B 929 -11.15 6.06 12.70
C ASN B 929 -9.64 5.94 12.57
N THR B 930 -9.17 4.79 12.13
CA THR B 930 -7.73 4.60 11.94
C THR B 930 -7.23 5.44 10.77
N LEU B 931 -8.03 5.51 9.71
CA LEU B 931 -7.65 6.31 8.54
C LEU B 931 -7.59 7.79 8.87
N VAL B 932 -8.51 8.25 9.73
CA VAL B 932 -8.50 9.64 10.13
C VAL B 932 -7.39 9.90 11.14
N LYS B 933 -7.09 8.93 12.00
CA LYS B 933 -6.12 9.16 13.07
C LYS B 933 -4.71 9.30 12.51
N GLN B 934 -4.36 8.51 11.50
CA GLN B 934 -3.02 8.64 10.93
C GLN B 934 -2.96 9.67 9.82
N LEU B 935 -3.91 10.59 9.77
CA LEU B 935 -3.65 11.94 9.29
C LEU B 935 -2.74 12.70 10.23
N SER B 936 -2.76 12.36 11.52
CA SER B 936 -1.93 12.99 12.53
C SER B 936 -0.70 12.14 12.81
N SER B 937 -0.17 11.51 11.76
CA SER B 937 1.02 10.70 11.87
C SER B 937 2.28 11.55 11.81
N ASN B 938 3.42 10.93 11.61
CA ASN B 938 4.64 11.73 11.42
C ASN B 938 5.59 11.08 10.43
N PHE B 939 5.15 10.75 9.21
CA PHE B 939 5.84 9.77 8.37
C PHE B 939 7.20 10.22 7.90
N GLY B 940 8.16 10.33 8.82
CA GLY B 940 9.48 10.81 8.48
C GLY B 940 9.52 12.28 8.13
N ALA B 941 8.59 13.05 8.66
CA ALA B 941 8.52 14.47 8.35
C ALA B 941 8.71 15.28 9.63
N ILE B 942 8.52 16.59 9.54
CA ILE B 942 8.55 17.43 10.72
C ILE B 942 7.23 17.34 11.48
N SER B 943 6.12 17.57 10.80
CA SER B 943 4.80 17.50 11.40
C SER B 943 3.79 17.25 10.30
N SER B 944 2.72 16.52 10.64
CA SER B 944 1.73 16.15 9.64
C SER B 944 0.68 17.23 9.46
N VAL B 945 0.76 18.33 10.20
CA VAL B 945 -0.06 19.47 9.86
C VAL B 945 0.55 20.06 8.60
N LEU B 946 -0.07 19.78 7.46
CA LEU B 946 0.62 19.89 6.18
C LEU B 946 0.83 21.34 5.78
N ASN B 947 -0.04 22.24 6.22
CA ASN B 947 0.15 23.65 5.90
C ASN B 947 1.25 24.27 6.75
N ASP B 948 1.63 23.62 7.85
CA ASP B 948 2.79 24.09 8.61
C ASP B 948 4.09 23.81 7.85
N ILE B 949 4.11 22.74 7.07
CA ILE B 949 5.32 22.40 6.32
C ILE B 949 5.52 23.37 5.17
N LEU B 950 4.41 23.81 4.57
CA LEU B 950 4.50 24.84 3.54
C LEU B 950 4.86 26.19 4.12
N SER B 951 4.47 26.43 5.37
CA SER B 951 4.72 27.73 5.99
C SER B 951 6.00 27.73 6.81
N ARG B 952 6.87 26.74 6.61
CA ARG B 952 8.17 26.80 7.27
C ARG B 952 9.35 26.49 6.35
N LEU B 953 9.18 25.68 5.30
CA LEU B 953 10.40 25.11 4.73
C LEU B 953 10.71 25.57 3.31
N ASP B 954 9.76 26.23 2.64
CA ASP B 954 9.92 26.92 1.36
C ASP B 954 10.37 26.02 0.19
N LYS B 955 9.52 25.06 -0.18
CA LYS B 955 9.36 24.60 -1.56
C LYS B 955 10.53 23.89 -2.23
N VAL B 956 11.71 23.86 -1.60
CA VAL B 956 12.83 23.13 -2.20
C VAL B 956 13.39 22.14 -1.19
N GLU B 957 13.19 22.42 0.09
CA GLU B 957 13.51 21.47 1.15
C GLU B 957 12.21 20.92 1.73
N ALA B 958 11.10 21.64 1.53
CA ALA B 958 9.79 21.15 1.91
C ALA B 958 9.41 19.92 1.11
N GLU B 959 9.88 19.84 -0.14
CA GLU B 959 9.55 18.73 -1.03
C GLU B 959 10.08 17.41 -0.49
N VAL B 960 11.20 17.45 0.22
CA VAL B 960 11.67 16.27 0.93
C VAL B 960 10.73 15.95 2.08
N GLN B 961 10.27 16.98 2.78
CA GLN B 961 9.44 16.79 3.98
C GLN B 961 7.99 16.50 3.64
N ILE B 962 7.61 16.60 2.37
CA ILE B 962 6.23 16.32 1.97
C ILE B 962 6.14 15.03 1.19
N ASP B 963 7.10 14.76 0.30
CA ASP B 963 7.02 13.55 -0.52
C ASP B 963 7.24 12.30 0.32
N ARG B 964 7.98 12.41 1.42
CA ARG B 964 8.00 11.32 2.38
C ARG B 964 6.72 11.30 3.19
N LEU B 965 6.12 12.47 3.39
CA LEU B 965 4.89 12.56 4.16
C LEU B 965 3.70 12.12 3.32
N ILE B 966 3.78 12.27 1.99
CA ILE B 966 2.71 11.77 1.12
C ILE B 966 2.74 10.25 1.05
N THR B 967 3.92 9.69 0.79
CA THR B 967 4.00 8.27 0.46
C THR B 967 3.74 7.38 1.67
N GLY B 968 3.79 7.96 2.87
CA GLY B 968 3.26 7.24 4.02
C GLY B 968 1.78 7.47 4.19
N ARG B 969 1.29 8.63 3.77
CA ARG B 969 -0.12 8.95 3.89
C ARG B 969 -0.91 8.29 2.76
N LEU B 970 -0.32 8.21 1.58
CA LEU B 970 -0.98 7.57 0.45
C LEU B 970 -0.99 6.07 0.62
N GLN B 971 -0.02 5.55 1.38
CA GLN B 971 0.00 4.12 1.66
C GLN B 971 -1.10 3.77 2.67
N SER B 972 -1.54 4.75 3.44
CA SER B 972 -2.61 4.50 4.40
C SER B 972 -3.96 4.37 3.71
N LEU B 973 -4.15 5.06 2.60
CA LEU B 973 -5.37 4.85 1.82
C LEU B 973 -5.36 3.49 1.16
N GLN B 974 -4.22 3.10 0.61
CA GLN B 974 -4.11 1.81 -0.06
C GLN B 974 -4.23 0.68 0.94
N THR B 975 -3.87 0.93 2.20
CA THR B 975 -4.22 0.02 3.27
C THR B 975 -5.72 0.00 3.51
N TYR B 976 -6.34 1.19 3.58
CA TYR B 976 -7.76 1.30 3.91
C TYR B 976 -8.66 0.69 2.85
N VAL B 977 -8.36 0.97 1.58
CA VAL B 977 -9.20 0.46 0.51
C VAL B 977 -9.07 -1.05 0.38
N THR B 978 -7.89 -1.58 0.68
CA THR B 978 -7.73 -3.04 0.77
C THR B 978 -8.54 -3.61 1.92
N GLN B 979 -8.62 -2.90 3.04
CA GLN B 979 -9.48 -3.35 4.13
C GLN B 979 -10.95 -3.29 3.75
N GLN B 980 -11.31 -2.36 2.87
CA GLN B 980 -12.72 -2.25 2.50
C GLN B 980 -13.09 -3.26 1.42
N LEU B 981 -12.16 -3.60 0.53
CA LEU B 981 -12.46 -4.57 -0.51
C LEU B 981 -12.65 -5.96 0.07
N ILE B 982 -11.83 -6.32 1.06
CA ILE B 982 -11.97 -7.62 1.70
C ILE B 982 -13.23 -7.66 2.53
N ARG B 983 -13.55 -6.57 3.21
CA ARG B 983 -14.73 -6.55 4.05
C ARG B 983 -16.00 -6.50 3.21
N ALA B 984 -15.94 -5.90 2.03
CA ALA B 984 -17.09 -5.95 1.13
C ALA B 984 -17.26 -7.35 0.58
N ALA B 985 -16.18 -8.10 0.43
CA ALA B 985 -16.29 -9.48 -0.01
C ALA B 985 -16.88 -10.35 1.09
N GLU B 986 -16.66 -9.97 2.35
CA GLU B 986 -17.25 -10.73 3.44
C GLU B 986 -18.72 -10.41 3.60
N ILE B 987 -19.12 -9.20 3.21
CA ILE B 987 -20.51 -8.81 3.35
C ILE B 987 -21.33 -9.27 2.15
N ARG B 988 -20.72 -9.27 0.97
CA ARG B 988 -21.38 -9.81 -0.22
C ARG B 988 -21.63 -11.30 -0.06
N ALA B 989 -20.69 -12.00 0.58
CA ALA B 989 -20.89 -13.40 0.91
C ALA B 989 -22.01 -13.56 1.93
N SER B 990 -22.17 -12.57 2.80
CA SER B 990 -23.29 -12.60 3.73
C SER B 990 -24.54 -12.03 3.11
N ALA B 991 -24.40 -11.23 2.06
CA ALA B 991 -25.60 -10.76 1.36
C ALA B 991 -26.12 -11.81 0.40
N ASN B 992 -25.23 -12.55 -0.25
CA ASN B 992 -25.66 -13.63 -1.11
C ASN B 992 -26.23 -14.78 -0.29
N LEU B 993 -25.76 -14.95 0.93
CA LEU B 993 -26.38 -15.93 1.82
C LEU B 993 -27.74 -15.44 2.29
N ALA B 994 -27.87 -14.14 2.53
CA ALA B 994 -29.16 -13.61 2.96
C ALA B 994 -30.14 -13.56 1.81
N ALA B 995 -29.64 -13.41 0.58
CA ALA B 995 -30.53 -13.39 -0.58
C ALA B 995 -31.09 -14.78 -0.85
N THR B 996 -30.31 -15.82 -0.57
CA THR B 996 -30.84 -17.17 -0.72
C THR B 996 -31.79 -17.51 0.41
N LYS B 997 -31.60 -16.94 1.60
CA LYS B 997 -32.59 -17.10 2.64
C LYS B 997 -33.86 -16.35 2.31
N MET B 998 -33.73 -15.20 1.66
CA MET B 998 -34.90 -14.45 1.24
C MET B 998 -35.67 -15.20 0.18
N SER B 999 -34.96 -15.95 -0.67
CA SER B 999 -35.63 -16.72 -1.70
C SER B 999 -36.25 -17.99 -1.14
N GLU B 1000 -35.62 -18.58 -0.11
CA GLU B 1000 -36.04 -19.92 0.29
C GLU B 1000 -36.76 -19.93 1.63
N CYS B 1001 -36.30 -19.16 2.59
CA CYS B 1001 -36.96 -19.19 3.89
C CYS B 1001 -38.25 -18.36 3.85
N VAL B 1002 -38.32 -17.40 2.94
CA VAL B 1002 -39.44 -16.47 2.89
C VAL B 1002 -40.39 -16.82 1.75
N LEU B 1003 -39.88 -16.79 0.52
CA LEU B 1003 -40.72 -17.00 -0.66
C LEU B 1003 -41.18 -18.44 -0.81
N GLY B 1004 -40.57 -19.36 -0.09
CA GLY B 1004 -41.00 -20.74 -0.09
C GLY B 1004 -40.75 -21.36 1.27
N GLN B 1005 -40.62 -22.68 1.28
CA GLN B 1005 -40.28 -23.43 2.48
C GLN B 1005 -39.07 -24.30 2.16
N SER B 1006 -37.97 -24.04 2.84
CA SER B 1006 -36.77 -24.82 2.59
C SER B 1006 -36.83 -26.15 3.32
N LYS B 1007 -36.72 -27.23 2.55
CA LYS B 1007 -36.72 -28.56 3.12
C LYS B 1007 -35.42 -28.88 3.83
N ARG B 1008 -34.32 -28.25 3.45
CA ARG B 1008 -33.03 -28.63 3.99
C ARG B 1008 -32.84 -28.04 5.38
N VAL B 1009 -32.39 -28.89 6.30
CA VAL B 1009 -32.50 -28.64 7.73
C VAL B 1009 -31.40 -27.71 8.21
N ASP B 1010 -31.78 -26.86 9.18
CA ASP B 1010 -30.91 -25.94 9.90
C ASP B 1010 -30.24 -24.92 8.96
N PHE B 1011 -30.79 -24.73 7.77
CA PHE B 1011 -30.44 -23.59 6.95
C PHE B 1011 -31.28 -22.37 7.24
N CYS B 1012 -32.59 -22.54 7.39
CA CYS B 1012 -33.42 -21.41 7.76
C CYS B 1012 -33.57 -21.33 9.27
N GLY B 1013 -34.20 -22.33 9.86
CA GLY B 1013 -34.48 -22.31 11.28
C GLY B 1013 -33.57 -23.22 12.06
N LYS B 1014 -34.06 -23.67 13.21
CA LYS B 1014 -33.35 -24.65 14.01
C LYS B 1014 -33.98 -26.03 13.88
N GLY B 1015 -35.28 -26.13 14.12
CA GLY B 1015 -36.00 -27.37 13.92
C GLY B 1015 -36.51 -27.50 12.50
N TYR B 1016 -37.62 -28.21 12.35
CA TYR B 1016 -38.31 -28.25 11.07
C TYR B 1016 -38.91 -26.89 10.80
N HIS B 1017 -38.79 -26.44 9.55
CA HIS B 1017 -39.04 -25.05 9.22
C HIS B 1017 -40.40 -24.85 8.56
N LEU B 1018 -41.18 -23.91 9.08
CA LEU B 1018 -42.48 -23.60 8.52
C LEU B 1018 -42.40 -22.44 7.53
N MET B 1019 -42.02 -21.28 8.02
CA MET B 1019 -41.92 -20.08 7.19
C MET B 1019 -41.00 -19.10 7.91
N SER B 1020 -40.80 -17.95 7.28
CA SER B 1020 -39.97 -16.94 7.89
C SER B 1020 -40.52 -15.57 7.53
N PHE B 1021 -40.35 -14.63 8.46
CA PHE B 1021 -40.77 -13.26 8.23
C PHE B 1021 -39.55 -12.37 8.19
N PRO B 1022 -39.22 -11.80 7.04
CA PRO B 1022 -38.07 -10.90 6.99
C PRO B 1022 -38.41 -9.55 7.57
N GLN B 1023 -37.57 -9.09 8.47
CA GLN B 1023 -37.74 -7.78 9.05
C GLN B 1023 -36.56 -6.92 8.66
N ALA B 1024 -36.85 -5.66 8.35
CA ALA B 1024 -35.80 -4.72 8.01
C ALA B 1024 -34.93 -4.45 9.23
N ALA B 1025 -33.68 -4.10 8.96
CA ALA B 1025 -32.74 -3.75 10.00
C ALA B 1025 -31.75 -2.75 9.41
N PRO B 1026 -31.12 -1.91 10.23
CA PRO B 1026 -30.14 -0.96 9.68
C PRO B 1026 -28.89 -1.68 9.20
N HIS B 1027 -28.63 -1.60 7.91
CA HIS B 1027 -27.59 -2.30 7.17
C HIS B 1027 -27.70 -3.81 7.31
N GLY B 1028 -28.91 -4.34 7.47
CA GLY B 1028 -29.04 -5.76 7.62
C GLY B 1028 -30.44 -6.30 7.50
N VAL B 1029 -30.59 -7.61 7.62
CA VAL B 1029 -31.89 -8.27 7.59
C VAL B 1029 -31.99 -9.14 8.83
N VAL B 1030 -33.10 -9.02 9.55
CA VAL B 1030 -33.43 -9.94 10.61
C VAL B 1030 -34.59 -10.79 10.15
N PHE B 1031 -34.34 -12.09 10.02
CA PHE B 1031 -35.40 -13.04 9.69
C PHE B 1031 -36.04 -13.52 10.97
N LEU B 1032 -37.28 -13.98 10.86
CA LEU B 1032 -37.98 -14.57 11.99
C LEU B 1032 -38.43 -15.97 11.60
N HIS B 1033 -37.55 -16.94 11.80
CA HIS B 1033 -37.75 -18.28 11.29
C HIS B 1033 -38.75 -19.04 12.14
N VAL B 1034 -39.97 -19.18 11.64
CA VAL B 1034 -41.01 -19.94 12.31
C VAL B 1034 -40.71 -21.42 12.18
N THR B 1035 -40.39 -22.07 13.30
CA THR B 1035 -39.94 -23.45 13.27
C THR B 1035 -40.95 -24.35 13.95
N TYR B 1036 -40.76 -25.66 13.78
CA TYR B 1036 -41.69 -26.63 14.34
C TYR B 1036 -41.23 -27.14 15.70
N VAL B 1037 -40.08 -27.82 15.75
CA VAL B 1037 -39.41 -28.31 16.96
C VAL B 1037 -40.34 -29.18 17.81
N PRO B 1038 -40.56 -30.43 17.45
CA PRO B 1038 -41.46 -31.29 18.23
C PRO B 1038 -40.87 -31.64 19.59
N SER B 1039 -41.74 -31.73 20.60
CA SER B 1039 -41.26 -31.68 21.97
C SER B 1039 -41.49 -32.94 22.80
N GLN B 1040 -42.73 -33.35 22.97
CA GLN B 1040 -43.08 -34.32 24.00
C GLN B 1040 -42.99 -35.74 23.46
N GLU B 1041 -41.88 -36.41 23.73
CA GLU B 1041 -41.57 -37.70 23.15
C GLU B 1041 -42.11 -38.82 24.03
N ARG B 1042 -42.29 -40.00 23.42
CA ARG B 1042 -42.83 -41.17 24.09
C ARG B 1042 -42.00 -42.39 23.71
N ASN B 1043 -41.50 -43.11 24.71
CA ASN B 1043 -40.76 -44.33 24.44
C ASN B 1043 -41.71 -45.42 23.97
N PHE B 1044 -41.83 -45.58 22.66
CA PHE B 1044 -42.66 -46.61 22.08
C PHE B 1044 -41.80 -47.75 21.56
N THR B 1045 -42.44 -48.70 20.88
CA THR B 1045 -41.78 -49.92 20.44
C THR B 1045 -42.33 -50.33 19.08
N THR B 1046 -41.42 -50.64 18.14
CA THR B 1046 -41.86 -50.95 16.80
C THR B 1046 -40.97 -52.00 16.15
N ALA B 1047 -41.43 -52.51 15.02
CA ALA B 1047 -40.71 -53.44 14.16
C ALA B 1047 -41.40 -53.45 12.80
N PRO B 1048 -40.66 -53.74 11.73
CA PRO B 1048 -41.32 -53.89 10.43
C PRO B 1048 -41.89 -55.27 10.19
N ALA B 1049 -41.35 -56.30 10.85
CA ALA B 1049 -41.80 -57.68 10.69
C ALA B 1049 -43.13 -57.88 11.40
N ILE B 1050 -44.21 -57.49 10.74
CA ILE B 1050 -45.52 -57.44 11.38
C ILE B 1050 -46.12 -58.84 11.52
N CYS B 1051 -47.16 -58.93 12.33
CA CYS B 1051 -47.84 -60.19 12.65
C CYS B 1051 -49.02 -60.37 11.69
N HIS B 1052 -48.77 -61.07 10.59
CA HIS B 1052 -49.82 -61.43 9.65
C HIS B 1052 -49.41 -62.71 8.93
N GLU B 1053 -50.41 -63.51 8.55
CA GLU B 1053 -50.17 -64.83 7.98
C GLU B 1053 -49.50 -64.74 6.62
N GLY B 1054 -49.89 -63.76 5.81
CA GLY B 1054 -49.22 -63.49 4.56
C GLY B 1054 -47.82 -62.93 4.76
N LYS B 1055 -47.07 -62.76 3.68
CA LYS B 1055 -45.74 -62.17 3.74
C LYS B 1055 -45.84 -60.73 4.22
N ALA B 1056 -44.91 -60.34 5.10
CA ALA B 1056 -45.06 -59.18 5.95
C ALA B 1056 -45.06 -57.89 5.14
N TYR B 1057 -45.55 -56.83 5.76
CA TYR B 1057 -45.80 -55.58 5.07
C TYR B 1057 -44.85 -54.49 5.55
N PHE B 1058 -44.77 -53.43 4.77
CA PHE B 1058 -43.93 -52.29 5.03
C PHE B 1058 -44.76 -51.04 4.76
N PRO B 1059 -44.61 -49.99 5.56
CA PRO B 1059 -45.59 -48.91 5.51
C PRO B 1059 -45.25 -47.85 4.47
N ARG B 1060 -46.26 -47.11 4.04
CA ARG B 1060 -46.03 -45.92 3.26
C ARG B 1060 -46.10 -44.72 4.20
N GLU B 1061 -44.92 -44.20 4.57
CA GLU B 1061 -44.73 -43.16 5.58
C GLU B 1061 -45.32 -43.62 6.91
N GLY B 1062 -44.70 -44.64 7.48
CA GLY B 1062 -45.15 -45.15 8.76
C GLY B 1062 -43.99 -45.77 9.51
N VAL B 1063 -44.29 -46.22 10.72
CA VAL B 1063 -43.27 -46.75 11.60
C VAL B 1063 -43.68 -48.09 12.18
N PHE B 1064 -44.95 -48.47 11.99
CA PHE B 1064 -45.64 -49.55 12.68
C PHE B 1064 -45.50 -49.43 14.20
N VAL B 1065 -46.08 -48.37 14.76
CA VAL B 1065 -45.94 -48.14 16.19
C VAL B 1065 -46.87 -49.09 16.94
N PHE B 1066 -46.51 -49.37 18.20
CA PHE B 1066 -47.30 -50.25 19.05
C PHE B 1066 -47.46 -49.62 20.43
N ASN B 1067 -48.65 -49.09 20.71
CA ASN B 1067 -48.99 -48.71 22.08
C ASN B 1067 -49.55 -49.92 22.81
N GLY B 1068 -50.21 -49.68 23.94
CA GLY B 1068 -50.77 -50.77 24.71
C GLY B 1068 -51.82 -51.60 24.00
N THR B 1069 -51.40 -52.81 23.63
CA THR B 1069 -52.24 -53.88 23.07
C THR B 1069 -52.96 -53.41 21.80
N SER B 1070 -52.24 -52.67 20.95
CA SER B 1070 -52.77 -52.19 19.68
C SER B 1070 -51.63 -51.74 18.78
N TRP B 1071 -51.64 -52.21 17.54
CA TRP B 1071 -50.70 -51.75 16.53
C TRP B 1071 -51.29 -50.61 15.73
N PHE B 1072 -50.44 -49.64 15.42
CA PHE B 1072 -50.83 -48.52 14.58
C PHE B 1072 -49.69 -48.18 13.65
N ILE B 1073 -49.93 -47.22 12.76
CA ILE B 1073 -48.87 -46.52 12.07
C ILE B 1073 -49.06 -45.03 12.30
N THR B 1074 -47.94 -44.33 12.45
CA THR B 1074 -47.98 -42.88 12.60
C THR B 1074 -47.04 -42.25 11.60
N GLN B 1075 -47.24 -40.97 11.36
CA GLN B 1075 -46.20 -40.14 10.80
C GLN B 1075 -45.04 -40.08 11.78
N ARG B 1076 -43.82 -40.00 11.25
CA ARG B 1076 -42.62 -40.21 12.06
C ARG B 1076 -42.41 -39.11 13.11
N ASN B 1077 -42.99 -37.94 12.94
CA ASN B 1077 -42.73 -36.82 13.84
C ASN B 1077 -43.99 -36.35 14.55
N PHE B 1078 -45.00 -37.21 14.65
CA PHE B 1078 -46.20 -36.91 15.41
C PHE B 1078 -46.94 -38.22 15.66
N PHE B 1079 -47.32 -38.44 16.92
CA PHE B 1079 -48.11 -39.62 17.26
C PHE B 1079 -49.54 -39.39 16.80
N SER B 1080 -49.81 -39.78 15.56
CA SER B 1080 -51.16 -39.81 15.01
C SER B 1080 -51.49 -41.26 14.68
N PRO B 1081 -52.02 -41.99 15.66
CA PRO B 1081 -52.18 -43.45 15.48
C PRO B 1081 -53.30 -43.79 14.50
N GLN B 1082 -52.90 -44.28 13.33
CA GLN B 1082 -53.84 -44.72 12.32
C GLN B 1082 -53.94 -46.23 12.34
N ILE B 1083 -55.13 -46.73 12.02
CA ILE B 1083 -55.39 -48.15 11.95
C ILE B 1083 -54.56 -48.73 10.79
N ILE B 1084 -53.74 -49.73 11.10
CA ILE B 1084 -52.94 -50.40 10.09
C ILE B 1084 -53.84 -51.11 9.09
N THR B 1085 -53.85 -50.61 7.85
CA THR B 1085 -54.78 -51.07 6.83
C THR B 1085 -54.02 -51.35 5.55
N THR B 1086 -54.78 -51.52 4.47
CA THR B 1086 -54.20 -51.85 3.17
C THR B 1086 -53.54 -50.63 2.55
N ASP B 1087 -54.20 -49.47 2.64
CA ASP B 1087 -53.69 -48.25 2.01
C ASP B 1087 -52.43 -47.72 2.68
N ASN B 1088 -52.16 -48.12 3.91
CA ASN B 1088 -50.96 -47.67 4.58
C ASN B 1088 -49.74 -48.49 4.19
N THR B 1089 -49.93 -49.75 3.84
CA THR B 1089 -48.81 -50.67 3.67
C THR B 1089 -48.74 -51.18 2.25
N PHE B 1090 -47.74 -52.03 1.99
CA PHE B 1090 -47.59 -52.74 0.73
C PHE B 1090 -46.71 -53.96 1.00
N VAL B 1091 -46.50 -54.78 -0.02
CA VAL B 1091 -45.66 -55.97 0.14
C VAL B 1091 -44.21 -55.66 -0.24
N ARG C 5 67.01 -22.59 -9.87
CA ARG C 5 67.29 -21.68 -10.96
C ARG C 5 66.47 -22.05 -12.20
N CYS C 6 66.70 -21.33 -13.29
CA CYS C 6 65.95 -21.54 -14.53
C CYS C 6 66.45 -22.79 -15.22
N THR C 7 65.97 -23.95 -14.77
CA THR C 7 66.40 -25.25 -15.30
C THR C 7 65.19 -25.92 -15.95
N THR C 8 65.08 -25.76 -17.27
CA THR C 8 64.07 -26.48 -18.03
C THR C 8 64.55 -27.91 -18.26
N PHE C 9 63.70 -28.88 -17.95
CA PHE C 9 64.06 -30.27 -18.17
C PHE C 9 63.97 -30.61 -19.66
N ASP C 10 64.57 -31.74 -20.03
CA ASP C 10 64.71 -32.08 -21.45
C ASP C 10 63.40 -32.60 -22.04
N ASP C 11 62.89 -33.71 -21.51
CA ASP C 11 61.73 -34.38 -22.09
C ASP C 11 60.45 -33.90 -21.39
N VAL C 12 60.18 -32.60 -21.54
CA VAL C 12 58.95 -32.01 -21.02
C VAL C 12 57.87 -32.26 -22.07
N GLN C 13 56.93 -33.15 -21.77
CA GLN C 13 55.89 -33.54 -22.70
C GLN C 13 54.53 -33.09 -22.19
N ALA C 14 53.75 -32.46 -23.06
CA ALA C 14 52.42 -31.99 -22.74
C ALA C 14 51.39 -33.10 -22.89
N PRO C 15 50.37 -33.14 -22.03
CA PRO C 15 49.33 -34.16 -22.14
C PRO C 15 48.33 -33.83 -23.25
N ASN C 16 47.29 -34.66 -23.35
CA ASN C 16 46.29 -34.56 -24.40
C ASN C 16 45.02 -33.82 -23.96
N TYR C 17 45.11 -33.01 -22.90
CA TYR C 17 44.01 -32.26 -22.30
C TYR C 17 42.84 -33.16 -21.93
N THR C 18 43.06 -34.09 -21.01
CA THR C 18 42.03 -35.07 -20.64
C THR C 18 41.03 -34.43 -19.68
N GLN C 19 39.78 -34.34 -20.12
CA GLN C 19 38.71 -33.78 -19.32
C GLN C 19 38.12 -34.87 -18.44
N HIS C 20 37.45 -34.45 -17.37
CA HIS C 20 36.79 -35.36 -16.46
C HIS C 20 35.49 -34.73 -15.96
N THR C 21 34.78 -35.46 -15.13
CA THR C 21 33.50 -35.03 -14.59
C THR C 21 33.61 -34.94 -13.07
N SER C 22 33.41 -33.73 -12.54
CA SER C 22 33.45 -33.56 -11.09
C SER C 22 32.17 -34.09 -10.45
N SER C 23 31.04 -33.48 -10.81
CA SER C 23 29.66 -33.92 -10.61
C SER C 23 29.14 -33.85 -9.17
N MET C 24 30.03 -33.84 -8.18
CA MET C 24 29.85 -33.32 -6.83
C MET C 24 31.21 -32.93 -6.27
N ARG C 25 31.65 -31.72 -6.56
CA ARG C 25 32.94 -31.22 -6.07
C ARG C 25 32.81 -29.72 -5.80
N GLY C 26 33.89 -29.16 -5.25
CA GLY C 26 33.98 -27.72 -5.08
C GLY C 26 33.01 -27.15 -4.07
N VAL C 27 32.60 -27.98 -3.12
CA VAL C 27 31.66 -27.56 -2.09
C VAL C 27 32.44 -27.11 -0.88
N TYR C 28 32.14 -25.93 -0.39
CA TYR C 28 32.83 -25.41 0.79
C TYR C 28 31.83 -24.67 1.66
N TYR C 29 32.14 -24.61 2.95
CA TYR C 29 31.41 -23.74 3.85
C TYR C 29 31.66 -22.31 3.40
N PRO C 30 30.63 -21.61 2.90
CA PRO C 30 30.87 -20.36 2.19
C PRO C 30 31.20 -19.18 3.09
N ASP C 31 31.17 -19.38 4.40
CA ASP C 31 31.32 -18.29 5.36
C ASP C 31 31.68 -18.87 6.72
N GLU C 32 31.81 -17.98 7.69
CA GLU C 32 32.15 -18.38 9.06
C GLU C 32 30.91 -18.68 9.89
N ILE C 33 29.83 -19.12 9.25
CA ILE C 33 28.53 -19.22 9.91
C ILE C 33 28.13 -20.68 10.02
N PHE C 34 27.79 -21.08 11.24
CA PHE C 34 27.18 -22.39 11.49
C PHE C 34 25.71 -22.29 11.13
N ARG C 35 25.28 -23.09 10.16
CA ARG C 35 23.87 -23.17 9.81
C ARG C 35 23.43 -24.61 9.99
N SER C 36 22.32 -24.81 10.69
CA SER C 36 21.89 -26.15 11.04
C SER C 36 20.48 -26.41 10.53
N ASP C 37 20.33 -27.54 9.83
CA ASP C 37 19.09 -28.10 9.31
C ASP C 37 18.37 -27.09 8.43
N THR C 38 19.00 -26.60 7.39
CA THR C 38 18.35 -25.67 6.48
C THR C 38 18.78 -25.97 5.05
N LEU C 39 18.24 -25.21 4.12
CA LEU C 39 18.59 -25.32 2.70
C LEU C 39 18.97 -23.92 2.22
N TYR C 40 20.21 -23.55 2.42
CA TYR C 40 20.62 -22.16 2.27
C TYR C 40 21.12 -21.91 0.85
N LEU C 41 20.87 -20.69 0.36
CA LEU C 41 21.26 -20.30 -0.98
C LEU C 41 22.47 -19.38 -0.93
N THR C 42 23.40 -19.61 -1.85
CA THR C 42 24.64 -18.83 -1.95
C THR C 42 24.93 -18.53 -3.40
N GLN C 43 25.10 -17.24 -3.73
CA GLN C 43 25.62 -16.87 -5.04
C GLN C 43 27.06 -16.43 -4.83
N ASP C 44 27.97 -17.38 -5.04
CA ASP C 44 29.39 -17.13 -4.85
C ASP C 44 30.15 -17.95 -5.89
N LEU C 45 31.48 -17.88 -5.84
CA LEU C 45 32.32 -18.61 -6.77
C LEU C 45 32.34 -20.09 -6.37
N PHE C 46 31.59 -20.91 -7.10
CA PHE C 46 31.58 -22.34 -6.85
C PHE C 46 32.04 -23.10 -8.08
N LEU C 47 32.42 -24.35 -7.86
CA LEU C 47 32.67 -25.25 -8.96
C LEU C 47 31.36 -25.85 -9.43
N PRO C 48 30.95 -25.62 -10.67
CA PRO C 48 29.67 -26.17 -11.13
C PRO C 48 29.73 -27.68 -11.24
N PHE C 49 28.58 -28.31 -11.03
CA PHE C 49 28.47 -29.76 -11.16
C PHE C 49 28.66 -30.15 -12.60
N TYR C 50 29.32 -31.30 -12.81
CA TYR C 50 29.63 -31.88 -14.11
C TYR C 50 30.42 -30.91 -14.98
N SER C 51 31.49 -30.37 -14.42
CA SER C 51 32.31 -29.40 -15.14
C SER C 51 33.44 -30.11 -15.86
N ASN C 52 33.93 -29.48 -16.93
CA ASN C 52 35.06 -30.00 -17.67
C ASN C 52 36.33 -29.79 -16.86
N VAL C 53 36.64 -30.73 -15.98
CA VAL C 53 37.79 -30.62 -15.09
C VAL C 53 39.01 -31.15 -15.82
N THR C 54 40.03 -30.32 -15.94
CA THR C 54 41.21 -30.65 -16.75
C THR C 54 42.13 -31.53 -15.91
N GLY C 55 42.29 -32.78 -16.35
CA GLY C 55 43.19 -33.69 -15.67
C GLY C 55 44.62 -33.57 -16.12
N PHE C 56 45.54 -33.87 -15.20
CA PHE C 56 46.98 -33.82 -15.49
C PHE C 56 47.63 -35.08 -14.94
N HIS C 57 47.75 -36.08 -15.79
CA HIS C 57 48.27 -37.39 -15.40
C HIS C 57 49.78 -37.42 -15.65
N THR C 58 50.54 -37.52 -14.58
CA THR C 58 51.99 -37.64 -14.70
C THR C 58 52.40 -39.11 -14.74
N ILE C 59 53.46 -39.38 -15.50
CA ILE C 59 54.03 -40.72 -15.58
C ILE C 59 55.53 -40.49 -15.73
N ASN C 60 56.32 -41.57 -15.84
CA ASN C 60 57.77 -41.45 -15.96
C ASN C 60 58.22 -40.80 -17.26
N HIS C 61 57.32 -40.65 -18.24
CA HIS C 61 57.60 -39.93 -19.48
C HIS C 61 56.69 -38.71 -19.62
N THR C 62 56.20 -38.17 -18.51
CA THR C 62 55.31 -37.01 -18.57
C THR C 62 55.53 -36.13 -17.35
N PHE C 63 55.82 -34.85 -17.59
CA PHE C 63 56.05 -33.89 -16.51
C PHE C 63 55.03 -32.77 -16.67
N ASP C 64 54.16 -32.60 -15.67
CA ASP C 64 52.99 -31.74 -15.81
C ASP C 64 52.97 -30.67 -14.71
N ASN C 65 53.42 -29.46 -15.04
CA ASN C 65 53.00 -28.26 -14.32
C ASN C 65 53.01 -27.06 -15.27
N PRO C 66 52.02 -26.96 -16.17
CA PRO C 66 52.02 -25.86 -17.14
C PRO C 66 51.51 -24.58 -16.52
N VAL C 67 51.32 -23.57 -17.35
CA VAL C 67 50.83 -22.27 -16.91
C VAL C 67 49.33 -22.23 -17.16
N ILE C 68 48.55 -22.42 -16.10
CA ILE C 68 47.10 -22.46 -16.20
C ILE C 68 46.57 -21.06 -15.88
N PRO C 69 45.63 -20.54 -16.68
CA PRO C 69 44.99 -19.27 -16.30
C PRO C 69 44.16 -19.43 -15.03
N PHE C 70 44.14 -18.37 -14.23
CA PHE C 70 43.43 -18.40 -12.96
C PHE C 70 41.94 -18.17 -13.20
N LYS C 71 41.59 -17.02 -13.76
CA LYS C 71 40.23 -16.67 -14.23
C LYS C 71 39.17 -16.77 -13.14
N ASP C 72 39.27 -15.88 -12.14
CA ASP C 72 38.21 -15.60 -11.17
C ASP C 72 37.90 -16.80 -10.27
N GLY C 73 38.94 -17.48 -9.82
CA GLY C 73 38.77 -18.57 -8.89
C GLY C 73 39.05 -19.93 -9.49
N ILE C 74 39.75 -20.79 -8.75
CA ILE C 74 40.15 -22.11 -9.22
C ILE C 74 39.83 -23.16 -8.16
N TYR C 75 39.71 -24.40 -8.63
CA TYR C 75 39.58 -25.58 -7.80
C TYR C 75 40.77 -26.50 -8.06
N PHE C 76 41.17 -27.24 -7.05
CA PHE C 76 42.36 -28.06 -7.16
C PHE C 76 42.13 -29.37 -6.43
N ALA C 77 42.44 -30.49 -7.09
CA ALA C 77 42.00 -31.79 -6.61
C ALA C 77 43.09 -32.84 -6.73
N ALA C 78 44.28 -32.56 -6.22
CA ALA C 78 45.36 -33.52 -6.28
C ALA C 78 45.07 -34.74 -5.41
N THR C 79 45.32 -35.92 -5.98
CA THR C 79 45.18 -37.19 -5.27
C THR C 79 46.54 -37.54 -4.66
N GLU C 80 46.90 -36.82 -3.61
CA GLU C 80 48.23 -36.94 -3.03
C GLU C 80 48.32 -38.20 -2.16
N LYS C 81 48.49 -39.34 -2.83
CA LYS C 81 48.90 -40.55 -2.12
C LYS C 81 50.39 -40.51 -1.83
N SER C 82 51.14 -39.73 -2.59
CA SER C 82 52.59 -39.69 -2.52
C SER C 82 53.14 -38.38 -2.00
N ASN C 83 52.28 -37.39 -1.78
CA ASN C 83 52.64 -36.02 -1.36
C ASN C 83 53.63 -35.40 -2.34
N VAL C 84 53.17 -35.17 -3.56
CA VAL C 84 54.03 -34.68 -4.62
C VAL C 84 53.99 -33.16 -4.71
N VAL C 85 52.80 -32.59 -4.87
CA VAL C 85 52.66 -31.14 -5.07
C VAL C 85 52.93 -30.43 -3.76
N ARG C 86 53.96 -29.58 -3.74
CA ARG C 86 54.29 -28.79 -2.57
C ARG C 86 53.50 -27.50 -2.53
N GLY C 87 53.58 -26.71 -3.60
CA GLY C 87 52.97 -25.39 -3.61
C GLY C 87 52.56 -24.92 -4.98
N TRP C 88 52.42 -23.60 -5.11
CA TRP C 88 51.94 -22.98 -6.33
C TRP C 88 52.64 -21.64 -6.50
N VAL C 89 52.50 -21.06 -7.68
CA VAL C 89 52.89 -19.68 -7.95
C VAL C 89 51.69 -18.97 -8.54
N PHE C 90 51.17 -17.97 -7.85
CA PHE C 90 50.08 -17.16 -8.35
C PHE C 90 50.64 -15.78 -8.73
N GLY C 91 50.63 -15.47 -10.02
CA GLY C 91 51.14 -14.19 -10.48
C GLY C 91 50.65 -13.91 -11.88
N SER C 92 51.02 -12.74 -12.39
CA SER C 92 50.49 -12.32 -13.69
C SER C 92 51.25 -12.96 -14.84
N THR C 93 52.56 -12.69 -14.94
CA THR C 93 53.30 -13.02 -16.14
C THR C 93 54.40 -14.07 -15.93
N MET C 94 54.56 -14.58 -14.69
CA MET C 94 55.68 -15.42 -14.28
C MET C 94 57.03 -14.77 -14.59
N ASN C 95 57.09 -13.45 -14.40
CA ASN C 95 58.28 -12.67 -14.72
C ASN C 95 58.56 -11.72 -13.57
N ASN C 96 59.63 -10.94 -13.74
CA ASN C 96 60.07 -9.97 -12.74
C ASN C 96 59.05 -8.87 -12.48
N LYS C 97 58.24 -8.51 -13.48
CA LYS C 97 57.23 -7.48 -13.34
C LYS C 97 55.90 -8.03 -12.83
N SER C 98 55.94 -8.81 -11.76
CA SER C 98 54.76 -9.50 -11.25
C SER C 98 54.91 -9.76 -9.76
N GLN C 99 54.02 -9.20 -8.96
CA GLN C 99 53.99 -9.48 -7.53
C GLN C 99 53.43 -10.87 -7.32
N SER C 100 54.28 -11.87 -7.51
CA SER C 100 53.85 -13.26 -7.47
C SER C 100 53.91 -13.78 -6.04
N VAL C 101 52.78 -14.29 -5.56
CA VAL C 101 52.78 -14.97 -4.28
C VAL C 101 53.20 -16.42 -4.52
N ILE C 102 54.06 -16.92 -3.65
CA ILE C 102 54.55 -18.29 -3.75
C ILE C 102 54.19 -18.95 -2.43
N ILE C 103 53.02 -19.57 -2.38
CA ILE C 103 52.63 -20.37 -1.23
C ILE C 103 53.14 -21.78 -1.45
N ILE C 104 53.93 -22.28 -0.51
CA ILE C 104 54.57 -23.58 -0.64
C ILE C 104 54.53 -24.31 0.70
N ASN C 105 55.04 -25.53 0.68
CA ASN C 105 55.45 -26.29 1.86
C ASN C 105 56.81 -26.88 1.52
N ASN C 106 57.80 -26.67 2.38
CA ASN C 106 59.12 -27.27 2.16
C ASN C 106 59.24 -28.57 2.93
N SER C 107 58.11 -29.26 3.11
CA SER C 107 57.85 -30.49 3.86
C SER C 107 58.01 -30.32 5.37
N THR C 108 58.46 -29.16 5.84
CA THR C 108 58.50 -28.85 7.26
C THR C 108 57.63 -27.64 7.55
N ASN C 109 57.87 -26.56 6.81
CA ASN C 109 57.24 -25.27 7.07
C ASN C 109 56.41 -24.86 5.87
N VAL C 110 55.25 -24.25 6.13
CA VAL C 110 54.38 -23.77 5.08
C VAL C 110 54.64 -22.29 4.88
N VAL C 111 55.36 -21.95 3.82
CA VAL C 111 55.85 -20.60 3.59
C VAL C 111 54.93 -19.90 2.59
N ILE C 112 54.50 -18.70 2.96
CA ILE C 112 53.69 -17.85 2.09
C ILE C 112 54.47 -16.60 1.79
N ARG C 113 54.93 -16.47 0.54
CA ARG C 113 55.91 -15.45 0.19
C ARG C 113 55.46 -14.73 -1.08
N ALA C 114 55.25 -13.43 -0.97
CA ALA C 114 54.74 -12.63 -2.08
C ALA C 114 55.67 -11.46 -2.33
N CYS C 115 56.21 -11.39 -3.54
CA CYS C 115 57.18 -10.36 -3.92
C CYS C 115 57.27 -10.36 -5.45
N ASN C 116 58.08 -9.45 -5.97
CA ASN C 116 58.37 -9.42 -7.41
C ASN C 116 59.53 -10.35 -7.70
N PHE C 117 59.20 -11.60 -8.01
CA PHE C 117 60.21 -12.61 -8.26
C PHE C 117 60.56 -12.68 -9.73
N GLU C 118 61.83 -12.96 -10.00
CA GLU C 118 62.24 -13.43 -11.32
C GLU C 118 61.97 -14.93 -11.32
N LEU C 119 60.80 -15.31 -11.82
CA LEU C 119 60.36 -16.70 -11.77
C LEU C 119 61.21 -17.56 -12.68
N CYS C 120 61.56 -18.74 -12.17
CA CYS C 120 62.32 -19.69 -12.96
C CYS C 120 61.45 -20.28 -14.06
N ASP C 121 62.07 -20.61 -15.19
CA ASP C 121 61.32 -21.15 -16.32
C ASP C 121 60.78 -22.54 -16.02
N ASN C 122 61.48 -23.31 -15.17
CA ASN C 122 60.95 -24.57 -14.65
C ASN C 122 61.62 -24.86 -13.32
N PRO C 123 61.14 -24.25 -12.24
CA PRO C 123 61.73 -24.50 -10.92
C PRO C 123 61.31 -25.86 -10.37
N PHE C 124 62.11 -26.37 -9.44
CA PHE C 124 61.90 -27.69 -8.89
C PHE C 124 62.60 -27.80 -7.55
N PHE C 125 62.37 -28.91 -6.87
CA PHE C 125 63.15 -29.30 -5.71
C PHE C 125 64.08 -30.44 -6.11
N ALA C 126 65.35 -30.34 -5.71
CA ALA C 126 66.31 -31.38 -6.03
C ALA C 126 66.08 -32.61 -5.15
N VAL C 127 65.08 -33.41 -5.50
CA VAL C 127 64.64 -34.56 -4.71
C VAL C 127 64.78 -35.81 -5.56
N SER C 128 65.45 -36.83 -5.02
CA SER C 128 65.61 -38.09 -5.73
C SER C 128 64.29 -38.85 -5.77
N LYS C 129 64.23 -39.85 -6.67
CA LYS C 129 62.98 -40.59 -6.85
C LYS C 129 62.74 -41.64 -5.76
N PRO C 130 63.70 -42.56 -5.42
CA PRO C 130 63.35 -43.50 -4.34
C PRO C 130 63.59 -42.95 -2.94
N MET C 131 64.50 -41.97 -2.81
CA MET C 131 64.93 -41.53 -1.49
C MET C 131 63.93 -40.55 -0.89
N GLY C 132 63.76 -39.39 -1.52
CA GLY C 132 62.91 -38.36 -0.98
C GLY C 132 63.61 -37.28 -0.17
N THR C 133 64.91 -37.10 -0.36
CA THR C 133 65.65 -36.10 0.39
C THR C 133 65.60 -34.76 -0.33
N GLN C 134 65.03 -33.75 0.32
CA GLN C 134 65.01 -32.40 -0.21
C GLN C 134 66.32 -31.71 0.13
N THR C 135 67.11 -31.39 -0.89
CA THR C 135 68.39 -30.71 -0.68
C THR C 135 68.29 -29.23 -1.04
N HIS C 136 67.65 -28.92 -2.17
CA HIS C 136 67.55 -27.56 -2.65
C HIS C 136 66.11 -27.08 -2.64
N THR C 137 65.98 -25.75 -2.58
CA THR C 137 64.69 -25.07 -2.56
C THR C 137 64.69 -23.99 -3.66
N MET C 138 65.10 -24.42 -4.86
CA MET C 138 65.35 -23.51 -5.98
C MET C 138 64.04 -22.94 -6.51
N ILE C 139 63.56 -21.91 -5.82
CA ILE C 139 62.34 -21.22 -6.19
C ILE C 139 62.59 -19.75 -6.49
N PHE C 140 63.26 -19.06 -5.57
CA PHE C 140 63.53 -17.64 -5.68
C PHE C 140 65.03 -17.40 -5.74
N ASP C 141 65.45 -16.52 -6.65
CA ASP C 141 66.83 -16.02 -6.69
C ASP C 141 66.86 -14.53 -6.40
N ASN C 142 66.13 -13.73 -7.18
CA ASN C 142 65.93 -12.32 -6.89
C ASN C 142 64.53 -12.11 -6.35
N ALA C 143 64.41 -11.18 -5.41
CA ALA C 143 63.13 -10.84 -4.81
C ALA C 143 63.19 -9.38 -4.39
N PHE C 144 62.70 -8.49 -5.25
CA PHE C 144 62.86 -7.06 -5.07
C PHE C 144 61.50 -6.42 -4.82
N ASN C 145 61.51 -5.40 -3.97
CA ASN C 145 60.32 -4.66 -3.52
C ASN C 145 59.28 -5.60 -2.93
N CYS C 146 59.71 -6.40 -1.95
CA CYS C 146 58.88 -7.42 -1.35
C CYS C 146 57.88 -6.80 -0.40
N THR C 147 56.61 -7.14 -0.57
CA THR C 147 55.57 -6.57 0.26
C THR C 147 55.11 -7.53 1.36
N PHE C 148 54.77 -8.76 1.00
CA PHE C 148 54.13 -9.66 1.93
C PHE C 148 55.04 -10.84 2.24
N GLU C 149 54.98 -11.30 3.50
CA GLU C 149 55.76 -12.44 3.96
C GLU C 149 55.02 -13.06 5.14
N TYR C 150 54.82 -14.37 5.10
CA TYR C 150 54.09 -15.05 6.16
C TYR C 150 54.51 -16.51 6.22
N ILE C 151 54.67 -17.02 7.43
CA ILE C 151 54.94 -18.44 7.65
C ILE C 151 53.91 -18.97 8.63
N SER C 152 53.08 -19.89 8.17
CA SER C 152 52.06 -20.49 9.02
C SER C 152 52.63 -21.66 9.81
N ASP C 153 51.74 -22.48 10.35
CA ASP C 153 52.12 -23.58 11.23
C ASP C 153 52.90 -24.65 10.49
N ALA C 154 53.59 -25.50 11.25
CA ALA C 154 54.54 -26.43 10.68
C ALA C 154 54.13 -27.86 10.96
N PHE C 155 54.58 -28.76 10.09
CA PHE C 155 54.40 -30.20 10.22
C PHE C 155 55.37 -30.89 9.28
N SER C 156 55.90 -32.04 9.71
CA SER C 156 56.82 -32.80 8.88
C SER C 156 56.04 -33.61 7.86
N LEU C 157 56.24 -33.31 6.58
CA LEU C 157 55.49 -33.92 5.51
C LEU C 157 56.31 -35.04 4.85
N ASP C 158 55.62 -36.11 4.45
CA ASP C 158 56.22 -37.20 3.71
C ASP C 158 56.60 -36.73 2.30
N VAL C 159 57.66 -37.29 1.74
CA VAL C 159 58.14 -36.90 0.42
C VAL C 159 58.16 -38.08 -0.56
N SER C 160 58.38 -39.30 -0.06
CA SER C 160 58.78 -40.43 -0.89
C SER C 160 57.64 -40.93 -1.79
N GLU C 161 58.03 -41.70 -2.81
CA GLU C 161 57.09 -42.21 -3.80
C GLU C 161 56.30 -43.38 -3.24
N LYS C 162 55.00 -43.40 -3.51
CA LYS C 162 54.13 -44.53 -3.21
C LYS C 162 53.71 -45.21 -4.51
N SER C 163 52.81 -46.17 -4.39
CA SER C 163 52.30 -46.89 -5.56
C SER C 163 50.89 -47.40 -5.26
N GLY C 164 50.20 -47.82 -6.31
CA GLY C 164 48.86 -48.35 -6.17
C GLY C 164 47.78 -47.37 -6.58
N ASN C 165 46.56 -47.57 -6.06
CA ASN C 165 45.46 -46.67 -6.32
C ASN C 165 45.66 -45.35 -5.59
N PHE C 166 44.92 -44.34 -6.04
CA PHE C 166 44.91 -43.04 -5.38
C PHE C 166 44.27 -43.17 -4.01
N LYS C 167 45.09 -43.07 -2.95
CA LYS C 167 44.62 -43.38 -1.61
C LYS C 167 43.96 -42.17 -0.95
N HIS C 168 44.56 -41.00 -1.11
CA HIS C 168 44.05 -39.80 -0.46
C HIS C 168 43.72 -38.74 -1.49
N LEU C 169 43.13 -37.65 -1.04
CA LEU C 169 42.63 -36.61 -1.93
C LEU C 169 42.66 -35.27 -1.20
N ARG C 170 43.64 -34.44 -1.53
CA ARG C 170 43.67 -33.07 -1.06
C ARG C 170 42.89 -32.19 -2.02
N GLU C 171 41.97 -31.40 -1.48
CA GLU C 171 41.13 -30.53 -2.28
C GLU C 171 41.36 -29.08 -1.89
N PHE C 172 41.42 -28.21 -2.91
CA PHE C 172 41.75 -26.82 -2.65
C PHE C 172 40.90 -25.89 -3.50
N VAL C 173 40.64 -24.71 -2.95
CA VAL C 173 39.86 -23.65 -3.58
C VAL C 173 40.58 -22.33 -3.35
N PHE C 174 40.84 -21.59 -4.43
CA PHE C 174 41.53 -20.32 -4.34
C PHE C 174 40.71 -19.25 -5.04
N LYS C 175 40.43 -18.15 -4.32
CA LYS C 175 39.62 -17.05 -4.84
C LYS C 175 40.33 -15.73 -4.62
N ASN C 176 40.46 -14.94 -5.68
CA ASN C 176 41.04 -13.61 -5.58
C ASN C 176 39.91 -12.60 -5.40
N LYS C 177 39.23 -12.67 -4.25
CA LYS C 177 38.03 -11.87 -3.99
C LYS C 177 38.40 -10.64 -3.17
N ASP C 178 38.56 -9.51 -3.88
CA ASP C 178 38.72 -8.16 -3.32
C ASP C 178 39.93 -8.05 -2.40
N GLY C 179 41.12 -8.23 -2.98
CA GLY C 179 42.34 -8.03 -2.24
C GLY C 179 42.68 -9.14 -1.27
N PHE C 180 42.25 -10.37 -1.55
CA PHE C 180 42.60 -11.51 -0.73
C PHE C 180 42.88 -12.71 -1.63
N LEU C 181 43.31 -13.79 -1.00
CA LEU C 181 43.44 -15.08 -1.67
C LEU C 181 42.87 -16.11 -0.70
N TYR C 182 41.58 -16.39 -0.82
CA TYR C 182 40.89 -17.28 0.09
C TYR C 182 41.32 -18.72 -0.17
N VAL C 183 41.82 -19.38 0.87
CA VAL C 183 42.36 -20.71 0.75
C VAL C 183 41.41 -21.65 1.48
N TYR C 184 40.67 -22.44 0.72
CA TYR C 184 39.72 -23.39 1.28
C TYR C 184 40.26 -24.79 1.07
N LYS C 185 40.02 -25.68 2.03
CA LYS C 185 40.74 -26.94 2.09
C LYS C 185 39.78 -28.06 2.44
N GLY C 186 39.87 -29.16 1.71
CA GLY C 186 39.08 -30.35 1.99
C GLY C 186 39.91 -31.60 1.77
N TYR C 187 39.65 -32.64 2.54
CA TYR C 187 40.50 -33.82 2.57
C TYR C 187 39.66 -35.05 2.86
N GLN C 188 39.82 -36.08 2.03
CA GLN C 188 39.16 -37.35 2.27
C GLN C 188 39.98 -38.46 1.62
N PRO C 189 39.94 -39.66 2.18
CA PRO C 189 40.60 -40.79 1.50
C PRO C 189 39.71 -41.36 0.41
N ILE C 190 40.33 -41.75 -0.70
CA ILE C 190 39.61 -42.23 -1.87
C ILE C 190 40.27 -43.52 -2.36
N ASP C 191 39.73 -44.06 -3.46
CA ASP C 191 40.30 -45.23 -4.12
C ASP C 191 39.89 -45.21 -5.59
N VAL C 192 40.81 -44.80 -6.46
CA VAL C 192 40.54 -44.62 -7.88
C VAL C 192 41.86 -44.74 -8.62
N VAL C 193 41.78 -45.12 -9.90
CA VAL C 193 43.01 -45.34 -10.67
C VAL C 193 43.48 -44.05 -11.32
N ARG C 194 42.71 -43.52 -12.28
CA ARG C 194 43.09 -42.28 -12.92
C ARG C 194 41.89 -41.39 -13.28
N ASP C 195 40.94 -41.25 -12.37
CA ASP C 195 39.78 -40.42 -12.64
C ASP C 195 39.42 -39.66 -11.37
N LEU C 196 38.73 -38.53 -11.52
CA LEU C 196 38.16 -37.87 -10.37
C LEU C 196 36.82 -38.53 -10.04
N PRO C 197 36.71 -39.25 -8.93
CA PRO C 197 35.47 -39.98 -8.64
C PRO C 197 34.36 -39.04 -8.20
N SER C 198 33.13 -39.39 -8.57
CA SER C 198 31.97 -38.61 -8.19
C SER C 198 31.70 -38.82 -6.71
N GLY C 199 32.28 -37.96 -5.88
CA GLY C 199 32.15 -38.10 -4.44
C GLY C 199 32.01 -36.76 -3.77
N PHE C 200 30.99 -36.62 -2.93
CA PHE C 200 30.64 -35.36 -2.31
C PHE C 200 31.61 -35.11 -1.16
N ASN C 201 32.42 -34.07 -1.28
CA ASN C 201 33.31 -33.65 -0.21
C ASN C 201 33.09 -32.16 0.04
N THR C 202 33.40 -31.73 1.27
CA THR C 202 33.18 -30.35 1.64
C THR C 202 34.50 -29.74 2.11
N LEU C 203 34.79 -28.55 1.61
CA LEU C 203 36.04 -27.88 1.93
C LEU C 203 35.84 -26.87 3.05
N LYS C 204 36.94 -26.55 3.73
CA LYS C 204 36.94 -25.76 4.95
C LYS C 204 37.95 -24.63 4.83
N PRO C 205 37.64 -23.46 5.39
CA PRO C 205 38.56 -22.33 5.28
C PRO C 205 39.75 -22.45 6.23
N ILE C 206 40.93 -22.07 5.73
CA ILE C 206 42.13 -22.06 6.56
C ILE C 206 42.90 -20.74 6.47
N PHE C 207 42.72 -19.96 5.41
CA PHE C 207 43.48 -18.72 5.27
C PHE C 207 42.67 -17.61 4.62
N LYS C 208 42.94 -16.38 5.05
CA LYS C 208 42.62 -15.15 4.33
C LYS C 208 43.95 -14.44 4.13
N LEU C 209 44.42 -14.35 2.89
CA LEU C 209 45.75 -13.80 2.72
C LEU C 209 45.69 -12.46 2.00
N PRO C 210 45.95 -11.35 2.68
CA PRO C 210 45.88 -10.03 2.01
C PRO C 210 47.03 -9.79 1.04
N LEU C 211 46.73 -9.88 -0.24
CA LEU C 211 47.73 -9.72 -1.29
C LEU C 211 47.44 -8.54 -2.20
N GLY C 212 46.24 -8.53 -2.79
CA GLY C 212 45.85 -7.47 -3.71
C GLY C 212 46.64 -7.49 -5.00
N ILE C 213 46.83 -8.69 -5.57
CA ILE C 213 47.69 -8.87 -6.72
C ILE C 213 46.87 -9.38 -7.90
N ASN C 214 47.33 -9.07 -9.11
CA ASN C 214 46.62 -9.40 -10.34
C ASN C 214 47.01 -10.82 -10.76
N ILE C 215 46.26 -11.80 -10.26
CA ILE C 215 46.53 -13.21 -10.54
C ILE C 215 45.78 -13.53 -11.82
N THR C 216 46.49 -13.46 -12.95
CA THR C 216 45.89 -13.84 -14.22
C THR C 216 46.12 -15.31 -14.50
N ASN C 217 47.34 -15.77 -14.33
CA ASN C 217 47.72 -17.16 -14.53
C ASN C 217 48.21 -17.75 -13.23
N PHE C 218 48.51 -19.05 -13.26
CA PHE C 218 49.20 -19.69 -12.14
C PHE C 218 49.88 -20.95 -12.65
N ARG C 219 50.62 -21.59 -11.75
CA ARG C 219 51.37 -22.79 -12.04
C ARG C 219 51.58 -23.56 -10.75
N ALA C 220 51.32 -24.87 -10.79
CA ALA C 220 51.58 -25.70 -9.63
C ALA C 220 53.06 -25.97 -9.49
N ILE C 221 53.45 -26.43 -8.31
CA ILE C 221 54.84 -26.79 -8.02
C ILE C 221 54.86 -28.24 -7.57
N LEU C 222 55.43 -29.09 -8.40
CA LEU C 222 55.55 -30.52 -8.10
C LEU C 222 56.75 -30.77 -7.20
N THR C 223 57.03 -32.06 -6.98
CA THR C 223 58.31 -32.51 -6.46
C THR C 223 58.95 -33.34 -7.56
N ALA C 224 59.87 -32.73 -8.29
CA ALA C 224 60.52 -33.38 -9.44
C ALA C 224 61.43 -34.49 -8.93
N PHE C 225 61.01 -35.74 -9.12
CA PHE C 225 61.75 -36.90 -8.65
C PHE C 225 62.99 -37.07 -9.51
N SER C 226 64.10 -36.51 -9.05
CA SER C 226 65.35 -36.59 -9.79
C SER C 226 65.94 -38.01 -9.69
N THR C 231 67.14 -36.04 -16.28
CA THR C 231 67.39 -35.66 -14.90
C THR C 231 66.09 -35.31 -14.19
N TRP C 232 65.05 -36.11 -14.43
CA TRP C 232 63.72 -35.81 -13.90
C TRP C 232 62.95 -37.10 -13.76
N GLY C 233 61.75 -36.98 -13.19
CA GLY C 233 60.86 -38.11 -13.01
C GLY C 233 59.68 -37.68 -12.18
N THR C 234 58.56 -38.38 -12.39
CA THR C 234 57.34 -38.11 -11.66
C THR C 234 56.73 -39.43 -11.18
N SER C 235 55.99 -39.34 -10.08
CA SER C 235 55.15 -40.44 -9.63
C SER C 235 53.75 -40.25 -10.19
N ALA C 236 53.09 -41.37 -10.49
CA ALA C 236 51.74 -41.32 -11.07
C ALA C 236 50.74 -40.96 -9.97
N ALA C 237 50.66 -39.66 -9.69
CA ALA C 237 49.71 -39.09 -8.75
C ALA C 237 49.16 -37.83 -9.41
N ALA C 238 48.04 -37.99 -10.12
CA ALA C 238 47.52 -36.92 -10.95
C ALA C 238 46.83 -35.85 -10.09
N TYR C 239 46.76 -34.65 -10.65
CA TYR C 239 46.03 -33.55 -10.03
C TYR C 239 45.01 -33.04 -11.03
N PHE C 240 44.07 -32.25 -10.53
CA PHE C 240 42.94 -31.79 -11.31
C PHE C 240 42.72 -30.31 -11.05
N VAL C 241 42.24 -29.61 -12.08
CA VAL C 241 41.97 -28.18 -12.00
C VAL C 241 40.54 -27.93 -12.43
N GLY C 242 39.75 -27.33 -11.53
CA GLY C 242 38.41 -26.89 -11.84
C GLY C 242 38.33 -25.37 -11.78
N TYR C 243 37.48 -24.81 -12.62
CA TYR C 243 37.27 -23.36 -12.63
C TYR C 243 36.02 -23.01 -11.83
N LEU C 244 36.18 -22.07 -10.91
CA LEU C 244 35.07 -21.57 -10.15
C LEU C 244 34.30 -20.55 -10.97
N LYS C 245 32.98 -20.58 -10.86
CA LYS C 245 32.12 -19.66 -11.58
C LYS C 245 31.06 -19.12 -10.63
N PRO C 246 30.72 -17.83 -10.74
CA PRO C 246 29.77 -17.23 -9.79
C PRO C 246 28.35 -17.70 -10.08
N THR C 247 27.84 -18.58 -9.23
CA THR C 247 26.58 -19.25 -9.50
C THR C 247 25.79 -19.35 -8.19
N THR C 248 24.49 -19.15 -8.28
CA THR C 248 23.58 -19.48 -7.19
C THR C 248 23.72 -20.97 -6.89
N PHE C 249 23.74 -21.31 -5.61
CA PHE C 249 24.16 -22.66 -5.26
C PHE C 249 23.56 -23.12 -3.94
N MET C 250 22.57 -24.00 -4.00
CA MET C 250 21.90 -24.47 -2.79
C MET C 250 22.78 -25.44 -2.02
N LEU C 251 22.87 -25.24 -0.71
CA LEU C 251 23.55 -26.15 0.20
C LEU C 251 22.54 -26.76 1.15
N LYS C 252 22.64 -28.07 1.36
CA LYS C 252 21.84 -28.73 2.38
C LYS C 252 22.68 -28.91 3.62
N TYR C 253 22.52 -28.00 4.58
CA TYR C 253 23.07 -28.24 5.90
C TYR C 253 22.25 -29.32 6.59
N ASP C 254 22.88 -30.02 7.52
CA ASP C 254 22.21 -31.07 8.26
C ASP C 254 21.80 -30.51 9.62
N GLU C 255 21.04 -31.30 10.37
CA GLU C 255 20.66 -31.00 11.75
C GLU C 255 21.89 -30.80 12.63
N ASN C 256 22.92 -31.63 12.45
CA ASN C 256 24.11 -31.49 13.28
C ASN C 256 24.99 -30.35 12.79
N GLY C 257 24.98 -30.07 11.49
CA GLY C 257 25.72 -28.94 10.97
C GLY C 257 26.72 -29.26 9.87
N THR C 258 26.53 -30.40 9.21
CA THR C 258 27.39 -30.79 8.11
C THR C 258 26.67 -30.57 6.78
N ILE C 259 27.37 -30.00 5.81
CA ILE C 259 26.85 -29.90 4.45
C ILE C 259 26.83 -31.31 3.88
N THR C 260 25.63 -31.87 3.74
CA THR C 260 25.53 -33.26 3.31
C THR C 260 25.21 -33.38 1.83
N ASP C 261 24.56 -32.37 1.25
CA ASP C 261 24.18 -32.42 -0.15
C ASP C 261 24.07 -31.00 -0.67
N ALA C 262 24.07 -30.87 -1.99
CA ALA C 262 24.02 -29.56 -2.61
C ALA C 262 23.36 -29.69 -3.97
N VAL C 263 22.86 -28.56 -4.48
CA VAL C 263 22.28 -28.47 -5.81
C VAL C 263 22.81 -27.22 -6.49
N ASP C 264 23.45 -27.43 -7.65
CA ASP C 264 23.82 -26.31 -8.50
C ASP C 264 22.56 -25.80 -9.18
N CYS C 265 22.40 -24.48 -9.23
CA CYS C 265 21.13 -23.91 -9.66
C CYS C 265 20.92 -24.07 -11.17
N SER C 266 21.89 -23.65 -11.96
CA SER C 266 21.79 -23.71 -13.41
C SER C 266 22.35 -25.00 -13.99
N GLN C 267 22.37 -26.08 -13.22
CA GLN C 267 22.88 -27.35 -13.71
C GLN C 267 21.81 -28.05 -14.54
N ASN C 268 20.68 -28.35 -13.92
CA ASN C 268 19.52 -28.83 -14.65
C ASN C 268 18.35 -27.88 -14.45
N PRO C 269 17.37 -27.91 -15.33
CA PRO C 269 16.11 -27.24 -15.04
C PRO C 269 15.34 -27.92 -13.92
N LEU C 270 15.55 -29.22 -13.78
CA LEU C 270 15.14 -29.91 -12.57
C LEU C 270 15.88 -29.35 -11.36
N ALA C 271 17.18 -29.11 -11.53
CA ALA C 271 17.97 -28.50 -10.46
C ALA C 271 17.64 -27.03 -10.31
N GLU C 272 17.10 -26.40 -11.35
CA GLU C 272 16.62 -25.03 -11.23
C GLU C 272 15.40 -24.97 -10.34
N LEU C 273 14.55 -26.00 -10.40
CA LEU C 273 13.31 -26.04 -9.65
C LEU C 273 13.63 -26.16 -8.17
N LYS C 274 14.64 -26.98 -7.85
CA LYS C 274 15.00 -27.26 -6.46
C LYS C 274 15.45 -26.01 -5.73
N CYS C 275 16.11 -25.11 -6.45
CA CYS C 275 16.49 -23.84 -5.83
C CYS C 275 15.29 -22.91 -5.70
N SER C 276 14.28 -23.10 -6.53
CA SER C 276 13.11 -22.24 -6.48
C SER C 276 12.23 -22.59 -5.29
N VAL C 277 11.77 -23.84 -5.21
CA VAL C 277 10.85 -24.22 -4.14
C VAL C 277 11.57 -24.52 -2.85
N LYS C 278 12.91 -24.55 -2.87
CA LYS C 278 13.77 -24.87 -1.74
C LYS C 278 13.46 -26.24 -1.15
N SER C 279 13.54 -27.26 -2.00
CA SER C 279 13.27 -28.63 -1.58
C SER C 279 14.02 -29.57 -2.50
N PHE C 280 14.21 -30.80 -2.03
CA PHE C 280 14.79 -31.86 -2.83
C PHE C 280 13.76 -32.83 -3.37
N GLU C 281 12.70 -33.07 -2.61
CA GLU C 281 11.63 -33.98 -3.02
C GLU C 281 10.53 -33.16 -3.67
N ILE C 282 10.62 -32.99 -4.98
CA ILE C 282 9.66 -32.19 -5.72
C ILE C 282 8.44 -33.06 -6.02
N ASP C 283 7.26 -32.57 -5.65
CA ASP C 283 6.04 -33.24 -6.01
C ASP C 283 5.76 -33.02 -7.50
N LYS C 284 5.00 -33.94 -8.09
CA LYS C 284 4.60 -33.87 -9.50
C LYS C 284 3.80 -32.60 -9.78
N GLY C 285 4.19 -31.89 -10.85
CA GLY C 285 3.49 -30.66 -11.20
C GLY C 285 4.26 -29.71 -12.12
N ILE C 286 4.13 -28.42 -11.85
CA ILE C 286 4.64 -27.38 -12.74
C ILE C 286 4.91 -26.14 -11.89
N TYR C 287 6.05 -25.50 -12.14
CA TYR C 287 6.57 -24.47 -11.25
C TYR C 287 7.10 -23.33 -12.10
N GLN C 288 7.91 -22.44 -11.53
CA GLN C 288 8.49 -21.33 -12.30
C GLN C 288 9.94 -21.07 -11.89
N THR C 289 10.65 -20.36 -12.78
CA THR C 289 11.89 -19.66 -12.43
C THR C 289 11.98 -18.28 -13.11
N SER C 290 11.15 -18.07 -14.14
CA SER C 290 10.84 -16.76 -14.75
C SER C 290 11.98 -16.01 -15.42
N ASN C 291 13.14 -16.63 -15.61
CA ASN C 291 14.28 -15.92 -16.23
C ASN C 291 14.26 -16.08 -17.74
N PHE C 292 14.82 -15.07 -18.43
CA PHE C 292 14.87 -15.06 -19.90
C PHE C 292 15.81 -14.08 -20.60
N ARG C 293 16.32 -14.56 -21.74
CA ARG C 293 16.55 -13.75 -22.96
C ARG C 293 17.57 -12.60 -22.90
N VAL C 294 18.85 -12.99 -22.92
CA VAL C 294 19.96 -12.04 -22.94
C VAL C 294 20.13 -11.50 -24.36
N VAL C 295 20.97 -10.48 -24.52
CA VAL C 295 21.01 -9.62 -25.69
C VAL C 295 22.35 -9.80 -26.40
N PRO C 296 22.37 -10.32 -27.64
CA PRO C 296 23.65 -10.43 -28.37
C PRO C 296 24.29 -9.13 -28.82
N SER C 297 23.57 -8.29 -29.55
CA SER C 297 24.19 -7.27 -30.38
C SER C 297 23.90 -5.85 -29.88
N GLY C 298 24.59 -4.88 -30.48
CA GLY C 298 24.36 -3.48 -30.17
C GLY C 298 24.49 -2.53 -31.35
N ASP C 299 23.45 -1.76 -31.63
CA ASP C 299 23.50 -0.72 -32.65
C ASP C 299 23.52 0.67 -32.01
N VAL C 300 24.58 1.41 -32.28
CA VAL C 300 24.77 2.71 -31.65
C VAL C 300 24.66 3.81 -32.68
N VAL C 301 23.83 3.58 -33.70
CA VAL C 301 23.72 4.49 -34.84
C VAL C 301 23.05 5.80 -34.41
N ARG C 302 23.71 6.91 -34.73
CA ARG C 302 23.20 8.23 -34.46
C ARG C 302 23.38 9.11 -35.70
N PHE C 303 23.11 10.40 -35.55
CA PHE C 303 22.75 11.28 -36.66
C PHE C 303 23.84 11.60 -37.69
N PRO C 304 24.94 12.30 -37.34
CA PRO C 304 25.57 13.21 -38.31
C PRO C 304 26.29 12.55 -39.47
N ASN C 305 26.02 13.06 -40.67
CA ASN C 305 26.85 12.73 -41.82
C ASN C 305 27.88 13.82 -42.07
N ILE C 306 27.56 15.06 -41.63
CA ILE C 306 28.44 16.21 -41.78
C ILE C 306 29.61 16.09 -40.82
N THR C 307 29.30 15.85 -39.54
CA THR C 307 30.23 15.62 -38.44
C THR C 307 31.22 16.77 -38.26
N ASN C 308 30.72 17.94 -37.86
CA ASN C 308 31.59 19.01 -37.39
C ASN C 308 32.04 18.70 -35.97
N LEU C 309 32.87 19.56 -35.37
CA LEU C 309 33.35 19.22 -34.04
C LEU C 309 33.67 20.49 -33.26
N CYS C 310 33.58 20.36 -31.93
CA CYS C 310 33.96 21.32 -30.91
C CYS C 310 33.37 22.72 -31.10
N PRO C 311 32.08 22.91 -30.86
CA PRO C 311 31.49 24.25 -31.05
C PRO C 311 31.84 25.22 -29.94
N PHE C 312 31.94 24.73 -28.70
CA PHE C 312 32.05 25.57 -27.52
C PHE C 312 33.48 25.93 -27.18
N GLY C 313 34.44 25.59 -28.04
CA GLY C 313 35.76 26.18 -27.91
C GLY C 313 35.75 27.66 -28.23
N GLU C 314 34.82 28.10 -29.07
CA GLU C 314 34.60 29.51 -29.33
C GLU C 314 33.64 30.15 -28.33
N VAL C 315 33.47 29.54 -27.15
CA VAL C 315 32.68 30.14 -26.09
C VAL C 315 33.56 30.34 -24.87
N PHE C 316 34.09 29.24 -24.34
CA PHE C 316 34.85 29.27 -23.10
C PHE C 316 36.21 29.92 -23.28
N ASN C 317 36.89 29.59 -24.38
CA ASN C 317 38.15 30.25 -24.69
C ASN C 317 37.93 31.57 -25.42
N ALA C 318 36.69 31.93 -25.71
CA ALA C 318 36.40 33.25 -26.27
C ALA C 318 36.47 34.31 -25.18
N THR C 319 36.73 35.54 -25.60
CA THR C 319 37.06 36.61 -24.67
C THR C 319 35.85 37.29 -24.05
N LYS C 320 35.01 37.89 -24.89
CA LYS C 320 33.98 38.82 -24.40
C LYS C 320 32.78 38.06 -23.86
N PHE C 321 32.54 38.18 -22.57
CA PHE C 321 31.28 37.77 -21.97
C PHE C 321 30.52 39.00 -21.50
N PRO C 322 29.27 39.18 -21.91
CA PRO C 322 28.51 40.35 -21.48
C PRO C 322 28.04 40.28 -20.03
N SER C 323 27.21 41.24 -19.64
CA SER C 323 26.78 41.38 -18.25
C SER C 323 25.77 40.30 -17.87
N VAL C 324 25.25 40.42 -16.65
CA VAL C 324 24.30 39.45 -16.10
C VAL C 324 23.01 39.44 -16.91
N TYR C 325 22.35 40.59 -16.97
CA TYR C 325 21.07 40.70 -17.65
C TYR C 325 21.21 40.66 -19.16
N ALA C 326 22.37 41.06 -19.69
CA ALA C 326 22.56 41.14 -21.12
C ALA C 326 23.24 39.89 -21.67
N TRP C 327 22.93 38.75 -21.06
CA TRP C 327 23.53 37.46 -21.40
C TRP C 327 23.19 37.04 -22.82
N GLU C 328 24.16 36.44 -23.50
CA GLU C 328 23.99 35.99 -24.87
C GLU C 328 23.60 34.52 -24.87
N ARG C 329 22.61 34.18 -25.69
CA ARG C 329 22.27 32.80 -25.96
C ARG C 329 22.83 32.41 -27.32
N LYS C 330 23.63 31.34 -27.35
CA LYS C 330 24.28 30.90 -28.57
C LYS C 330 23.75 29.54 -28.98
N LYS C 331 23.22 29.46 -30.19
CA LYS C 331 22.70 28.22 -30.72
C LYS C 331 23.81 27.43 -31.41
N ILE C 332 23.82 26.12 -31.19
CA ILE C 332 24.84 25.23 -31.74
C ILE C 332 24.15 24.24 -32.66
N SER C 333 24.61 24.15 -33.91
CA SER C 333 23.99 23.33 -34.92
C SER C 333 25.01 22.39 -35.56
N ASN C 334 24.66 21.10 -35.59
CA ASN C 334 25.35 20.01 -36.28
C ASN C 334 26.80 19.86 -35.86
N CYS C 335 27.10 20.11 -34.59
CA CYS C 335 28.46 20.02 -34.09
C CYS C 335 28.55 18.89 -33.08
N VAL C 336 29.36 17.89 -33.39
CA VAL C 336 29.62 16.80 -32.47
C VAL C 336 30.49 17.31 -31.33
N ALA C 337 29.88 17.52 -30.17
CA ALA C 337 30.58 18.07 -29.03
C ALA C 337 31.30 16.97 -28.27
N ASP C 338 32.39 17.32 -27.62
CA ASP C 338 33.17 16.39 -26.79
C ASP C 338 33.30 16.99 -25.40
N TYR C 339 32.36 16.62 -24.53
CA TYR C 339 32.36 17.13 -23.17
C TYR C 339 33.45 16.50 -22.32
N SER C 340 33.95 15.34 -22.74
CA SER C 340 35.04 14.68 -22.03
C SER C 340 36.31 15.51 -22.09
N VAL C 341 36.52 16.23 -23.19
CA VAL C 341 37.61 17.19 -23.27
C VAL C 341 37.34 18.36 -22.32
N LEU C 342 36.08 18.76 -22.21
CA LEU C 342 35.71 19.87 -21.34
C LEU C 342 35.81 19.49 -19.87
N TYR C 343 35.48 18.23 -19.55
CA TYR C 343 35.27 17.88 -18.15
C TYR C 343 36.56 17.59 -17.41
N ASN C 344 37.45 16.78 -18.00
CA ASN C 344 38.63 16.33 -17.27
C ASN C 344 39.65 17.44 -17.08
N SER C 345 39.63 18.45 -17.94
CA SER C 345 40.45 19.63 -17.75
C SER C 345 39.77 20.53 -16.72
N THR C 346 40.39 20.66 -15.55
CA THR C 346 39.81 21.39 -14.43
C THR C 346 40.06 22.87 -14.66
N PHE C 347 39.09 23.55 -15.28
CA PHE C 347 39.13 24.99 -15.44
C PHE C 347 38.12 25.70 -14.56
N PHE C 348 37.11 24.98 -14.05
CA PHE C 348 35.89 25.58 -13.55
C PHE C 348 35.82 25.49 -12.04
N SER C 349 35.32 26.57 -11.42
CA SER C 349 35.09 26.56 -9.98
C SER C 349 33.83 25.77 -9.65
N THR C 350 32.69 26.20 -10.17
CA THR C 350 31.39 25.58 -9.89
C THR C 350 30.97 24.79 -11.12
N PHE C 351 30.75 23.49 -10.94
CA PHE C 351 30.30 22.61 -12.01
C PHE C 351 29.07 21.85 -11.54
N LYS C 352 28.08 22.59 -11.05
CA LYS C 352 26.84 21.98 -10.56
C LYS C 352 26.08 21.44 -11.76
N CYS C 353 26.44 20.22 -12.15
CA CYS C 353 25.92 19.58 -13.35
C CYS C 353 24.51 19.10 -13.05
N TYR C 354 23.56 20.00 -13.25
CA TYR C 354 22.16 19.73 -12.93
C TYR C 354 21.52 18.93 -14.05
N GLY C 355 20.50 18.15 -13.71
CA GLY C 355 19.72 17.42 -14.71
C GLY C 355 20.37 16.18 -15.31
N VAL C 356 21.60 16.33 -15.81
CA VAL C 356 22.37 15.21 -16.33
C VAL C 356 23.65 15.12 -15.51
N SER C 357 24.50 14.16 -15.87
CA SER C 357 25.80 14.03 -15.22
C SER C 357 26.88 13.97 -16.28
N ALA C 358 28.06 14.47 -15.92
CA ALA C 358 29.11 14.76 -16.89
C ALA C 358 29.70 13.50 -17.50
N THR C 359 29.74 12.41 -16.73
CA THR C 359 30.30 11.16 -17.22
C THR C 359 29.44 10.58 -18.34
N LYS C 360 28.12 10.64 -18.17
CA LYS C 360 27.22 10.16 -19.20
C LYS C 360 26.82 11.26 -20.17
N LEU C 361 27.33 12.47 -19.98
CA LEU C 361 27.00 13.57 -20.87
C LEU C 361 27.70 13.42 -22.22
N ASN C 362 28.81 12.70 -22.24
CA ASN C 362 29.58 12.49 -23.46
C ASN C 362 28.86 11.61 -24.46
N ASP C 363 27.99 10.71 -23.97
CA ASP C 363 27.42 9.68 -24.84
C ASP C 363 26.19 10.14 -25.59
N LEU C 364 25.24 10.77 -24.90
CA LEU C 364 23.91 10.98 -25.48
C LEU C 364 23.91 12.13 -26.47
N CYS C 365 22.79 12.27 -27.17
CA CYS C 365 22.60 13.27 -28.22
C CYS C 365 21.59 14.31 -27.75
N PHE C 366 21.50 15.41 -28.49
CA PHE C 366 20.59 16.49 -28.17
C PHE C 366 20.03 17.10 -29.46
N SER C 367 19.23 18.14 -29.29
CA SER C 367 18.60 18.82 -30.42
C SER C 367 18.96 20.29 -30.51
N ASN C 368 19.35 20.89 -29.39
CA ASN C 368 20.00 22.20 -29.29
C ASN C 368 20.66 22.33 -27.93
N VAL C 369 21.85 22.90 -27.89
CA VAL C 369 22.39 23.40 -26.64
C VAL C 369 22.49 24.91 -26.76
N TYR C 370 22.44 25.58 -25.61
CA TYR C 370 22.49 27.03 -25.59
C TYR C 370 23.40 27.48 -24.46
N ALA C 371 24.60 27.91 -24.82
CA ALA C 371 25.51 28.51 -23.87
C ALA C 371 24.98 29.89 -23.49
N ASP C 372 24.40 30.00 -22.30
CA ASP C 372 23.97 31.28 -21.78
C ASP C 372 25.09 31.80 -20.89
N SER C 373 25.77 32.84 -21.34
CA SER C 373 27.00 33.29 -20.70
C SER C 373 26.84 34.69 -20.14
N PHE C 374 27.36 34.87 -18.92
CA PHE C 374 27.21 36.10 -18.15
C PHE C 374 28.19 36.03 -16.98
N VAL C 375 28.54 37.19 -16.45
CA VAL C 375 29.55 37.28 -15.39
C VAL C 375 28.93 37.95 -14.18
N VAL C 376 29.01 37.27 -13.03
CA VAL C 376 28.37 37.74 -11.81
C VAL C 376 29.40 37.99 -10.73
N LYS C 377 28.98 38.77 -9.74
CA LYS C 377 29.68 38.85 -8.46
C LYS C 377 29.66 37.48 -7.80
N GLY C 378 30.75 37.15 -7.09
CA GLY C 378 31.00 35.80 -6.59
C GLY C 378 29.99 35.28 -5.58
N ASP C 379 29.19 36.15 -4.95
CA ASP C 379 28.21 35.69 -3.99
C ASP C 379 27.00 35.07 -4.69
N ASP C 380 26.84 35.33 -5.99
CA ASP C 380 25.71 34.83 -6.75
C ASP C 380 26.06 33.64 -7.62
N VAL C 381 27.28 33.09 -7.47
CA VAL C 381 27.67 31.91 -8.24
C VAL C 381 26.89 30.70 -7.78
N ARG C 382 26.75 30.54 -6.45
CA ARG C 382 25.92 29.48 -5.90
C ARG C 382 24.45 29.72 -6.20
N GLN C 383 24.07 30.97 -6.42
CA GLN C 383 22.68 31.35 -6.55
C GLN C 383 22.14 31.25 -7.97
N ILE C 384 22.96 30.87 -8.94
CA ILE C 384 22.47 30.56 -10.28
C ILE C 384 22.27 29.06 -10.32
N ALA C 385 21.06 28.63 -10.06
CA ALA C 385 20.67 27.25 -9.87
C ALA C 385 19.15 27.18 -10.01
N PRO C 386 18.54 26.00 -10.13
CA PRO C 386 17.08 25.94 -10.01
C PRO C 386 16.63 26.34 -8.62
N GLY C 387 15.67 27.26 -8.57
CA GLY C 387 15.36 27.91 -7.31
C GLY C 387 16.33 29.04 -7.07
N GLN C 388 16.76 29.19 -5.81
CA GLN C 388 17.73 30.19 -5.35
C GLN C 388 17.32 31.61 -5.70
N THR C 389 16.02 31.91 -5.62
CA THR C 389 15.47 33.10 -6.24
C THR C 389 15.76 34.37 -5.42
N GLY C 390 16.16 34.22 -4.16
CA GLY C 390 16.32 35.31 -3.21
C GLY C 390 17.22 36.47 -3.60
N VAL C 391 18.33 36.18 -4.27
CA VAL C 391 19.23 37.25 -4.69
C VAL C 391 18.67 37.94 -5.92
N ILE C 392 19.28 39.07 -6.27
CA ILE C 392 18.77 39.84 -7.40
C ILE C 392 19.30 39.31 -8.72
N ALA C 393 20.44 38.61 -8.71
CA ALA C 393 20.98 38.06 -9.95
C ALA C 393 20.09 36.95 -10.50
N ASP C 394 19.43 36.19 -9.62
CA ASP C 394 18.44 35.22 -10.06
C ASP C 394 17.07 35.85 -10.15
N TYR C 395 16.91 37.06 -9.63
CA TYR C 395 15.72 37.87 -9.83
C TYR C 395 15.79 38.65 -11.13
N ASN C 396 16.95 38.62 -11.80
CA ASN C 396 17.12 39.16 -13.15
C ASN C 396 17.61 38.12 -14.15
N TYR C 397 17.89 36.90 -13.70
CA TYR C 397 18.17 35.78 -14.61
C TYR C 397 17.65 34.52 -13.93
N LYS C 398 16.45 34.08 -14.33
CA LYS C 398 15.80 32.97 -13.66
C LYS C 398 16.05 31.67 -14.40
N LEU C 399 16.45 30.65 -13.66
CA LEU C 399 16.59 29.29 -14.15
C LEU C 399 15.46 28.45 -13.56
N PRO C 400 14.69 27.73 -14.37
CA PRO C 400 13.49 27.06 -13.85
C PRO C 400 13.84 25.83 -13.00
N ASP C 401 12.88 25.42 -12.18
CA ASP C 401 13.10 24.31 -11.26
C ASP C 401 13.12 22.98 -11.99
N ASP C 402 12.20 22.78 -12.91
CA ASP C 402 12.07 21.49 -13.57
C ASP C 402 13.11 21.31 -14.67
N PHE C 403 13.23 22.30 -15.54
CA PHE C 403 14.08 22.15 -16.71
C PHE C 403 15.54 22.30 -16.33
N MET C 404 16.40 21.61 -17.06
CA MET C 404 17.77 21.40 -16.63
C MET C 404 18.73 22.39 -17.30
N GLY C 405 20.01 22.23 -17.01
CA GLY C 405 21.09 22.99 -17.59
C GLY C 405 22.36 22.56 -16.91
N CYS C 406 23.48 23.22 -17.19
CA CYS C 406 24.70 22.91 -16.46
C CYS C 406 25.41 24.21 -16.12
N VAL C 407 25.62 24.43 -14.83
CA VAL C 407 26.23 25.65 -14.34
C VAL C 407 27.73 25.50 -14.43
N LEU C 408 28.37 26.31 -15.26
CA LEU C 408 29.82 26.27 -15.46
C LEU C 408 30.35 27.66 -15.12
N ALA C 409 30.91 27.79 -13.92
CA ALA C 409 31.51 29.04 -13.49
C ALA C 409 33.00 28.83 -13.23
N TRP C 410 33.79 29.88 -13.46
CA TRP C 410 35.22 29.78 -13.26
C TRP C 410 35.78 31.17 -12.94
N ASN C 411 36.78 31.20 -12.08
CA ASN C 411 37.27 32.45 -11.52
C ASN C 411 38.13 33.20 -12.54
N THR C 412 38.01 34.52 -12.53
CA THR C 412 38.74 35.39 -13.45
C THR C 412 39.35 36.57 -12.70
N ARG C 413 40.01 36.29 -11.57
CA ARG C 413 40.73 37.33 -10.84
C ARG C 413 41.91 37.83 -11.66
N ASN C 414 42.49 36.97 -12.50
CA ASN C 414 43.61 37.36 -13.33
C ASN C 414 43.15 38.22 -14.51
N ILE C 415 41.99 37.92 -15.08
CA ILE C 415 41.57 38.55 -16.31
C ILE C 415 40.59 39.68 -16.07
N ASP C 416 39.42 39.38 -15.52
CA ASP C 416 38.35 40.35 -15.43
C ASP C 416 38.43 41.23 -14.19
N ALA C 417 39.45 41.06 -13.35
CA ALA C 417 39.60 41.85 -12.13
C ALA C 417 40.82 42.75 -12.27
N THR C 418 40.58 44.05 -12.40
CA THR C 418 41.63 45.05 -12.53
C THR C 418 41.47 46.03 -11.38
N SER C 419 42.60 46.52 -10.84
CA SER C 419 42.59 47.38 -9.66
C SER C 419 41.88 48.71 -9.91
N THR C 420 41.83 49.17 -11.16
CA THR C 420 41.03 50.34 -11.48
C THR C 420 39.55 49.99 -11.59
N GLY C 421 39.22 48.70 -11.74
CA GLY C 421 37.84 48.28 -11.80
C GLY C 421 37.32 48.17 -13.22
N ASN C 422 36.46 47.19 -13.45
CA ASN C 422 35.77 47.01 -14.72
C ASN C 422 34.29 47.30 -14.48
N TYR C 423 33.87 48.52 -14.82
CA TYR C 423 32.46 48.90 -14.71
C TYR C 423 31.69 48.64 -15.98
N ASN C 424 32.16 47.68 -16.80
CA ASN C 424 31.40 47.20 -17.94
C ASN C 424 30.50 46.02 -17.58
N TYR C 425 30.91 45.22 -16.60
CA TYR C 425 30.10 44.10 -16.13
C TYR C 425 29.00 44.68 -15.25
N LYS C 426 27.80 44.76 -15.82
CA LYS C 426 26.67 45.44 -15.22
C LYS C 426 25.74 44.42 -14.53
N TYR C 427 24.74 44.94 -13.82
CA TYR C 427 24.02 44.20 -12.81
C TYR C 427 22.73 44.92 -12.44
N ARG C 428 21.58 44.26 -12.55
CA ARG C 428 20.32 44.95 -12.31
C ARG C 428 19.84 44.74 -10.87
N TYR C 429 19.11 45.74 -10.37
CA TYR C 429 18.45 45.56 -9.08
C TYR C 429 17.00 46.02 -9.06
N LEU C 430 16.64 46.98 -9.91
CA LEU C 430 15.25 47.40 -9.98
C LEU C 430 14.51 46.58 -11.03
N ARG C 431 13.51 45.82 -10.58
CA ARG C 431 12.73 44.98 -11.47
C ARG C 431 11.38 44.71 -10.82
N HIS C 432 10.30 44.94 -11.57
CA HIS C 432 8.94 44.79 -11.05
C HIS C 432 8.57 43.32 -11.10
N GLY C 433 8.52 42.69 -9.94
CA GLY C 433 8.18 41.28 -9.85
C GLY C 433 9.34 40.39 -10.26
N LYS C 434 9.18 39.10 -9.99
CA LYS C 434 10.21 38.13 -10.35
C LYS C 434 10.20 37.93 -11.86
N LEU C 435 11.38 37.61 -12.40
CA LEU C 435 11.57 37.52 -13.84
C LEU C 435 11.34 36.10 -14.30
N ARG C 436 10.76 35.96 -15.50
CA ARG C 436 10.33 34.67 -16.01
C ARG C 436 11.54 33.83 -16.43
N PRO C 437 11.48 32.50 -16.28
CA PRO C 437 12.66 31.67 -16.51
C PRO C 437 13.11 31.65 -17.97
N PHE C 438 14.44 31.58 -18.15
CA PHE C 438 15.13 31.73 -19.44
C PHE C 438 14.74 33.01 -20.17
N GLU C 439 14.54 34.10 -19.44
CA GLU C 439 14.27 35.38 -20.09
C GLU C 439 15.20 36.44 -19.54
N ARG C 440 14.97 37.68 -19.99
CA ARG C 440 15.81 38.82 -19.66
C ARG C 440 15.06 40.09 -20.03
N ASP C 441 15.60 41.22 -19.56
CA ASP C 441 15.15 42.52 -20.04
C ASP C 441 16.34 43.47 -19.89
N ILE C 442 16.93 43.84 -21.03
CA ILE C 442 18.14 44.65 -21.03
C ILE C 442 17.83 46.09 -20.62
N SER C 443 16.60 46.55 -20.88
CA SER C 443 16.13 47.95 -20.86
C SER C 443 16.54 48.75 -19.63
N ASN C 444 17.33 49.79 -19.84
CA ASN C 444 17.91 50.59 -18.75
C ASN C 444 16.96 51.77 -18.51
N VAL C 445 15.90 51.52 -17.76
CA VAL C 445 14.85 52.52 -17.52
C VAL C 445 14.70 52.71 -16.02
N PRO C 446 14.66 53.97 -15.58
CA PRO C 446 14.40 54.23 -14.15
C PRO C 446 12.98 53.86 -13.76
N PHE C 447 12.85 53.00 -12.75
CA PHE C 447 11.58 52.42 -12.33
C PHE C 447 11.07 53.15 -11.09
N SER C 448 9.83 53.61 -11.16
CA SER C 448 9.12 54.05 -9.96
C SER C 448 8.48 52.85 -9.29
N PRO C 449 8.60 52.69 -7.96
CA PRO C 449 8.08 51.49 -7.29
C PRO C 449 6.57 51.34 -7.38
N ASP C 450 5.83 52.43 -7.28
CA ASP C 450 4.39 52.38 -7.55
C ASP C 450 4.11 52.24 -9.04
N GLY C 451 4.95 52.84 -9.88
CA GLY C 451 4.77 52.77 -11.32
C GLY C 451 4.41 54.10 -11.91
N LYS C 452 5.41 54.80 -12.43
CA LYS C 452 5.27 56.12 -13.03
C LYS C 452 6.31 56.24 -14.13
N PRO C 453 6.04 57.07 -15.14
CA PRO C 453 7.11 57.42 -16.09
C PRO C 453 8.14 58.34 -15.45
N CYS C 454 9.31 57.80 -15.18
CA CYS C 454 10.33 58.52 -14.43
C CYS C 454 11.20 59.41 -15.31
N THR C 455 12.02 60.21 -14.63
CA THR C 455 13.10 61.01 -15.18
C THR C 455 14.16 61.14 -14.11
N PRO C 456 15.32 60.50 -14.26
CA PRO C 456 16.33 60.51 -13.21
C PRO C 456 17.02 61.86 -13.15
N PRO C 457 17.66 62.21 -12.01
CA PRO C 457 17.75 61.51 -10.72
C PRO C 457 16.72 61.95 -9.69
N ALA C 458 15.44 62.02 -10.09
CA ALA C 458 14.39 62.45 -9.18
C ALA C 458 14.08 61.37 -8.16
N LEU C 459 13.12 61.67 -7.28
CA LEU C 459 12.81 60.80 -6.16
C LEU C 459 12.10 59.53 -6.64
N ASN C 460 12.54 58.39 -6.09
CA ASN C 460 12.08 57.03 -6.41
C ASN C 460 12.25 56.68 -7.88
N CYS C 461 13.21 57.30 -8.55
CA CYS C 461 13.47 57.08 -9.97
C CYS C 461 14.96 56.81 -10.20
N TYR C 462 15.50 55.90 -9.39
CA TYR C 462 16.89 55.48 -9.46
C TYR C 462 17.18 54.79 -10.79
N TRP C 463 18.46 54.75 -11.16
CA TRP C 463 18.84 53.83 -12.22
C TRP C 463 18.66 52.40 -11.74
N PRO C 464 18.30 51.48 -12.64
CA PRO C 464 18.11 50.08 -12.22
C PRO C 464 19.39 49.27 -12.13
N LEU C 465 20.56 49.90 -12.10
CA LEU C 465 21.82 49.20 -12.22
C LEU C 465 22.71 49.44 -11.00
N ASN C 466 23.38 48.37 -10.57
CA ASN C 466 24.50 48.47 -9.64
C ASN C 466 25.74 47.89 -10.32
N ASP C 467 26.40 48.72 -11.11
CA ASP C 467 27.50 48.27 -11.95
C ASP C 467 28.75 48.09 -11.11
N TYR C 468 29.15 46.84 -10.87
CA TYR C 468 30.25 46.56 -9.96
C TYR C 468 31.56 46.50 -10.72
N GLY C 469 32.56 47.21 -10.21
CA GLY C 469 33.91 47.14 -10.76
C GLY C 469 34.77 46.15 -10.03
N PHE C 470 35.15 45.07 -10.69
CA PHE C 470 35.88 43.97 -10.04
C PHE C 470 37.34 44.36 -9.88
N TYR C 471 37.80 44.42 -8.64
CA TYR C 471 39.21 44.65 -8.33
C TYR C 471 39.91 43.31 -8.18
N THR C 472 41.23 43.31 -8.40
CA THR C 472 42.00 42.09 -8.19
C THR C 472 42.47 41.95 -6.74
N THR C 473 42.11 42.89 -5.87
CA THR C 473 42.49 42.82 -4.47
C THR C 473 41.34 42.45 -3.55
N THR C 474 40.15 42.20 -4.10
CA THR C 474 39.00 41.88 -3.28
C THR C 474 39.06 40.43 -2.78
N GLY C 475 38.14 40.11 -1.88
CA GLY C 475 38.01 38.75 -1.42
C GLY C 475 37.37 37.85 -2.46
N ILE C 476 37.22 36.57 -2.09
CA ILE C 476 36.73 35.56 -3.02
C ILE C 476 35.26 35.80 -3.37
N GLY C 477 34.51 36.37 -2.42
CA GLY C 477 33.10 36.63 -2.68
C GLY C 477 32.85 37.77 -3.63
N TYR C 478 33.88 38.55 -3.94
CA TYR C 478 33.75 39.65 -4.89
C TYR C 478 34.59 39.45 -6.14
N GLN C 479 35.16 38.26 -6.33
CA GLN C 479 35.91 37.98 -7.54
C GLN C 479 34.97 37.80 -8.73
N PRO C 480 35.41 38.19 -9.93
CA PRO C 480 34.56 37.97 -11.13
C PRO C 480 34.60 36.52 -11.58
N TYR C 481 33.42 35.94 -11.77
CA TYR C 481 33.27 34.58 -12.24
C TYR C 481 32.55 34.58 -13.57
N ARG C 482 33.21 34.08 -14.61
CA ARG C 482 32.56 33.90 -15.89
C ARG C 482 31.69 32.65 -15.84
N VAL C 483 30.38 32.85 -15.98
CA VAL C 483 29.40 31.81 -15.74
C VAL C 483 28.72 31.48 -17.06
N VAL C 484 28.86 30.25 -17.52
CA VAL C 484 28.18 29.79 -18.72
C VAL C 484 27.19 28.71 -18.33
N VAL C 485 25.93 28.93 -18.67
CA VAL C 485 24.85 27.99 -18.36
C VAL C 485 24.50 27.29 -19.66
N LEU C 486 24.76 25.99 -19.73
CA LEU C 486 24.50 25.20 -20.93
C LEU C 486 23.15 24.52 -20.77
N SER C 487 22.09 25.14 -21.29
CA SER C 487 20.81 24.46 -21.36
C SER C 487 20.86 23.41 -22.46
N PHE C 488 20.03 22.39 -22.31
CA PHE C 488 19.98 21.29 -23.26
C PHE C 488 18.56 21.12 -23.78
N GLU C 489 18.43 20.38 -24.86
CA GLU C 489 17.13 19.99 -25.41
C GLU C 489 17.21 18.51 -25.77
N LEU C 490 16.58 17.67 -24.95
CA LEU C 490 16.43 16.27 -25.34
C LEU C 490 15.12 16.05 -26.09
N LEU C 491 14.39 17.14 -26.36
CA LEU C 491 13.21 17.13 -27.22
C LEU C 491 13.60 16.62 -28.61
N ASN C 492 13.12 15.43 -28.96
CA ASN C 492 13.67 14.68 -30.08
C ASN C 492 13.22 15.28 -31.40
N ALA C 493 13.92 16.35 -31.78
CA ALA C 493 13.99 16.96 -33.10
C ALA C 493 14.94 16.13 -33.96
N PRO C 494 15.22 16.48 -35.21
CA PRO C 494 16.45 15.94 -35.83
C PRO C 494 17.66 16.21 -34.95
N ALA C 495 18.26 15.12 -34.45
CA ALA C 495 19.21 15.14 -33.35
C ALA C 495 20.49 15.87 -33.74
N THR C 496 20.70 17.01 -33.08
CA THR C 496 21.67 17.99 -33.55
C THR C 496 23.04 17.83 -32.91
N VAL C 497 23.12 17.94 -31.58
CA VAL C 497 24.40 17.89 -30.89
C VAL C 497 24.65 16.46 -30.45
N CYS C 498 25.50 15.76 -31.18
CA CYS C 498 25.72 14.34 -30.94
C CYS C 498 26.99 14.12 -30.12
N GLY C 499 27.36 12.86 -29.96
CA GLY C 499 28.57 12.51 -29.27
C GLY C 499 29.56 11.84 -30.21
N PRO C 500 30.76 11.54 -29.71
CA PRO C 500 31.82 11.02 -30.59
C PRO C 500 31.67 9.55 -30.95
N LYS C 501 30.56 8.91 -30.60
CA LYS C 501 30.40 7.49 -30.89
C LYS C 501 30.18 7.28 -32.38
N LEU C 502 30.80 6.24 -32.92
CA LEU C 502 30.64 5.90 -34.32
C LEU C 502 29.28 5.23 -34.55
N SER C 503 28.70 5.47 -35.71
CA SER C 503 27.36 4.96 -35.98
C SER C 503 27.46 3.66 -36.78
N THR C 504 26.92 2.58 -36.21
CA THR C 504 26.83 1.30 -36.88
C THR C 504 25.61 1.27 -37.78
N ASP C 505 25.21 0.08 -38.23
CA ASP C 505 24.04 -0.03 -39.09
C ASP C 505 23.04 -0.99 -38.44
N LEU C 506 21.76 -0.76 -38.73
CA LEU C 506 20.68 -1.51 -38.12
C LEU C 506 20.65 -2.94 -38.62
N ILE C 507 20.08 -3.83 -37.81
CA ILE C 507 19.78 -5.20 -38.23
C ILE C 507 18.36 -5.54 -37.79
N LYS C 508 17.66 -6.33 -38.60
CA LYS C 508 16.30 -6.76 -38.29
C LYS C 508 16.30 -7.79 -37.16
N ASN C 509 17.45 -8.42 -36.93
CA ASN C 509 17.69 -9.48 -35.96
C ASN C 509 17.25 -9.10 -34.55
N GLN C 510 16.86 -10.08 -33.76
CA GLN C 510 16.35 -9.83 -32.43
C GLN C 510 17.44 -9.34 -31.48
N CYS C 511 17.01 -8.62 -30.44
CA CYS C 511 17.79 -8.31 -29.25
C CYS C 511 19.08 -7.58 -29.56
N VAL C 512 18.94 -6.33 -29.98
CA VAL C 512 20.06 -5.49 -30.31
C VAL C 512 20.07 -4.33 -29.34
N ASN C 513 21.22 -4.05 -28.72
CA ASN C 513 21.32 -2.93 -27.80
C ASN C 513 21.28 -1.63 -28.58
N PHE C 514 20.07 -1.19 -28.90
CA PHE C 514 19.91 -0.03 -29.76
C PHE C 514 20.18 1.25 -28.99
N ASN C 515 20.80 2.21 -29.66
CA ASN C 515 21.17 3.47 -29.03
C ASN C 515 20.79 4.64 -29.95
N PHE C 516 19.55 4.66 -30.44
CA PHE C 516 19.10 5.72 -31.33
C PHE C 516 19.00 7.03 -30.56
N ASN C 517 20.12 7.76 -30.53
CA ASN C 517 20.23 9.10 -29.94
C ASN C 517 19.92 9.08 -28.44
N GLY C 518 20.69 8.29 -27.69
CA GLY C 518 20.53 8.26 -26.25
C GLY C 518 19.38 7.41 -25.76
N LEU C 519 18.69 6.73 -26.67
CA LEU C 519 17.56 5.88 -26.31
C LEU C 519 18.06 4.44 -26.24
N THR C 520 18.59 4.07 -25.08
CA THR C 520 19.16 2.75 -24.92
C THR C 520 18.05 1.70 -24.71
N GLY C 521 18.47 0.46 -24.59
CA GLY C 521 17.55 -0.63 -24.35
C GLY C 521 17.90 -1.86 -25.16
N THR C 522 16.91 -2.67 -25.48
CA THR C 522 17.11 -3.80 -26.39
C THR C 522 15.82 -4.12 -27.11
N GLY C 523 15.88 -5.02 -28.06
CA GLY C 523 14.65 -5.52 -28.65
C GLY C 523 14.82 -5.94 -30.09
N VAL C 524 13.78 -6.61 -30.59
CA VAL C 524 13.65 -6.90 -32.00
C VAL C 524 13.48 -5.57 -32.72
N LEU C 525 14.14 -5.41 -33.86
CA LEU C 525 14.26 -4.10 -34.48
C LEU C 525 13.75 -4.17 -35.91
N THR C 526 12.57 -4.73 -36.10
CA THR C 526 12.04 -4.97 -37.43
C THR C 526 11.47 -3.69 -38.01
N PRO C 527 11.75 -3.39 -39.29
CA PRO C 527 11.09 -2.25 -39.94
C PRO C 527 9.61 -2.48 -40.10
N SER C 528 8.85 -1.38 -40.08
CA SER C 528 7.40 -1.44 -40.22
C SER C 528 6.91 -0.25 -41.04
N SER C 529 5.59 -0.25 -41.27
CA SER C 529 4.94 0.79 -42.07
C SER C 529 4.19 1.73 -41.13
N LYS C 530 4.84 2.83 -40.76
CA LYS C 530 4.22 3.86 -39.93
C LYS C 530 4.45 5.20 -40.60
N ARG C 531 3.55 6.16 -40.37
CA ARG C 531 3.53 7.38 -41.15
C ARG C 531 4.69 8.31 -40.85
N PHE C 532 4.83 8.76 -39.60
CA PHE C 532 5.96 9.59 -39.16
C PHE C 532 6.14 10.89 -39.93
N GLN C 533 5.28 11.87 -39.66
CA GLN C 533 5.49 13.26 -40.08
C GLN C 533 6.90 13.74 -39.74
N PRO C 534 7.48 14.62 -40.56
CA PRO C 534 8.87 15.03 -40.35
C PRO C 534 9.14 15.84 -39.10
N PHE C 535 8.10 16.26 -38.36
CA PHE C 535 8.29 16.88 -37.07
C PHE C 535 8.00 15.93 -35.93
N GLN C 536 8.00 14.63 -36.19
CA GLN C 536 7.89 13.62 -35.16
C GLN C 536 8.80 12.43 -35.49
N GLN C 537 9.80 12.20 -34.64
CA GLN C 537 10.88 11.28 -34.94
C GLN C 537 10.99 10.18 -33.91
N PHE C 538 9.99 10.07 -33.03
CA PHE C 538 10.04 9.08 -31.96
C PHE C 538 8.64 8.67 -31.54
N GLY C 539 8.20 7.50 -31.99
CA GLY C 539 6.85 7.03 -31.75
C GLY C 539 6.78 6.22 -30.47
N ARG C 540 5.59 6.19 -29.87
CA ARG C 540 5.39 5.51 -28.61
C ARG C 540 4.23 4.53 -28.69
N ASP C 541 4.08 3.75 -27.62
CA ASP C 541 3.03 2.75 -27.52
C ASP C 541 1.70 3.39 -27.17
N VAL C 542 0.75 2.54 -26.78
CA VAL C 542 -0.53 3.01 -26.29
C VAL C 542 -0.34 3.65 -24.90
N SER C 543 0.72 3.25 -24.18
CA SER C 543 1.09 4.00 -22.98
C SER C 543 2.62 3.99 -22.81
N ASP C 544 3.27 5.01 -23.40
CA ASP C 544 4.58 5.53 -22.99
C ASP C 544 5.73 4.53 -23.02
N PHE C 545 6.15 4.08 -24.20
CA PHE C 545 7.39 3.36 -24.32
C PHE C 545 8.15 3.82 -25.55
N THR C 546 9.46 3.59 -25.55
CA THR C 546 10.21 3.62 -26.78
C THR C 546 9.71 2.49 -27.67
N ASP C 547 8.92 2.82 -28.69
CA ASP C 547 8.34 1.81 -29.55
C ASP C 547 8.86 1.88 -30.97
N SER C 548 8.82 3.05 -31.58
CA SER C 548 9.22 3.21 -32.97
C SER C 548 10.03 4.47 -33.10
N VAL C 549 11.19 4.33 -33.76
CA VAL C 549 12.11 5.43 -33.94
C VAL C 549 12.41 5.58 -35.42
N ARG C 550 12.90 6.76 -35.77
CA ARG C 550 13.54 6.96 -37.07
C ARG C 550 15.03 6.75 -36.90
N ASP C 551 15.62 5.95 -37.78
CA ASP C 551 17.06 5.83 -37.82
C ASP C 551 17.62 7.17 -38.26
N PRO C 552 18.35 7.89 -37.40
CA PRO C 552 18.69 9.29 -37.72
C PRO C 552 19.70 9.44 -38.84
N LYS C 553 20.41 8.37 -39.21
CA LYS C 553 21.29 8.45 -40.36
C LYS C 553 20.54 8.14 -41.64
N THR C 554 19.77 7.05 -41.65
CA THR C 554 19.16 6.59 -42.89
C THR C 554 17.71 6.98 -43.05
N SER C 555 17.13 7.68 -42.07
CA SER C 555 15.76 8.23 -42.11
C SER C 555 14.71 7.15 -42.35
N GLU C 556 14.93 5.96 -41.80
CA GLU C 556 14.06 4.81 -42.06
C GLU C 556 13.09 4.63 -40.91
N ILE C 557 11.91 4.10 -41.22
CA ILE C 557 10.86 3.88 -40.23
C ILE C 557 10.97 2.45 -39.74
N LEU C 558 11.13 2.28 -38.43
CA LEU C 558 11.21 0.96 -37.84
C LEU C 558 10.65 1.01 -36.42
N ASP C 559 9.92 -0.04 -36.04
CA ASP C 559 9.42 -0.14 -34.70
C ASP C 559 10.17 -1.23 -33.93
N ILE C 560 10.03 -1.19 -32.61
CA ILE C 560 10.78 -2.07 -31.73
C ILE C 560 9.79 -2.98 -31.03
N SER C 561 10.01 -4.27 -31.13
CA SER C 561 9.40 -5.20 -30.20
C SER C 561 10.47 -5.64 -29.22
N PRO C 562 10.17 -5.71 -27.93
CA PRO C 562 11.22 -6.03 -26.95
C PRO C 562 11.63 -7.49 -27.02
N CYS C 563 12.74 -7.79 -26.35
CA CYS C 563 13.29 -9.13 -26.34
C CYS C 563 12.36 -10.09 -25.65
N SER C 564 12.31 -11.31 -26.16
CA SER C 564 11.22 -12.23 -25.88
C SER C 564 11.28 -12.77 -24.46
N PHE C 565 10.83 -11.97 -23.51
CA PHE C 565 10.78 -12.35 -22.11
C PHE C 565 9.59 -13.27 -21.84
N GLY C 566 9.36 -13.55 -20.56
CA GLY C 566 8.30 -14.45 -20.19
C GLY C 566 8.72 -15.35 -19.05
N GLY C 567 7.77 -16.12 -18.55
CA GLY C 567 8.06 -17.10 -17.53
C GLY C 567 8.69 -18.35 -18.12
N VAL C 568 9.24 -19.16 -17.24
CA VAL C 568 9.79 -20.45 -17.63
C VAL C 568 9.22 -21.48 -16.67
N SER C 569 8.38 -22.37 -17.17
CA SER C 569 7.75 -23.34 -16.30
C SER C 569 8.27 -24.72 -16.60
N VAL C 570 9.00 -25.29 -15.65
CA VAL C 570 9.47 -26.66 -15.73
C VAL C 570 8.33 -27.57 -15.34
N ILE C 571 8.31 -28.78 -15.89
CA ILE C 571 7.24 -29.74 -15.65
C ILE C 571 7.86 -31.06 -15.24
N THR C 572 7.54 -31.53 -14.06
CA THR C 572 8.17 -32.72 -13.50
C THR C 572 7.15 -33.74 -13.04
N PRO C 573 7.43 -35.02 -13.23
CA PRO C 573 6.89 -36.02 -12.31
C PRO C 573 7.66 -35.98 -10.99
N GLY C 574 7.10 -36.62 -9.98
CA GLY C 574 7.69 -36.59 -8.66
C GLY C 574 9.05 -37.25 -8.60
N THR C 575 9.99 -36.60 -7.90
CA THR C 575 11.38 -37.03 -7.92
C THR C 575 11.59 -38.36 -7.21
N ASN C 576 10.83 -38.61 -6.15
CA ASN C 576 10.85 -39.93 -5.53
C ASN C 576 10.27 -40.99 -6.45
N ALA C 577 9.29 -40.61 -7.27
CA ALA C 577 8.79 -41.52 -8.28
C ALA C 577 9.72 -41.56 -9.48
N SER C 578 10.18 -40.40 -9.94
CA SER C 578 11.09 -40.34 -11.08
C SER C 578 11.90 -39.07 -10.98
N SER C 579 13.22 -39.22 -10.80
CA SER C 579 14.11 -38.07 -10.94
C SER C 579 14.50 -37.81 -12.38
N GLU C 580 13.78 -38.42 -13.33
CA GLU C 580 13.92 -38.25 -14.77
C GLU C 580 13.80 -36.78 -15.15
N VAL C 581 14.49 -36.39 -16.22
CA VAL C 581 14.72 -34.98 -16.57
C VAL C 581 13.41 -34.24 -16.82
N ALA C 582 13.36 -33.01 -16.31
CA ALA C 582 12.20 -32.15 -16.45
C ALA C 582 12.00 -31.73 -17.90
N VAL C 583 10.77 -31.37 -18.25
CA VAL C 583 10.50 -30.68 -19.49
C VAL C 583 10.02 -29.28 -19.11
N LEU C 584 10.16 -28.34 -20.02
CA LEU C 584 10.15 -26.94 -19.66
C LEU C 584 9.27 -26.17 -20.63
N TYR C 585 8.65 -25.10 -20.15
CA TYR C 585 8.20 -24.08 -21.08
C TYR C 585 9.36 -23.22 -21.50
N GLN C 586 9.13 -22.49 -22.58
CA GLN C 586 9.62 -21.15 -22.76
C GLN C 586 8.40 -20.41 -23.30
N ASP C 587 7.99 -19.33 -22.65
CA ASP C 587 6.64 -18.79 -22.82
C ASP C 587 6.47 -17.91 -24.06
N VAL C 588 7.29 -18.10 -25.10
CA VAL C 588 7.22 -17.21 -26.25
C VAL C 588 6.77 -17.95 -27.49
N ASN C 589 7.62 -18.85 -27.99
CA ASN C 589 7.53 -19.32 -29.37
C ASN C 589 8.53 -20.45 -29.54
N CYS C 590 8.26 -21.33 -30.51
CA CYS C 590 9.19 -22.39 -30.83
C CYS C 590 10.45 -21.87 -31.48
N THR C 591 10.31 -21.27 -32.66
CA THR C 591 11.45 -20.95 -33.50
C THR C 591 12.25 -19.78 -32.96
N ASP C 592 11.65 -18.97 -32.10
CA ASP C 592 12.38 -17.84 -31.53
C ASP C 592 13.35 -18.32 -30.46
N VAL C 593 13.03 -19.42 -29.80
CA VAL C 593 13.85 -19.87 -28.68
C VAL C 593 14.73 -21.04 -29.10
N SER C 594 14.20 -21.91 -29.97
CA SER C 594 14.97 -23.05 -30.46
C SER C 594 16.18 -22.58 -31.27
N THR C 595 16.03 -21.48 -32.00
CA THR C 595 17.15 -20.84 -32.66
C THR C 595 17.93 -19.94 -31.71
N ALA C 596 17.51 -19.81 -30.46
CA ALA C 596 18.27 -19.05 -29.47
C ALA C 596 18.87 -19.96 -28.40
N ILE C 597 18.64 -21.27 -28.47
CA ILE C 597 19.36 -22.20 -27.62
C ILE C 597 20.48 -22.91 -28.38
N HIS C 598 20.71 -22.54 -29.64
CA HIS C 598 21.91 -23.03 -30.32
C HIS C 598 23.17 -22.37 -29.82
N ALA C 599 23.05 -21.21 -29.18
CA ALA C 599 24.15 -20.58 -28.47
C ALA C 599 23.59 -19.86 -27.26
N ASP C 600 24.46 -19.18 -26.52
CA ASP C 600 24.08 -18.49 -25.31
C ASP C 600 23.30 -17.22 -25.64
N GLN C 601 22.00 -17.39 -25.92
CA GLN C 601 21.10 -16.27 -26.11
C GLN C 601 20.02 -16.20 -25.04
N LEU C 602 19.80 -17.25 -24.28
CA LEU C 602 18.92 -17.17 -23.13
C LEU C 602 19.77 -16.96 -21.87
N THR C 603 19.16 -16.36 -20.87
CA THR C 603 19.89 -16.30 -19.62
C THR C 603 19.19 -16.91 -18.40
N PRO C 604 18.54 -18.07 -18.49
CA PRO C 604 18.68 -19.03 -17.40
C PRO C 604 19.97 -19.83 -17.50
N ALA C 605 20.42 -20.13 -18.72
CA ALA C 605 21.73 -20.69 -19.04
C ALA C 605 22.01 -22.01 -18.35
N TRP C 606 21.27 -23.06 -18.69
CA TRP C 606 21.49 -24.37 -18.11
C TRP C 606 22.72 -25.01 -18.72
N ARG C 607 23.63 -25.48 -17.86
CA ARG C 607 24.93 -26.02 -18.29
C ARG C 607 24.77 -27.26 -19.15
N ILE C 608 24.26 -28.33 -18.56
CA ILE C 608 24.03 -29.58 -19.29
C ILE C 608 22.53 -29.68 -19.55
N TYR C 609 22.18 -29.71 -20.84
CA TYR C 609 20.78 -29.60 -21.26
C TYR C 609 20.67 -30.23 -22.65
N SER C 610 20.27 -31.50 -22.70
CA SER C 610 20.36 -32.31 -23.92
C SER C 610 19.06 -32.20 -24.72
N THR C 611 18.78 -30.96 -25.11
CA THR C 611 17.50 -30.44 -25.55
C THR C 611 17.77 -29.07 -26.16
N GLY C 612 17.05 -28.73 -27.22
CA GLY C 612 15.89 -29.45 -27.72
C GLY C 612 16.00 -30.42 -28.89
N ASN C 613 15.22 -31.48 -28.80
CA ASN C 613 15.00 -32.41 -29.90
C ASN C 613 13.51 -32.64 -30.14
N ASN C 614 12.74 -32.67 -29.06
CA ASN C 614 11.30 -32.92 -29.09
C ASN C 614 10.50 -31.63 -28.97
N VAL C 615 10.98 -30.54 -29.58
CA VAL C 615 10.42 -29.21 -29.32
C VAL C 615 9.07 -29.09 -30.02
N PHE C 616 8.03 -28.92 -29.22
CA PHE C 616 6.67 -28.70 -29.69
C PHE C 616 6.47 -27.18 -29.83
N GLN C 617 5.26 -26.73 -30.16
CA GLN C 617 4.85 -25.37 -29.88
C GLN C 617 3.37 -25.39 -29.53
N THR C 618 3.03 -24.86 -28.38
CA THR C 618 1.65 -24.77 -27.94
C THR C 618 1.19 -23.33 -27.94
N GLN C 619 -0.05 -23.13 -27.53
CA GLN C 619 -0.62 -21.80 -27.43
C GLN C 619 0.01 -21.01 -26.30
N ALA C 620 0.34 -21.68 -25.20
CA ALA C 620 0.89 -21.02 -24.03
C ALA C 620 2.32 -20.58 -24.23
N GLY C 621 3.21 -21.55 -24.46
CA GLY C 621 4.60 -21.26 -24.71
C GLY C 621 5.15 -22.10 -25.83
N CYS C 622 6.29 -22.75 -25.62
CA CYS C 622 6.84 -23.63 -26.63
C CYS C 622 6.92 -25.07 -26.19
N LEU C 623 7.18 -25.33 -24.90
CA LEU C 623 7.21 -26.66 -24.31
C LEU C 623 8.28 -27.54 -24.98
N ILE C 624 9.55 -27.25 -24.68
CA ILE C 624 10.69 -27.90 -25.31
C ILE C 624 10.73 -29.41 -25.13
N GLY C 625 10.80 -29.88 -23.88
CA GLY C 625 11.36 -31.20 -23.63
C GLY C 625 10.49 -32.38 -24.00
N ALA C 626 9.18 -32.23 -23.95
CA ALA C 626 8.30 -33.40 -23.95
C ALA C 626 7.94 -33.85 -25.35
N GLU C 627 7.51 -35.11 -25.43
CA GLU C 627 7.17 -35.78 -26.68
C GLU C 627 5.67 -35.61 -26.92
N HIS C 628 5.31 -34.95 -28.02
CA HIS C 628 3.91 -34.77 -28.34
C HIS C 628 3.32 -36.03 -28.97
N VAL C 629 2.42 -36.68 -28.25
CA VAL C 629 1.77 -37.87 -28.74
C VAL C 629 0.28 -37.57 -28.89
N ASP C 630 -0.27 -37.93 -30.04
CA ASP C 630 -1.65 -37.64 -30.39
C ASP C 630 -2.69 -38.53 -29.71
N THR C 631 -2.28 -39.42 -28.81
CA THR C 631 -3.26 -40.08 -27.94
C THR C 631 -3.70 -39.11 -26.86
N SER C 632 -4.67 -39.51 -26.05
CA SER C 632 -5.24 -38.58 -25.08
C SER C 632 -5.82 -39.36 -23.91
N TYR C 633 -5.14 -39.31 -22.77
CA TYR C 633 -5.59 -40.11 -21.64
C TYR C 633 -6.50 -39.35 -20.67
N GLU C 634 -5.93 -38.40 -19.93
CA GLU C 634 -6.59 -37.61 -18.91
C GLU C 634 -5.55 -36.61 -18.41
N CYS C 635 -5.95 -35.39 -18.09
CA CYS C 635 -4.98 -34.35 -17.75
C CYS C 635 -4.31 -34.62 -16.41
N ASP C 636 -3.00 -34.88 -16.46
CA ASP C 636 -2.21 -35.15 -15.26
C ASP C 636 -1.53 -33.87 -14.80
N ILE C 637 -0.73 -33.27 -15.66
CA ILE C 637 -0.09 -32.00 -15.36
C ILE C 637 -0.58 -30.98 -16.39
N PRO C 638 -1.32 -29.95 -15.99
CA PRO C 638 -1.93 -29.04 -16.96
C PRO C 638 -0.90 -28.14 -17.61
N ILE C 639 -1.04 -27.98 -18.93
CA ILE C 639 -0.09 -27.15 -19.66
C ILE C 639 -0.74 -25.84 -20.08
N GLY C 640 -1.76 -25.92 -20.93
CA GLY C 640 -2.36 -24.70 -21.44
C GLY C 640 -2.97 -24.94 -22.79
N ALA C 641 -4.19 -24.41 -22.94
CA ALA C 641 -5.06 -24.59 -24.09
C ALA C 641 -5.24 -26.06 -24.45
N GLY C 642 -5.72 -26.85 -23.50
CA GLY C 642 -6.22 -28.17 -23.83
C GLY C 642 -5.17 -29.22 -24.08
N ILE C 643 -3.93 -29.00 -23.69
CA ILE C 643 -2.93 -30.05 -23.68
C ILE C 643 -2.41 -30.18 -22.26
N CYS C 644 -1.94 -31.38 -21.93
CA CYS C 644 -1.44 -31.66 -20.60
C CYS C 644 -0.27 -32.62 -20.69
N ALA C 645 0.64 -32.51 -19.73
CA ALA C 645 1.80 -33.38 -19.67
C ALA C 645 1.56 -34.50 -18.66
N SER C 646 2.32 -35.58 -18.83
CA SER C 646 2.26 -36.71 -17.92
C SER C 646 3.54 -37.50 -18.05
N TYR C 647 3.52 -38.74 -17.58
CA TYR C 647 4.68 -39.61 -17.62
C TYR C 647 4.26 -40.95 -18.23
N HIS C 648 4.30 -41.04 -19.55
CA HIS C 648 3.96 -42.27 -20.26
C HIS C 648 4.98 -42.50 -21.38
N THR C 649 4.75 -43.53 -22.18
CA THR C 649 5.61 -43.82 -23.31
C THR C 649 5.06 -43.21 -24.60
N LYS C 659 9.62 -45.11 -20.59
CA LYS C 659 8.79 -44.06 -20.01
C LYS C 659 9.37 -42.69 -20.29
N SER C 660 8.57 -41.82 -20.88
CA SER C 660 9.00 -40.47 -21.23
C SER C 660 8.00 -39.49 -20.64
N ILE C 661 8.05 -38.24 -21.09
CA ILE C 661 7.08 -37.23 -20.72
C ILE C 661 6.28 -36.87 -21.96
N VAL C 662 4.96 -37.02 -21.88
CA VAL C 662 4.08 -37.00 -23.03
C VAL C 662 3.20 -35.76 -22.98
N ALA C 663 3.28 -34.93 -24.01
CA ALA C 663 2.50 -33.69 -24.08
C ALA C 663 1.25 -33.91 -24.92
N TYR C 664 0.38 -34.78 -24.43
CA TYR C 664 -0.86 -35.13 -25.12
C TYR C 664 -1.85 -33.98 -25.05
N THR C 665 -2.71 -33.88 -26.06
CA THR C 665 -3.88 -33.02 -25.94
C THR C 665 -4.90 -33.71 -25.05
N MET C 666 -5.78 -32.92 -24.45
CA MET C 666 -6.64 -33.44 -23.40
C MET C 666 -7.79 -34.25 -23.98
N SER C 667 -8.09 -35.38 -23.34
CA SER C 667 -9.32 -36.11 -23.57
C SER C 667 -10.35 -35.67 -22.55
N LEU C 668 -11.62 -35.68 -22.95
CA LEU C 668 -12.71 -35.29 -22.07
C LEU C 668 -13.43 -36.56 -21.65
N GLY C 669 -13.17 -37.00 -20.43
CA GLY C 669 -13.80 -38.18 -19.85
C GLY C 669 -13.64 -39.46 -20.64
N ALA C 670 -14.75 -39.92 -21.21
CA ALA C 670 -14.77 -41.06 -22.12
C ALA C 670 -15.95 -40.90 -23.05
N ASP C 671 -16.05 -41.75 -24.06
CA ASP C 671 -17.19 -41.70 -24.96
C ASP C 671 -18.23 -42.71 -24.51
N SER C 672 -19.45 -42.24 -24.33
CA SER C 672 -20.56 -43.09 -23.92
C SER C 672 -21.63 -43.08 -25.00
N SER C 673 -22.15 -44.26 -25.31
CA SER C 673 -23.14 -44.43 -26.35
C SER C 673 -24.47 -44.81 -25.70
N ILE C 674 -25.31 -43.82 -25.49
CA ILE C 674 -26.68 -44.05 -25.05
C ILE C 674 -27.63 -43.58 -26.17
N ALA C 675 -28.70 -44.33 -26.36
CA ALA C 675 -29.60 -44.08 -27.48
C ALA C 675 -30.90 -43.47 -26.97
N TYR C 676 -31.21 -42.28 -27.46
CA TYR C 676 -32.55 -41.74 -27.25
C TYR C 676 -33.54 -42.54 -28.09
N SER C 677 -34.67 -42.87 -27.50
CA SER C 677 -35.66 -43.68 -28.19
C SER C 677 -37.06 -43.20 -27.85
N ASN C 678 -38.01 -43.65 -28.66
CA ASN C 678 -39.41 -43.29 -28.46
C ASN C 678 -39.99 -43.99 -27.24
N ASN C 679 -39.45 -45.16 -26.90
CA ASN C 679 -40.14 -46.07 -26.00
C ASN C 679 -39.28 -46.62 -24.87
N THR C 680 -37.97 -46.69 -25.05
CA THR C 680 -37.12 -47.49 -24.16
C THR C 680 -36.69 -46.67 -22.96
N ILE C 681 -37.05 -47.13 -21.77
CA ILE C 681 -36.54 -46.57 -20.53
C ILE C 681 -35.51 -47.55 -20.00
N ALA C 682 -34.64 -47.12 -19.10
CA ALA C 682 -33.68 -48.02 -18.51
C ALA C 682 -33.61 -47.79 -17.00
N ILE C 683 -34.10 -48.75 -16.24
CA ILE C 683 -34.12 -48.60 -14.79
C ILE C 683 -33.09 -49.58 -14.22
N PRO C 684 -32.54 -49.33 -13.03
CA PRO C 684 -31.48 -50.22 -12.54
C PRO C 684 -32.02 -51.33 -11.67
N THR C 685 -31.23 -52.38 -11.46
CA THR C 685 -31.64 -53.45 -10.57
C THR C 685 -30.72 -53.53 -9.35
N ASN C 686 -29.44 -53.77 -9.55
CA ASN C 686 -28.54 -53.75 -8.42
C ASN C 686 -28.04 -52.34 -8.16
N PHE C 687 -27.57 -52.13 -6.95
CA PHE C 687 -27.08 -50.82 -6.53
C PHE C 687 -25.92 -51.05 -5.58
N SER C 688 -24.93 -50.19 -5.67
CA SER C 688 -23.85 -50.22 -4.69
C SER C 688 -24.26 -49.44 -3.46
N ILE C 689 -23.31 -49.26 -2.55
CA ILE C 689 -23.22 -48.12 -1.66
C ILE C 689 -21.76 -47.71 -1.67
N SER C 690 -21.47 -46.57 -2.28
CA SER C 690 -20.11 -46.06 -2.30
C SER C 690 -20.01 -44.86 -1.40
N ILE C 691 -19.17 -44.98 -0.36
CA ILE C 691 -18.94 -43.85 0.52
C ILE C 691 -17.76 -43.06 -0.06
N THR C 692 -17.80 -41.76 0.15
CA THR C 692 -16.89 -40.88 -0.55
C THR C 692 -16.39 -39.84 0.43
N THR C 693 -15.06 -39.74 0.55
CA THR C 693 -14.48 -38.69 1.35
C THR C 693 -14.72 -37.34 0.68
N GLU C 694 -14.87 -36.31 1.50
CA GLU C 694 -14.90 -34.95 0.99
C GLU C 694 -14.24 -34.05 2.02
N VAL C 695 -13.09 -33.52 1.67
CA VAL C 695 -12.24 -32.84 2.64
C VAL C 695 -12.52 -31.34 2.59
N MET C 696 -12.72 -30.75 3.76
CA MET C 696 -13.12 -29.35 3.83
C MET C 696 -12.27 -28.63 4.86
N PRO C 697 -11.42 -27.69 4.45
CA PRO C 697 -10.68 -26.90 5.42
C PRO C 697 -11.59 -25.92 6.14
N VAL C 698 -11.47 -25.85 7.45
CA VAL C 698 -12.33 -24.97 8.23
C VAL C 698 -11.54 -23.92 9.00
N SER C 699 -10.25 -24.16 9.23
CA SER C 699 -9.48 -23.18 9.98
C SER C 699 -8.06 -23.20 9.48
N MET C 700 -7.31 -22.18 9.85
CA MET C 700 -5.89 -22.14 9.56
C MET C 700 -5.16 -21.81 10.85
N ALA C 701 -3.84 -21.62 10.73
CA ALA C 701 -3.02 -21.30 11.87
C ALA C 701 -3.35 -19.92 12.40
N LYS C 702 -3.73 -19.84 13.68
CA LYS C 702 -4.10 -18.58 14.31
C LYS C 702 -2.86 -17.72 14.56
N THR C 703 -2.29 -17.20 13.48
CA THR C 703 -0.97 -16.59 13.57
C THR C 703 -1.08 -15.14 14.03
N SER C 704 -0.48 -14.85 15.16
CA SER C 704 -0.27 -13.47 15.58
C SER C 704 1.19 -13.10 15.33
N VAL C 705 1.48 -11.82 15.43
CA VAL C 705 2.85 -11.35 15.29
C VAL C 705 3.02 -10.07 16.12
N ASP C 706 4.07 -10.03 16.93
CA ASP C 706 4.40 -8.77 17.59
C ASP C 706 5.00 -7.88 16.52
N CYS C 707 4.32 -6.77 16.25
CA CYS C 707 4.78 -5.84 15.24
C CYS C 707 6.11 -5.22 15.64
N ASN C 708 6.26 -4.91 16.92
CA ASN C 708 7.46 -4.24 17.37
C ASN C 708 8.64 -5.19 17.44
N MET C 709 8.38 -6.48 17.69
CA MET C 709 9.48 -7.44 17.67
C MET C 709 9.89 -7.77 16.25
N TYR C 710 8.95 -7.73 15.31
CA TYR C 710 9.27 -8.00 13.91
C TYR C 710 10.12 -6.88 13.32
N ILE C 711 9.69 -5.64 13.51
CA ILE C 711 10.36 -4.50 12.90
C ILE C 711 11.74 -4.33 13.49
N CYS C 712 11.81 -4.07 14.79
CA CYS C 712 13.07 -3.98 15.51
C CYS C 712 12.85 -4.26 16.99
N GLY C 713 13.24 -5.46 17.41
CA GLY C 713 12.91 -5.88 18.75
C GLY C 713 13.89 -5.40 19.79
N ASP C 714 15.18 -5.38 19.44
CA ASP C 714 16.22 -5.06 20.40
C ASP C 714 16.44 -3.56 20.52
N SER C 715 16.40 -2.84 19.41
CA SER C 715 16.67 -1.41 19.45
C SER C 715 15.46 -0.65 19.99
N THR C 716 15.72 0.24 20.92
CA THR C 716 14.70 1.17 21.38
C THR C 716 14.80 2.53 20.70
N GLU C 717 15.91 2.80 20.02
CA GLU C 717 15.98 3.98 19.18
C GLU C 717 15.17 3.77 17.92
N CYS C 718 15.20 2.54 17.39
CA CYS C 718 14.34 2.19 16.27
C CYS C 718 12.88 2.13 16.68
N ALA C 719 12.62 1.64 17.90
CA ALA C 719 11.26 1.66 18.42
C ALA C 719 10.77 3.09 18.64
N ASN C 720 11.69 4.00 18.93
CA ASN C 720 11.35 5.41 18.89
C ASN C 720 11.12 5.86 17.47
N LEU C 721 11.89 5.32 16.52
CA LEU C 721 11.75 5.73 15.13
C LEU C 721 10.50 5.12 14.51
N LEU C 722 10.11 3.93 14.95
CA LEU C 722 8.89 3.31 14.45
C LEU C 722 7.66 3.97 15.03
N LEU C 723 7.82 4.63 16.17
CA LEU C 723 6.70 5.22 16.89
C LEU C 723 6.08 6.38 16.12
N GLN C 724 6.87 7.08 15.30
CA GLN C 724 6.35 8.21 14.56
C GLN C 724 5.65 7.82 13.27
N TYR C 725 5.46 6.52 13.03
CA TYR C 725 4.50 6.10 12.03
C TYR C 725 3.11 6.06 12.65
N GLY C 726 2.17 5.43 11.94
CA GLY C 726 0.81 5.41 12.41
C GLY C 726 0.56 4.43 13.54
N SER C 727 -0.66 3.90 13.61
CA SER C 727 -0.99 2.90 14.62
C SER C 727 -0.74 1.51 14.05
N PHE C 728 0.44 1.30 13.48
CA PHE C 728 0.82 -0.01 12.97
C PHE C 728 1.27 -0.94 14.08
N CYS C 729 1.51 -0.42 15.27
CA CYS C 729 1.61 -1.29 16.43
C CYS C 729 0.24 -1.89 16.70
N THR C 730 -0.80 -1.06 16.64
CA THR C 730 -2.14 -1.50 16.97
C THR C 730 -2.83 -2.15 15.78
N GLN C 731 -3.06 -1.38 14.71
CA GLN C 731 -4.01 -1.77 13.67
C GLN C 731 -3.50 -2.93 12.86
N LEU C 732 -2.19 -3.01 12.69
CA LEU C 732 -1.62 -4.15 11.98
C LEU C 732 -1.73 -5.40 12.84
N ASN C 733 -1.62 -5.23 14.15
CA ASN C 733 -1.71 -6.38 15.04
C ASN C 733 -3.17 -6.75 15.30
N ARG C 734 -4.04 -5.75 15.33
CA ARG C 734 -5.46 -5.99 15.53
C ARG C 734 -6.11 -6.64 14.32
N ALA C 735 -5.52 -6.44 13.13
CA ALA C 735 -6.12 -6.97 11.92
C ALA C 735 -5.99 -8.49 11.84
N LEU C 736 -4.82 -9.02 12.18
CA LEU C 736 -4.68 -10.46 12.16
C LEU C 736 -4.94 -11.09 13.51
N SER C 737 -5.22 -10.29 14.53
CA SER C 737 -5.88 -10.84 15.71
C SER C 737 -7.36 -10.99 15.49
N GLY C 738 -7.93 -10.17 14.61
CA GLY C 738 -9.33 -10.36 14.24
C GLY C 738 -9.53 -11.62 13.43
N ILE C 739 -8.49 -12.06 12.72
CA ILE C 739 -8.53 -13.36 12.06
C ILE C 739 -8.58 -14.46 13.10
N ALA C 740 -7.66 -14.43 14.06
CA ALA C 740 -7.63 -15.48 15.08
C ALA C 740 -8.83 -15.39 16.02
N ALA C 741 -9.50 -14.24 16.04
CA ALA C 741 -10.80 -14.19 16.70
C ALA C 741 -11.85 -14.98 15.94
N GLU C 742 -11.72 -15.06 14.61
CA GLU C 742 -12.75 -15.75 13.85
C GLU C 742 -12.29 -17.10 13.34
N GLN C 743 -11.00 -17.44 13.49
CA GLN C 743 -10.56 -18.79 13.15
C GLN C 743 -11.13 -19.81 14.12
N ASP C 744 -11.47 -19.37 15.33
CA ASP C 744 -12.24 -20.24 16.21
C ASP C 744 -13.73 -20.20 15.87
N ARG C 745 -14.21 -19.03 15.43
CA ARG C 745 -15.61 -18.88 15.07
C ARG C 745 -15.97 -19.76 13.89
N ASN C 746 -15.02 -20.00 12.99
CA ASN C 746 -15.25 -20.95 11.91
C ASN C 746 -15.36 -22.36 12.44
N THR C 747 -14.67 -22.67 13.53
CA THR C 747 -14.73 -24.01 14.09
C THR C 747 -16.03 -24.22 14.86
N ARG C 748 -16.47 -23.21 15.61
CA ARG C 748 -17.69 -23.36 16.39
C ARG C 748 -18.93 -23.35 15.50
N GLU C 749 -18.83 -22.76 14.31
CA GLU C 749 -19.95 -22.87 13.38
C GLU C 749 -20.03 -24.27 12.79
N VAL C 750 -18.89 -24.94 12.67
CA VAL C 750 -18.90 -26.27 12.09
C VAL C 750 -19.31 -27.31 13.13
N PHE C 751 -18.54 -27.45 14.19
CA PHE C 751 -18.72 -28.60 15.06
C PHE C 751 -19.77 -28.42 16.13
N ALA C 752 -20.09 -27.18 16.50
CA ALA C 752 -21.07 -26.98 17.56
C ALA C 752 -22.48 -26.83 16.99
N GLN C 753 -22.74 -27.48 15.86
CA GLN C 753 -24.11 -27.60 15.38
C GLN C 753 -24.93 -28.47 16.32
N VAL C 754 -24.29 -29.47 16.92
CA VAL C 754 -24.96 -30.33 17.89
C VAL C 754 -25.17 -29.53 19.17
N LYS C 755 -26.30 -29.76 19.85
CA LYS C 755 -26.59 -28.99 21.05
C LYS C 755 -25.84 -29.57 22.24
N GLN C 756 -26.14 -30.82 22.59
CA GLN C 756 -25.46 -31.48 23.70
C GLN C 756 -24.76 -32.73 23.19
N MET C 757 -23.78 -33.20 23.96
CA MET C 757 -23.02 -34.37 23.56
C MET C 757 -23.86 -35.62 23.69
N TYR C 758 -23.37 -36.70 23.09
CA TYR C 758 -23.96 -38.01 23.22
C TYR C 758 -22.83 -38.99 23.48
N LYS C 759 -23.08 -39.94 24.38
CA LYS C 759 -22.08 -40.93 24.72
C LYS C 759 -21.81 -41.82 23.52
N THR C 760 -20.59 -42.30 23.40
CA THR C 760 -20.29 -43.30 22.39
C THR C 760 -20.96 -44.60 22.82
N PRO C 761 -21.81 -45.20 22.00
CA PRO C 761 -22.47 -46.44 22.38
C PRO C 761 -21.48 -47.59 22.39
N THR C 762 -21.60 -48.46 23.40
CA THR C 762 -20.67 -49.56 23.57
C THR C 762 -20.80 -50.58 22.45
N LEU C 763 -22.02 -50.85 22.00
CA LEU C 763 -22.24 -51.78 20.90
C LEU C 763 -21.87 -51.11 19.59
N LYS C 764 -20.76 -51.55 19.00
CA LYS C 764 -20.32 -51.08 17.69
C LYS C 764 -20.88 -51.97 16.59
N TYR C 765 -22.19 -52.15 16.60
CA TYR C 765 -22.86 -53.06 15.68
C TYR C 765 -24.32 -52.66 15.59
N PHE C 766 -24.77 -52.32 14.38
CA PHE C 766 -26.06 -51.69 14.19
C PHE C 766 -26.84 -52.39 13.09
N GLY C 767 -26.62 -53.70 12.98
CA GLY C 767 -27.26 -54.48 11.94
C GLY C 767 -26.34 -54.85 10.80
N GLY C 768 -25.07 -55.04 11.05
CA GLY C 768 -24.11 -55.33 10.01
C GLY C 768 -23.30 -54.09 9.65
N PHE C 769 -23.09 -53.22 10.62
CA PHE C 769 -22.43 -51.94 10.37
C PHE C 769 -21.31 -51.83 11.40
N ASN C 770 -20.06 -52.02 10.94
CA ASN C 770 -18.96 -52.29 11.86
C ASN C 770 -18.58 -51.05 12.68
N PHE C 771 -18.54 -49.88 12.05
CA PHE C 771 -18.23 -48.59 12.69
C PHE C 771 -16.87 -48.64 13.41
N SER C 772 -15.83 -48.72 12.60
CA SER C 772 -14.46 -48.50 13.07
C SER C 772 -14.08 -47.02 13.01
N GLN C 773 -15.06 -46.14 13.18
CA GLN C 773 -14.90 -44.71 12.96
C GLN C 773 -15.45 -43.90 14.12
N ILE C 774 -15.82 -44.56 15.21
CA ILE C 774 -16.67 -43.93 16.20
C ILE C 774 -15.96 -43.92 17.55
N LEU C 775 -14.61 -43.81 17.52
CA LEU C 775 -13.74 -43.56 18.66
C LEU C 775 -13.85 -44.67 19.71
N PRO C 776 -13.25 -45.83 19.50
CA PRO C 776 -13.29 -46.90 20.52
C PRO C 776 -12.57 -46.48 21.81
N ASP C 777 -13.28 -46.59 22.93
CA ASP C 777 -12.74 -46.12 24.19
C ASP C 777 -11.64 -47.01 24.77
N PRO C 778 -11.83 -48.35 25.03
CA PRO C 778 -10.83 -49.05 25.85
C PRO C 778 -9.53 -49.35 25.11
N LEU C 779 -9.60 -49.61 23.80
CA LEU C 779 -8.40 -50.02 23.07
C LEU C 779 -7.50 -48.82 22.79
N LYS C 780 -8.05 -47.80 22.15
CA LYS C 780 -7.25 -46.62 21.81
C LYS C 780 -7.00 -45.80 23.07
N PRO C 781 -5.76 -45.53 23.44
CA PRO C 781 -5.50 -44.64 24.57
C PRO C 781 -5.87 -43.20 24.25
N THR C 782 -5.67 -42.79 23.00
CA THR C 782 -6.13 -41.48 22.54
C THR C 782 -7.63 -41.52 22.30
N LYS C 783 -8.29 -40.39 22.54
CA LYS C 783 -9.74 -40.30 22.37
C LYS C 783 -10.02 -39.69 21.01
N ARG C 784 -9.69 -40.44 19.96
CA ARG C 784 -9.99 -40.05 18.60
C ARG C 784 -10.39 -41.31 17.85
N SER C 785 -11.08 -41.12 16.73
CA SER C 785 -11.46 -42.23 15.88
C SER C 785 -10.27 -42.90 15.22
N PHE C 786 -10.49 -44.11 14.69
CA PHE C 786 -9.43 -44.81 14.00
C PHE C 786 -9.13 -44.18 12.65
N ILE C 787 -10.18 -43.72 11.95
CA ILE C 787 -9.96 -43.05 10.69
C ILE C 787 -9.36 -41.66 10.92
N GLU C 788 -9.80 -40.98 11.99
CA GLU C 788 -9.23 -39.70 12.36
C GLU C 788 -7.76 -39.83 12.73
N ASP C 789 -7.41 -40.89 13.47
CA ASP C 789 -6.02 -41.16 13.81
C ASP C 789 -5.19 -41.45 12.57
N LEU C 790 -5.85 -41.98 11.53
CA LEU C 790 -5.19 -42.17 10.25
C LEU C 790 -5.07 -40.83 9.50
N LEU C 791 -5.91 -39.85 9.87
CA LEU C 791 -5.88 -38.57 9.17
C LEU C 791 -4.85 -37.61 9.76
N PHE C 792 -4.76 -37.58 11.10
CA PHE C 792 -3.81 -36.67 11.76
C PHE C 792 -2.35 -37.00 11.44
N ASN C 793 -2.06 -38.20 10.94
CA ASN C 793 -0.72 -38.59 10.58
C ASN C 793 -0.40 -38.31 9.13
N LYS C 794 -1.25 -37.55 8.43
CA LYS C 794 -1.10 -37.31 7.00
C LYS C 794 -1.03 -35.81 6.70
N VAL C 795 -0.29 -35.06 7.52
CA VAL C 795 -0.01 -33.66 7.24
C VAL C 795 1.47 -33.40 7.45
N THR C 796 1.90 -32.18 7.12
CA THR C 796 3.30 -31.72 7.09
C THR C 796 4.21 -32.68 6.31
N LEU C 818 3.54 -27.69 27.88
CA LEU C 818 4.48 -27.43 26.79
C LEU C 818 5.04 -26.01 26.86
N ILE C 819 6.35 -25.90 26.76
CA ILE C 819 7.04 -24.62 26.79
C ILE C 819 7.35 -24.25 25.33
N CYS C 820 6.81 -23.12 24.88
CA CYS C 820 7.00 -22.70 23.50
C CYS C 820 8.40 -22.12 23.30
N ALA C 821 8.78 -21.96 22.04
CA ALA C 821 10.16 -21.64 21.68
C ALA C 821 10.42 -20.15 21.54
N GLN C 822 9.50 -19.41 20.91
CA GLN C 822 9.56 -17.95 20.76
C GLN C 822 10.81 -17.45 20.06
N LYS C 823 10.92 -17.71 18.76
CA LYS C 823 12.06 -17.32 17.94
C LYS C 823 12.18 -15.80 17.85
N PHE C 824 13.35 -15.35 17.38
CA PHE C 824 13.70 -13.92 17.37
C PHE C 824 12.78 -13.11 16.47
N ASN C 825 12.25 -13.74 15.43
CA ASN C 825 11.52 -13.08 14.36
C ASN C 825 10.25 -12.38 14.81
N GLY C 826 9.71 -12.76 15.96
CA GLY C 826 8.51 -12.11 16.44
C GLY C 826 7.23 -12.78 16.01
N LEU C 827 7.31 -13.74 15.11
CA LEU C 827 6.14 -14.50 14.71
C LEU C 827 5.76 -15.46 15.82
N THR C 828 4.46 -15.71 15.93
CA THR C 828 3.96 -16.68 16.90
C THR C 828 2.71 -17.34 16.35
N VAL C 829 2.46 -18.56 16.80
CA VAL C 829 1.29 -19.32 16.38
C VAL C 829 0.46 -19.58 17.63
N LEU C 830 -0.67 -18.91 17.74
CA LEU C 830 -1.54 -19.10 18.88
C LEU C 830 -2.20 -20.47 18.75
N PRO C 831 -2.39 -21.19 19.86
CA PRO C 831 -3.06 -22.48 19.78
C PRO C 831 -4.54 -22.29 19.61
N PRO C 832 -5.22 -23.21 18.92
CA PRO C 832 -6.65 -23.06 18.69
C PRO C 832 -7.46 -23.25 19.97
N LEU C 833 -8.62 -22.60 19.99
CA LEU C 833 -9.47 -22.59 21.17
C LEU C 833 -10.21 -23.90 21.37
N LEU C 834 -10.18 -24.80 20.39
CA LEU C 834 -10.66 -26.16 20.54
C LEU C 834 -9.54 -27.12 20.19
N THR C 835 -9.09 -27.88 21.18
CA THR C 835 -8.05 -28.87 20.95
C THR C 835 -8.60 -30.03 20.14
N ASP C 836 -7.69 -30.81 19.55
CA ASP C 836 -8.07 -31.91 18.65
C ASP C 836 -8.81 -33.02 19.40
N ASP C 837 -8.55 -33.15 20.69
CA ASP C 837 -9.33 -34.09 21.50
C ASP C 837 -10.74 -33.57 21.71
N MET C 838 -10.91 -32.25 21.70
CA MET C 838 -12.25 -31.69 21.81
C MET C 838 -12.95 -31.68 20.46
N ILE C 839 -12.15 -31.58 19.38
CA ILE C 839 -12.72 -31.67 18.03
C ILE C 839 -13.27 -33.07 17.78
N ALA C 840 -12.51 -34.09 18.19
CA ALA C 840 -12.96 -35.46 18.05
C ALA C 840 -14.08 -35.77 19.04
N ALA C 841 -14.21 -34.97 20.10
CA ALA C 841 -15.33 -35.14 21.01
C ALA C 841 -16.64 -34.75 20.34
N TYR C 842 -16.60 -33.79 19.43
CA TYR C 842 -17.80 -33.46 18.66
C TYR C 842 -18.10 -34.54 17.64
N THR C 843 -17.09 -34.95 16.87
CA THR C 843 -17.32 -35.89 15.77
C THR C 843 -17.73 -37.26 16.28
N ALA C 844 -17.29 -37.61 17.49
CA ALA C 844 -17.83 -38.81 18.12
C ALA C 844 -19.29 -38.62 18.49
N ALA C 845 -19.66 -37.41 18.88
CA ALA C 845 -21.05 -37.15 19.25
C ALA C 845 -21.91 -36.99 18.00
N LEU C 846 -21.33 -36.47 16.92
CA LEU C 846 -22.07 -36.34 15.68
C LEU C 846 -22.35 -37.70 15.05
N VAL C 847 -21.38 -38.60 15.10
CA VAL C 847 -21.57 -39.93 14.51
C VAL C 847 -22.51 -40.76 15.39
N SER C 848 -22.40 -40.62 16.71
CA SER C 848 -23.27 -41.37 17.62
C SER C 848 -24.71 -40.91 17.51
N GLY C 849 -24.92 -39.60 17.29
CA GLY C 849 -26.27 -39.13 17.03
C GLY C 849 -26.78 -39.58 15.67
N THR C 850 -25.86 -39.68 14.71
CA THR C 850 -26.23 -40.18 13.38
C THR C 850 -26.55 -41.66 13.45
N ALA C 851 -25.81 -42.41 14.27
CA ALA C 851 -26.06 -43.83 14.39
C ALA C 851 -27.37 -44.12 15.11
N THR C 852 -27.70 -43.33 16.12
CA THR C 852 -28.88 -43.59 16.93
C THR C 852 -30.05 -42.69 16.60
N ALA C 853 -29.89 -41.36 16.72
CA ALA C 853 -31.07 -40.51 16.69
C ALA C 853 -31.37 -39.98 15.28
N GLY C 854 -30.44 -39.21 14.72
CA GLY C 854 -30.53 -38.76 13.34
C GLY C 854 -31.25 -37.44 13.13
N TRP C 855 -32.58 -37.42 13.30
CA TRP C 855 -33.41 -36.40 12.69
C TRP C 855 -33.81 -35.29 13.65
N THR C 856 -34.44 -35.64 14.77
CA THR C 856 -34.67 -34.63 15.81
C THR C 856 -33.35 -34.25 16.46
N PHE C 857 -32.36 -35.15 16.41
CA PHE C 857 -30.95 -34.87 16.64
C PHE C 857 -30.44 -33.61 15.95
N GLY C 858 -30.86 -33.39 14.71
CA GLY C 858 -30.57 -32.15 14.04
C GLY C 858 -31.62 -31.10 14.29
N ALA C 859 -32.89 -31.52 14.31
CA ALA C 859 -34.00 -30.59 14.42
C ALA C 859 -34.22 -30.11 15.86
N GLY C 860 -34.60 -31.02 16.75
CA GLY C 860 -34.95 -30.63 18.10
C GLY C 860 -33.92 -31.03 19.14
N ALA C 861 -34.38 -31.68 20.21
CA ALA C 861 -33.46 -32.06 21.28
C ALA C 861 -32.75 -33.36 20.96
N ALA C 862 -33.50 -34.45 20.85
CA ALA C 862 -32.92 -35.78 20.70
C ALA C 862 -33.97 -36.73 20.16
N LEU C 863 -33.53 -37.94 19.86
CA LEU C 863 -34.40 -38.96 19.30
C LEU C 863 -33.79 -40.32 19.65
N GLN C 864 -34.48 -41.40 19.29
CA GLN C 864 -33.88 -42.73 19.24
C GLN C 864 -34.65 -43.59 18.24
N ILE C 865 -33.94 -44.06 17.21
CA ILE C 865 -34.51 -44.89 16.16
C ILE C 865 -33.51 -46.01 15.92
N PRO C 866 -33.94 -47.26 15.73
CA PRO C 866 -32.99 -48.31 15.32
C PRO C 866 -32.40 -48.00 13.95
N PHE C 867 -31.18 -48.49 13.73
CA PHE C 867 -30.41 -48.04 12.58
C PHE C 867 -30.98 -48.58 11.28
N ALA C 868 -31.51 -49.79 11.30
CA ALA C 868 -32.20 -50.31 10.12
C ALA C 868 -33.50 -49.57 9.87
N MET C 869 -34.15 -49.10 10.94
CA MET C 869 -35.29 -48.21 10.76
C MET C 869 -34.83 -46.84 10.29
N GLN C 870 -33.59 -46.47 10.62
CA GLN C 870 -33.10 -45.15 10.23
C GLN C 870 -32.70 -45.15 8.77
N MET C 871 -32.13 -46.25 8.30
CA MET C 871 -31.79 -46.35 6.88
C MET C 871 -33.03 -46.43 6.01
N ALA C 872 -34.09 -47.02 6.53
CA ALA C 872 -35.34 -47.17 5.77
C ALA C 872 -35.97 -45.82 5.49
N TYR C 873 -35.82 -44.88 6.43
CA TYR C 873 -36.33 -43.55 6.19
C TYR C 873 -35.43 -42.77 5.23
N ARG C 874 -34.16 -43.16 5.16
CA ARG C 874 -33.26 -42.47 4.24
C ARG C 874 -33.31 -43.09 2.86
N PHE C 875 -33.62 -44.38 2.75
CA PHE C 875 -33.97 -44.91 1.44
C PHE C 875 -35.27 -44.31 0.94
N ASN C 876 -36.19 -44.04 1.85
CA ASN C 876 -37.44 -43.40 1.44
C ASN C 876 -37.21 -41.94 1.08
N GLY C 877 -36.12 -41.34 1.57
CA GLY C 877 -35.73 -40.03 1.09
C GLY C 877 -35.18 -40.05 -0.32
N ILE C 878 -34.59 -41.17 -0.73
CA ILE C 878 -34.16 -41.32 -2.12
C ILE C 878 -35.36 -41.43 -3.04
N GLY C 879 -36.42 -42.09 -2.58
CA GLY C 879 -37.55 -42.37 -3.44
C GLY C 879 -37.81 -43.86 -3.47
N VAL C 880 -36.76 -44.63 -3.26
CA VAL C 880 -36.85 -46.09 -3.29
C VAL C 880 -37.55 -46.54 -2.02
N THR C 881 -38.25 -47.66 -2.08
CA THR C 881 -39.12 -48.06 -0.98
C THR C 881 -38.32 -48.67 0.16
N GLN C 882 -38.97 -48.79 1.32
CA GLN C 882 -38.32 -49.39 2.48
C GLN C 882 -38.16 -50.89 2.30
N ASN C 883 -38.95 -51.46 1.40
CA ASN C 883 -38.91 -52.87 1.01
C ASN C 883 -37.52 -53.25 0.53
N VAL C 884 -36.90 -52.36 -0.25
CA VAL C 884 -35.63 -52.64 -0.90
C VAL C 884 -34.50 -52.76 0.12
N LEU C 885 -34.62 -52.05 1.26
CA LEU C 885 -33.65 -52.23 2.34
C LEU C 885 -33.76 -53.61 2.97
N TYR C 886 -34.94 -53.96 3.46
CA TYR C 886 -35.05 -55.14 4.31
C TYR C 886 -34.98 -56.42 3.50
N GLU C 887 -35.21 -56.33 2.19
CA GLU C 887 -34.91 -57.47 1.33
C GLU C 887 -33.41 -57.66 1.23
N ASN C 888 -32.66 -56.56 1.16
CA ASN C 888 -31.23 -56.62 0.95
C ASN C 888 -30.45 -56.20 2.19
N GLN C 889 -30.97 -56.50 3.38
CA GLN C 889 -30.43 -56.01 4.64
C GLN C 889 -29.01 -56.47 4.89
N LYS C 890 -28.73 -57.75 4.62
CA LYS C 890 -27.37 -58.24 4.77
C LYS C 890 -26.48 -57.68 3.67
N GLN C 891 -27.01 -57.60 2.45
CA GLN C 891 -26.20 -57.21 1.30
C GLN C 891 -25.83 -55.73 1.37
N ILE C 892 -26.77 -54.89 1.80
CA ILE C 892 -26.49 -53.48 2.01
C ILE C 892 -25.47 -53.29 3.14
N ALA C 893 -25.58 -54.11 4.18
CA ALA C 893 -24.68 -54.00 5.32
C ALA C 893 -23.27 -54.44 4.96
N ASN C 894 -23.14 -55.40 4.06
CA ASN C 894 -21.81 -55.86 3.66
C ASN C 894 -21.19 -54.94 2.63
N GLN C 895 -22.00 -54.23 1.85
CA GLN C 895 -21.45 -53.21 0.96
C GLN C 895 -20.98 -52.00 1.74
N PHE C 896 -21.59 -51.76 2.90
CA PHE C 896 -21.21 -50.63 3.73
C PHE C 896 -19.86 -50.87 4.40
N ASN C 897 -19.69 -52.04 5.01
CA ASN C 897 -18.47 -52.32 5.76
C ASN C 897 -17.29 -52.56 4.83
N LYS C 898 -17.58 -52.98 3.60
CA LYS C 898 -16.53 -53.07 2.59
C LYS C 898 -16.05 -51.69 2.19
N ALA C 899 -16.97 -50.72 2.18
CA ALA C 899 -16.65 -49.38 1.70
C ALA C 899 -15.73 -48.65 2.66
N ILE C 900 -15.98 -48.79 3.97
CA ILE C 900 -15.11 -48.19 4.97
C ILE C 900 -13.72 -48.80 4.91
N SER C 901 -13.66 -50.12 4.67
CA SER C 901 -12.38 -50.81 4.62
C SER C 901 -11.58 -50.40 3.39
N GLN C 902 -12.26 -49.94 2.34
CA GLN C 902 -11.55 -49.33 1.23
C GLN C 902 -11.01 -47.96 1.62
N ILE C 903 -11.80 -47.18 2.38
CA ILE C 903 -11.39 -45.84 2.77
C ILE C 903 -10.22 -45.90 3.74
N GLN C 904 -10.20 -46.92 4.60
CA GLN C 904 -9.04 -47.14 5.47
C GLN C 904 -7.80 -47.47 4.66
N GLU C 905 -7.98 -48.05 3.48
CA GLU C 905 -6.84 -48.27 2.59
C GLU C 905 -6.58 -47.05 1.72
N SER C 906 -7.63 -46.50 1.10
CA SER C 906 -7.46 -45.53 0.02
C SER C 906 -7.22 -44.11 0.50
N LEU C 907 -6.84 -43.92 1.76
CA LEU C 907 -6.30 -42.64 2.19
C LEU C 907 -5.09 -42.86 3.10
N THR C 908 -4.67 -44.12 3.24
CA THR C 908 -3.40 -44.46 3.86
C THR C 908 -2.25 -44.33 2.89
N THR C 909 -2.43 -44.81 1.66
CA THR C 909 -1.40 -44.84 0.64
C THR C 909 -1.60 -43.75 -0.41
N THR C 910 -2.85 -43.49 -0.78
CA THR C 910 -3.14 -42.60 -1.90
C THR C 910 -2.81 -41.14 -1.57
N SER C 911 -3.03 -40.72 -0.32
CA SER C 911 -2.88 -39.36 0.18
C SER C 911 -3.70 -38.38 -0.67
N THR C 912 -5.01 -38.57 -0.69
CA THR C 912 -5.91 -37.71 -1.45
C THR C 912 -6.67 -36.82 -0.48
N ALA C 913 -6.93 -37.36 0.71
CA ALA C 913 -7.37 -36.54 1.84
C ALA C 913 -6.24 -35.73 2.45
N LEU C 914 -5.01 -35.99 2.01
CA LEU C 914 -3.89 -35.07 2.17
C LEU C 914 -4.32 -33.74 1.56
N GLY C 915 -4.57 -33.74 0.25
CA GLY C 915 -5.41 -32.78 -0.47
C GLY C 915 -5.39 -31.31 -0.12
N LYS C 916 -6.56 -30.80 0.27
CA LYS C 916 -6.71 -29.37 0.53
C LYS C 916 -6.03 -28.98 1.83
N LEU C 917 -6.02 -29.88 2.81
CA LEU C 917 -5.51 -29.54 4.12
C LEU C 917 -4.00 -29.39 4.12
N GLN C 918 -3.32 -30.18 3.28
CA GLN C 918 -1.89 -29.96 3.09
C GLN C 918 -1.65 -28.67 2.33
N ASP C 919 -2.60 -28.29 1.47
CA ASP C 919 -2.49 -27.02 0.77
C ASP C 919 -2.71 -25.85 1.71
N VAL C 920 -3.58 -26.01 2.70
CA VAL C 920 -3.85 -24.92 3.64
C VAL C 920 -2.65 -24.69 4.55
N VAL C 921 -2.02 -25.78 5.00
CA VAL C 921 -0.87 -25.65 5.87
C VAL C 921 0.33 -25.08 5.11
N ASN C 922 0.54 -25.54 3.87
CA ASN C 922 1.69 -25.07 3.10
C ASN C 922 1.54 -23.63 2.69
N GLN C 923 0.34 -23.22 2.28
CA GLN C 923 0.12 -21.84 1.85
C GLN C 923 0.24 -20.88 3.03
N ASN C 924 -0.08 -21.35 4.23
CA ASN C 924 0.22 -20.57 5.42
C ASN C 924 1.70 -20.57 5.71
N ALA C 925 2.36 -21.72 5.48
CA ALA C 925 3.78 -21.80 5.80
C ALA C 925 4.60 -20.99 4.82
N GLN C 926 4.19 -20.91 3.56
CA GLN C 926 4.91 -20.08 2.59
C GLN C 926 4.73 -18.61 2.90
N ALA C 927 3.59 -18.24 3.48
CA ALA C 927 3.37 -16.84 3.84
C ALA C 927 4.16 -16.48 5.09
N LEU C 928 4.33 -17.44 6.01
CA LEU C 928 5.21 -17.20 7.14
C LEU C 928 6.67 -17.20 6.71
N ASN C 929 7.04 -18.11 5.81
CA ASN C 929 8.44 -18.24 5.43
C ASN C 929 8.90 -17.02 4.66
N THR C 930 8.03 -16.45 3.83
CA THR C 930 8.38 -15.26 3.09
C THR C 930 8.52 -14.06 4.02
N LEU C 931 7.65 -13.97 5.02
CA LEU C 931 7.70 -12.87 5.98
C LEU C 931 8.96 -12.94 6.83
N VAL C 932 9.39 -14.15 7.16
CA VAL C 932 10.61 -14.32 7.93
C VAL C 932 11.84 -14.10 7.05
N LYS C 933 11.75 -14.49 5.78
CA LYS C 933 12.94 -14.43 4.93
C LYS C 933 13.30 -12.99 4.59
N GLN C 934 12.32 -12.12 4.39
CA GLN C 934 12.64 -10.74 4.09
C GLN C 934 12.77 -9.89 5.35
N LEU C 935 13.00 -10.53 6.50
CA LEU C 935 13.78 -9.91 7.56
C LEU C 935 15.24 -9.78 7.16
N SER C 936 15.71 -10.65 6.28
CA SER C 936 17.09 -10.63 5.80
C SER C 936 17.16 -9.94 4.44
N SER C 937 16.34 -8.91 4.28
CA SER C 937 16.33 -8.13 3.05
C SER C 937 17.42 -7.07 3.06
N ASN C 938 17.35 -6.11 2.16
CA ASN C 938 18.31 -5.01 2.21
C ASN C 938 17.68 -3.69 1.79
N PHE C 939 16.57 -3.25 2.40
CA PHE C 939 15.68 -2.26 1.80
C PHE C 939 16.32 -0.88 1.68
N GLY C 940 17.30 -0.74 0.81
CA GLY C 940 18.00 0.51 0.66
C GLY C 940 18.86 0.87 1.85
N ALA C 941 19.31 -0.12 2.59
CA ALA C 941 20.13 0.13 3.77
C ALA C 941 21.50 -0.50 3.61
N ILE C 942 22.29 -0.50 4.66
CA ILE C 942 23.59 -1.18 4.63
C ILE C 942 23.40 -2.67 4.84
N SER C 943 22.72 -3.06 5.91
CA SER C 943 22.46 -4.46 6.21
C SER C 943 21.22 -4.55 7.09
N SER C 944 20.46 -5.62 6.92
CA SER C 944 19.22 -5.76 7.67
C SER C 944 19.43 -6.36 9.05
N VAL C 945 20.66 -6.70 9.40
CA VAL C 945 20.94 -7.03 10.78
C VAL C 945 20.90 -5.71 11.53
N LEU C 946 19.79 -5.47 12.23
CA LEU C 946 19.42 -4.11 12.62
C LEU C 946 20.31 -3.59 13.73
N ASN C 947 20.84 -4.48 14.57
CA ASN C 947 21.74 -4.02 15.63
C ASN C 947 23.12 -3.69 15.09
N ASP C 948 23.44 -4.15 13.88
CA ASP C 948 24.69 -3.72 13.24
C ASP C 948 24.60 -2.27 12.79
N ILE C 949 23.40 -1.82 12.43
CA ILE C 949 23.25 -0.45 11.96
C ILE C 949 23.37 0.51 13.14
N LEU C 950 22.88 0.09 14.30
CA LEU C 950 23.05 0.89 15.51
C LEU C 950 24.49 0.88 15.98
N SER C 951 25.22 -0.20 15.70
CA SER C 951 26.59 -0.31 16.18
C SER C 951 27.59 0.13 15.13
N ARG C 952 27.13 0.85 14.11
CA ARG C 952 28.08 1.42 13.16
C ARG C 952 27.85 2.88 12.83
N LEU C 953 26.61 3.38 12.88
CA LEU C 953 26.38 4.64 12.16
C LEU C 953 26.03 5.81 13.06
N ASP C 954 25.72 5.56 14.33
CA ASP C 954 25.55 6.56 15.38
C ASP C 954 24.43 7.59 15.14
N LYS C 955 23.18 7.13 15.06
CA LYS C 955 22.01 7.86 15.52
C LYS C 955 21.62 9.14 14.79
N VAL C 956 22.44 9.63 13.87
CA VAL C 956 22.05 10.81 13.10
C VAL C 956 22.16 10.52 11.61
N GLU C 957 23.01 9.56 11.25
CA GLU C 957 23.07 9.05 9.89
C GLU C 957 22.47 7.65 9.85
N ALA C 958 22.41 6.99 11.01
CA ALA C 958 21.72 5.71 11.12
C ALA C 958 20.24 5.85 10.85
N GLU C 959 19.66 7.01 11.20
CA GLU C 959 18.23 7.26 11.05
C GLU C 959 17.82 7.22 9.58
N VAL C 960 18.73 7.61 8.68
CA VAL C 960 18.48 7.43 7.26
C VAL C 960 18.52 5.95 6.91
N GLN C 961 19.46 5.22 7.51
CA GLN C 961 19.66 3.81 7.18
C GLN C 961 18.66 2.90 7.88
N ILE C 962 17.85 3.44 8.78
CA ILE C 962 16.84 2.62 9.46
C ILE C 962 15.44 2.98 9.00
N ASP C 963 15.15 4.27 8.79
CA ASP C 963 13.79 4.64 8.39
C ASP C 963 13.48 4.18 6.98
N ARG C 964 14.50 4.04 6.13
CA ARG C 964 14.28 3.37 4.86
C ARG C 964 14.19 1.86 5.08
N LEU C 965 14.89 1.36 6.09
CA LEU C 965 14.86 -0.07 6.37
C LEU C 965 13.58 -0.47 7.09
N ILE C 966 12.96 0.46 7.83
CA ILE C 966 11.68 0.18 8.45
C ILE C 966 10.57 0.14 7.41
N THR C 967 10.52 1.16 6.56
CA THR C 967 9.36 1.35 5.70
C THR C 967 9.30 0.31 4.58
N GLY C 968 10.41 -0.40 4.35
CA GLY C 968 10.34 -1.59 3.52
C GLY C 968 9.98 -2.81 4.33
N ARG C 969 10.36 -2.82 5.60
CA ARG C 969 10.06 -3.96 6.46
C ARG C 969 8.63 -3.89 6.97
N LEU C 970 8.15 -2.67 7.22
CA LEU C 970 6.78 -2.49 7.68
C LEU C 970 5.80 -2.71 6.54
N GLN C 971 6.26 -2.50 5.31
CA GLN C 971 5.43 -2.77 4.15
C GLN C 971 5.29 -4.27 3.94
N SER C 972 6.25 -5.05 4.45
CA SER C 972 6.16 -6.49 4.31
C SER C 972 5.13 -7.09 5.25
N LEU C 973 4.89 -6.47 6.41
CA LEU C 973 3.79 -6.91 7.25
C LEU C 973 2.45 -6.57 6.63
N GLN C 974 2.34 -5.37 6.06
CA GLN C 974 1.09 -4.94 5.44
C GLN C 974 0.80 -5.77 4.19
N THR C 975 1.85 -6.28 3.56
CA THR C 975 1.67 -7.31 2.55
C THR C 975 1.17 -8.60 3.16
N TYR C 976 1.80 -9.03 4.26
CA TYR C 976 1.47 -10.32 4.87
C TYR C 976 0.06 -10.36 5.44
N VAL C 977 -0.34 -9.29 6.12
CA VAL C 977 -1.67 -9.28 6.74
C VAL C 977 -2.75 -9.21 5.68
N THR C 978 -2.47 -8.54 4.57
CA THR C 978 -3.37 -8.58 3.41
C THR C 978 -3.47 -9.98 2.83
N GLN C 979 -2.36 -10.71 2.80
CA GLN C 979 -2.42 -12.10 2.35
C GLN C 979 -3.20 -12.96 3.32
N GLN C 980 -3.19 -12.61 4.61
CA GLN C 980 -3.92 -13.43 5.57
C GLN C 980 -5.40 -13.09 5.59
N LEU C 981 -5.76 -11.83 5.35
CA LEU C 981 -7.18 -11.46 5.35
C LEU C 981 -7.91 -12.07 4.17
N ILE C 982 -7.25 -12.12 3.00
CA ILE C 982 -7.86 -12.72 1.83
C ILE C 982 -7.95 -14.23 2.01
N ARG C 983 -6.92 -14.83 2.59
CA ARG C 983 -6.92 -16.27 2.76
C ARG C 983 -7.90 -16.69 3.85
N ALA C 984 -8.11 -15.83 4.85
CA ALA C 984 -9.14 -16.13 5.83
C ALA C 984 -10.53 -16.02 5.23
N ALA C 985 -10.68 -15.14 4.24
CA ALA C 985 -11.96 -15.04 3.55
C ALA C 985 -12.19 -16.25 2.66
N GLU C 986 -11.12 -16.87 2.18
CA GLU C 986 -11.29 -18.07 1.38
C GLU C 986 -11.57 -19.27 2.26
N ILE C 987 -11.11 -19.25 3.50
CA ILE C 987 -11.33 -20.37 4.40
C ILE C 987 -12.68 -20.25 5.09
N ARG C 988 -13.10 -19.02 5.40
CA ARG C 988 -14.43 -18.80 5.94
C ARG C 988 -15.50 -19.19 4.94
N ALA C 989 -15.25 -18.94 3.66
CA ALA C 989 -16.13 -19.40 2.60
C ALA C 989 -16.14 -20.92 2.53
N SER C 990 -15.01 -21.54 2.86
CA SER C 990 -14.96 -22.99 2.92
C SER C 990 -15.43 -23.51 4.26
N ALA C 991 -15.41 -22.67 5.29
CA ALA C 991 -15.96 -23.08 6.58
C ALA C 991 -17.48 -22.94 6.58
N ASN C 992 -18.00 -21.89 5.94
CA ASN C 992 -19.44 -21.75 5.84
C ASN C 992 -20.03 -22.79 4.91
N LEU C 993 -19.25 -23.23 3.92
CA LEU C 993 -19.69 -24.33 3.09
C LEU C 993 -19.64 -25.64 3.86
N ALA C 994 -18.65 -25.81 4.73
CA ALA C 994 -18.56 -27.03 5.52
C ALA C 994 -19.60 -27.03 6.63
N ALA C 995 -19.99 -25.86 7.11
CA ALA C 995 -21.00 -25.79 8.15
C ALA C 995 -22.37 -26.13 7.60
N THR C 996 -22.62 -25.79 6.34
CA THR C 996 -23.89 -26.19 5.73
C THR C 996 -23.89 -27.67 5.39
N LYS C 997 -22.72 -28.24 5.09
CA LYS C 997 -22.65 -29.68 4.93
C LYS C 997 -22.84 -30.39 6.26
N MET C 998 -22.34 -29.78 7.34
CA MET C 998 -22.53 -30.36 8.67
C MET C 998 -24.00 -30.30 9.06
N SER C 999 -24.71 -29.27 8.60
CA SER C 999 -26.12 -29.17 8.92
C SER C 999 -26.96 -30.09 8.05
N GLU C 1000 -26.53 -30.33 6.81
CA GLU C 1000 -27.43 -30.99 5.88
C GLU C 1000 -26.98 -32.39 5.53
N CYS C 1001 -25.68 -32.62 5.35
CA CYS C 1001 -25.24 -33.97 5.01
C CYS C 1001 -25.21 -34.85 6.24
N VAL C 1002 -25.09 -34.26 7.42
CA VAL C 1002 -24.93 -35.01 8.66
C VAL C 1002 -26.22 -35.02 9.46
N LEU C 1003 -26.68 -33.84 9.86
CA LEU C 1003 -27.85 -33.73 10.73
C LEU C 1003 -29.14 -34.09 10.03
N GLY C 1004 -29.14 -34.15 8.70
CA GLY C 1004 -30.30 -34.58 7.94
C GLY C 1004 -29.86 -35.31 6.69
N GLN C 1005 -30.73 -35.31 5.70
CA GLN C 1005 -30.44 -35.88 4.39
C GLN C 1005 -30.74 -34.81 3.35
N SER C 1006 -29.70 -34.39 2.63
CA SER C 1006 -29.90 -33.36 1.62
C SER C 1006 -30.45 -33.99 0.35
N LYS C 1007 -31.61 -33.48 -0.08
CA LYS C 1007 -32.22 -33.94 -1.31
C LYS C 1007 -31.52 -33.43 -2.54
N ARG C 1008 -30.81 -32.30 -2.45
CA ARG C 1008 -30.23 -31.69 -3.63
C ARG C 1008 -28.95 -32.41 -4.02
N VAL C 1009 -28.83 -32.71 -5.31
CA VAL C 1009 -27.90 -33.70 -5.81
C VAL C 1009 -26.50 -33.11 -5.93
N ASP C 1010 -25.51 -33.96 -5.65
CA ASP C 1010 -24.08 -33.70 -5.81
C ASP C 1010 -23.61 -32.53 -4.94
N PHE C 1011 -24.39 -32.16 -3.93
CA PHE C 1011 -23.89 -31.28 -2.89
C PHE C 1011 -23.23 -32.02 -1.76
N CYS C 1012 -23.80 -33.12 -1.31
CA CYS C 1012 -23.14 -33.92 -0.28
C CYS C 1012 -22.29 -35.00 -0.93
N GLY C 1013 -22.93 -35.93 -1.62
CA GLY C 1013 -22.21 -37.05 -2.18
C GLY C 1013 -22.04 -36.93 -3.68
N LYS C 1014 -21.90 -38.08 -4.34
CA LYS C 1014 -21.84 -38.13 -5.79
C LYS C 1014 -23.16 -38.62 -6.38
N GLY C 1015 -23.64 -39.76 -5.93
CA GLY C 1015 -24.93 -40.27 -6.34
C GLY C 1015 -26.04 -39.76 -5.45
N TYR C 1016 -27.09 -40.55 -5.33
CA TYR C 1016 -28.14 -40.26 -4.36
C TYR C 1016 -27.59 -40.44 -2.95
N HIS C 1017 -27.91 -39.51 -2.07
CA HIS C 1017 -27.22 -39.39 -0.79
C HIS C 1017 -28.04 -39.98 0.35
N LEU C 1018 -27.39 -40.85 1.14
CA LEU C 1018 -28.03 -41.46 2.29
C LEU C 1018 -27.75 -40.68 3.56
N MET C 1019 -26.48 -40.62 3.95
CA MET C 1019 -26.06 -39.92 5.16
C MET C 1019 -24.58 -39.62 5.02
N SER C 1020 -24.04 -38.98 6.05
CA SER C 1020 -22.62 -38.68 6.04
C SER C 1020 -22.09 -38.77 7.45
N PHE C 1021 -20.83 -39.17 7.56
CA PHE C 1021 -20.17 -39.25 8.85
C PHE C 1021 -19.05 -38.23 8.89
N PRO C 1022 -19.15 -37.20 9.71
CA PRO C 1022 -18.07 -36.22 9.79
C PRO C 1022 -16.93 -36.77 10.61
N GLN C 1023 -15.74 -36.67 10.06
CA GLN C 1023 -14.55 -37.10 10.77
C GLN C 1023 -13.68 -35.88 10.99
N ALA C 1024 -13.07 -35.81 12.17
CA ALA C 1024 -12.17 -34.72 12.49
C ALA C 1024 -10.92 -34.82 11.64
N ALA C 1025 -10.30 -33.68 11.39
CA ALA C 1025 -9.06 -33.61 10.63
C ALA C 1025 -8.28 -32.41 11.14
N PRO C 1026 -6.96 -32.40 11.00
CA PRO C 1026 -6.20 -31.24 11.47
C PRO C 1026 -6.45 -30.03 10.57
N HIS C 1027 -7.02 -28.99 11.18
CA HIS C 1027 -7.50 -27.76 10.54
C HIS C 1027 -8.54 -28.05 9.46
N GLY C 1028 -9.32 -29.10 9.61
CA GLY C 1028 -10.31 -29.39 8.59
C GLY C 1028 -11.33 -30.43 8.98
N VAL C 1029 -12.25 -30.71 8.07
CA VAL C 1029 -13.28 -31.72 8.26
C VAL C 1029 -13.24 -32.65 7.07
N VAL C 1030 -13.22 -33.95 7.35
CA VAL C 1030 -13.39 -34.97 6.32
C VAL C 1030 -14.75 -35.61 6.53
N PHE C 1031 -15.64 -35.43 5.57
CA PHE C 1031 -16.93 -36.07 5.58
C PHE C 1031 -16.81 -37.43 4.92
N LEU C 1032 -17.72 -38.33 5.27
CA LEU C 1032 -17.79 -39.64 4.63
C LEU C 1032 -19.18 -39.82 4.05
N HIS C 1033 -19.40 -39.35 2.84
CA HIS C 1033 -20.73 -39.27 2.27
C HIS C 1033 -21.19 -40.64 1.80
N VAL C 1034 -22.08 -41.25 2.55
CA VAL C 1034 -22.67 -42.54 2.19
C VAL C 1034 -23.68 -42.32 1.06
N THR C 1035 -23.36 -42.84 -0.12
CA THR C 1035 -24.17 -42.57 -1.29
C THR C 1035 -24.84 -43.84 -1.77
N TYR C 1036 -25.78 -43.69 -2.70
CA TYR C 1036 -26.54 -44.82 -3.21
C TYR C 1036 -25.93 -45.38 -4.49
N VAL C 1037 -25.91 -44.59 -5.55
CA VAL C 1037 -25.28 -44.90 -6.85
C VAL C 1037 -25.81 -46.21 -7.43
N PRO C 1038 -26.99 -46.23 -8.02
CA PRO C 1038 -27.54 -47.48 -8.57
C PRO C 1038 -26.77 -47.93 -9.81
N SER C 1039 -26.61 -49.25 -9.94
CA SER C 1039 -25.59 -49.76 -10.86
C SER C 1039 -26.10 -50.56 -12.05
N GLN C 1040 -26.84 -51.65 -11.80
CA GLN C 1040 -27.07 -52.65 -12.84
C GLN C 1040 -28.35 -52.33 -13.60
N GLU C 1041 -28.20 -51.70 -14.76
CA GLU C 1041 -29.32 -51.19 -15.53
C GLU C 1041 -29.84 -52.24 -16.50
N ARG C 1042 -31.09 -52.07 -16.92
CA ARG C 1042 -31.77 -53.00 -17.82
C ARG C 1042 -32.50 -52.21 -18.89
N ASN C 1043 -32.23 -52.52 -20.16
CA ASN C 1043 -32.94 -51.87 -21.25
C ASN C 1043 -34.38 -52.37 -21.30
N PHE C 1044 -35.28 -51.62 -20.68
CA PHE C 1044 -36.70 -51.95 -20.70
C PHE C 1044 -37.44 -51.05 -21.67
N THR C 1045 -38.76 -51.16 -21.66
CA THR C 1045 -39.61 -50.45 -22.63
C THR C 1045 -40.90 -50.02 -21.94
N THR C 1046 -41.27 -48.75 -22.14
CA THR C 1046 -42.45 -48.23 -21.46
C THR C 1046 -43.19 -47.21 -22.31
N ALA C 1047 -44.39 -46.87 -21.85
CA ALA C 1047 -45.23 -45.83 -22.43
C ALA C 1047 -46.29 -45.48 -21.40
N PRO C 1048 -46.81 -44.25 -21.42
CA PRO C 1048 -47.93 -43.92 -20.52
C PRO C 1048 -49.28 -44.30 -21.10
N ALA C 1049 -49.40 -44.38 -22.43
CA ALA C 1049 -50.66 -44.72 -23.09
C ALA C 1049 -50.96 -46.21 -22.94
N ILE C 1050 -51.51 -46.57 -21.78
CA ILE C 1050 -51.65 -47.98 -21.43
C ILE C 1050 -52.81 -48.62 -22.19
N CYS C 1051 -52.85 -49.96 -22.15
CA CYS C 1051 -53.85 -50.75 -22.85
C CYS C 1051 -55.01 -51.04 -21.91
N HIS C 1052 -56.03 -50.20 -21.95
CA HIS C 1052 -57.26 -50.42 -21.21
C HIS C 1052 -58.39 -49.73 -21.94
N GLU C 1053 -59.60 -50.29 -21.82
CA GLU C 1053 -60.76 -49.84 -22.58
C GLU C 1053 -61.19 -48.44 -22.15
N GLY C 1054 -61.12 -48.16 -20.85
CA GLY C 1054 -61.37 -46.81 -20.36
C GLY C 1054 -60.27 -45.85 -20.76
N LYS C 1055 -60.46 -44.56 -20.47
CA LYS C 1055 -59.45 -43.55 -20.75
C LYS C 1055 -58.19 -43.83 -19.93
N ALA C 1056 -57.03 -43.67 -20.57
CA ALA C 1056 -55.78 -44.24 -20.11
C ALA C 1056 -55.32 -43.63 -18.79
N TYR C 1057 -54.43 -44.34 -18.11
CA TYR C 1057 -54.04 -44.00 -16.76
C TYR C 1057 -52.60 -43.50 -16.72
N PHE C 1058 -52.27 -42.87 -15.61
CA PHE C 1058 -50.95 -42.32 -15.35
C PHE C 1058 -50.57 -42.69 -13.94
N PRO C 1059 -49.31 -43.01 -13.68
CA PRO C 1059 -48.98 -43.65 -12.41
C PRO C 1059 -48.68 -42.65 -11.31
N ARG C 1060 -48.83 -43.09 -10.07
CA ARG C 1060 -48.32 -42.33 -8.94
C ARG C 1060 -46.97 -42.91 -8.56
N GLU C 1061 -45.90 -42.20 -8.96
CA GLU C 1061 -44.50 -42.63 -8.83
C GLU C 1061 -44.32 -43.98 -9.54
N GLY C 1062 -44.45 -43.95 -10.86
CA GLY C 1062 -44.28 -45.14 -11.65
C GLY C 1062 -43.80 -44.79 -13.03
N VAL C 1063 -43.55 -45.83 -13.82
CA VAL C 1063 -43.01 -45.66 -15.15
C VAL C 1063 -43.80 -46.44 -16.19
N PHE C 1064 -44.71 -47.31 -15.71
CA PHE C 1064 -45.37 -48.35 -16.50
C PHE C 1064 -44.36 -49.22 -17.24
N VAL C 1065 -43.54 -49.95 -16.50
CA VAL C 1065 -42.50 -50.76 -17.13
C VAL C 1065 -43.13 -52.00 -17.73
N PHE C 1066 -42.47 -52.56 -18.74
CA PHE C 1066 -42.94 -53.78 -19.41
C PHE C 1066 -41.78 -54.75 -19.59
N ASN C 1067 -41.74 -55.80 -18.76
CA ASN C 1067 -40.83 -56.90 -19.03
C ASN C 1067 -41.50 -57.89 -19.97
N GLY C 1068 -40.97 -59.11 -20.05
CA GLY C 1068 -41.53 -60.11 -20.93
C GLY C 1068 -42.95 -60.50 -20.63
N THR C 1069 -43.85 -60.03 -21.50
CA THR C 1069 -45.28 -60.38 -21.55
C THR C 1069 -45.97 -60.08 -20.22
N SER C 1070 -45.62 -58.94 -19.62
CA SER C 1070 -46.23 -58.48 -18.38
C SER C 1070 -45.95 -57.00 -18.16
N TRP C 1071 -47.00 -56.24 -17.85
CA TRP C 1071 -46.86 -54.85 -17.50
C TRP C 1071 -46.74 -54.70 -15.99
N PHE C 1072 -45.88 -53.77 -15.57
CA PHE C 1072 -45.73 -53.46 -14.16
C PHE C 1072 -45.54 -51.97 -14.01
N ILE C 1073 -45.47 -51.52 -12.76
CA ILE C 1073 -44.92 -50.20 -12.45
C ILE C 1073 -43.82 -50.39 -11.43
N THR C 1074 -42.77 -49.59 -11.56
CA THR C 1074 -41.66 -49.62 -10.60
C THR C 1074 -41.39 -48.21 -10.12
N GLN C 1075 -40.70 -48.13 -9.00
CA GLN C 1075 -40.01 -46.91 -8.64
C GLN C 1075 -38.93 -46.66 -9.68
N ARG C 1076 -38.65 -45.39 -9.96
CA ARG C 1076 -37.84 -45.01 -11.12
C ARG C 1076 -36.38 -45.45 -10.99
N ASN C 1077 -35.90 -45.70 -9.77
CA ASN C 1077 -34.49 -46.00 -9.58
C ASN C 1077 -34.26 -47.39 -9.00
N PHE C 1078 -35.24 -48.28 -9.15
CA PHE C 1078 -35.10 -49.66 -8.72
C PHE C 1078 -36.18 -50.49 -9.41
N PHE C 1079 -35.80 -51.59 -10.02
CA PHE C 1079 -36.76 -52.51 -10.63
C PHE C 1079 -37.46 -53.27 -9.51
N SER C 1080 -38.55 -52.71 -9.03
CA SER C 1080 -39.45 -53.38 -8.10
C SER C 1080 -40.80 -53.53 -8.78
N PRO C 1081 -40.99 -54.60 -9.54
CA PRO C 1081 -42.19 -54.72 -10.38
C PRO C 1081 -43.46 -54.95 -9.57
N GLN C 1082 -44.29 -53.93 -9.51
CA GLN C 1082 -45.57 -54.03 -8.83
C GLN C 1082 -46.68 -54.23 -9.85
N ILE C 1083 -47.70 -54.95 -9.45
CA ILE C 1083 -48.87 -55.20 -10.29
C ILE C 1083 -49.58 -53.88 -10.52
N ILE C 1084 -49.78 -53.52 -11.78
CA ILE C 1084 -50.50 -52.31 -12.15
C ILE C 1084 -51.95 -52.39 -11.68
N THR C 1085 -52.30 -51.56 -10.71
CA THR C 1085 -53.59 -51.65 -10.04
C THR C 1085 -54.20 -50.25 -9.95
N THR C 1086 -55.26 -50.15 -9.14
CA THR C 1086 -55.98 -48.90 -9.01
C THR C 1086 -55.20 -47.90 -8.15
N ASP C 1087 -54.61 -48.39 -7.07
CA ASP C 1087 -53.89 -47.51 -6.14
C ASP C 1087 -52.60 -46.95 -6.73
N ASN C 1088 -52.07 -47.56 -7.78
CA ASN C 1088 -50.87 -47.05 -8.40
C ASN C 1088 -51.16 -45.93 -9.38
N THR C 1089 -52.34 -45.93 -9.99
CA THR C 1089 -52.62 -45.04 -11.11
C THR C 1089 -53.76 -44.10 -10.78
N PHE C 1090 -54.09 -43.23 -11.74
CA PHE C 1090 -55.25 -42.35 -11.67
C PHE C 1090 -55.59 -41.95 -13.10
N VAL C 1091 -56.66 -41.19 -13.26
CA VAL C 1091 -57.06 -40.73 -14.59
C VAL C 1091 -56.45 -39.37 -14.90
#